data_3J2W
#
_entry.id   3J2W
#
_cell.length_a   1
_cell.length_b   1
_cell.length_c   1
_cell.angle_alpha   90
_cell.angle_beta   90
_cell.angle_gamma   90
#
_symmetry.space_group_name_H-M   'P 1'
#
loop_
_entity.id
_entity.type
_entity.pdbx_description
1 polymer 'Glycoprotein E1'
2 polymer 'Glycoprotein E2'
3 polymer 'Glycoprotein E2'
4 polymer 'Glycoprotein E1'
5 polymer 'Glycoprotein E2'
6 polymer 'Capsid protein'
#
loop_
_entity_poly.entity_id
_entity_poly.type
_entity_poly.pdbx_seq_one_letter_code
_entity_poly.pdbx_strand_id
1 'polypeptide(L)'
;YEHVTVIPNTVGVPYKTLVNRPGYSPMVLEMELLSVTLEPTLSLDYITCEYKTVIPSPYVKCCGTAECKDKNLPDYSCKV
FTGVYPFMWGGAYCFCDAENTQLSEAHVEKSESCKTEFASAYRAHTASASAKLRVLYQGNNITVTAYANGDHAVTVKDAK
FIVGPMSSAWTPFDNKIVVYKGDVYNMDYPPFGAGRPGQFGDIQSRTPESKDVYANTQLVLQRPAAGTVHVPYSQAPSGF
KYWLKERGASLQHTAPFGCQIATNPVRAVNCAVGNMPISIDIPEAAFTRVVDAPSLTDMSCEVPACTHSSDFGGVAIIKY
AASKKGKCAVHSMTNAVTIREAEIEVEGNSQLQISFSTALASAEFRVQVCSTQVHCAAECHPPKDHIVNYPAS
;
A,B,C,D
2 'polypeptide(L)'
;NVYKATRPYLAHCPDCGEGHSCHSPVALERIRNEATDGTLKIQVSLQIGIKTDDSHDWTKLRYMDNHMPADAERAGLFVR
TSAPCTITGTMGHFILARCPKGETLTVGFTDSRKISHSCTHPFHHDPPVIGREKFHSRPQHGKELPCSTYVQSTAATTEE
IEVHMPPDTPDRTLMSQQSGNVKITVNGQTVRYKCNCGGSNEGLTTTDKVINNCKVDQCHAAVTNHKKWQYNSPLVPRNA
ELGDRKGKIHIPFPLANVTCRVPKARNPTVTYGKNQVIMLLYPDHPTLLSYRNMGEEPNYQEEWVMHKKEVVLTVPTEGL
EVTWGNNEPYKYWPQL
;
M,N,O
3 'polypeptide(L)'
;NVYKATRPYLAHCPDCGEGHSCHSPVALERIRNEATDGTLKIQVSLQIGIKTDDSHDWTKLRYMDNHMPADAERAGLFVR
TSAPCTITGTMGHFILARCPKGETLTVGFTDSRKISHSCTHPFHHDPPVIGREKFHSRPQHGKELPCSTYVQSTAATTEE
IEVHMPPDTPDRTLMSQQSGNVKITVNGQTVRYKCNCGGSNEGLTTTDKVINNCKVDQCHAAVTNHKKWQYNSPLVPRNA
ELGDRKGKIHIPFPLANVTCRVPKARNPTVTYGKNQVIMLLYPDHPTLLSYRNMGEEPNYQEEWVMHKKEVVLTVPTEGL
EVTWGNNEPYKYWPQM
;
P
4 'polypeptide(L)' HTTLGVQDISTTAMSWVQKITGGVGLIVAVAALILIVVLCVSFSRH E,F,G,H
5 'polypeptide(L)'
;STNGTAHGHPHEIILYYYELYPTMTVVIVSVASFVLLSMVGTAVGMCVCARRRCITPYELTPGATVPFLLSLLCCVRTTK
A
;
Q,R,S,T
6 'polypeptide(L)'
;CIFEVKHEGKVMGYACLVGDKVMKPAHVKGTIDNADLAKLAFKRSSKYDLECAQIPVHMKSDASKFTHEKPEGYYNWHHG
AVQYSGGRFTIPTGAGKPGDSGRPIFDNKGRVVAIVLGGANEGARTALSVVTWNKDIVTKITPEGAEEW
;
I,J,K,L
#
# COMPACT_ATOMS: atom_id res chain seq x y z
N TYR A 1 29.29 15.65 15.51
CA TYR A 1 29.76 14.52 14.71
C TYR A 1 29.48 13.20 15.43
N GLU A 2 28.68 12.33 14.79
CA GLU A 2 28.30 11.03 15.31
C GLU A 2 29.40 9.99 15.05
N HIS A 3 29.90 9.36 16.12
CA HIS A 3 30.94 8.33 16.07
C HIS A 3 30.39 7.00 16.58
N VAL A 4 30.25 6.02 15.66
CA VAL A 4 29.75 4.68 15.96
C VAL A 4 30.95 3.73 16.11
N THR A 5 30.96 2.94 17.19
CA THR A 5 32.02 1.98 17.49
C THR A 5 31.48 0.73 18.19
N VAL A 6 32.15 -0.41 17.98
CA VAL A 6 31.76 -1.70 18.59
C VAL A 6 32.92 -2.21 19.46
N ILE A 7 32.64 -2.42 20.76
CA ILE A 7 33.62 -2.94 21.72
C ILE A 7 33.15 -4.28 22.33
N PRO A 8 34.05 -5.23 22.68
CA PRO A 8 33.59 -6.50 23.27
C PRO A 8 33.00 -6.31 24.66
N ASN A 9 32.06 -7.19 25.04
CA ASN A 9 31.39 -7.17 26.35
C ASN A 9 32.33 -7.69 27.45
N THR A 10 33.46 -6.99 27.66
CA THR A 10 34.47 -7.35 28.66
C THR A 10 34.75 -6.18 29.60
N VAL A 11 34.42 -6.38 30.88
CA VAL A 11 34.59 -5.40 31.96
C VAL A 11 36.04 -5.38 32.46
N GLY A 12 36.60 -4.19 32.59
CA GLY A 12 37.96 -3.97 33.09
C GLY A 12 39.04 -3.75 32.05
N VAL A 13 38.70 -3.90 30.76
CA VAL A 13 39.66 -3.73 29.65
C VAL A 13 39.45 -2.37 28.95
N PRO A 14 40.47 -1.50 28.88
CA PRO A 14 40.28 -0.21 28.19
C PRO A 14 40.47 -0.34 26.67
N TYR A 15 39.53 0.23 25.90
CA TYR A 15 39.57 0.19 24.43
C TYR A 15 39.68 1.60 23.86
N LYS A 16 40.61 1.81 22.93
CA LYS A 16 40.83 3.12 22.29
C LYS A 16 40.31 3.17 20.86
N THR A 17 39.59 4.26 20.55
CA THR A 17 38.99 4.50 19.23
C THR A 17 39.48 5.82 18.61
N LEU A 18 39.76 5.79 17.29
CA LEU A 18 40.22 6.97 16.56
C LEU A 18 39.04 7.65 15.87
N VAL A 19 38.76 8.90 16.28
CA VAL A 19 37.68 9.73 15.73
C VAL A 19 38.29 10.65 14.66
N ASN A 20 37.99 10.37 13.39
CA ASN A 20 38.51 11.14 12.27
C ASN A 20 37.40 11.83 11.48
N ARG A 21 37.11 13.09 11.84
CA ARG A 21 36.12 13.93 11.17
C ARG A 21 36.86 14.61 10.00
N PRO A 22 36.46 14.34 8.72
CA PRO A 22 37.18 14.96 7.58
C PRO A 22 37.31 16.48 7.66
N GLY A 23 38.54 16.96 7.52
CA GLY A 23 38.88 18.38 7.58
C GLY A 23 39.30 18.84 8.96
N TYR A 24 39.12 17.98 9.98
CA TYR A 24 39.43 18.25 11.38
C TYR A 24 40.46 17.25 11.93
N SER A 25 41.35 17.73 12.83
CA SER A 25 42.41 16.95 13.47
C SER A 25 41.87 15.73 14.22
N PRO A 26 42.52 14.54 14.09
CA PRO A 26 42.02 13.32 14.77
C PRO A 26 41.93 13.42 16.29
N MET A 27 41.00 12.65 16.87
CA MET A 27 40.70 12.59 18.31
C MET A 27 40.70 11.13 18.77
N VAL A 28 41.33 10.86 19.93
CA VAL A 28 41.42 9.50 20.50
C VAL A 28 40.62 9.43 21.80
N LEU A 29 39.64 8.51 21.86
CA LEU A 29 38.78 8.29 23.03
C LEU A 29 39.05 6.92 23.66
N GLU A 30 39.26 6.92 24.98
CA GLU A 30 39.50 5.70 25.76
C GLU A 30 38.20 5.31 26.47
N MET A 31 37.68 4.11 26.17
CA MET A 31 36.44 3.60 26.77
C MET A 31 36.69 2.33 27.55
N GLU A 32 36.09 2.24 28.75
CA GLU A 32 36.23 1.08 29.63
C GLU A 32 34.89 0.74 30.29
N LEU A 33 34.50 -0.54 30.22
CA LEU A 33 33.27 -1.02 30.82
C LEU A 33 33.52 -1.27 32.31
N LEU A 34 32.76 -0.59 33.18
CA LEU A 34 32.87 -0.71 34.63
C LEU A 34 31.94 -1.79 35.17
N SER A 35 30.74 -1.93 34.56
CA SER A 35 29.73 -2.94 34.90
C SER A 35 28.73 -3.14 33.76
N VAL A 36 28.28 -4.39 33.57
CA VAL A 36 27.25 -4.77 32.59
C VAL A 36 26.20 -5.55 33.39
N THR A 37 24.04 -4.58 33.37
CA THR A 37 22.88 -5.18 34.03
C THR A 37 21.92 -5.87 33.05
N LEU A 38 21.63 -7.15 33.31
CA LEU A 38 20.69 -7.97 32.54
C LEU A 38 19.49 -8.31 33.43
N GLU A 39 18.37 -7.58 33.25
CA GLU A 39 17.16 -7.76 34.06
C GLU A 39 16.10 -8.60 33.32
N PRO A 40 15.79 -9.83 33.79
CA PRO A 40 14.78 -10.65 33.10
C PRO A 40 13.34 -10.26 33.46
N THR A 41 12.41 -10.41 32.49
CA THR A 41 10.98 -10.13 32.68
C THR A 41 10.41 -11.33 33.43
N LEU A 42 9.95 -11.09 34.67
CA LEU A 42 9.42 -12.14 35.56
C LEU A 42 7.91 -12.18 35.63
N SER A 43 7.38 -13.38 35.92
CA SER A 43 5.97 -13.67 36.13
C SER A 43 5.87 -14.62 37.31
N LEU A 44 5.34 -14.13 38.43
CA LEU A 44 5.20 -14.90 39.66
C LEU A 44 4.15 -16.00 39.51
N ASP A 45 4.56 -17.26 39.69
CA ASP A 45 3.68 -18.42 39.62
C ASP A 45 2.97 -18.56 40.97
N TYR A 46 3.77 -18.67 42.05
CA TYR A 46 3.34 -18.80 43.44
C TYR A 46 4.49 -18.50 44.42
N ILE A 47 4.19 -18.55 45.73
CA ILE A 47 5.16 -18.38 46.81
C ILE A 47 5.02 -19.52 47.83
N THR A 48 6.15 -20.03 48.33
CA THR A 48 6.15 -21.09 49.34
C THR A 48 6.79 -20.62 50.65
N CYS A 49 6.28 -21.13 51.77
CA CYS A 49 6.73 -20.78 53.12
C CYS A 49 6.48 -21.94 54.09
N GLU A 50 6.63 -21.69 55.41
CA GLU A 50 6.37 -22.68 56.46
C GLU A 50 4.84 -22.78 56.63
N TYR A 51 4.32 -24.00 56.84
CA TYR A 51 2.89 -24.19 57.02
C TYR A 51 2.51 -24.23 58.50
N LYS A 52 1.23 -23.98 58.81
CA LYS A 52 0.69 -24.00 60.15
C LYS A 52 -0.44 -25.02 60.23
N THR A 53 -0.25 -26.08 61.05
CA THR A 53 -1.24 -27.13 61.26
C THR A 53 -2.17 -26.67 62.39
N VAL A 54 -3.28 -26.01 62.00
CA VAL A 54 -4.27 -25.47 62.93
C VAL A 54 -5.12 -26.62 63.51
N ILE A 55 -4.90 -26.94 64.80
CA ILE A 55 -5.63 -28.00 65.51
C ILE A 55 -6.42 -27.43 66.71
N PRO A 56 -7.77 -27.42 66.68
CA PRO A 56 -8.53 -26.88 67.83
C PRO A 56 -8.66 -27.90 68.96
N SER A 57 -9.43 -27.55 70.02
CA SER A 57 -9.68 -28.42 71.17
C SER A 57 -10.52 -29.63 70.73
N PRO A 58 -10.11 -30.89 71.06
CA PRO A 58 -10.88 -32.05 70.63
C PRO A 58 -12.24 -32.18 71.32
N TYR A 59 -13.29 -32.46 70.53
CA TYR A 59 -14.64 -32.62 71.05
C TYR A 59 -14.82 -34.01 71.65
N VAL A 60 -14.73 -34.09 72.98
CA VAL A 60 -14.88 -35.35 73.73
C VAL A 60 -16.35 -35.48 74.12
N LYS A 61 -17.06 -36.40 73.46
CA LYS A 61 -18.47 -36.65 73.73
C LYS A 61 -18.62 -37.78 74.75
N CYS A 62 -19.03 -37.43 75.98
CA CYS A 62 -19.22 -38.39 77.06
C CYS A 62 -20.61 -39.00 76.93
N CYS A 63 -20.68 -40.36 76.96
CA CYS A 63 -21.91 -41.16 76.83
C CYS A 63 -22.68 -40.87 75.53
N GLY A 64 -21.95 -40.91 74.41
CA GLY A 64 -22.52 -40.65 73.09
C GLY A 64 -21.54 -40.70 71.94
N THR A 65 -22.04 -40.43 70.72
CA THR A 65 -21.27 -40.45 69.47
C THR A 65 -21.21 -39.08 68.80
N ALA A 66 -20.01 -38.69 68.35
CA ALA A 66 -19.76 -37.44 67.61
C ALA A 66 -19.62 -37.79 66.12
N GLU A 67 -20.02 -36.86 65.24
CA GLU A 67 -19.94 -37.10 63.79
C GLU A 67 -19.12 -36.06 63.03
N CYS A 68 -18.27 -36.53 62.10
CA CYS A 68 -17.40 -35.68 61.27
C CYS A 68 -18.19 -34.93 60.21
N LYS A 69 -17.92 -33.63 60.10
CA LYS A 69 -18.53 -32.74 59.12
C LYS A 69 -17.49 -32.42 58.04
N ASP A 70 -17.81 -32.71 56.77
CA ASP A 70 -16.92 -32.47 55.64
C ASP A 70 -16.78 -30.96 55.40
N LYS A 71 -15.60 -30.40 55.74
CA LYS A 71 -15.29 -28.98 55.62
C LYS A 71 -14.38 -28.68 54.44
N ASN A 72 -14.63 -27.55 53.76
CA ASN A 72 -13.84 -27.11 52.61
C ASN A 72 -12.65 -26.26 53.10
N LEU A 73 -11.60 -26.95 53.57
CA LEU A 73 -10.38 -26.34 54.11
C LEU A 73 -9.13 -27.07 53.57
N PRO A 74 -7.98 -26.37 53.35
CA PRO A 74 -6.78 -27.06 52.84
C PRO A 74 -6.26 -28.15 53.76
N ASP A 75 -6.16 -29.38 53.22
CA ASP A 75 -5.72 -30.60 53.93
C ASP A 75 -6.57 -30.94 55.15
N TYR A 76 -7.89 -30.70 55.06
CA TYR A 76 -8.83 -30.98 56.15
C TYR A 76 -8.90 -32.48 56.45
N SER A 77 -8.66 -32.83 57.71
CA SER A 77 -8.66 -34.21 58.19
C SER A 77 -9.56 -34.32 59.42
N CYS A 78 -10.41 -35.35 59.45
CA CYS A 78 -11.36 -35.60 60.54
C CYS A 78 -11.44 -37.09 60.86
N LYS A 79 -11.55 -37.42 62.16
CA LYS A 79 -11.68 -38.79 62.66
C LYS A 79 -12.33 -38.85 64.04
N VAL A 80 -13.20 -39.86 64.25
CA VAL A 80 -13.91 -40.09 65.51
C VAL A 80 -13.42 -41.40 66.12
N PHE A 81 -12.92 -41.36 67.36
CA PHE A 81 -12.38 -42.53 68.05
C PHE A 81 -13.34 -43.04 69.13
N THR A 82 -13.77 -44.30 69.00
CA THR A 82 -14.70 -44.97 69.92
C THR A 82 -13.99 -45.65 71.08
N GLY A 83 -14.68 -45.75 72.22
CA GLY A 83 -14.19 -46.38 73.42
C GLY A 83 -13.04 -45.65 74.10
N VAL A 84 -13.17 -44.31 74.24
CA VAL A 84 -12.16 -43.46 74.88
C VAL A 84 -12.55 -43.12 76.32
N TYR A 85 -11.60 -43.24 77.25
CA TYR A 85 -11.82 -42.92 78.66
C TYR A 85 -10.74 -41.93 79.13
N PRO A 86 -10.89 -40.62 78.79
CA PRO A 86 -9.85 -39.65 79.17
C PRO A 86 -9.87 -39.21 80.62
N PHE A 87 -8.70 -38.77 81.12
CA PHE A 87 -8.52 -38.30 82.49
C PHE A 87 -8.03 -36.85 82.54
N MET A 88 -8.49 -36.11 83.56
CA MET A 88 -8.12 -34.73 83.84
C MET A 88 -7.52 -34.62 85.26
N TRP A 89 -7.27 -33.39 85.75
CA TRP A 89 -6.69 -33.12 87.07
C TRP A 89 -7.43 -33.79 88.25
N GLY A 90 -8.76 -33.63 88.30
CA GLY A 90 -9.58 -34.16 89.39
C GLY A 90 -10.22 -35.52 89.15
N GLY A 91 -9.81 -36.20 88.07
CA GLY A 91 -10.32 -37.52 87.73
C GLY A 91 -10.80 -37.64 86.29
N ALA A 92 -11.68 -38.62 86.03
CA ALA A 92 -12.24 -38.89 84.71
C ALA A 92 -13.21 -37.79 84.24
N TYR A 93 -13.07 -37.40 82.97
CA TYR A 93 -13.91 -36.37 82.34
C TYR A 93 -15.29 -36.92 81.94
N CYS A 94 -15.37 -38.23 81.67
CA CYS A 94 -16.62 -38.90 81.27
C CYS A 94 -17.18 -39.85 82.34
N PHE A 95 -18.51 -40.09 82.28
CA PHE A 95 -19.24 -40.96 83.19
C PHE A 95 -19.18 -42.43 82.73
N CYS A 96 -19.46 -42.67 81.43
CA CYS A 96 -19.47 -44.00 80.81
C CYS A 96 -18.06 -44.59 80.68
N ASP A 97 -17.95 -45.94 80.64
CA ASP A 97 -16.68 -46.66 80.54
C ASP A 97 -16.20 -46.88 79.10
N ALA A 98 -17.11 -47.24 78.18
CA ALA A 98 -16.78 -47.53 76.79
C ALA A 98 -17.69 -46.82 75.77
N GLU A 99 -18.73 -46.11 76.25
CA GLU A 99 -19.71 -45.43 75.40
C GLU A 99 -19.34 -43.96 75.06
N ASN A 100 -18.05 -43.60 75.16
CA ASN A 100 -17.55 -42.25 74.88
C ASN A 100 -16.80 -42.17 73.55
N THR A 101 -16.87 -41.00 72.89
CA THR A 101 -16.21 -40.73 71.61
C THR A 101 -15.39 -39.43 71.64
N GLN A 102 -14.41 -39.29 70.73
CA GLN A 102 -13.59 -38.10 70.61
C GLN A 102 -13.43 -37.69 69.14
N LEU A 103 -13.87 -36.48 68.80
CA LEU A 103 -13.78 -35.93 67.46
C LEU A 103 -12.47 -35.15 67.31
N SER A 104 -11.58 -35.64 66.43
CA SER A 104 -10.29 -35.01 66.15
C SER A 104 -10.28 -34.41 64.75
N GLU A 105 -10.41 -33.08 64.67
CA GLU A 105 -10.41 -32.33 63.40
C GLU A 105 -9.15 -31.48 63.24
N ALA A 106 -8.66 -31.35 61.99
CA ALA A 106 -7.44 -30.60 61.67
C ALA A 106 -7.44 -30.08 60.23
N HIS A 107 -6.68 -28.99 59.97
CA HIS A 107 -6.49 -28.37 58.66
C HIS A 107 -5.16 -27.60 58.58
N VAL A 108 -4.62 -27.42 57.35
CA VAL A 108 -3.36 -26.74 57.10
C VAL A 108 -3.59 -25.31 56.58
N GLU A 109 -2.91 -24.33 57.20
CA GLU A 109 -2.96 -22.92 56.85
C GLU A 109 -1.55 -22.34 56.66
N LYS A 110 -1.46 -21.12 56.11
CA LYS A 110 -0.20 -20.40 55.92
C LYS A 110 0.21 -19.88 57.30
N SER A 111 1.49 -20.05 57.68
CA SER A 111 2.01 -19.58 58.96
C SER A 111 2.09 -18.04 58.96
N GLU A 112 2.13 -17.43 60.16
CA GLU A 112 2.23 -15.98 60.36
C GLU A 112 3.51 -15.42 59.74
N SER A 113 4.56 -16.26 59.64
CA SER A 113 5.87 -15.95 59.08
C SER A 113 5.89 -15.75 57.57
N CYS A 114 4.90 -16.30 56.84
CA CYS A 114 4.80 -16.23 55.37
C CYS A 114 4.93 -14.82 54.76
N LYS A 115 4.61 -13.77 55.54
CA LYS A 115 4.72 -12.37 55.12
C LYS A 115 6.20 -11.94 55.10
N THR A 116 7.01 -12.53 56.00
CA THR A 116 8.44 -12.26 56.17
C THR A 116 9.32 -13.37 55.54
N GLU A 117 9.22 -14.62 56.06
CA GLU A 117 9.99 -15.77 55.59
C GLU A 117 9.24 -16.53 54.49
N PHE A 118 9.65 -16.31 53.22
CA PHE A 118 9.04 -16.93 52.04
C PHE A 118 10.00 -16.99 50.85
N ALA A 119 9.77 -17.96 49.94
CA ALA A 119 10.53 -18.15 48.71
C ALA A 119 9.57 -17.97 47.53
N SER A 120 9.96 -17.15 46.56
CA SER A 120 9.13 -16.84 45.39
C SER A 120 9.50 -17.67 44.15
N ALA A 121 8.49 -18.28 43.51
CA ALA A 121 8.65 -19.09 42.30
C ALA A 121 8.30 -18.27 41.06
N TYR A 122 9.32 -17.80 40.34
CA TYR A 122 9.21 -16.98 39.13
C TYR A 122 9.42 -17.76 37.84
N ARG A 123 8.87 -17.22 36.73
CA ARG A 123 8.99 -17.77 35.39
C ARG A 123 9.64 -16.69 34.50
N ALA A 124 10.95 -16.82 34.26
CA ALA A 124 11.72 -15.85 33.47
C ALA A 124 11.47 -16.02 31.97
N HIS A 125 11.08 -14.92 31.30
CA HIS A 125 10.79 -14.92 29.87
C HIS A 125 11.98 -14.37 29.07
N THR A 126 12.01 -13.05 28.82
CA THR A 126 13.08 -12.35 28.09
C THR A 126 13.79 -11.34 29.01
N ALA A 127 15.02 -10.96 28.64
CA ALA A 127 15.79 -10.01 29.42
C ALA A 127 16.21 -8.81 28.58
N SER A 128 16.69 -7.77 29.24
CA SER A 128 17.12 -6.56 28.56
C SER A 128 18.56 -6.20 28.93
N ALA A 129 19.13 -5.24 28.21
CA ALA A 129 20.49 -4.81 28.46
C ALA A 129 20.52 -3.47 29.19
N SER A 130 21.70 -3.08 29.67
CA SER A 130 21.86 -1.83 30.40
C SER A 130 23.06 -1.88 31.34
N ALA A 131 23.96 -0.92 31.19
CA ALA A 131 25.16 -0.86 32.03
C ALA A 131 25.86 0.50 31.89
N LYS A 132 26.84 0.74 32.76
CA LYS A 132 27.58 1.99 32.74
C LYS A 132 28.99 1.79 32.18
N LEU A 133 29.62 2.88 31.78
CA LEU A 133 30.97 2.83 31.22
C LEU A 133 31.65 4.19 31.29
N ARG A 134 32.95 4.18 31.56
CA ARG A 134 33.73 5.41 31.65
C ARG A 134 34.45 5.71 30.34
N VAL A 135 34.80 6.99 30.15
CA VAL A 135 35.49 7.41 28.95
C VAL A 135 36.26 8.71 29.17
N LEU A 136 37.54 8.72 28.81
CA LEU A 136 38.38 9.89 28.97
C LEU A 136 38.13 10.90 27.85
N TYR A 137 37.20 11.82 28.09
CA TYR A 137 36.87 12.85 27.11
C TYR A 137 37.56 14.16 27.42
N GLN A 138 38.38 14.64 26.49
CA GLN A 138 39.11 15.91 26.66
C GLN A 138 40.03 15.92 27.91
N GLY A 139 40.78 14.83 28.09
CA GLY A 139 41.72 14.64 29.19
C GLY A 139 41.09 14.50 30.57
N ASN A 140 39.81 14.08 30.62
CA ASN A 140 39.06 13.89 31.87
C ASN A 140 38.13 12.68 31.80
N ASN A 141 38.15 11.85 32.85
CA ASN A 141 37.33 10.65 32.97
C ASN A 141 35.88 11.01 33.29
N ILE A 142 34.93 10.56 32.45
CA ILE A 142 33.49 10.80 32.64
C ILE A 142 32.73 9.48 32.80
N THR A 143 31.75 9.46 33.72
CA THR A 143 30.94 8.28 34.00
C THR A 143 29.59 8.34 33.28
N VAL A 144 29.28 7.29 32.49
CA VAL A 144 28.05 7.18 31.72
C VAL A 144 27.31 5.91 32.13
N THR A 145 26.06 6.06 32.64
CA THR A 145 25.21 4.95 33.06
C THR A 145 23.91 5.03 32.27
N ALA A 146 23.65 4.03 31.39
CA ALA A 146 22.47 3.98 30.51
C ALA A 146 22.07 2.55 30.15
N TYR A 147 20.81 2.37 29.70
CA TYR A 147 20.28 1.07 29.28
C TYR A 147 20.90 0.68 27.93
N ALA A 148 21.34 -0.59 27.81
CA ALA A 148 21.96 -1.12 26.59
C ALA A 148 20.94 -1.62 25.55
N ASN A 149 19.95 -0.77 25.23
CA ASN A 149 18.89 -1.07 24.26
C ASN A 149 19.09 -0.35 22.91
N GLY A 150 19.96 0.65 22.89
CA GLY A 150 20.27 1.44 21.70
C GLY A 150 19.23 2.52 21.42
N ASP A 151 18.57 3.00 22.48
CA ASP A 151 17.53 4.04 22.41
C ASP A 151 17.70 5.09 23.50
N HIS A 152 18.02 4.66 24.75
CA HIS A 152 18.22 5.53 25.90
C HIS A 152 19.50 6.36 25.77
N ALA A 153 19.35 7.67 25.46
CA ALA A 153 20.45 8.61 25.27
C ALA A 153 20.76 9.40 26.53
N VAL A 154 22.06 9.52 26.87
CA VAL A 154 22.55 10.24 28.05
C VAL A 154 23.59 11.29 27.60
N THR A 155 23.38 12.56 27.96
CA THR A 155 24.28 13.67 27.60
C THR A 155 25.21 14.02 28.76
N VAL A 156 26.53 13.82 28.54
CA VAL A 156 27.59 14.14 29.50
C VAL A 156 28.60 15.04 28.77
N LYS A 157 28.84 16.26 29.30
CA LYS A 157 29.74 17.29 28.75
C LYS A 157 29.38 17.64 27.28
N ASP A 158 28.07 17.87 27.04
CA ASP A 158 27.46 18.22 25.74
C ASP A 158 27.63 17.13 24.64
N ALA A 159 27.92 15.88 25.04
CA ALA A 159 28.09 14.75 24.13
C ALA A 159 27.03 13.68 24.39
N LYS A 160 26.23 13.35 23.37
CA LYS A 160 25.16 12.36 23.45
C LYS A 160 25.73 10.95 23.32
N PHE A 161 25.42 10.10 24.32
CA PHE A 161 25.87 8.70 24.39
C PHE A 161 24.71 7.73 24.24
N ILE A 162 24.83 6.79 23.28
CA ILE A 162 23.85 5.73 23.04
C ILE A 162 24.56 4.38 23.15
N VAL A 163 24.16 3.59 24.15
CA VAL A 163 24.73 2.28 24.47
C VAL A 163 23.80 1.16 23.99
N GLY A 164 24.37 0.17 23.32
CA GLY A 164 23.64 -0.99 22.81
C GLY A 164 23.09 -0.82 21.41
N PRO A 165 22.19 -1.72 20.93
CA PRO A 165 21.63 -2.91 21.62
C PRO A 165 22.61 -4.08 21.71
N MET A 166 22.48 -4.88 22.79
CA MET A 166 23.31 -6.06 23.09
C MET A 166 23.34 -7.06 21.93
N SER A 167 24.53 -7.61 21.64
CA SER A 167 24.75 -8.60 20.58
C SER A 167 24.04 -9.91 20.89
N SER A 168 24.10 -10.36 22.16
CA SER A 168 23.48 -11.60 22.63
C SER A 168 22.36 -11.32 23.62
N ALA A 169 23.04 -13.11 23.58
CA ALA A 169 21.71 -13.04 24.19
C ALA A 169 21.62 -13.96 25.42
N TRP A 170 22.77 -14.52 25.84
CA TRP A 170 22.92 -15.43 26.98
C TRP A 170 22.59 -14.77 28.32
N THR A 171 21.91 -15.52 29.20
CA THR A 171 21.52 -15.14 30.56
C THR A 171 21.82 -16.31 31.51
N PRO A 172 22.28 -16.08 32.76
CA PRO A 172 22.55 -17.21 33.67
C PRO A 172 21.28 -17.88 34.20
N PHE A 173 20.11 -17.22 34.06
CA PHE A 173 18.82 -17.70 34.51
C PHE A 173 18.16 -18.61 33.47
N ASP A 174 17.41 -19.62 33.94
CA ASP A 174 16.66 -20.55 33.08
C ASP A 174 15.22 -20.00 32.91
N ASN A 175 14.31 -20.81 32.34
CA ASN A 175 12.92 -20.40 32.14
C ASN A 175 12.09 -20.45 33.45
N LYS A 176 12.63 -21.12 34.49
CA LYS A 176 12.03 -21.26 35.81
C LYS A 176 13.08 -20.96 36.90
N ILE A 177 12.82 -19.94 37.74
CA ILE A 177 13.73 -19.54 38.83
C ILE A 177 13.05 -19.44 40.20
N VAL A 178 13.84 -19.54 41.29
CA VAL A 178 13.37 -19.44 42.68
C VAL A 178 14.20 -18.38 43.44
N VAL A 179 13.52 -17.40 44.05
CA VAL A 179 14.16 -16.29 44.78
C VAL A 179 13.84 -16.30 46.28
N TYR A 180 14.90 -16.39 47.12
CA TYR A 180 14.82 -16.33 48.57
C TYR A 180 15.74 -15.22 49.07
N LYS A 181 15.14 -14.14 49.61
CA LYS A 181 15.82 -12.95 50.13
C LYS A 181 16.79 -12.32 49.10
N GLY A 182 18.06 -12.71 49.15
CA GLY A 182 19.09 -12.21 48.24
C GLY A 182 19.78 -13.29 47.41
N ASP A 183 19.18 -14.49 47.34
CA ASP A 183 19.71 -15.62 46.59
C ASP A 183 18.72 -16.12 45.54
N VAL A 184 19.21 -16.31 44.30
CA VAL A 184 18.44 -16.80 43.15
C VAL A 184 18.94 -18.19 42.75
N TYR A 185 18.01 -19.14 42.61
CA TYR A 185 18.30 -20.54 42.26
C TYR A 185 17.61 -20.94 40.96
N ASN A 186 18.34 -21.63 40.06
CA ASN A 186 17.79 -22.16 38.81
C ASN A 186 17.13 -23.49 39.15
N MET A 187 15.84 -23.43 39.54
CA MET A 187 15.08 -24.61 39.96
C MET A 187 13.92 -24.95 39.04
N ASP A 188 13.68 -26.27 38.86
CA ASP A 188 12.57 -26.81 38.08
C ASP A 188 11.46 -27.20 39.09
N TYR A 189 10.92 -26.17 39.78
CA TYR A 189 9.90 -26.27 40.82
C TYR A 189 8.58 -26.93 40.34
N PRO A 190 7.81 -27.60 41.22
CA PRO A 190 6.55 -28.22 40.78
C PRO A 190 5.48 -27.18 40.42
N PRO A 191 4.61 -27.44 39.40
CA PRO A 191 3.58 -26.44 39.03
C PRO A 191 2.54 -26.19 40.13
N PHE A 192 1.80 -25.07 40.00
CA PHE A 192 0.76 -24.67 40.94
C PHE A 192 -0.37 -25.69 41.04
N GLY A 193 -0.55 -26.23 42.25
CA GLY A 193 -1.54 -27.25 42.56
C GLY A 193 -1.06 -28.66 42.30
N ALA A 194 0.27 -28.86 42.26
CA ALA A 194 0.90 -30.17 42.02
C ALA A 194 2.09 -30.45 42.95
N GLY A 195 2.12 -29.79 44.10
CA GLY A 195 3.16 -29.96 45.11
C GLY A 195 3.05 -31.26 45.87
N ARG A 196 4.20 -31.83 46.28
CA ARG A 196 4.28 -33.10 47.01
C ARG A 196 4.66 -32.89 48.49
N PRO A 197 4.20 -33.77 49.44
CA PRO A 197 4.56 -33.59 50.85
C PRO A 197 6.03 -33.77 51.16
N GLY A 198 6.55 -32.91 52.03
CA GLY A 198 7.95 -32.92 52.46
C GLY A 198 8.92 -32.26 51.50
N GLN A 199 8.45 -31.94 50.28
CA GLN A 199 9.25 -31.32 49.21
C GLN A 199 8.92 -29.83 49.06
N PHE A 200 9.75 -29.11 48.28
CA PHE A 200 9.58 -27.68 47.97
C PHE A 200 8.28 -27.52 47.17
N GLY A 201 7.30 -26.89 47.79
CA GLY A 201 5.99 -26.67 47.19
C GLY A 201 4.86 -27.45 47.83
N ASP A 202 5.08 -28.00 49.06
CA ASP A 202 4.09 -28.75 49.82
C ASP A 202 2.90 -27.86 50.22
N ILE A 203 3.17 -26.53 50.33
CA ILE A 203 2.20 -25.47 50.59
C ILE A 203 2.43 -24.37 49.54
N GLN A 204 1.41 -24.13 48.70
CA GLN A 204 1.49 -23.14 47.61
C GLN A 204 0.42 -22.05 47.72
N SER A 205 0.86 -20.79 47.70
CA SER A 205 0.00 -19.60 47.78
C SER A 205 0.41 -18.60 46.71
N ARG A 206 -0.55 -17.83 46.18
CA ARG A 206 -0.33 -16.83 45.14
C ARG A 206 0.60 -15.68 45.58
N THR A 207 0.31 -15.06 46.74
CA THR A 207 1.10 -13.95 47.31
C THR A 207 1.25 -14.13 48.84
N PRO A 208 2.26 -13.50 49.51
CA PRO A 208 2.37 -13.65 50.98
C PRO A 208 1.17 -13.17 51.79
N GLU A 209 0.26 -12.39 51.17
CA GLU A 209 -0.95 -11.86 51.80
C GLU A 209 -2.24 -12.50 51.25
N SER A 210 -2.11 -13.49 50.32
CA SER A 210 -3.22 -14.20 49.68
C SER A 210 -4.15 -14.92 50.66
N LYS A 211 -5.44 -15.05 50.28
CA LYS A 211 -6.50 -15.69 51.08
C LYS A 211 -6.52 -17.22 50.93
N ASP A 212 -6.64 -17.72 49.68
CA ASP A 212 -6.71 -19.16 49.39
C ASP A 212 -5.34 -19.78 49.21
N VAL A 213 -5.14 -20.98 49.78
CA VAL A 213 -3.87 -21.73 49.74
C VAL A 213 -4.04 -23.19 49.30
N TYR A 214 -2.98 -23.77 48.69
CA TYR A 214 -2.91 -25.16 48.28
C TYR A 214 -2.06 -25.90 49.32
N ALA A 215 -2.53 -27.08 49.78
CA ALA A 215 -1.81 -27.86 50.78
C ALA A 215 -1.84 -29.37 50.55
N ASN A 216 -0.64 -29.97 50.45
CA ASN A 216 -0.41 -31.40 50.33
C ASN A 216 0.73 -31.74 51.28
N THR A 217 0.38 -32.13 52.52
CA THR A 217 1.32 -32.42 53.60
C THR A 217 1.23 -33.85 54.15
N GLN A 218 0.23 -34.64 53.69
CA GLN A 218 -0.05 -36.02 54.11
C GLN A 218 -0.32 -36.08 55.62
N LEU A 219 -1.39 -35.39 56.06
CA LEU A 219 -1.82 -35.28 57.44
C LEU A 219 -2.86 -36.36 57.78
N VAL A 220 -2.55 -37.20 58.78
CA VAL A 220 -3.41 -38.29 59.25
C VAL A 220 -3.49 -38.25 60.78
N LEU A 221 -4.71 -38.28 61.34
CA LEU A 221 -4.91 -38.29 62.80
C LEU A 221 -4.68 -39.68 63.38
N GLN A 222 -4.15 -39.73 64.61
CA GLN A 222 -3.88 -40.98 65.33
C GLN A 222 -4.77 -41.07 66.58
N ARG A 223 -4.96 -42.28 67.12
CA ARG A 223 -5.77 -42.52 68.32
C ARG A 223 -5.02 -41.97 69.56
N PRO A 224 -5.69 -41.20 70.46
CA PRO A 224 -4.99 -40.67 71.64
C PRO A 224 -4.59 -41.73 72.66
N ALA A 225 -3.58 -41.42 73.49
CA ALA A 225 -3.05 -42.30 74.54
C ALA A 225 -4.08 -42.56 75.64
N ALA A 226 -3.93 -43.69 76.38
CA ALA A 226 -4.83 -44.11 77.46
C ALA A 226 -4.98 -43.05 78.56
N GLY A 227 -6.21 -42.56 78.71
CA GLY A 227 -6.58 -41.53 79.69
C GLY A 227 -5.92 -40.19 79.44
N THR A 228 -5.72 -39.84 78.16
CA THR A 228 -5.04 -38.61 77.74
C THR A 228 -5.86 -37.80 76.73
N VAL A 229 -5.94 -36.48 76.94
CA VAL A 229 -6.61 -35.56 76.03
C VAL A 229 -5.53 -34.84 75.22
N HIS A 230 -5.40 -35.23 73.93
CA HIS A 230 -4.45 -34.68 72.96
C HIS A 230 -4.83 -35.11 71.55
N VAL A 231 -4.31 -34.41 70.53
CA VAL A 231 -4.59 -34.73 69.13
C VAL A 231 -3.30 -35.24 68.45
N PRO A 232 -2.97 -36.55 68.56
CA PRO A 232 -1.75 -37.05 67.90
C PRO A 232 -1.95 -37.18 66.39
N TYR A 233 -0.91 -36.84 65.62
CA TYR A 233 -0.98 -36.88 64.15
C TYR A 233 0.34 -37.26 63.47
N SER A 234 0.23 -37.78 62.24
CA SER A 234 1.37 -38.14 61.40
C SER A 234 1.32 -37.22 60.16
N GLN A 235 2.35 -36.39 60.01
CA GLN A 235 2.45 -35.41 58.92
C GLN A 235 3.91 -35.24 58.47
N ALA A 236 4.12 -35.11 57.16
CA ALA A 236 5.45 -34.92 56.56
C ALA A 236 5.98 -33.53 56.93
N PRO A 237 7.24 -33.40 57.41
CA PRO A 237 7.76 -32.07 57.82
C PRO A 237 7.83 -31.04 56.69
N SER A 238 7.86 -29.74 57.08
CA SER A 238 7.90 -28.58 56.18
C SER A 238 8.95 -28.68 55.08
N GLY A 239 8.47 -28.70 53.83
CA GLY A 239 9.29 -28.77 52.64
C GLY A 239 10.16 -27.55 52.44
N PHE A 240 9.65 -26.37 52.85
CA PHE A 240 10.34 -25.08 52.78
C PHE A 240 11.50 -25.06 53.77
N LYS A 241 11.27 -25.54 55.01
CA LYS A 241 12.29 -25.61 56.07
C LYS A 241 13.41 -26.60 55.69
N TYR A 242 13.04 -27.71 55.02
CA TYR A 242 13.97 -28.73 54.54
C TYR A 242 14.80 -28.19 53.38
N TRP A 243 14.17 -27.45 52.44
CA TRP A 243 14.83 -26.85 51.28
C TRP A 243 15.85 -25.78 51.71
N LEU A 244 15.51 -24.97 52.73
CA LEU A 244 16.37 -23.92 53.30
C LEU A 244 17.70 -24.47 53.82
N LYS A 245 17.73 -25.79 54.14
CA LYS A 245 18.90 -26.51 54.61
C LYS A 245 19.61 -27.24 53.45
N GLU A 246 18.83 -27.83 52.51
CA GLU A 246 19.37 -28.59 51.37
C GLU A 246 19.11 -27.92 50.00
N ARG A 247 19.59 -26.68 49.83
CA ARG A 247 19.46 -25.93 48.57
C ARG A 247 20.79 -25.75 47.83
N GLY A 248 21.88 -25.69 48.58
CA GLY A 248 23.23 -25.53 48.04
C GLY A 248 23.55 -24.08 47.73
N ALA A 249 24.52 -23.88 46.83
CA ALA A 249 24.97 -22.55 46.40
C ALA A 249 24.05 -21.94 45.35
N SER A 250 23.79 -20.64 45.44
CA SER A 250 22.95 -19.88 44.52
C SER A 250 23.70 -19.54 43.23
N LEU A 251 23.01 -18.90 42.25
CA LEU A 251 23.58 -18.49 40.97
C LEU A 251 24.78 -17.55 41.14
N GLN A 252 24.77 -16.69 42.18
CA GLN A 252 25.84 -15.75 42.55
C GLN A 252 27.21 -16.46 42.65
N HIS A 253 27.22 -17.73 43.08
CA HIS A 253 28.42 -18.55 43.26
C HIS A 253 28.64 -19.60 42.14
N THR A 254 27.55 -20.10 41.52
CA THR A 254 27.64 -21.14 40.49
C THR A 254 27.59 -20.72 39.01
N ALA A 255 27.09 -19.50 38.72
CA ALA A 255 26.95 -18.99 37.34
C ALA A 255 28.29 -18.78 36.59
N PRO A 256 28.35 -19.09 35.28
CA PRO A 256 29.60 -18.86 34.53
C PRO A 256 29.81 -17.37 34.15
N PHE A 257 30.97 -17.06 33.55
CA PHE A 257 31.40 -15.72 33.10
C PHE A 257 31.54 -14.68 34.23
N GLY A 258 31.67 -15.16 35.46
CA GLY A 258 31.83 -14.34 36.67
C GLY A 258 30.64 -13.46 36.98
N CYS A 259 29.41 -13.97 36.75
CA CYS A 259 28.15 -13.27 36.98
C CYS A 259 27.91 -12.96 38.45
N GLN A 260 27.45 -11.73 38.73
CA GLN A 260 27.10 -11.27 40.06
C GLN A 260 25.58 -11.13 40.09
N ILE A 261 24.90 -11.86 40.99
CA ILE A 261 23.44 -11.85 41.07
C ILE A 261 22.92 -10.91 42.16
N ALA A 262 22.10 -9.94 41.74
CA ALA A 262 21.47 -8.94 42.61
C ALA A 262 19.96 -9.21 42.73
N THR A 263 19.32 -8.64 43.76
CA THR A 263 17.89 -8.84 44.02
C THR A 263 17.11 -7.51 44.15
N ASN A 264 15.76 -7.59 44.05
CA ASN A 264 14.80 -6.50 44.15
C ASN A 264 15.13 -5.27 43.25
N PRO A 265 14.99 -5.35 41.90
CA PRO A 265 14.56 -6.52 41.09
C PRO A 265 15.71 -7.50 40.83
N VAL A 266 15.37 -8.74 40.49
CA VAL A 266 16.38 -9.76 40.21
C VAL A 266 17.00 -9.56 38.84
N ARG A 267 18.32 -9.42 38.80
CA ARG A 267 19.04 -9.22 37.54
C ARG A 267 20.50 -9.64 37.68
N ALA A 268 21.15 -9.86 36.54
CA ALA A 268 22.55 -10.27 36.54
C ALA A 268 23.46 -9.09 36.21
N VAL A 269 24.41 -8.82 37.09
CA VAL A 269 25.35 -7.72 36.90
C VAL A 269 26.73 -8.23 36.50
N ASN A 270 27.44 -7.45 35.69
CA ASN A 270 28.78 -7.82 35.23
C ASN A 270 28.81 -9.23 34.66
N CYS A 271 28.67 -9.34 33.34
CA CYS A 271 28.70 -10.63 32.67
C CYS A 271 29.37 -10.53 31.30
N ALA A 272 30.52 -11.18 31.17
CA ALA A 272 31.27 -11.17 29.92
C ALA A 272 30.65 -12.13 28.90
N VAL A 273 30.32 -11.60 27.73
CA VAL A 273 29.72 -12.41 26.67
C VAL A 273 29.18 -11.53 25.55
N GLY A 274 29.65 -11.77 24.33
CA GLY A 274 29.21 -11.01 23.18
C GLY A 274 29.80 -9.61 23.15
N ASN A 275 29.39 -8.82 22.17
CA ASN A 275 29.87 -7.44 22.03
C ASN A 275 28.80 -6.42 22.39
N MET A 276 29.12 -5.15 22.19
CA MET A 276 28.19 -4.06 22.49
C MET A 276 28.54 -2.80 21.71
N PRO A 277 27.58 -2.27 20.97
CA PRO A 277 27.78 -1.05 20.19
C PRO A 277 27.59 0.21 21.03
N ILE A 278 28.33 1.26 20.70
CA ILE A 278 28.24 2.52 21.43
C ILE A 278 28.36 3.71 20.49
N SER A 279 27.31 4.54 20.46
CA SER A 279 27.30 5.72 19.61
C SER A 279 27.60 6.98 20.42
N ILE A 280 28.55 7.78 19.93
CA ILE A 280 28.93 9.02 20.61
C ILE A 280 28.82 10.21 19.66
N ASP A 281 27.89 11.13 19.97
CA ASP A 281 27.69 12.35 19.19
C ASP A 281 28.52 13.47 19.82
N ILE A 282 29.79 13.57 19.40
CA ILE A 282 30.75 14.57 19.88
C ILE A 282 30.40 15.96 19.31
N PRO A 283 30.26 17.02 20.16
CA PRO A 283 29.94 18.35 19.63
C PRO A 283 31.06 18.97 18.80
N GLU A 284 30.71 19.81 17.83
CA GLU A 284 31.70 20.46 16.98
C GLU A 284 32.57 21.43 17.78
N ALA A 285 32.21 21.64 19.03
CA ALA A 285 32.95 22.54 19.90
C ALA A 285 34.23 21.88 20.42
N ALA A 286 34.36 20.58 20.18
CA ALA A 286 35.52 19.83 20.63
C ALA A 286 36.37 19.37 19.44
N PHE A 287 36.16 20.00 18.29
CA PHE A 287 36.89 19.65 17.08
C PHE A 287 37.79 20.79 16.63
N THR A 288 38.94 20.45 16.07
CA THR A 288 39.89 21.46 15.59
C THR A 288 40.32 21.17 14.15
N ARG A 289 40.14 22.16 13.28
CA ARG A 289 40.51 22.01 11.87
C ARG A 289 41.96 21.54 11.73
N VAL A 290 42.24 20.83 10.65
CA VAL A 290 43.57 20.31 10.39
C VAL A 290 44.56 21.44 10.12
N VAL A 291 44.15 22.38 9.27
CA VAL A 291 44.99 23.52 8.92
C VAL A 291 45.54 24.19 10.18
N ASP A 292 44.69 24.34 11.18
CA ASP A 292 45.09 24.98 12.43
C ASP A 292 46.16 24.15 13.16
N ALA A 293 46.52 23.02 12.56
CA ALA A 293 47.53 22.14 13.14
C ALA A 293 48.83 22.22 12.38
N PRO A 294 49.78 21.35 12.73
CA PRO A 294 51.09 21.32 12.07
C PRO A 294 51.36 19.98 11.42
N SER A 295 52.34 19.94 10.51
CA SER A 295 52.69 18.71 9.81
C SER A 295 53.93 18.06 10.42
N LEU A 296 54.59 17.22 9.65
CA LEU A 296 55.80 16.53 10.10
C LEU A 296 56.55 15.89 8.94
N THR A 297 57.87 15.83 9.06
CA THR A 297 58.71 15.25 8.02
C THR A 297 59.77 14.33 8.63
N ASP A 298 60.66 13.83 7.78
CA ASP A 298 61.73 12.94 8.22
C ASP A 298 61.46 12.44 9.64
N MET A 299 60.94 11.21 9.74
CA MET A 299 60.63 10.62 11.03
C MET A 299 61.38 9.31 11.24
N SER A 300 61.94 9.14 12.44
CA SER A 300 62.68 7.93 12.78
C SER A 300 62.19 7.39 14.12
N CYS A 301 62.05 6.06 14.23
CA CYS A 301 61.56 5.41 15.44
C CYS A 301 62.56 4.44 16.04
N GLU A 302 62.96 4.69 17.30
CA GLU A 302 63.92 3.87 18.05
C GLU A 302 63.24 3.32 19.32
N VAL A 303 63.37 1.99 19.54
CA VAL A 303 62.79 1.30 20.70
C VAL A 303 63.93 0.85 21.66
N PRO A 304 64.24 1.66 22.71
CA PRO A 304 65.33 1.28 23.62
C PRO A 304 64.96 0.16 24.61
N ALA A 305 63.66 -0.03 24.88
CA ALA A 305 63.16 -1.05 25.82
C ALA A 305 61.78 -1.58 25.47
N CYS A 306 61.63 -2.92 25.45
CA CYS A 306 60.35 -3.60 25.20
C CYS A 306 60.24 -4.96 25.87
N THR A 307 59.11 -5.18 26.57
CA THR A 307 58.75 -6.41 27.26
C THR A 307 57.28 -6.69 26.93
N HIS A 308 57.01 -7.72 26.10
CA HIS A 308 55.65 -8.07 25.70
C HIS A 308 54.79 -8.62 26.84
N SER A 309 53.87 -7.78 27.34
CA SER A 309 52.98 -8.12 28.46
C SER A 309 51.59 -7.48 28.27
N SER A 310 50.68 -7.70 29.26
CA SER A 310 49.32 -7.17 29.27
C SER A 310 49.29 -5.64 29.38
N ASP A 311 50.27 -5.07 30.12
CA ASP A 311 50.41 -3.63 30.32
C ASP A 311 51.43 -3.04 29.33
N PHE A 312 51.62 -1.70 29.35
CA PHE A 312 52.55 -1.00 28.47
C PHE A 312 54.01 -1.26 28.88
N GLY A 313 54.55 -2.37 28.40
CA GLY A 313 55.92 -2.80 28.69
C GLY A 313 56.95 -2.37 27.67
N GLY A 314 56.55 -1.48 26.75
CA GLY A 314 57.40 -0.96 25.70
C GLY A 314 57.53 0.55 25.71
N VAL A 315 58.76 1.04 25.45
CA VAL A 315 59.10 2.48 25.41
C VAL A 315 59.62 2.80 24.00
N ALA A 316 59.08 3.85 23.36
CA ALA A 316 59.49 4.25 22.02
C ALA A 316 59.76 5.75 21.91
N ILE A 317 60.90 6.11 21.27
CA ILE A 317 61.31 7.49 21.04
C ILE A 317 61.20 7.80 19.53
N ILE A 318 60.37 8.79 19.17
CA ILE A 318 60.13 9.20 17.79
C ILE A 318 60.67 10.61 17.54
N LYS A 319 61.61 10.73 16.58
CA LYS A 319 62.22 12.00 16.17
C LYS A 319 61.37 12.61 15.05
N TYR A 320 61.26 13.96 15.01
CA TYR A 320 60.44 14.64 14.00
C TYR A 320 60.93 16.05 13.61
N ALA A 321 60.31 16.62 12.56
CA ALA A 321 60.54 17.98 12.06
C ALA A 321 59.16 18.60 11.79
N ALA A 322 58.66 19.42 12.75
CA ALA A 322 57.35 20.05 12.70
C ALA A 322 57.37 21.45 12.08
N SER A 323 56.26 21.83 11.41
CA SER A 323 56.10 23.13 10.77
C SER A 323 55.78 24.24 11.77
N LYS A 324 54.96 23.95 12.81
CA LYS A 324 54.54 24.90 13.84
C LYS A 324 54.14 24.24 15.17
N LYS A 325 53.94 25.06 16.22
CA LYS A 325 53.53 24.62 17.55
C LYS A 325 52.02 24.29 17.55
N GLY A 326 51.69 23.06 17.97
CA GLY A 326 50.32 22.58 18.04
C GLY A 326 50.20 21.17 18.56
N LYS A 327 48.94 20.72 18.80
CA LYS A 327 48.65 19.38 19.29
C LYS A 327 48.44 18.39 18.16
N CYS A 328 49.09 17.22 18.25
CA CYS A 328 49.01 16.14 17.26
C CYS A 328 48.60 14.83 17.91
N ALA A 329 47.67 14.10 17.27
CA ALA A 329 47.15 12.82 17.74
C ALA A 329 48.11 11.66 17.46
N VAL A 330 48.24 10.76 18.44
CA VAL A 330 49.11 9.58 18.36
C VAL A 330 48.24 8.32 18.36
N HIS A 331 48.39 7.47 17.33
CA HIS A 331 47.63 6.22 17.19
C HIS A 331 48.41 5.16 16.42
N SER A 332 48.33 3.90 16.89
CA SER A 332 48.99 2.77 16.25
C SER A 332 48.13 2.25 15.11
N MET A 333 48.72 2.17 13.90
CA MET A 333 48.05 1.69 12.69
C MET A 333 48.07 0.14 12.60
N THR A 334 48.66 -0.51 13.60
CA THR A 334 48.75 -1.96 13.75
C THR A 334 47.80 -2.39 14.88
N ASN A 335 46.96 -3.39 14.60
CA ASN A 335 45.96 -3.89 15.56
C ASN A 335 46.54 -4.73 16.72
N ALA A 336 47.84 -5.07 16.65
CA ALA A 336 48.53 -5.84 17.68
C ALA A 336 49.17 -4.96 18.76
N VAL A 337 49.50 -3.71 18.42
CA VAL A 337 50.14 -2.74 19.32
C VAL A 337 49.17 -1.62 19.70
N THR A 338 49.18 -1.19 20.98
CA THR A 338 48.32 -0.13 21.52
C THR A 338 49.16 0.93 22.26
N ILE A 339 48.93 2.22 21.94
CA ILE A 339 49.65 3.36 22.53
C ILE A 339 48.84 3.96 23.69
N ARG A 340 49.53 4.29 24.80
CA ARG A 340 48.95 4.89 26.00
C ARG A 340 48.59 6.37 25.78
N GLU A 341 49.41 7.09 24.98
CA GLU A 341 49.23 8.51 24.67
C GLU A 341 48.20 8.73 23.56
N ALA A 342 47.21 9.60 23.82
CA ALA A 342 46.15 9.94 22.86
C ALA A 342 46.55 11.17 22.03
N GLU A 343 47.19 12.17 22.66
CA GLU A 343 47.65 13.41 22.01
C GLU A 343 48.85 14.02 22.73
N ILE A 344 49.79 14.57 21.95
CA ILE A 344 51.01 15.22 22.46
C ILE A 344 51.25 16.60 21.79
N GLU A 345 52.24 17.36 22.31
CA GLU A 345 52.60 18.68 21.80
C GLU A 345 53.88 18.65 20.96
N VAL A 346 53.83 19.28 19.76
CA VAL A 346 54.96 19.37 18.83
C VAL A 346 55.38 20.83 18.61
N GLU A 347 56.64 21.06 18.15
CA GLU A 347 57.15 22.42 17.92
C GLU A 347 57.93 22.56 16.60
N GLY A 348 59.04 21.84 16.48
CA GLY A 348 59.89 21.87 15.29
C GLY A 348 60.80 20.67 15.22
N ASN A 349 62.10 20.90 15.40
CA ASN A 349 63.11 19.83 15.39
C ASN A 349 63.25 19.32 16.83
N SER A 350 62.48 18.27 17.17
CA SER A 350 62.46 17.66 18.51
C SER A 350 62.13 16.15 18.50
N GLN A 351 61.87 15.58 19.69
CA GLN A 351 61.55 14.17 19.88
C GLN A 351 60.37 13.97 20.87
N LEU A 352 59.83 12.73 20.94
CA LEU A 352 58.72 12.36 21.82
C LEU A 352 58.83 10.92 22.35
N GLN A 353 58.53 10.72 23.65
CA GLN A 353 58.58 9.41 24.28
C GLN A 353 57.17 8.86 24.50
N ILE A 354 56.89 7.65 23.95
CA ILE A 354 55.59 6.99 24.06
C ILE A 354 55.65 5.59 24.66
N SER A 355 54.62 5.23 25.45
CA SER A 355 54.48 3.91 26.08
C SER A 355 53.55 3.04 25.24
N PHE A 356 53.98 1.80 24.94
CA PHE A 356 53.18 0.89 24.12
C PHE A 356 53.07 -0.53 24.68
N SER A 357 51.93 -1.20 24.40
CA SER A 357 51.64 -2.57 24.83
C SER A 357 51.46 -3.49 23.60
N THR A 358 52.13 -4.66 23.63
CA THR A 358 52.08 -5.66 22.57
C THR A 358 52.24 -7.10 23.12
N ALA A 359 51.87 -8.11 22.32
CA ALA A 359 51.96 -9.52 22.69
C ALA A 359 53.06 -10.25 21.92
N LEU A 360 53.34 -9.81 20.67
CA LEU A 360 54.34 -10.37 19.78
C LEU A 360 55.77 -10.12 20.27
N ALA A 361 56.69 -11.08 19.99
CA ALA A 361 58.10 -10.98 20.34
C ALA A 361 58.80 -10.05 19.34
N SER A 362 58.53 -10.25 18.04
CA SER A 362 59.06 -9.42 16.95
C SER A 362 57.92 -8.50 16.52
N ALA A 363 58.01 -7.22 16.88
CA ALA A 363 56.96 -6.25 16.57
C ALA A 363 57.37 -5.13 15.60
N GLU A 364 56.82 -5.16 14.39
CA GLU A 364 57.02 -4.16 13.35
C GLU A 364 55.69 -3.45 13.20
N PHE A 365 55.60 -2.22 13.73
CA PHE A 365 54.36 -1.45 13.76
C PHE A 365 54.50 0.00 13.28
N ARG A 366 53.41 0.52 12.67
CA ARG A 366 53.34 1.88 12.15
C ARG A 366 52.58 2.79 13.12
N VAL A 367 53.20 3.92 13.51
CA VAL A 367 52.60 4.90 14.44
C VAL A 367 52.23 6.16 13.67
N GLN A 368 50.94 6.53 13.69
CA GLN A 368 50.44 7.71 13.00
C GLN A 368 50.44 8.94 13.92
N VAL A 369 51.49 9.76 13.82
CA VAL A 369 51.61 11.00 14.60
C VAL A 369 51.07 12.11 13.70
N CYS A 370 49.99 12.78 14.15
CA CYS A 370 49.25 13.82 13.44
C CYS A 370 48.61 13.25 12.16
N SER A 371 49.22 13.46 10.98
CA SER A 371 48.74 12.96 9.70
C SER A 371 49.81 12.16 8.93
N THR A 372 51.04 12.08 9.47
CA THR A 372 52.17 11.37 8.87
C THR A 372 52.50 10.09 9.67
N GLN A 373 52.86 9.00 8.97
CA GLN A 373 53.19 7.71 9.58
C GLN A 373 54.70 7.43 9.68
N VAL A 374 55.11 6.67 10.72
CA VAL A 374 56.49 6.26 10.99
C VAL A 374 56.56 4.76 11.35
N HIS A 375 57.57 4.03 10.80
CA HIS A 375 57.77 2.61 11.05
C HIS A 375 58.65 2.40 12.29
N CYS A 376 58.17 1.57 13.23
CA CYS A 376 58.88 1.23 14.47
C CYS A 376 59.32 -0.23 14.50
N ALA A 377 60.61 -0.46 14.76
CA ALA A 377 61.21 -1.79 14.85
C ALA A 377 61.50 -2.12 16.31
N ALA A 378 60.89 -3.22 16.82
CA ALA A 378 61.04 -3.64 18.21
C ALA A 378 61.18 -5.14 18.37
N GLU A 379 62.11 -5.57 19.26
CA GLU A 379 62.37 -6.96 19.60
C GLU A 379 62.07 -7.13 21.09
N CYS A 380 60.77 -7.26 21.42
CA CYS A 380 60.26 -7.40 22.78
C CYS A 380 60.60 -8.74 23.42
N HIS A 381 60.83 -8.74 24.74
CA HIS A 381 61.22 -9.91 25.52
C HIS A 381 60.10 -10.44 26.45
N PRO A 382 60.12 -11.74 26.85
CA PRO A 382 59.04 -12.25 27.71
C PRO A 382 59.04 -11.71 29.15
N PRO A 383 57.86 -11.58 29.80
CA PRO A 383 57.85 -11.07 31.19
C PRO A 383 58.12 -12.17 32.22
N LYS A 384 58.41 -11.76 33.48
CA LYS A 384 58.71 -12.68 34.58
C LYS A 384 57.50 -13.50 35.05
N ASP A 385 56.28 -12.93 34.94
CA ASP A 385 55.04 -13.60 35.37
C ASP A 385 54.25 -14.19 34.20
N HIS A 386 53.76 -15.42 34.38
CA HIS A 386 52.96 -16.15 33.39
C HIS A 386 51.47 -15.81 33.52
N ILE A 387 51.00 -15.49 34.74
CA ILE A 387 49.61 -15.13 35.05
C ILE A 387 49.57 -13.69 35.57
N VAL A 388 48.69 -12.87 35.00
CA VAL A 388 48.49 -11.46 35.34
C VAL A 388 47.15 -11.22 36.09
N ASN A 389 47.05 -10.10 36.85
CA ASN A 389 45.86 -9.75 37.63
C ASN A 389 44.95 -8.67 37.00
N TYR A 390 45.14 -8.37 35.70
CA TYR A 390 44.35 -7.39 34.95
C TYR A 390 44.15 -7.79 33.47
N PRO A 391 42.94 -7.56 32.88
CA PRO A 391 42.73 -7.95 31.48
C PRO A 391 43.32 -6.97 30.46
N ALA A 392 43.57 -7.46 29.24
CA ALA A 392 44.13 -6.68 28.13
C ALA A 392 43.48 -7.01 26.79
N SER A 393 43.76 -6.17 25.76
CA SER A 393 43.24 -6.34 24.39
C SER A 393 43.88 -7.53 23.69
N ASN B 1 -6.54 -4.62 81.17
CA ASN B 1 -5.78 -5.70 81.77
C ASN B 1 -6.42 -6.95 81.31
N VAL B 2 -5.99 -7.40 80.16
CA VAL B 2 -6.57 -8.57 79.50
C VAL B 2 -6.48 -9.82 80.40
N TYR B 3 -5.63 -9.77 81.43
CA TYR B 3 -5.39 -10.85 82.39
C TYR B 3 -6.46 -10.98 83.49
N LYS B 4 -7.52 -10.14 83.41
CA LYS B 4 -8.66 -10.17 84.32
C LYS B 4 -9.50 -11.42 84.02
N ALA B 5 -9.79 -11.66 82.75
CA ALA B 5 -10.59 -12.82 82.34
C ALA B 5 -9.72 -14.07 82.26
N THR B 6 -8.58 -13.95 81.59
CA THR B 6 -7.66 -15.08 81.43
C THR B 6 -7.18 -15.59 82.78
N ARG B 7 -6.69 -16.82 82.80
CA ARG B 7 -6.21 -17.45 84.03
C ARG B 7 -5.32 -18.66 83.73
N PRO B 8 -4.35 -18.89 84.60
CA PRO B 8 -3.43 -20.02 84.42
C PRO B 8 -4.13 -21.36 84.61
N TYR B 9 -3.69 -22.37 83.88
CA TYR B 9 -4.29 -23.71 83.96
C TYR B 9 -3.21 -24.78 84.11
N LEU B 10 -3.56 -25.85 84.83
CA LEU B 10 -2.63 -26.95 85.05
C LEU B 10 -2.64 -27.93 83.88
N ALA B 11 -1.56 -27.92 83.10
CA ALA B 11 -1.44 -28.81 81.95
C ALA B 11 -0.65 -30.06 82.30
N HIS B 12 -0.48 -30.95 81.31
CA HIS B 12 0.26 -32.19 81.52
C HIS B 12 1.72 -32.02 81.16
N CYS B 13 2.60 -32.46 82.05
CA CYS B 13 4.04 -32.36 81.83
C CYS B 13 4.66 -33.74 81.62
N PRO B 14 5.43 -33.89 80.55
CA PRO B 14 6.08 -35.16 80.24
C PRO B 14 7.30 -35.41 81.12
N ASP B 15 7.69 -34.40 81.90
CA ASP B 15 8.84 -34.51 82.78
C ASP B 15 8.88 -33.37 83.80
N CYS B 16 8.42 -33.66 85.01
CA CYS B 16 8.41 -32.67 86.07
C CYS B 16 9.70 -32.74 86.89
N GLY B 17 10.45 -33.82 86.73
CA GLY B 17 11.70 -34.02 87.45
C GLY B 17 12.00 -35.49 87.62
N GLU B 18 13.24 -35.90 87.29
CA GLU B 18 13.75 -37.28 87.34
C GLU B 18 13.00 -38.26 86.40
N GLY B 19 12.50 -37.72 85.28
CA GLY B 19 11.79 -38.48 84.25
C GLY B 19 10.36 -38.86 84.56
N HIS B 20 9.77 -38.28 85.62
CA HIS B 20 8.39 -38.56 86.04
C HIS B 20 7.41 -37.52 85.51
N SER B 21 6.33 -37.97 84.83
CA SER B 21 5.30 -37.11 84.26
C SER B 21 4.25 -36.74 85.30
N CYS B 22 3.78 -35.47 85.30
CA CYS B 22 2.78 -34.95 86.24
C CYS B 22 2.00 -33.75 85.66
N HIS B 23 1.08 -33.17 86.46
CA HIS B 23 0.30 -31.98 86.12
C HIS B 23 1.08 -30.80 86.69
N SER B 24 1.85 -30.11 85.83
CA SER B 24 2.73 -29.02 86.24
C SER B 24 2.14 -27.62 86.00
N PRO B 25 2.29 -26.66 86.95
CA PRO B 25 1.78 -25.30 86.70
C PRO B 25 2.71 -24.48 85.78
N VAL B 26 3.90 -25.03 85.48
CA VAL B 26 4.92 -24.45 84.62
C VAL B 26 5.05 -25.31 83.31
N ALA B 27 3.93 -25.92 82.89
CA ALA B 27 3.84 -26.79 81.71
C ALA B 27 4.15 -26.06 80.40
N LEU B 28 4.99 -26.68 79.55
CA LEU B 28 5.42 -26.14 78.26
C LEU B 28 4.37 -26.37 77.18
N GLU B 29 4.09 -25.34 76.38
CA GLU B 29 3.10 -25.41 75.30
C GLU B 29 3.75 -25.40 73.92
N ARG B 30 4.33 -24.25 73.53
CA ARG B 30 4.97 -24.05 72.23
C ARG B 30 6.31 -23.34 72.41
N ILE B 31 7.36 -23.86 71.76
CA ILE B 31 8.71 -23.29 71.80
C ILE B 31 9.07 -22.81 70.40
N ARG B 32 8.89 -21.51 70.14
CA ARG B 32 9.16 -20.87 68.85
C ARG B 32 10.63 -20.49 68.73
N ASN B 33 11.25 -20.82 67.56
CA ASN B 33 12.66 -20.54 67.27
C ASN B 33 12.83 -19.96 65.84
N GLU B 34 11.93 -19.06 65.45
CA GLU B 34 11.92 -18.41 64.13
C GLU B 34 13.01 -17.34 63.98
N ALA B 35 13.44 -16.73 65.10
CA ALA B 35 14.46 -15.69 65.13
C ALA B 35 15.84 -16.23 64.78
N THR B 36 16.48 -15.63 63.77
CA THR B 36 17.80 -16.01 63.27
C THR B 36 18.95 -15.67 64.24
N ASP B 37 18.74 -14.69 65.14
CA ASP B 37 19.75 -14.29 66.13
C ASP B 37 19.99 -15.34 67.22
N GLY B 38 18.95 -16.12 67.53
CA GLY B 38 19.00 -17.19 68.53
C GLY B 38 17.99 -17.11 69.65
N THR B 39 17.15 -16.05 69.66
CA THR B 39 16.12 -15.81 70.67
C THR B 39 14.99 -16.84 70.56
N LEU B 40 14.59 -17.42 71.70
CA LEU B 40 13.52 -18.42 71.79
C LEU B 40 12.25 -17.84 72.40
N LYS B 41 11.09 -18.08 71.77
CA LYS B 41 9.80 -17.62 72.29
C LYS B 41 9.09 -18.82 72.92
N ILE B 42 9.19 -18.92 74.25
CA ILE B 42 8.64 -20.01 75.06
C ILE B 42 7.24 -19.67 75.61
N GLN B 43 6.25 -20.57 75.36
CA GLN B 43 4.89 -20.42 75.87
C GLN B 43 4.71 -21.38 77.04
N VAL B 44 4.35 -20.84 78.22
CA VAL B 44 4.18 -21.59 79.46
C VAL B 44 2.72 -21.61 79.96
N SER B 45 2.42 -22.47 80.95
CA SER B 45 1.09 -22.63 81.55
C SER B 45 0.71 -21.48 82.49
N LEU B 46 1.69 -20.94 83.24
CA LEU B 46 1.48 -19.83 84.19
C LEU B 46 1.57 -18.44 83.53
N GLN B 47 1.35 -17.37 84.34
CA GLN B 47 1.39 -15.98 83.87
C GLN B 47 2.38 -15.14 84.68
N ILE B 48 3.27 -14.40 83.99
CA ILE B 48 4.33 -13.58 84.62
C ILE B 48 4.03 -12.09 84.50
N GLY B 49 4.29 -11.35 85.58
CA GLY B 49 4.11 -9.91 85.66
C GLY B 49 2.74 -9.46 86.12
N ILE B 50 1.87 -10.42 86.49
CA ILE B 50 0.50 -10.17 86.94
C ILE B 50 0.23 -10.87 88.29
N LYS B 51 -0.53 -10.22 89.18
CA LYS B 51 -0.92 -10.75 90.49
C LYS B 51 -2.32 -11.39 90.44
N THR B 52 -2.68 -12.16 91.48
CA THR B 52 -3.97 -12.86 91.60
C THR B 52 -5.20 -11.95 91.57
N ASP B 53 -5.06 -10.69 92.02
CA ASP B 53 -6.12 -9.68 92.05
C ASP B 53 -6.25 -8.91 90.72
N ASP B 54 -5.50 -9.35 89.68
CA ASP B 54 -5.42 -8.77 88.33
C ASP B 54 -4.80 -7.37 88.36
N SER B 55 -3.50 -7.31 88.67
CA SER B 55 -2.71 -6.07 88.77
C SER B 55 -1.28 -6.29 88.28
N HIS B 56 -0.71 -5.30 87.58
CA HIS B 56 0.65 -5.37 87.03
C HIS B 56 1.73 -5.16 88.09
N ASP B 57 2.61 -6.18 88.24
CA ASP B 57 3.74 -6.20 89.17
C ASP B 57 4.83 -7.09 88.57
N TRP B 58 5.90 -6.48 88.02
CA TRP B 58 7.01 -7.17 87.37
C TRP B 58 7.78 -8.17 88.24
N THR B 59 7.83 -7.92 89.56
CA THR B 59 8.52 -8.79 90.53
C THR B 59 7.66 -10.00 90.96
N LYS B 60 6.37 -10.04 90.56
CA LYS B 60 5.45 -11.12 90.90
C LYS B 60 5.08 -12.05 89.75
N LEU B 61 4.71 -13.30 90.08
CA LEU B 61 4.33 -14.37 89.16
C LEU B 61 2.98 -14.98 89.60
N ARG B 62 2.15 -15.38 88.63
CA ARG B 62 0.84 -15.98 88.87
C ARG B 62 0.77 -17.42 88.31
N TYR B 63 0.68 -18.41 89.20
CA TYR B 63 0.60 -19.83 88.85
C TYR B 63 -0.63 -20.50 89.48
N MET B 64 -1.07 -21.65 88.92
CA MET B 64 -2.22 -22.40 89.43
C MET B 64 -1.77 -23.39 90.51
N ASP B 65 -2.40 -23.30 91.71
CA ASP B 65 -2.10 -24.17 92.85
C ASP B 65 -3.34 -24.85 93.41
N ASN B 66 -3.61 -26.09 92.93
CA ASN B 66 -4.73 -26.95 93.34
C ASN B 66 -6.09 -26.22 93.42
N HIS B 67 -6.71 -25.99 92.23
CA HIS B 67 -8.00 -25.31 92.03
C HIS B 67 -8.00 -23.78 92.14
N MET B 68 -7.01 -23.19 92.86
CA MET B 68 -6.92 -21.76 93.05
C MET B 68 -5.60 -21.15 92.61
N PRO B 69 -5.59 -19.96 91.94
CA PRO B 69 -4.33 -19.35 91.53
C PRO B 69 -3.60 -18.68 92.71
N ALA B 70 -2.27 -18.85 92.77
CA ALA B 70 -1.42 -18.30 93.83
C ALA B 70 -0.26 -17.47 93.28
N ASP B 71 0.29 -16.56 94.11
CA ASP B 71 1.41 -15.69 93.74
C ASP B 71 2.78 -16.29 94.06
N ALA B 72 3.79 -15.98 93.22
CA ALA B 72 5.17 -16.44 93.35
C ALA B 72 6.16 -15.31 93.00
N GLU B 73 7.48 -15.61 93.00
CA GLU B 73 8.52 -14.62 92.71
C GLU B 73 9.11 -14.74 91.30
N ARG B 74 9.39 -13.58 90.67
CA ARG B 74 9.98 -13.45 89.33
C ARG B 74 11.43 -13.94 89.33
N ALA B 75 12.16 -13.70 90.45
CA ALA B 75 13.56 -14.11 90.65
C ALA B 75 13.73 -15.63 90.67
N GLY B 76 12.68 -16.34 91.09
CA GLY B 76 12.65 -17.80 91.17
C GLY B 76 12.56 -18.50 89.82
N LEU B 77 12.04 -17.79 88.79
CA LEU B 77 11.88 -18.29 87.43
C LEU B 77 13.24 -18.54 86.74
N PHE B 78 13.37 -19.71 86.09
CA PHE B 78 14.60 -20.10 85.40
C PHE B 78 14.34 -20.88 84.11
N VAL B 79 15.22 -20.71 83.11
CA VAL B 79 15.20 -21.39 81.81
C VAL B 79 16.59 -22.00 81.60
N ARG B 80 16.66 -23.27 81.14
CA ARG B 80 17.94 -23.97 80.88
C ARG B 80 17.84 -25.11 79.85
N THR B 81 18.92 -25.33 79.08
CA THR B 81 19.03 -26.38 78.06
C THR B 81 20.04 -27.43 78.52
N SER B 82 21.30 -27.00 78.69
CA SER B 82 22.45 -27.80 79.15
C SER B 82 23.17 -26.98 80.22
N ALA B 83 22.95 -25.65 80.19
CA ALA B 83 23.48 -24.62 81.07
C ALA B 83 22.38 -23.55 81.25
N PRO B 84 22.38 -22.71 82.32
CA PRO B 84 21.30 -21.71 82.47
C PRO B 84 21.21 -20.70 81.33
N CYS B 85 19.98 -20.22 81.05
CA CYS B 85 19.68 -19.26 79.99
C CYS B 85 19.38 -17.88 80.56
N THR B 86 19.74 -16.83 79.81
CA THR B 86 19.49 -15.44 80.20
C THR B 86 18.10 -15.01 79.72
N ILE B 87 17.21 -14.68 80.66
CA ILE B 87 15.85 -14.24 80.36
C ILE B 87 15.87 -12.77 79.92
N THR B 88 15.39 -12.51 78.68
CA THR B 88 15.37 -11.18 78.07
C THR B 88 13.95 -10.62 77.82
N GLY B 89 12.98 -11.08 78.60
CA GLY B 89 11.60 -10.64 78.49
C GLY B 89 10.58 -11.62 79.05
N THR B 90 9.65 -11.11 79.88
CA THR B 90 8.57 -11.89 80.51
C THR B 90 7.27 -11.10 80.57
N MET B 91 6.18 -11.69 80.02
CA MET B 91 4.83 -11.12 80.00
C MET B 91 3.82 -12.22 79.75
N GLY B 92 3.00 -12.51 80.76
CA GLY B 92 1.97 -13.53 80.74
C GLY B 92 2.54 -14.92 80.59
N HIS B 93 2.07 -15.66 79.57
CA HIS B 93 2.52 -17.02 79.26
C HIS B 93 3.86 -17.06 78.51
N PHE B 94 4.36 -15.90 78.05
CA PHE B 94 5.57 -15.81 77.23
C PHE B 94 6.86 -15.41 77.92
N ILE B 95 7.95 -16.14 77.58
CA ILE B 95 9.31 -15.93 78.09
C ILE B 95 10.29 -15.87 76.90
N LEU B 96 11.19 -14.86 76.90
CA LEU B 96 12.22 -14.72 75.87
C LEU B 96 13.57 -15.10 76.47
N ALA B 97 14.29 -16.04 75.84
CA ALA B 97 15.59 -16.49 76.35
C ALA B 97 16.60 -16.88 75.27
N ARG B 98 17.89 -16.60 75.55
CA ARG B 98 19.03 -16.95 74.70
C ARG B 98 19.70 -18.15 75.36
N CYS B 99 19.65 -19.31 74.68
CA CYS B 99 20.16 -20.58 75.22
C CYS B 99 21.35 -21.17 74.48
N PRO B 100 22.30 -21.84 75.21
CA PRO B 100 23.41 -22.51 74.50
C PRO B 100 22.95 -23.85 73.90
N LYS B 101 23.86 -24.56 73.17
CA LYS B 101 23.57 -25.85 72.53
C LYS B 101 23.06 -26.90 73.52
N GLY B 102 21.83 -27.37 73.27
CA GLY B 102 21.15 -28.36 74.11
C GLY B 102 20.19 -29.25 73.35
N GLU B 103 19.79 -30.37 73.96
CA GLU B 103 18.86 -31.34 73.39
C GLU B 103 17.49 -31.38 74.08
N THR B 104 17.41 -30.83 75.32
CA THR B 104 16.17 -30.76 76.12
C THR B 104 16.02 -29.39 76.76
N LEU B 105 14.84 -28.75 76.60
CA LEU B 105 14.55 -27.44 77.20
C LEU B 105 13.82 -27.59 78.53
N THR B 106 14.33 -26.91 79.58
CA THR B 106 13.77 -26.93 80.94
C THR B 106 13.35 -25.53 81.38
N VAL B 107 12.11 -25.40 81.87
CA VAL B 107 11.52 -24.15 82.37
C VAL B 107 10.94 -24.42 83.76
N GLY B 108 11.40 -23.66 84.76
CA GLY B 108 10.95 -23.80 86.15
C GLY B 108 10.80 -22.51 86.92
N PHE B 109 10.33 -22.63 88.18
CA PHE B 109 10.11 -21.53 89.14
C PHE B 109 10.03 -22.05 90.59
N THR B 110 9.89 -21.13 91.57
CA THR B 110 9.77 -21.44 93.00
C THR B 110 8.51 -20.77 93.57
N ASP B 111 7.65 -21.55 94.26
CA ASP B 111 6.39 -21.08 94.84
C ASP B 111 6.52 -20.38 96.21
N SER B 112 5.38 -20.07 96.85
CA SER B 112 5.30 -19.43 98.17
C SER B 112 5.73 -20.38 99.29
N ARG B 113 5.40 -21.69 99.15
CA ARG B 113 5.74 -22.74 100.11
C ARG B 113 7.18 -23.26 99.98
N LYS B 114 8.03 -22.54 99.20
CA LYS B 114 9.45 -22.84 98.93
C LYS B 114 9.68 -24.19 98.23
N ILE B 115 8.74 -24.57 97.34
CA ILE B 115 8.78 -25.81 96.55
C ILE B 115 9.00 -25.46 95.07
N SER B 116 10.01 -26.07 94.45
CA SER B 116 10.35 -25.83 93.03
C SER B 116 9.77 -26.85 92.07
N HIS B 117 9.06 -26.37 91.04
CA HIS B 117 8.44 -27.19 89.98
C HIS B 117 9.08 -26.82 88.64
N SER B 118 9.47 -27.83 87.84
CA SER B 118 10.10 -27.61 86.53
C SER B 118 9.61 -28.59 85.47
N CYS B 119 9.36 -28.10 84.25
CA CYS B 119 8.90 -28.91 83.13
C CYS B 119 10.00 -29.05 82.07
N THR B 120 10.29 -30.29 81.66
CA THR B 120 11.33 -30.60 80.67
C THR B 120 10.71 -31.20 79.39
N HIS B 121 11.08 -30.63 78.23
CA HIS B 121 10.61 -31.05 76.90
C HIS B 121 11.81 -31.35 75.99
N PRO B 122 11.77 -32.44 75.18
CA PRO B 122 12.89 -32.70 74.27
C PRO B 122 12.88 -31.72 73.08
N PHE B 123 13.88 -30.85 73.03
CA PHE B 123 13.98 -29.86 71.97
C PHE B 123 15.43 -29.71 71.50
N HIS B 124 15.65 -29.91 70.21
CA HIS B 124 16.99 -29.79 69.63
C HIS B 124 17.34 -28.33 69.36
N HIS B 125 18.07 -27.72 70.29
CA HIS B 125 18.47 -26.33 70.16
C HIS B 125 19.87 -26.21 69.56
N ASP B 126 19.99 -25.37 68.54
CA ASP B 126 21.27 -25.17 67.86
C ASP B 126 21.19 -24.04 66.84
N PRO B 127 21.24 -22.80 67.33
CA PRO B 127 21.17 -21.63 66.45
C PRO B 127 21.82 -21.89 65.11
N PRO B 128 21.12 -21.58 64.03
CA PRO B 128 21.64 -21.78 62.67
C PRO B 128 22.85 -20.88 62.39
N VAL B 129 23.49 -21.07 61.25
CA VAL B 129 24.66 -20.28 60.87
C VAL B 129 24.27 -19.16 59.90
N ILE B 130 24.21 -17.94 60.41
CA ILE B 130 23.85 -16.78 59.61
C ILE B 130 25.07 -16.23 58.88
N GLY B 131 25.17 -16.52 57.58
CA GLY B 131 26.28 -16.06 56.77
C GLY B 131 27.11 -17.20 56.22
N ARG B 132 28.41 -17.15 56.48
CA ARG B 132 29.33 -18.18 56.01
C ARG B 132 30.36 -18.53 57.08
N GLU B 133 30.18 -17.99 58.27
CA GLU B 133 31.11 -18.23 59.38
C GLU B 133 30.35 -18.70 60.62
N LYS B 134 30.86 -19.77 61.24
CA LYS B 134 30.23 -20.31 62.44
C LYS B 134 30.89 -19.76 63.70
N PHE B 135 30.52 -18.54 64.07
CA PHE B 135 31.07 -17.90 65.25
C PHE B 135 30.21 -18.18 66.49
N HIS B 136 30.75 -17.89 67.66
CA HIS B 136 30.04 -18.11 68.92
C HIS B 136 29.53 -16.78 69.49
N SER B 137 30.45 -15.87 69.79
CA SER B 137 30.09 -14.58 70.35
C SER B 137 29.72 -13.60 69.24
N ARG B 138 28.65 -12.80 69.43
CA ARG B 138 28.21 -11.84 68.42
C ARG B 138 29.04 -10.54 68.37
N PRO B 139 29.46 -10.05 67.18
CA PRO B 139 30.25 -8.82 67.13
C PRO B 139 29.41 -7.54 67.18
N GLN B 140 29.97 -6.47 67.77
CA GLN B 140 29.30 -5.16 67.88
C GLN B 140 29.27 -4.45 66.51
N HIS B 141 30.30 -4.67 65.69
CA HIS B 141 30.44 -4.09 64.35
C HIS B 141 30.93 -5.16 63.36
N GLY B 142 30.20 -5.31 62.26
CA GLY B 142 30.51 -6.28 61.21
C GLY B 142 29.67 -6.14 59.96
N LYS B 143 29.64 -7.19 59.14
CA LYS B 143 28.87 -7.24 57.89
C LYS B 143 27.37 -7.34 58.17
N GLU B 144 26.58 -6.47 57.51
CA GLU B 144 25.12 -6.42 57.66
C GLU B 144 24.44 -7.42 56.75
N LEU B 145 23.70 -8.39 57.35
CA LEU B 145 22.97 -9.42 56.62
C LEU B 145 21.49 -9.50 57.08
N PRO B 146 20.53 -9.80 56.17
CA PRO B 146 19.13 -9.86 56.60
C PRO B 146 18.78 -11.15 57.35
N CYS B 147 18.11 -10.99 58.51
CA CYS B 147 17.68 -12.09 59.38
C CYS B 147 16.32 -11.76 60.03
N SER B 148 15.86 -12.62 60.97
CA SER B 148 14.58 -12.43 61.68
C SER B 148 14.70 -12.80 63.16
N THR B 149 13.96 -12.07 64.01
CA THR B 149 13.91 -12.27 65.46
C THR B 149 12.54 -11.87 66.05
N TYR B 150 12.28 -12.27 67.30
CA TYR B 150 11.05 -11.93 68.00
C TYR B 150 11.31 -10.66 68.83
N VAL B 151 10.64 -9.55 68.48
CA VAL B 151 10.79 -8.26 69.16
C VAL B 151 10.20 -8.27 70.59
N GLN B 152 10.61 -7.31 71.45
CA GLN B 152 10.16 -7.23 72.84
C GLN B 152 8.97 -6.27 73.08
N SER B 153 8.25 -5.90 72.01
CA SER B 153 7.08 -5.01 72.11
C SER B 153 5.87 -5.77 72.66
N THR B 154 5.39 -5.34 73.84
CA THR B 154 4.26 -5.95 74.54
C THR B 154 2.91 -5.56 73.89
N ALA B 155 2.89 -4.42 73.15
CA ALA B 155 1.73 -3.85 72.45
C ALA B 155 0.86 -4.89 71.73
N ALA B 156 -0.45 -4.85 72.01
CA ALA B 156 -1.47 -5.76 71.47
C ALA B 156 -1.70 -5.54 69.96
N THR B 157 -0.88 -6.22 69.12
CA THR B 157 -0.93 -6.14 67.65
C THR B 157 -0.49 -7.44 66.97
N THR B 158 -0.83 -7.57 65.66
CA THR B 158 -0.48 -8.69 64.75
C THR B 158 -1.02 -10.08 65.14
N GLU B 159 -0.20 -10.90 65.83
CA GLU B 159 -0.50 -12.28 66.23
C GLU B 159 -1.58 -12.40 67.31
N GLU B 160 -2.33 -13.53 67.32
CA GLU B 160 -3.41 -13.80 68.27
C GLU B 160 -3.67 -15.30 68.53
N ILE B 161 -4.12 -15.64 69.76
CA ILE B 161 -4.45 -17.01 70.20
C ILE B 161 -5.94 -17.15 70.53
N GLU B 162 -6.47 -18.36 70.40
CA GLU B 162 -7.87 -18.62 70.69
C GLU B 162 -8.07 -19.00 72.15
N VAL B 163 -9.16 -18.52 72.74
CA VAL B 163 -9.47 -18.80 74.15
C VAL B 163 -10.91 -19.30 74.31
N HIS B 164 -11.24 -19.72 75.52
CA HIS B 164 -12.59 -20.20 75.82
C HIS B 164 -12.68 -20.69 77.26
N MET B 165 -13.92 -20.88 77.73
CA MET B 165 -14.15 -21.34 79.09
C MET B 165 -13.18 -22.46 79.47
N PRO B 166 -12.34 -22.19 80.46
CA PRO B 166 -11.36 -23.16 80.93
C PRO B 166 -11.99 -24.23 81.81
N PRO B 167 -11.21 -24.80 82.73
CA PRO B 167 -11.71 -25.84 83.63
C PRO B 167 -12.25 -25.25 84.92
N ASP B 168 -12.62 -26.11 85.86
CA ASP B 168 -13.16 -25.67 87.14
C ASP B 168 -12.38 -26.27 88.31
N THR B 169 -11.33 -25.58 88.73
CA THR B 169 -10.50 -26.05 89.83
C THR B 169 -11.16 -27.21 90.57
N PRO B 170 -10.46 -28.34 90.63
CA PRO B 170 -10.98 -29.53 91.31
C PRO B 170 -10.61 -29.54 92.79
N ASP B 171 -11.48 -30.12 93.61
CA ASP B 171 -11.25 -30.20 95.05
C ASP B 171 -11.89 -31.44 95.64
N ARG B 172 -11.10 -32.22 96.38
CA ARG B 172 -11.59 -33.43 97.00
C ARG B 172 -12.14 -33.15 98.40
N THR B 173 -11.72 -32.03 98.97
CA THR B 173 -12.18 -31.64 100.32
C THR B 173 -13.65 -31.25 100.30
N LEU B 174 -14.17 -30.95 99.12
CA LEU B 174 -15.58 -30.56 98.98
C LEU B 174 -16.52 -31.70 99.38
N MET B 175 -16.12 -32.95 99.09
CA MET B 175 -16.90 -34.15 99.40
C MET B 175 -16.54 -34.71 100.77
N SER B 176 -17.54 -35.26 101.48
CA SER B 176 -17.37 -35.86 102.81
C SER B 176 -18.31 -37.03 103.00
N GLN B 177 -17.80 -38.13 103.61
CA GLN B 177 -18.57 -39.35 103.87
C GLN B 177 -19.44 -39.22 105.13
N GLN B 178 -20.71 -38.83 104.94
CA GLN B 178 -21.69 -38.68 106.00
C GLN B 178 -22.35 -40.05 106.21
N SER B 179 -21.76 -40.86 107.12
CA SER B 179 -22.15 -42.24 107.47
C SER B 179 -22.09 -43.18 106.25
N GLY B 180 -23.19 -43.25 105.50
CA GLY B 180 -23.30 -44.07 104.30
C GLY B 180 -23.69 -43.27 103.07
N ASN B 181 -23.68 -41.93 103.19
CA ASN B 181 -24.02 -40.99 102.14
C ASN B 181 -22.87 -40.00 101.90
N VAL B 182 -22.88 -39.27 100.78
CA VAL B 182 -21.84 -38.29 100.44
C VAL B 182 -22.41 -36.87 100.52
N LYS B 183 -21.78 -36.02 101.36
CA LYS B 183 -22.17 -34.62 101.54
C LYS B 183 -21.18 -33.71 100.79
N ILE B 184 -21.72 -32.79 99.97
CA ILE B 184 -20.93 -31.83 99.20
C ILE B 184 -21.05 -30.45 99.86
N THR B 185 -19.99 -30.03 100.58
CA THR B 185 -19.96 -28.74 101.27
C THR B 185 -19.48 -27.64 100.33
N VAL B 186 -20.43 -26.82 99.87
CA VAL B 186 -20.25 -25.72 98.92
C VAL B 186 -19.39 -24.54 99.43
N ASN B 187 -19.66 -24.04 100.66
CA ASN B 187 -18.99 -22.89 101.30
C ASN B 187 -19.03 -21.60 100.46
N GLY B 188 -20.24 -21.24 100.01
CA GLY B 188 -20.50 -20.05 99.21
C GLY B 188 -19.84 -20.00 97.85
N GLN B 189 -19.67 -21.18 97.21
CA GLN B 189 -19.02 -21.32 95.90
C GLN B 189 -19.86 -22.16 94.94
N THR B 190 -19.69 -21.94 93.63
CA THR B 190 -20.41 -22.71 92.61
C THR B 190 -19.61 -23.99 92.35
N VAL B 191 -20.21 -25.17 92.64
CA VAL B 191 -19.57 -26.48 92.52
C VAL B 191 -20.25 -27.37 91.46
N ARG B 192 -19.45 -27.98 90.57
CA ARG B 192 -19.90 -28.91 89.54
C ARG B 192 -19.60 -30.35 90.02
N TYR B 193 -20.65 -31.16 90.23
CA TYR B 193 -20.54 -32.54 90.73
C TYR B 193 -21.00 -33.63 89.76
N LYS B 194 -20.46 -34.86 89.95
CA LYS B 194 -20.78 -36.07 89.18
C LYS B 194 -20.52 -37.31 90.02
N CYS B 195 -21.49 -38.24 90.08
CA CYS B 195 -21.41 -39.48 90.86
C CYS B 195 -21.79 -40.73 90.05
N ASN B 196 -21.31 -41.91 90.49
CA ASN B 196 -21.61 -43.21 89.86
C ASN B 196 -22.99 -43.73 90.27
N CYS B 197 -23.42 -43.41 91.50
CA CYS B 197 -24.68 -43.83 92.12
C CYS B 197 -25.92 -43.21 91.45
N GLY B 198 -27.08 -43.83 91.70
CA GLY B 198 -28.38 -43.43 91.15
C GLY B 198 -28.92 -42.09 91.64
N GLY B 199 -30.06 -41.70 91.09
CA GLY B 199 -30.74 -40.44 91.39
C GLY B 199 -30.06 -39.26 90.75
N SER B 200 -29.79 -38.20 91.54
CA SER B 200 -29.10 -36.99 91.07
C SER B 200 -27.60 -37.30 91.00
N ASN B 201 -27.05 -37.33 89.78
CA ASN B 201 -25.63 -37.65 89.53
C ASN B 201 -24.91 -36.67 88.59
N GLU B 202 -25.44 -35.45 88.44
CA GLU B 202 -24.90 -34.36 87.61
C GLU B 202 -25.52 -33.02 88.03
N GLY B 203 -24.88 -31.92 87.62
CA GLY B 203 -25.38 -30.58 87.90
C GLY B 203 -24.36 -29.57 88.38
N LEU B 204 -24.81 -28.32 88.50
CA LEU B 204 -24.04 -27.16 88.95
C LEU B 204 -24.75 -26.57 90.18
N THR B 205 -24.31 -26.96 91.38
CA THR B 205 -24.91 -26.54 92.65
C THR B 205 -24.29 -25.30 93.30
N THR B 206 -25.15 -24.48 93.94
CA THR B 206 -24.83 -23.27 94.67
C THR B 206 -25.14 -23.50 96.16
N THR B 207 -25.88 -24.59 96.45
CA THR B 207 -26.30 -24.99 97.80
C THR B 207 -25.68 -26.35 98.20
N ASP B 208 -25.68 -26.67 99.50
CA ASP B 208 -25.15 -27.93 100.05
C ASP B 208 -26.03 -29.11 99.60
N LYS B 209 -25.40 -30.10 98.95
CA LYS B 209 -26.09 -31.27 98.43
C LYS B 209 -25.65 -32.57 99.10
N VAL B 210 -26.57 -33.55 99.17
CA VAL B 210 -26.31 -34.86 99.76
C VAL B 210 -26.74 -36.01 98.82
N ILE B 211 -25.81 -36.92 98.50
CA ILE B 211 -26.05 -38.07 97.62
C ILE B 211 -26.25 -39.31 98.49
N ASN B 212 -27.48 -39.85 98.52
CA ASN B 212 -27.86 -41.01 99.30
C ASN B 212 -27.30 -42.32 98.76
N ASN B 213 -26.74 -43.16 99.67
CA ASN B 213 -26.12 -44.47 99.40
C ASN B 213 -25.03 -44.41 98.33
N CYS B 214 -23.89 -43.78 98.67
CA CYS B 214 -22.74 -43.61 97.78
C CYS B 214 -21.42 -43.48 98.56
N LYS B 215 -20.28 -43.71 97.87
CA LYS B 215 -18.94 -43.60 98.43
C LYS B 215 -18.22 -42.40 97.82
N VAL B 216 -17.32 -41.76 98.60
CA VAL B 216 -16.54 -40.58 98.20
C VAL B 216 -15.67 -40.81 96.94
N ASP B 217 -15.10 -42.04 96.80
CA ASP B 217 -14.28 -42.45 95.66
C ASP B 217 -15.09 -42.56 94.35
N GLN B 218 -16.40 -42.77 94.47
CA GLN B 218 -17.27 -42.88 93.30
C GLN B 218 -17.89 -41.54 92.95
N CYS B 219 -17.30 -40.47 93.45
CA CYS B 219 -17.79 -39.13 93.20
C CYS B 219 -16.66 -38.18 92.79
N HIS B 220 -17.03 -37.03 92.23
CA HIS B 220 -16.04 -36.04 91.81
C HIS B 220 -16.63 -34.65 91.78
N ALA B 221 -15.94 -33.70 92.41
CA ALA B 221 -16.41 -32.31 92.45
C ALA B 221 -15.25 -31.34 92.20
N ALA B 222 -15.58 -30.06 92.08
CA ALA B 222 -14.58 -29.02 91.84
C ALA B 222 -15.24 -27.67 91.61
N VAL B 223 -14.65 -26.63 92.18
CA VAL B 223 -15.17 -25.27 92.02
C VAL B 223 -15.19 -24.84 90.57
N THR B 224 -16.25 -24.15 90.16
CA THR B 224 -16.39 -23.69 88.78
C THR B 224 -16.19 -22.18 88.70
N ASN B 225 -15.41 -21.75 87.72
CA ASN B 225 -15.15 -20.32 87.52
C ASN B 225 -15.53 -19.86 86.11
N HIS B 226 -16.68 -20.32 85.64
CA HIS B 226 -17.16 -19.96 84.32
C HIS B 226 -16.90 -18.49 84.01
N LYS B 227 -16.59 -17.72 85.06
CA LYS B 227 -16.31 -16.30 84.91
C LYS B 227 -14.85 -16.06 84.52
N LYS B 228 -14.17 -17.13 84.12
CA LYS B 228 -12.77 -17.03 83.72
C LYS B 228 -12.56 -17.57 82.31
N TRP B 229 -11.47 -17.16 81.69
CA TRP B 229 -11.15 -17.59 80.33
C TRP B 229 -9.94 -18.53 80.31
N GLN B 230 -9.87 -19.37 79.28
CA GLN B 230 -8.78 -20.32 79.16
C GLN B 230 -8.32 -20.44 77.71
N TYR B 231 -7.09 -20.89 77.52
CA TYR B 231 -6.53 -21.05 76.18
C TYR B 231 -7.06 -22.33 75.52
N ASN B 232 -7.30 -22.26 74.21
CA ASN B 232 -7.81 -23.42 73.46
C ASN B 232 -6.66 -24.42 73.29
N SER B 233 -6.42 -25.20 74.36
CA SER B 233 -5.33 -26.18 74.44
C SER B 233 -5.76 -27.59 74.05
N PRO B 234 -4.95 -28.32 73.26
CA PRO B 234 -5.29 -29.71 72.92
C PRO B 234 -5.02 -30.69 74.07
N LEU B 235 -4.32 -30.22 75.12
CA LEU B 235 -3.97 -31.01 76.31
C LEU B 235 -5.04 -30.91 77.41
N VAL B 236 -6.09 -30.08 77.17
CA VAL B 236 -7.22 -29.84 78.07
C VAL B 236 -8.53 -30.20 77.32
N PRO B 237 -9.51 -30.91 77.93
CA PRO B 237 -10.75 -31.25 77.19
C PRO B 237 -11.64 -30.05 76.87
N ARG B 238 -12.50 -30.20 75.84
CA ARG B 238 -13.45 -29.17 75.41
C ARG B 238 -14.67 -29.17 76.33
N ASN B 239 -15.27 -27.98 76.55
CA ASN B 239 -16.45 -27.78 77.39
C ASN B 239 -17.66 -28.52 76.81
N ALA B 240 -18.21 -29.47 77.60
CA ALA B 240 -19.35 -30.32 77.24
C ALA B 240 -20.56 -29.57 76.70
N GLU B 241 -21.13 -28.64 77.49
CA GLU B 241 -22.29 -27.84 77.09
C GLU B 241 -21.85 -26.59 76.30
N LEU B 242 -21.10 -26.82 75.20
CA LEU B 242 -20.54 -25.80 74.32
C LEU B 242 -20.06 -26.44 73.01
N GLY B 243 -20.38 -25.79 71.89
CA GLY B 243 -19.97 -26.23 70.56
C GLY B 243 -18.62 -25.64 70.20
N ASP B 244 -18.62 -24.62 69.32
CA ASP B 244 -17.40 -23.92 68.90
C ASP B 244 -17.38 -22.45 69.37
N ARG B 245 -17.93 -22.19 70.57
CA ARG B 245 -17.96 -20.86 71.19
C ARG B 245 -16.57 -20.56 71.75
N LYS B 246 -15.91 -19.53 71.20
CA LYS B 246 -14.54 -19.16 71.59
C LYS B 246 -14.26 -17.67 71.42
N GLY B 247 -13.26 -17.19 72.15
CA GLY B 247 -12.76 -15.81 72.12
C GLY B 247 -11.34 -15.77 71.60
N LYS B 248 -10.77 -14.56 71.46
CA LYS B 248 -9.40 -14.38 70.97
C LYS B 248 -8.68 -13.20 71.61
N ILE B 249 -7.37 -13.35 71.90
CA ILE B 249 -6.55 -12.32 72.52
C ILE B 249 -5.23 -12.10 71.78
N HIS B 250 -4.80 -10.82 71.62
CA HIS B 250 -3.54 -10.47 70.96
C HIS B 250 -2.37 -10.92 71.81
N ILE B 251 -1.33 -11.46 71.17
CA ILE B 251 -0.15 -11.99 71.86
C ILE B 251 1.15 -11.19 71.68
N PRO B 252 1.99 -11.06 72.74
CA PRO B 252 3.24 -10.31 72.58
C PRO B 252 4.34 -11.08 71.83
N PHE B 253 5.47 -10.39 71.57
CA PHE B 253 6.66 -10.88 70.88
C PHE B 253 6.43 -11.37 69.42
N PRO B 254 6.05 -10.49 68.47
CA PRO B 254 5.85 -10.97 67.09
C PRO B 254 7.15 -11.10 66.30
N LEU B 255 7.12 -11.85 65.19
CA LEU B 255 8.28 -12.04 64.32
C LEU B 255 8.42 -10.85 63.38
N ALA B 256 9.64 -10.31 63.28
CA ALA B 256 9.89 -9.17 62.40
C ALA B 256 11.30 -9.24 61.81
N ASN B 257 11.41 -8.89 60.53
CA ASN B 257 12.70 -8.92 59.84
C ASN B 257 13.64 -7.83 60.35
N VAL B 258 14.89 -8.21 60.61
CA VAL B 258 15.90 -7.27 61.10
C VAL B 258 17.25 -7.52 60.44
N THR B 259 18.29 -6.91 61.01
CA THR B 259 19.64 -7.06 60.48
C THR B 259 20.56 -7.73 61.50
N CYS B 260 21.46 -8.56 61.01
CA CYS B 260 22.41 -9.27 61.87
C CYS B 260 23.84 -9.03 61.43
N ARG B 261 24.75 -8.96 62.39
CA ARG B 261 26.16 -8.73 62.10
C ARG B 261 26.99 -9.98 62.41
N VAL B 262 27.87 -10.33 61.48
CA VAL B 262 28.72 -11.51 61.64
C VAL B 262 30.20 -11.12 61.65
N PRO B 263 31.05 -12.07 62.04
CA PRO B 263 32.49 -11.82 62.10
C PRO B 263 33.22 -12.47 60.92
N LYS B 264 34.51 -12.18 60.78
CA LYS B 264 35.32 -12.74 59.70
C LYS B 264 36.47 -13.56 60.25
N ALA B 265 36.91 -14.55 59.46
CA ALA B 265 38.01 -15.41 59.87
C ALA B 265 39.36 -14.76 59.56
N ARG B 266 40.40 -15.23 60.23
CA ARG B 266 41.75 -14.70 60.02
C ARG B 266 42.32 -15.14 58.68
N ASN B 267 43.03 -14.24 58.02
CA ASN B 267 43.64 -14.53 56.72
C ASN B 267 44.50 -15.79 56.77
N PRO B 268 44.60 -16.47 55.63
CA PRO B 268 45.39 -17.69 55.52
C PRO B 268 46.75 -17.44 54.87
N THR B 269 47.73 -18.28 55.18
CA THR B 269 49.08 -18.14 54.62
C THR B 269 48.99 -18.50 53.13
N VAL B 270 49.09 -17.49 52.26
CA VAL B 270 48.98 -17.64 50.81
C VAL B 270 50.34 -17.59 50.08
N THR B 271 50.61 -18.63 49.27
CA THR B 271 51.83 -18.79 48.47
C THR B 271 51.44 -19.10 47.03
N TYR B 272 51.96 -18.31 46.07
CA TYR B 272 51.65 -18.46 44.64
C TYR B 272 52.63 -19.39 43.91
N GLY B 273 52.13 -20.03 42.86
CA GLY B 273 52.88 -20.94 42.00
C GLY B 273 52.45 -20.87 40.54
N LYS B 274 53.02 -21.74 39.70
CA LYS B 274 52.73 -21.83 38.26
C LYS B 274 51.27 -22.27 38.03
N ASN B 275 50.39 -21.29 37.74
CA ASN B 275 48.94 -21.44 37.50
C ASN B 275 48.18 -22.11 38.66
N GLN B 276 48.71 -22.01 39.89
CA GLN B 276 48.13 -22.59 41.10
C GLN B 276 48.31 -21.72 42.35
N VAL B 277 47.36 -21.83 43.29
CA VAL B 277 47.36 -21.08 44.56
C VAL B 277 47.30 -22.04 45.76
N ILE B 278 48.21 -21.85 46.74
CA ILE B 278 48.33 -22.68 47.94
C ILE B 278 47.89 -21.87 49.18
N MET B 279 46.94 -22.43 49.95
CA MET B 279 46.40 -21.80 51.15
C MET B 279 46.55 -22.68 52.39
N LEU B 280 47.11 -22.12 53.47
CA LEU B 280 47.29 -22.80 54.75
C LEU B 280 46.19 -22.30 55.70
N LEU B 281 45.07 -23.03 55.74
CA LEU B 281 43.89 -22.68 56.53
C LEU B 281 43.99 -23.09 58.00
N TYR B 282 43.86 -22.12 58.91
CA TYR B 282 43.91 -22.32 60.37
C TYR B 282 42.59 -21.85 61.00
N PRO B 283 41.53 -22.71 61.00
CA PRO B 283 40.25 -22.27 61.57
C PRO B 283 40.10 -22.51 63.07
N ASP B 284 39.52 -21.51 63.77
CA ASP B 284 39.26 -21.57 65.21
C ASP B 284 37.93 -22.30 65.47
N HIS B 285 37.00 -22.16 64.52
CA HIS B 285 35.65 -22.74 64.52
C HIS B 285 35.31 -23.24 63.09
N PRO B 286 34.26 -24.11 62.88
CA PRO B 286 33.97 -24.57 61.50
C PRO B 286 33.72 -23.43 60.51
N THR B 287 34.65 -23.25 59.58
CA THR B 287 34.64 -22.19 58.56
C THR B 287 34.42 -22.79 57.15
N LEU B 288 33.49 -22.19 56.38
CA LEU B 288 33.16 -22.64 55.03
C LEU B 288 34.08 -22.03 53.97
N LEU B 289 34.67 -22.89 53.12
CA LEU B 289 35.55 -22.51 52.02
C LEU B 289 34.87 -22.84 50.69
N SER B 290 34.69 -21.83 49.83
CA SER B 290 34.07 -21.97 48.52
C SER B 290 34.90 -21.29 47.44
N TYR B 291 34.94 -21.89 46.24
CA TYR B 291 35.71 -21.35 45.11
C TYR B 291 35.04 -21.58 43.75
N ARG B 292 35.21 -20.61 42.83
CA ARG B 292 34.65 -20.62 41.48
C ARG B 292 35.55 -19.93 40.45
N ASN B 293 35.45 -20.35 39.18
CA ASN B 293 36.20 -19.75 38.06
C ASN B 293 35.41 -18.55 37.52
N MET B 294 36.13 -17.49 37.12
CA MET B 294 35.53 -16.26 36.60
C MET B 294 35.41 -16.27 35.06
N GLY B 295 34.94 -17.39 34.51
CA GLY B 295 34.77 -17.58 33.07
C GLY B 295 33.45 -18.21 32.68
N GLU B 296 33.46 -19.00 31.59
CA GLU B 296 32.27 -19.70 31.06
C GLU B 296 31.82 -20.84 32.00
N GLU B 297 32.76 -21.68 32.43
CA GLU B 297 32.51 -22.80 33.35
C GLU B 297 32.95 -22.41 34.77
N PRO B 298 32.00 -22.09 35.69
CA PRO B 298 32.41 -21.67 37.05
C PRO B 298 32.92 -22.83 37.92
N ASN B 299 32.26 -24.01 37.84
CA ASN B 299 32.56 -25.24 38.58
C ASN B 299 32.70 -24.97 40.09
N TYR B 300 31.56 -24.64 40.73
CA TYR B 300 31.48 -24.33 42.15
C TYR B 300 31.76 -25.56 43.02
N GLN B 301 32.63 -25.38 44.03
CA GLN B 301 33.01 -26.42 44.98
C GLN B 301 32.96 -25.84 46.40
N GLU B 302 32.30 -26.55 47.33
CA GLU B 302 32.17 -26.12 48.72
C GLU B 302 32.60 -27.19 49.73
N GLU B 303 33.27 -26.77 50.82
CA GLU B 303 33.76 -27.66 51.88
C GLU B 303 33.90 -26.94 53.23
N TRP B 304 33.49 -27.61 54.32
CA TRP B 304 33.58 -27.08 55.67
C TRP B 304 34.93 -27.44 56.30
N VAL B 305 35.81 -26.43 56.41
CA VAL B 305 37.15 -26.60 56.98
C VAL B 305 37.07 -26.47 58.51
N MET B 306 37.58 -27.48 59.22
CA MET B 306 37.56 -27.54 60.69
C MET B 306 38.95 -27.67 61.30
N HIS B 307 39.85 -28.44 60.66
CA HIS B 307 41.22 -28.68 61.13
C HIS B 307 42.25 -27.94 60.25
N LYS B 308 43.56 -28.07 60.59
CA LYS B 308 44.68 -27.47 59.86
C LYS B 308 44.72 -28.12 58.47
N LYS B 309 44.50 -27.32 57.40
CA LYS B 309 44.45 -27.85 56.04
C LYS B 309 45.23 -27.02 55.02
N GLU B 310 45.83 -27.72 54.06
CA GLU B 310 46.59 -27.14 52.94
C GLU B 310 45.81 -27.45 51.66
N VAL B 311 45.39 -26.39 50.95
CA VAL B 311 44.61 -26.54 49.70
C VAL B 311 45.31 -25.95 48.48
N VAL B 312 45.43 -26.76 47.41
CA VAL B 312 46.04 -26.37 46.14
C VAL B 312 44.93 -26.20 45.11
N LEU B 313 44.73 -24.96 44.63
CA LEU B 313 43.68 -24.63 43.66
C LEU B 313 44.27 -24.07 42.37
N THR B 314 43.85 -24.63 41.22
CA THR B 314 44.32 -24.21 39.89
C THR B 314 43.66 -22.89 39.48
N VAL B 315 44.48 -21.91 39.04
CA VAL B 315 44.01 -20.59 38.60
C VAL B 315 44.01 -20.50 37.07
N PRO B 316 42.83 -20.42 36.41
CA PRO B 316 42.81 -20.31 34.94
C PRO B 316 42.99 -18.86 34.47
N THR B 317 43.13 -18.66 33.13
CA THR B 317 43.31 -17.34 32.49
C THR B 317 42.21 -16.33 32.82
N GLU B 318 40.95 -16.82 32.95
CA GLU B 318 39.77 -16.01 33.28
C GLU B 318 39.79 -15.48 34.72
N GLY B 319 40.38 -16.26 35.64
CA GLY B 319 40.50 -15.91 37.04
C GLY B 319 39.80 -16.88 37.98
N LEU B 320 40.23 -16.88 39.26
CA LEU B 320 39.66 -17.73 40.31
C LEU B 320 39.26 -16.90 41.52
N GLU B 321 37.98 -17.02 41.94
CA GLU B 321 37.42 -16.31 43.09
C GLU B 321 37.26 -17.29 44.25
N VAL B 322 37.92 -17.00 45.39
CA VAL B 322 37.89 -17.84 46.59
C VAL B 322 37.28 -17.07 47.77
N THR B 323 36.25 -17.66 48.40
CA THR B 323 35.57 -17.08 49.57
C THR B 323 35.88 -17.93 50.80
N TRP B 324 36.56 -17.32 51.79
CA TRP B 324 36.95 -17.98 53.04
C TRP B 324 36.15 -17.41 54.21
N GLY B 325 35.05 -18.09 54.54
CA GLY B 325 34.13 -17.70 55.61
C GLY B 325 33.35 -16.44 55.30
N ASN B 326 33.26 -15.54 56.30
CA ASN B 326 32.54 -14.27 56.19
C ASN B 326 33.37 -13.14 55.56
N ASN B 327 34.64 -13.43 55.18
CA ASN B 327 35.54 -12.48 54.54
C ASN B 327 35.10 -12.20 53.11
N GLU B 328 35.47 -11.02 52.57
CA GLU B 328 35.14 -10.62 51.20
C GLU B 328 35.88 -11.54 50.21
N PRO B 329 35.25 -11.92 49.06
CA PRO B 329 35.90 -12.85 48.14
C PRO B 329 37.26 -12.42 47.57
N TYR B 330 38.26 -13.28 47.72
CA TYR B 330 39.60 -12.99 47.22
C TYR B 330 39.72 -13.33 45.74
N LYS B 331 40.12 -12.35 44.94
CA LYS B 331 40.28 -12.55 43.50
C LYS B 331 41.74 -12.81 43.14
N TYR B 332 41.96 -13.79 42.28
CA TYR B 332 43.31 -14.15 41.84
C TYR B 332 43.39 -14.23 40.33
N TRP B 333 44.53 -13.81 39.78
CA TRP B 333 44.73 -13.83 38.33
C TRP B 333 46.16 -14.24 38.00
N PRO B 334 46.30 -15.28 37.17
CA PRO B 334 47.62 -15.76 36.76
C PRO B 334 48.34 -14.77 35.86
N GLN B 335 49.65 -14.64 36.04
CA GLN B 335 50.45 -13.71 35.25
C GLN B 335 51.18 -14.44 34.13
N LEU B 336 51.17 -13.85 32.94
CA LEU B 336 51.84 -14.45 31.78
C LEU B 336 53.14 -15.13 32.19
N TYR C 1 -11.31 -40.89 40.08
CA TYR C 1 -11.00 -41.28 38.70
C TYR C 1 -10.64 -40.06 37.85
N GLU C 2 -9.42 -40.06 37.30
CA GLU C 2 -8.90 -38.98 36.47
C GLU C 2 -9.38 -39.13 35.03
N HIS C 3 -10.05 -38.09 34.50
CA HIS C 3 -10.58 -38.04 33.13
C HIS C 3 -9.90 -36.92 32.35
N VAL C 4 -9.08 -37.30 31.36
CA VAL C 4 -8.34 -36.38 30.50
C VAL C 4 -9.12 -36.22 29.18
N THR C 5 -9.32 -34.97 28.74
CA THR C 5 -10.05 -34.64 27.51
C THR C 5 -9.48 -33.39 26.84
N VAL C 6 -9.59 -33.32 25.50
CA VAL C 6 -9.10 -32.18 24.71
C VAL C 6 -10.27 -31.54 23.95
N ILE C 7 -10.52 -30.25 24.20
CA ILE C 7 -11.59 -29.49 23.54
C ILE C 7 -11.02 -28.30 22.75
N PRO C 8 -11.62 -27.89 21.60
CA PRO C 8 -11.07 -26.74 20.86
C PRO C 8 -11.21 -25.42 21.60
N ASN C 9 -10.29 -24.48 21.35
CA ASN C 9 -10.27 -23.15 21.98
C ASN C 9 -11.37 -22.26 21.37
N THR C 10 -12.64 -22.66 21.52
CA THR C 10 -13.80 -21.95 20.99
C THR C 10 -14.82 -21.65 22.10
N VAL C 11 -15.01 -20.36 22.38
CA VAL C 11 -15.92 -19.84 23.40
C VAL C 11 -17.37 -19.82 22.88
N GLY C 12 -18.28 -20.34 23.70
CA GLY C 12 -19.71 -20.38 23.41
C GLY C 12 -20.26 -21.68 22.86
N VAL C 13 -19.39 -22.66 22.58
CA VAL C 13 -19.79 -23.96 22.05
C VAL C 13 -19.76 -25.03 23.14
N PRO C 14 -20.89 -25.74 23.43
CA PRO C 14 -20.84 -26.79 24.46
C PRO C 14 -20.32 -28.12 23.91
N TYR C 15 -19.38 -28.75 24.64
CA TYR C 15 -18.79 -30.03 24.24
C TYR C 15 -19.10 -31.11 25.28
N LYS C 16 -19.57 -32.28 24.82
CA LYS C 16 -19.90 -33.40 25.70
C LYS C 16 -18.88 -34.52 25.64
N THR C 17 -18.48 -35.02 26.84
CA THR C 17 -17.50 -36.09 26.98
C THR C 17 -18.08 -37.29 27.75
N LEU C 18 -17.76 -38.51 27.31
CA LEU C 18 -18.21 -39.73 27.95
C LEU C 18 -17.14 -40.27 28.90
N VAL C 19 -17.49 -40.32 30.20
CA VAL C 19 -16.61 -40.81 31.27
C VAL C 19 -16.97 -42.26 31.54
N ASN C 20 -16.09 -43.19 31.13
CA ASN C 20 -16.31 -44.62 31.29
C ASN C 20 -15.26 -45.26 32.21
N ARG C 21 -15.57 -45.35 33.50
CA ARG C 21 -14.73 -45.98 34.50
C ARG C 21 -15.08 -47.48 34.49
N PRO C 22 -14.11 -48.38 34.15
CA PRO C 22 -14.45 -49.82 34.08
C PRO C 22 -15.07 -50.38 35.35
N GLY C 23 -16.21 -51.05 35.18
CA GLY C 23 -16.99 -51.64 36.27
C GLY C 23 -18.08 -50.73 36.82
N TYR C 24 -18.07 -49.45 36.39
CA TYR C 24 -19.03 -48.42 36.82
C TYR C 24 -19.80 -47.84 35.62
N SER C 25 -21.08 -47.49 35.85
CA SER C 25 -22.00 -46.93 34.86
C SER C 25 -21.46 -45.64 34.22
N PRO C 26 -21.57 -45.49 32.87
CA PRO C 26 -21.04 -44.28 32.22
C PRO C 26 -21.64 -42.96 32.70
N MET C 27 -20.84 -41.89 32.58
CA MET C 27 -21.17 -40.52 33.00
C MET C 27 -20.90 -39.56 31.85
N VAL C 28 -21.83 -38.61 31.60
CA VAL C 28 -21.71 -37.61 30.53
C VAL C 28 -21.55 -36.22 31.13
N LEU C 29 -20.44 -35.52 30.78
CA LEU C 29 -20.14 -34.17 31.25
C LEU C 29 -20.19 -33.17 30.11
N GLU C 30 -20.92 -32.07 30.31
CA GLU C 30 -21.04 -31.04 29.29
C GLU C 30 -20.22 -29.80 29.67
N MET C 31 -19.13 -29.57 28.94
CA MET C 31 -18.26 -28.44 29.19
C MET C 31 -18.48 -27.33 28.15
N GLU C 32 -18.26 -26.09 28.56
CA GLU C 32 -18.42 -24.95 27.67
C GLU C 32 -17.58 -23.77 28.12
N LEU C 33 -16.66 -23.33 27.25
CA LEU C 33 -15.79 -22.21 27.55
C LEU C 33 -16.58 -20.92 27.73
N LEU C 34 -16.17 -20.11 28.69
CA LEU C 34 -16.84 -18.84 28.96
C LEU C 34 -16.02 -17.66 28.42
N SER C 35 -14.74 -17.64 28.75
CA SER C 35 -13.84 -16.58 28.31
C SER C 35 -12.39 -17.02 28.34
N VAL C 36 -11.49 -16.10 28.03
CA VAL C 36 -10.06 -16.40 28.03
C VAL C 36 -9.23 -15.12 27.88
N THR C 37 -9.13 -14.36 28.97
CA THR C 37 -8.36 -13.12 28.96
C THR C 37 -6.89 -13.38 28.69
N LEU C 38 -6.11 -12.30 28.59
CA LEU C 38 -4.68 -12.41 28.32
C LEU C 38 -3.94 -11.14 28.74
N GLU C 39 -3.15 -11.24 29.79
CA GLU C 39 -2.39 -10.10 30.30
C GLU C 39 -0.90 -10.33 30.12
N PRO C 40 -0.22 -9.36 29.50
CA PRO C 40 1.22 -9.44 29.28
C PRO C 40 1.98 -8.31 29.96
N THR C 41 3.10 -8.63 30.59
CA THR C 41 3.89 -7.63 31.29
C THR C 41 4.21 -6.44 30.37
N LEU C 42 4.71 -5.36 30.96
CA LEU C 42 5.05 -4.17 30.20
C LEU C 42 5.89 -3.21 31.04
N SER C 43 7.05 -2.84 30.51
CA SER C 43 7.95 -1.92 31.20
C SER C 43 7.86 -0.51 30.61
N LEU C 44 7.26 0.40 31.37
CA LEU C 44 7.11 1.78 30.92
C LEU C 44 8.45 2.39 30.52
N ASP C 45 8.56 2.82 29.26
CA ASP C 45 9.75 3.46 28.73
C ASP C 45 9.72 4.94 29.14
N TYR C 46 8.63 5.63 28.76
CA TYR C 46 8.38 7.06 29.04
C TYR C 46 6.89 7.40 28.83
N ILE C 47 6.53 8.67 29.09
CA ILE C 47 5.19 9.22 28.86
C ILE C 47 5.29 10.53 28.09
N THR C 48 4.37 10.76 27.16
CA THR C 48 4.32 11.99 26.37
C THR C 48 3.02 12.75 26.59
N CYS C 49 3.09 14.09 26.55
CA CYS C 49 1.96 14.99 26.78
C CYS C 49 2.17 16.32 26.05
N GLU C 50 1.34 17.33 26.35
CA GLU C 50 1.46 18.66 25.77
C GLU C 50 2.61 19.38 26.48
N TYR C 51 3.41 20.16 25.74
CA TYR C 51 4.53 20.89 26.34
C TYR C 51 4.14 22.33 26.68
N LYS C 52 4.90 22.95 27.60
CA LYS C 52 4.69 24.34 28.01
C LYS C 52 5.96 25.15 27.74
N THR C 53 5.85 26.14 26.84
CA THR C 53 6.96 27.04 26.49
C THR C 53 6.97 28.19 27.50
N VAL C 54 7.74 28.02 28.58
CA VAL C 54 7.87 29.00 29.66
C VAL C 54 8.73 30.18 29.19
N ILE C 55 8.08 31.34 28.97
CA ILE C 55 8.74 32.57 28.54
C ILE C 55 8.56 33.72 29.56
N PRO C 56 9.63 34.15 30.27
CA PRO C 56 9.46 35.24 31.24
C PRO C 56 9.45 36.62 30.60
N SER C 57 9.40 37.70 31.41
CA SER C 57 9.42 39.08 30.94
C SER C 57 10.78 39.41 30.29
N PRO C 58 10.81 39.97 29.06
CA PRO C 58 12.10 40.25 28.42
C PRO C 58 12.88 41.38 29.09
N TYR C 59 14.19 41.15 29.30
CA TYR C 59 15.06 42.13 29.93
C TYR C 59 15.49 43.19 28.91
N VAL C 60 14.82 44.36 28.95
CA VAL C 60 15.10 45.47 28.06
C VAL C 60 16.13 46.38 28.75
N LYS C 61 17.37 46.37 28.25
CA LYS C 61 18.45 47.18 28.80
C LYS C 61 18.54 48.50 28.04
N CYS C 62 18.13 49.61 28.70
CA CYS C 62 18.18 50.94 28.12
C CYS C 62 19.57 51.51 28.29
N CYS C 63 20.16 52.02 27.19
CA CYS C 63 21.51 52.61 27.12
C CYS C 63 22.60 51.64 27.61
N GLY C 64 22.58 50.42 27.07
CA GLY C 64 23.54 49.38 27.41
C GLY C 64 23.33 48.05 26.73
N THR C 65 24.19 47.07 27.06
CA THR C 65 24.19 45.72 26.50
C THR C 65 23.91 44.64 27.55
N ALA C 66 23.02 43.70 27.22
CA ALA C 66 22.65 42.55 28.04
C ALA C 66 23.39 41.32 27.51
N GLU C 67 23.74 40.37 28.39
CA GLU C 67 24.46 39.16 27.98
C GLU C 67 23.75 37.85 28.34
N CYS C 68 23.72 36.90 27.39
CA CYS C 68 23.08 35.60 27.57
C CYS C 68 23.89 34.69 28.47
N LYS C 69 23.20 34.05 29.44
CA LYS C 69 23.78 33.11 30.39
C LYS C 69 23.34 31.70 29.98
N ASP C 70 24.31 30.80 29.75
CA ASP C 70 24.04 29.41 29.35
C ASP C 70 23.43 28.64 30.54
N LYS C 71 22.13 28.34 30.44
CA LYS C 71 21.37 27.66 31.48
C LYS C 71 21.07 26.20 31.12
N ASN C 72 21.14 25.31 32.12
CA ASN C 72 20.87 23.88 31.95
C ASN C 72 19.37 23.60 32.12
N LEU C 73 18.60 23.88 31.05
CA LEU C 73 17.15 23.71 31.00
C LEU C 73 16.72 23.06 29.68
N PRO C 74 15.64 22.24 29.65
CA PRO C 74 15.24 21.60 28.39
C PRO C 74 14.82 22.59 27.30
N ASP C 75 15.51 22.50 26.14
CA ASP C 75 15.33 23.36 24.96
C ASP C 75 15.55 24.85 25.26
N TYR C 76 16.53 25.16 26.14
CA TYR C 76 16.87 26.53 26.51
C TYR C 76 17.39 27.31 25.32
N SER C 77 16.76 28.45 25.04
CA SER C 77 17.10 29.34 23.94
C SER C 77 17.26 30.76 24.46
N CYS C 78 18.34 31.44 24.01
CA CYS C 78 18.67 32.80 24.43
C CYS C 78 19.19 33.62 23.26
N LYS C 79 18.79 34.91 23.19
CA LYS C 79 19.21 35.85 22.14
C LYS C 79 19.10 37.30 22.60
N VAL C 80 20.09 38.13 22.22
CA VAL C 80 20.15 39.56 22.54
C VAL C 80 20.01 40.35 21.24
N PHE C 81 19.02 41.26 21.17
CA PHE C 81 18.76 42.07 19.99
C PHE C 81 19.20 43.52 20.18
N THR C 82 20.12 43.98 19.31
CA THR C 82 20.68 45.34 19.35
C THR C 82 19.86 46.33 18.54
N GLY C 83 19.91 47.59 18.95
CA GLY C 83 19.21 48.69 18.30
C GLY C 83 17.69 48.64 18.41
N VAL C 84 17.19 48.35 19.63
CA VAL C 84 15.75 48.28 19.91
C VAL C 84 15.23 49.54 20.57
N TYR C 85 14.09 50.08 20.09
CA TYR C 85 13.48 51.28 20.65
C TYR C 85 12.01 50.96 21.00
N PRO C 86 11.75 50.28 22.14
CA PRO C 86 10.36 49.92 22.47
C PRO C 86 9.51 51.04 23.03
N PHE C 87 8.19 50.92 22.86
CA PHE C 87 7.20 51.89 23.34
C PHE C 87 6.21 51.28 24.31
N MET C 88 5.79 52.08 25.31
CA MET C 88 4.80 51.74 26.32
C MET C 88 3.63 52.74 26.27
N TRP C 89 2.69 52.66 27.24
CA TRP C 89 1.51 53.51 27.35
C TRP C 89 1.80 55.03 27.30
N GLY C 90 2.75 55.48 28.11
CA GLY C 90 3.11 56.90 28.23
C GLY C 90 4.26 57.37 27.37
N GLY C 91 4.73 56.53 26.46
CA GLY C 91 5.84 56.85 25.56
C GLY C 91 6.93 55.80 25.54
N ALA C 92 8.15 56.22 25.12
CA ALA C 92 9.32 55.34 25.02
C ALA C 92 9.84 54.90 26.39
N TYR C 93 10.17 53.61 26.51
CA TYR C 93 10.71 53.00 27.73
C TYR C 93 12.19 53.33 27.93
N CYS C 94 12.93 53.57 26.81
CA CYS C 94 14.36 53.87 26.85
C CYS C 94 14.69 55.32 26.46
N PHE C 95 15.85 55.81 26.94
CA PHE C 95 16.36 57.17 26.68
C PHE C 95 17.11 57.24 25.35
N CYS C 96 18.05 56.29 25.13
CA CYS C 96 18.88 56.19 23.93
C CYS C 96 18.07 55.78 22.69
N ASP C 97 18.57 56.16 21.50
CA ASP C 97 17.92 55.87 20.22
C ASP C 97 18.31 54.53 19.60
N ALA C 98 19.60 54.16 19.66
CA ALA C 98 20.12 52.93 19.07
C ALA C 98 21.02 52.11 20.02
N GLU C 99 21.33 52.66 21.21
CA GLU C 99 22.21 52.02 22.20
C GLU C 99 21.48 51.11 23.20
N ASN C 100 20.27 50.63 22.86
CA ASN C 100 19.47 49.75 23.72
C ASN C 100 19.48 48.30 23.24
N THR C 101 19.36 47.35 24.19
CA THR C 101 19.34 45.90 23.91
C THR C 101 18.16 45.22 24.60
N GLN C 102 17.77 44.02 24.11
CA GLN C 102 16.68 43.23 24.67
C GLN C 102 17.09 41.76 24.76
N LEU C 103 17.10 41.21 25.98
CA LEU C 103 17.44 39.80 26.25
C LEU C 103 16.16 38.96 26.20
N SER C 104 16.08 38.04 25.23
CA SER C 104 14.94 37.15 25.06
C SER C 104 15.35 35.70 25.39
N GLU C 105 14.95 35.23 26.58
CA GLU C 105 15.24 33.88 27.06
C GLU C 105 13.98 33.01 27.11
N ALA C 106 14.13 31.70 26.81
CA ALA C 106 13.02 30.73 26.79
C ALA C 106 13.50 29.30 27.06
N HIS C 107 12.58 28.44 27.55
CA HIS C 107 12.79 27.02 27.82
C HIS C 107 11.48 26.21 27.79
N VAL C 108 11.56 24.91 27.52
CA VAL C 108 10.41 24.00 27.41
C VAL C 108 10.25 23.15 28.68
N GLU C 109 9.03 23.12 29.23
CA GLU C 109 8.67 22.36 30.42
C GLU C 109 7.42 21.51 30.15
N LYS C 110 7.11 20.58 31.07
CA LYS C 110 5.91 19.74 31.01
C LYS C 110 4.72 20.61 31.42
N SER C 111 3.63 20.56 30.66
CA SER C 111 2.42 21.33 30.95
C SER C 111 1.74 20.79 32.21
N GLU C 112 0.88 21.62 32.84
CA GLU C 112 0.13 21.27 34.06
C GLU C 112 -0.82 20.09 33.80
N SER C 113 -1.25 19.91 32.53
CA SER C 113 -2.14 18.87 32.05
C SER C 113 -1.52 17.47 32.03
N CYS C 114 -0.17 17.36 31.99
CA CYS C 114 0.56 16.10 31.92
C CYS C 114 0.18 15.04 32.97
N LYS C 115 -0.38 15.48 34.12
CA LYS C 115 -0.83 14.59 35.20
C LYS C 115 -2.15 13.91 34.80
N THR C 116 -2.97 14.61 33.98
CA THR C 116 -4.28 14.18 33.50
C THR C 116 -4.22 13.70 32.03
N GLU C 117 -3.88 14.61 31.09
CA GLU C 117 -3.78 14.31 29.66
C GLU C 117 -2.37 13.87 29.26
N PHE C 118 -2.19 12.54 29.09
CA PHE C 118 -0.90 11.94 28.73
C PHE C 118 -1.07 10.57 28.04
N ALA C 119 -0.07 10.20 27.23
CA ALA C 119 0.00 8.91 26.53
C ALA C 119 1.22 8.16 27.02
N SER C 120 1.05 6.88 27.41
CA SER C 120 2.13 6.06 27.95
C SER C 120 2.75 5.13 26.92
N ALA C 121 4.09 5.12 26.84
CA ALA C 121 4.87 4.29 25.93
C ALA C 121 5.40 3.05 26.65
N TYR C 122 4.74 1.90 26.43
CA TYR C 122 5.07 0.62 27.04
C TYR C 122 5.83 -0.33 26.12
N ARG C 123 6.56 -1.28 26.72
CA ARG C 123 7.33 -2.32 26.03
C ARG C 123 6.79 -3.67 26.50
N ALA C 124 5.93 -4.31 25.69
CA ALA C 124 5.31 -5.59 26.03
C ALA C 124 6.28 -6.76 25.83
N HIS C 125 6.45 -7.58 26.88
CA HIS C 125 7.36 -8.73 26.85
C HIS C 125 6.58 -10.03 26.61
N THR C 126 6.12 -10.70 27.69
CA THR C 126 5.36 -11.95 27.64
C THR C 126 3.95 -11.74 28.23
N ALA C 127 3.00 -12.62 27.88
CA ALA C 127 1.62 -12.52 28.37
C ALA C 127 1.19 -13.72 29.20
N SER C 128 0.37 -13.47 30.25
CA SER C 128 -0.18 -14.48 31.14
C SER C 128 -1.68 -14.62 30.91
N ALA C 129 -2.13 -15.81 30.49
CA ALA C 129 -3.53 -16.09 30.20
C ALA C 129 -4.30 -16.52 31.45
N SER C 130 -5.57 -16.10 31.55
CA SER C 130 -6.50 -16.41 32.65
C SER C 130 -7.93 -16.44 32.11
N ALA C 131 -8.74 -17.42 32.56
CA ALA C 131 -10.10 -17.57 32.09
C ALA C 131 -11.17 -17.78 33.16
N LYS C 132 -12.35 -19.37 31.96
CA LYS C 132 -13.59 -19.53 32.71
C LYS C 132 -14.38 -20.64 32.00
N LEU C 133 -14.59 -21.78 32.68
CA LEU C 133 -15.27 -22.96 32.12
C LEU C 133 -16.52 -23.36 32.90
N ARG C 134 -17.62 -23.61 32.17
CA ARG C 134 -18.90 -24.06 32.73
C ARG C 134 -18.98 -25.58 32.58
N VAL C 135 -19.30 -26.29 33.68
CA VAL C 135 -19.40 -27.75 33.70
C VAL C 135 -20.75 -28.21 34.26
N LEU C 136 -21.49 -29.05 33.51
CA LEU C 136 -22.75 -29.62 33.97
C LEU C 136 -22.42 -30.93 34.69
N TYR C 137 -22.04 -30.81 35.98
CA TYR C 137 -21.65 -31.91 36.85
C TYR C 137 -22.79 -32.24 37.82
N GLN C 138 -23.31 -33.48 37.72
CA GLN C 138 -24.41 -34.03 38.53
C GLN C 138 -25.72 -33.21 38.44
N GLY C 139 -26.07 -32.84 37.20
CA GLY C 139 -27.27 -32.07 36.88
C GLY C 139 -27.28 -30.63 37.36
N ASN C 140 -26.08 -30.05 37.58
CA ASN C 140 -25.91 -28.67 38.05
C ASN C 140 -24.70 -28.00 37.39
N ASN C 141 -24.90 -26.76 36.91
CA ASN C 141 -23.86 -25.96 36.28
C ASN C 141 -22.88 -25.39 37.31
N ILE C 142 -21.58 -25.69 37.15
CA ILE C 142 -20.51 -25.21 38.04
C ILE C 142 -19.51 -24.33 37.28
N THR C 143 -19.05 -23.25 37.92
CA THR C 143 -18.10 -22.29 37.32
C THR C 143 -16.68 -22.57 37.81
N VAL C 144 -15.75 -22.77 36.85
CA VAL C 144 -14.34 -23.05 37.13
C VAL C 144 -13.47 -21.97 36.46
N THR C 145 -12.68 -21.24 37.26
CA THR C 145 -11.78 -20.19 36.78
C THR C 145 -10.36 -20.54 37.24
N ALA C 146 -9.46 -20.86 36.29
CA ALA C 146 -8.07 -21.25 36.56
C ALA C 146 -7.12 -20.91 35.42
N TYR C 147 -5.80 -20.87 35.72
CA TYR C 147 -4.76 -20.59 34.73
C TYR C 147 -4.58 -21.80 33.80
N ALA C 148 -4.49 -21.54 32.49
CA ALA C 148 -4.35 -22.57 31.47
C ALA C 148 -2.87 -23.00 31.24
N ASN C 149 -2.17 -23.32 32.35
CA ASN C 149 -0.76 -23.76 32.33
C ASN C 149 -0.61 -25.27 32.53
N GLY C 150 -1.66 -25.94 33.02
CA GLY C 150 -1.68 -27.37 33.27
C GLY C 150 -1.03 -27.73 34.61
N ASP C 151 -1.07 -26.80 35.57
CA ASP C 151 -0.49 -26.96 36.90
C ASP C 151 -1.43 -26.46 38.00
N HIS C 152 -2.09 -25.30 37.77
CA HIS C 152 -3.03 -24.68 38.72
C HIS C 152 -4.33 -25.50 38.82
N ALA C 153 -4.49 -26.22 39.95
CA ALA C 153 -5.65 -27.07 40.23
C ALA C 153 -6.70 -26.36 41.08
N VAL C 154 -7.98 -26.48 40.67
CA VAL C 154 -9.13 -25.87 41.35
C VAL C 154 -10.16 -26.97 41.68
N THR C 155 -10.54 -27.09 42.96
CA THR C 155 -11.50 -28.09 43.44
C THR C 155 -12.90 -27.48 43.61
N VAL C 156 -13.87 -27.96 42.80
CA VAL C 156 -15.27 -27.56 42.83
C VAL C 156 -16.11 -28.84 42.96
N LYS C 157 -16.93 -28.91 44.04
CA LYS C 157 -17.78 -30.05 44.40
C LYS C 157 -16.98 -31.37 44.52
N ASP C 158 -15.84 -31.30 45.24
CA ASP C 158 -14.89 -32.39 45.50
C ASP C 158 -14.22 -32.98 44.24
N ALA C 159 -14.23 -32.23 43.13
CA ALA C 159 -13.63 -32.64 41.85
C ALA C 159 -12.49 -31.69 41.47
N LYS C 160 -11.29 -32.23 41.30
CA LYS C 160 -10.09 -31.48 40.94
C LYS C 160 -10.06 -31.20 39.44
N PHE C 161 -9.94 -29.90 39.07
CA PHE C 161 -9.91 -29.43 37.69
C PHE C 161 -8.54 -28.86 37.32
N ILE C 162 -7.94 -29.37 36.24
CA ILE C 162 -6.66 -28.89 35.70
C ILE C 162 -6.88 -28.47 34.24
N VAL C 163 -6.70 -27.17 33.98
CA VAL C 163 -6.89 -26.55 32.66
C VAL C 163 -5.54 -26.27 32.00
N GLY C 164 -5.43 -26.63 30.72
CA GLY C 164 -4.22 -26.42 29.93
C GLY C 164 -3.21 -27.56 30.00
N PRO C 165 -1.96 -27.37 29.51
CA PRO C 165 -1.39 -26.16 28.89
C PRO C 165 -1.88 -25.90 27.46
N MET C 166 -1.97 -24.61 27.08
CA MET C 166 -2.41 -24.12 25.77
C MET C 166 -1.63 -24.75 24.62
N SER C 167 -2.34 -25.14 23.55
CA SER C 167 -1.76 -25.74 22.34
C SER C 167 -0.86 -24.76 21.59
N SER C 168 -1.31 -23.49 21.48
CA SER C 168 -0.58 -22.42 20.80
C SER C 168 -0.13 -21.35 21.78
N ALA C 169 -0.01 -19.13 21.32
CA ALA C 169 0.72 -18.15 22.13
C ALA C 169 0.58 -16.73 21.55
N TRP C 170 -0.28 -16.58 20.53
CA TRP C 170 -0.57 -15.33 19.81
C TRP C 170 -1.21 -14.26 20.71
N THR C 171 -0.77 -13.00 20.53
CA THR C 171 -1.27 -11.81 21.22
C THR C 171 -1.48 -10.69 20.18
N PRO C 172 -2.53 -9.83 20.30
CA PRO C 172 -2.70 -8.75 19.31
C PRO C 172 -1.68 -7.62 19.47
N PHE C 173 -0.98 -7.56 20.61
CA PHE C 173 0.03 -6.55 20.92
C PHE C 173 1.40 -6.93 20.36
N ASP C 174 2.17 -5.91 19.94
CA ASP C 174 3.54 -6.07 19.44
C ASP C 174 4.52 -5.91 20.62
N ASN C 175 5.83 -5.82 20.34
CA ASN C 175 6.86 -5.63 21.38
C ASN C 175 6.90 -4.19 21.92
N LYS C 176 6.26 -3.25 21.20
CA LYS C 176 6.17 -1.83 21.55
C LYS C 176 4.72 -1.35 21.41
N ILE C 177 4.10 -0.85 22.50
CA ILE C 177 2.71 -0.37 22.51
C ILE C 177 2.56 1.03 23.11
N VAL C 178 1.48 1.74 22.74
CA VAL C 178 1.14 3.09 23.24
C VAL C 178 -0.29 3.11 23.80
N VAL C 179 -0.45 3.55 25.06
CA VAL C 179 -1.75 3.58 25.75
C VAL C 179 -2.20 5.02 26.09
N TYR C 180 -3.38 5.40 25.58
CA TYR C 180 -4.02 6.69 25.84
C TYR C 180 -5.44 6.41 26.37
N LYS C 181 -5.66 6.73 27.66
CA LYS C 181 -6.93 6.54 28.39
C LYS C 181 -7.45 5.09 28.30
N GLY C 182 -8.31 4.82 27.31
CA GLY C 182 -8.89 3.50 27.09
C GLY C 182 -8.60 2.90 25.74
N ASP C 183 -7.61 3.45 25.02
CA ASP C 183 -7.22 3.00 23.68
C ASP C 183 -5.74 2.59 23.65
N VAL C 184 -5.47 1.40 23.07
CA VAL C 184 -4.12 0.83 22.93
C VAL C 184 -3.75 0.78 21.44
N TYR C 185 -2.57 1.30 21.08
CA TYR C 185 -2.06 1.36 19.72
C TYR C 185 -0.75 0.61 19.57
N ASN C 186 -0.62 -0.20 18.50
CA ASN C 186 0.61 -0.93 18.19
C ASN C 186 1.52 0.05 17.44
N MET C 187 2.32 0.83 18.19
CA MET C 187 3.19 1.85 17.64
C MET C 187 4.68 1.58 17.83
N ASP C 188 5.48 1.95 16.82
CA ASP C 188 6.94 1.84 16.84
C ASP C 188 7.49 3.23 17.20
N TYR C 189 7.16 3.68 18.43
CA TYR C 189 7.53 4.98 19.01
C TYR C 189 9.05 5.25 19.07
N PRO C 190 9.51 6.52 19.01
CA PRO C 190 10.95 6.78 19.08
C PRO C 190 11.54 6.49 20.46
N PRO C 191 12.80 5.99 20.57
CA PRO C 191 13.37 5.69 21.90
C PRO C 191 13.57 6.92 22.78
N PHE C 192 13.76 6.70 24.09
CA PHE C 192 13.96 7.75 25.09
C PHE C 192 15.22 8.58 24.82
N GLY C 193 15.01 9.87 24.59
CA GLY C 193 16.05 10.84 24.27
C GLY C 193 16.37 10.93 22.80
N ALA C 194 15.43 10.49 21.94
CA ALA C 194 15.59 10.50 20.48
C ALA C 194 14.33 10.99 19.74
N GLY C 195 13.50 11.77 20.42
CA GLY C 195 12.27 12.33 19.87
C GLY C 195 12.53 13.48 18.92
N ARG C 196 11.67 13.62 17.90
CA ARG C 196 11.78 14.66 16.87
C ARG C 196 10.70 15.76 17.02
N PRO C 197 10.98 17.03 16.62
CA PRO C 197 9.97 18.09 16.77
C PRO C 197 8.73 17.90 15.88
N GLY C 198 7.57 18.19 16.46
CA GLY C 198 6.28 18.08 15.78
C GLY C 198 5.70 16.67 15.72
N GLN C 199 6.50 15.67 16.08
CA GLN C 199 6.14 14.25 16.08
C GLN C 199 5.86 13.73 17.49
N PHE C 200 5.28 12.51 17.58
CA PHE C 200 4.98 11.82 18.84
C PHE C 200 6.31 11.52 19.55
N GLY C 201 6.53 12.20 20.67
CA GLY C 201 7.75 12.05 21.45
C GLY C 201 8.65 13.27 21.44
N ASP C 202 8.11 14.45 21.02
CA ASP C 202 8.84 15.73 20.99
C ASP C 202 9.21 16.18 22.40
N ILE C 203 8.42 15.74 23.40
CA ILE C 203 8.61 15.95 24.84
C ILE C 203 8.49 14.57 25.52
N GLN C 204 9.57 14.11 26.16
CA GLN C 204 9.63 12.80 26.82
C GLN C 204 9.97 12.92 28.30
N SER C 205 9.11 12.31 29.15
CA SER C 205 9.27 12.28 30.61
C SER C 205 9.03 10.87 31.11
N ARG C 206 9.73 10.48 32.21
CA ARG C 206 9.63 9.15 32.81
C ARG C 206 8.24 8.82 33.36
N THR C 207 7.66 9.73 34.17
CA THR C 207 6.32 9.58 34.78
C THR C 207 5.55 10.92 34.74
N PRO C 208 4.20 10.94 34.83
CA PRO C 208 3.48 12.24 34.82
C PRO C 208 3.84 13.21 35.95
N GLU C 209 4.53 12.72 37.00
CA GLU C 209 4.96 13.51 38.15
C GLU C 209 6.50 13.69 38.21
N SER C 210 7.23 13.18 37.19
CA SER C 210 8.69 13.25 37.08
C SER C 210 9.26 14.67 37.06
N LYS C 211 10.49 14.84 37.57
CA LYS C 211 11.19 16.12 37.67
C LYS C 211 11.91 16.51 36.37
N ASP C 212 12.80 15.63 35.86
CA ASP C 212 13.58 15.89 34.63
C ASP C 212 12.83 15.45 33.38
N VAL C 213 12.91 16.29 32.32
CA VAL C 213 12.24 16.06 31.03
C VAL C 213 13.18 16.24 29.83
N TYR C 214 12.87 15.53 28.72
CA TYR C 214 13.58 15.62 27.45
C TYR C 214 12.73 16.47 26.51
N ALA C 215 13.35 17.43 25.81
CA ALA C 215 12.64 18.33 24.89
C ALA C 215 13.38 18.64 23.60
N ASN C 216 12.73 18.35 22.47
CA ASN C 216 13.21 18.63 21.11
C ASN C 216 11.99 19.18 20.35
N THR C 217 11.85 20.52 20.36
CA THR C 217 10.71 21.23 19.76
C THR C 217 11.12 22.22 18.65
N GLN C 218 12.44 22.43 18.45
CA GLN C 218 13.02 23.37 17.47
C GLN C 218 12.54 24.81 17.74
N LEU C 219 12.89 25.32 18.93
CA LEU C 219 12.54 26.65 19.42
C LEU C 219 13.63 27.67 19.07
N VAL C 220 13.26 28.72 18.32
CA VAL C 220 14.15 29.80 17.89
C VAL C 220 13.48 31.16 18.16
N LEU C 221 14.18 32.09 18.82
CA LEU C 221 13.65 33.43 19.11
C LEU C 221 13.77 34.32 17.87
N GLN C 222 12.80 35.23 17.71
CA GLN C 222 12.75 36.19 16.60
C GLN C 222 12.89 37.62 17.13
N ARG C 223 13.29 38.57 16.26
CA ARG C 223 13.45 39.98 16.63
C ARG C 223 12.06 40.62 16.85
N PRO C 224 11.85 41.37 17.96
CA PRO C 224 10.52 41.98 18.19
C PRO C 224 10.16 43.09 17.21
N ALA C 225 8.85 43.36 17.06
CA ALA C 225 8.30 44.39 16.17
C ALA C 225 8.71 45.80 16.60
N ALA C 226 8.70 46.77 15.66
CA ALA C 226 9.06 48.17 15.89
C ALA C 226 8.23 48.82 17.01
N GLY C 227 8.92 49.23 18.07
CA GLY C 227 8.32 49.86 19.25
C GLY C 227 7.38 48.96 20.02
N THR C 228 7.69 47.65 20.06
CA THR C 228 6.86 46.64 20.71
C THR C 228 7.64 45.78 21.70
N VAL C 229 7.06 45.54 22.88
CA VAL C 229 7.64 44.66 23.90
C VAL C 229 6.89 43.34 23.84
N HIS C 230 7.54 42.30 23.30
CA HIS C 230 7.03 40.94 23.16
C HIS C 230 8.18 39.98 22.82
N VAL C 231 7.97 38.67 23.02
CA VAL C 231 8.97 37.64 22.73
C VAL C 231 8.49 36.78 21.54
N PRO C 232 8.72 37.20 20.27
CA PRO C 232 8.28 36.37 19.14
C PRO C 232 9.19 35.16 18.94
N TYR C 233 8.60 34.00 18.61
CA TYR C 233 9.37 32.76 18.43
C TYR C 233 8.82 31.83 17.36
N SER C 234 9.69 30.97 16.81
CA SER C 234 9.34 29.94 15.82
C SER C 234 9.58 28.58 16.48
N GLN C 235 8.51 27.80 16.64
CA GLN C 235 8.55 26.49 17.28
C GLN C 235 7.55 25.53 16.62
N ALA C 236 7.95 24.26 16.46
CA ALA C 236 7.12 23.21 15.87
C ALA C 236 5.95 22.88 16.82
N PRO C 237 4.69 22.82 16.33
CA PRO C 237 3.56 22.54 17.25
C PRO C 237 3.60 21.19 17.95
N SER C 238 2.87 21.07 19.08
CA SER C 238 2.79 19.89 19.94
C SER C 238 2.54 18.59 19.18
N GLY C 239 3.50 17.68 19.26
CA GLY C 239 3.46 16.36 18.62
C GLY C 239 2.37 15.47 19.19
N PHE C 240 2.10 15.61 20.51
CA PHE C 240 1.07 14.87 21.23
C PHE C 240 -0.33 15.33 20.78
N LYS C 241 -0.54 16.65 20.64
CA LYS C 241 -1.80 17.24 20.18
C LYS C 241 -2.09 16.87 18.72
N TYR C 242 -1.03 16.77 17.89
CA TYR C 242 -1.12 16.38 16.49
C TYR C 242 -1.46 14.88 16.38
N TRP C 243 -0.81 14.03 17.21
CA TRP C 243 -1.02 12.59 17.25
C TRP C 243 -2.47 12.25 17.67
N LEU C 244 -3.01 12.99 18.66
CA LEU C 244 -4.37 12.83 19.18
C LEU C 244 -5.44 13.00 18.08
N LYS C 245 -5.08 13.72 16.99
CA LYS C 245 -5.93 13.96 15.83
C LYS C 245 -5.63 12.94 14.71
N GLU C 246 -4.34 12.60 14.50
CA GLU C 246 -3.91 11.66 13.44
C GLU C 246 -3.33 10.33 13.97
N ARG C 247 -4.13 9.59 14.75
CA ARG C 247 -3.75 8.28 15.31
C ARG C 247 -4.51 7.11 14.68
N GLY C 248 -5.74 7.37 14.26
CA GLY C 248 -6.61 6.38 13.65
C GLY C 248 -7.30 5.49 14.66
N ALA C 249 -7.72 4.29 14.23
CA ALA C 249 -8.41 3.33 15.08
C ALA C 249 -7.44 2.52 15.93
N SER C 250 -7.82 2.25 17.19
CA SER C 250 -7.03 1.49 18.15
C SER C 250 -7.15 -0.03 17.89
N LEU C 251 -6.41 -0.85 18.68
CA LEU C 251 -6.43 -2.31 18.58
C LEU C 251 -7.83 -2.90 18.78
N GLN C 252 -8.65 -2.28 19.64
CA GLN C 252 -10.05 -2.63 19.93
C GLN C 252 -10.89 -2.80 18.64
N HIS C 253 -10.58 -1.98 17.60
CA HIS C 253 -11.26 -1.99 16.31
C HIS C 253 -10.48 -2.69 15.18
N THR C 254 -9.14 -2.68 15.24
CA THR C 254 -8.28 -3.25 14.18
C THR C 254 -7.73 -4.67 14.39
N ALA C 255 -7.70 -5.16 15.64
CA ALA C 255 -7.15 -6.49 15.97
C ALA C 255 -7.93 -7.67 15.38
N PRO C 256 -7.22 -8.75 14.92
CA PRO C 256 -7.95 -9.91 14.39
C PRO C 256 -8.55 -10.81 15.49
N PHE C 257 -9.29 -11.87 15.08
CA PHE C 257 -9.96 -12.86 15.94
C PHE C 257 -11.03 -12.27 16.89
N GLY C 258 -11.52 -11.08 16.57
CA GLY C 258 -12.54 -10.36 17.33
C GLY C 258 -12.12 -9.96 18.73
N CYS C 259 -10.84 -9.56 18.89
CA CYS C 259 -10.24 -9.15 20.17
C CYS C 259 -10.88 -7.89 20.73
N GLN C 260 -11.15 -7.90 22.04
CA GLN C 260 -11.70 -6.76 22.78
C GLN C 260 -10.57 -6.26 23.69
N ILE C 261 -10.17 -4.99 23.52
CA ILE C 261 -9.07 -4.40 24.29
C ILE C 261 -9.56 -3.60 25.49
N ALA C 262 -9.11 -4.00 26.69
CA ALA C 262 -9.44 -3.36 27.96
C ALA C 262 -8.21 -2.63 28.53
N THR C 263 -8.42 -1.70 29.47
CA THR C 263 -7.35 -0.90 30.08
C THR C 263 -7.33 -0.97 31.61
N ASN C 264 -6.20 -0.55 32.22
CA ASN C 264 -5.94 -0.50 33.66
C ASN C 264 -6.28 -1.81 34.43
N PRO C 265 -5.47 -2.85 34.22
CA PRO C 265 -4.33 -2.77 33.31
C PRO C 265 -4.69 -3.27 31.91
N VAL C 266 -3.90 -2.86 30.92
CA VAL C 266 -4.14 -3.27 29.54
C VAL C 266 -4.10 -4.78 29.40
N ARG C 267 -4.98 -5.31 28.55
CA ARG C 267 -5.04 -6.75 28.33
C ARG C 267 -6.09 -7.09 27.26
N ALA C 268 -5.88 -8.22 26.57
CA ALA C 268 -6.80 -8.66 25.53
C ALA C 268 -7.84 -9.61 26.09
N VAL C 269 -9.11 -9.35 25.76
CA VAL C 269 -10.21 -10.19 26.22
C VAL C 269 -10.95 -10.84 25.05
N ASN C 270 -11.31 -12.10 25.21
CA ASN C 270 -12.03 -12.83 24.16
C ASN C 270 -11.18 -13.02 22.91
N CYS C 271 -10.63 -14.22 22.75
CA CYS C 271 -9.80 -14.53 21.60
C CYS C 271 -9.76 -16.03 21.34
N ALA C 272 -10.14 -16.43 20.13
CA ALA C 272 -10.15 -17.84 19.75
C ALA C 272 -8.88 -18.21 18.97
N VAL C 273 -8.54 -19.49 19.00
CA VAL C 273 -7.36 -19.97 18.31
C VAL C 273 -6.68 -21.10 19.09
N GLY C 274 -6.49 -22.24 18.42
CA GLY C 274 -5.86 -23.39 19.04
C GLY C 274 -6.80 -24.14 19.95
N ASN C 275 -6.33 -25.26 20.50
CA ASN C 275 -7.13 -26.08 21.39
C ASN C 275 -6.70 -25.95 22.85
N MET C 276 -7.27 -26.77 23.71
CA MET C 276 -6.93 -26.76 25.13
C MET C 276 -7.35 -28.06 25.81
N PRO C 277 -6.46 -28.59 26.65
CA PRO C 277 -6.73 -29.85 27.36
C PRO C 277 -7.33 -29.58 28.74
N ILE C 278 -8.15 -30.51 29.22
CA ILE C 278 -8.79 -30.38 30.53
C ILE C 278 -8.79 -31.72 31.27
N SER C 279 -8.18 -31.75 32.47
CA SER C 279 -8.09 -32.93 33.33
C SER C 279 -9.08 -32.78 34.49
N ILE C 280 -10.00 -33.74 34.64
CA ILE C 280 -11.02 -33.74 35.69
C ILE C 280 -10.90 -35.01 36.56
N ASP C 281 -10.54 -34.83 37.85
CA ASP C 281 -10.44 -35.92 38.80
C ASP C 281 -11.77 -36.05 39.55
N ILE C 282 -12.70 -36.82 38.97
CA ILE C 282 -14.05 -37.06 39.51
C ILE C 282 -13.95 -38.00 40.74
N PRO C 283 -14.52 -37.59 41.87
CA PRO C 283 -14.50 -38.40 43.09
C PRO C 283 -15.18 -39.75 42.87
N GLU C 284 -14.79 -40.75 43.67
CA GLU C 284 -15.36 -42.08 43.55
C GLU C 284 -16.75 -42.14 44.19
N ALA C 285 -17.19 -41.01 44.74
CA ALA C 285 -18.50 -40.93 45.38
C ALA C 285 -19.58 -40.56 44.37
N ALA C 286 -19.15 -40.20 43.16
CA ALA C 286 -20.09 -39.83 42.11
C ALA C 286 -20.19 -40.93 41.05
N PHE C 287 -19.68 -42.11 41.38
CA PHE C 287 -19.72 -43.24 40.46
C PHE C 287 -20.66 -44.33 40.97
N THR C 288 -21.29 -45.03 40.04
CA THR C 288 -22.23 -46.10 40.38
C THR C 288 -21.93 -47.37 39.59
N ARG C 289 -21.77 -48.49 40.30
CA ARG C 289 -21.48 -49.77 39.67
C ARG C 289 -22.49 -50.08 38.57
N VAL C 290 -22.07 -50.86 37.59
CA VAL C 290 -22.94 -51.24 36.47
C VAL C 290 -24.01 -52.23 36.93
N VAL C 291 -23.59 -53.24 37.67
CA VAL C 291 -24.52 -54.26 38.16
C VAL C 291 -25.79 -53.63 38.71
N ASP C 292 -25.76 -52.31 38.88
CA ASP C 292 -26.92 -51.58 39.39
C ASP C 292 -27.63 -50.81 38.28
N ALA C 293 -27.70 -51.42 37.10
CA ALA C 293 -28.34 -50.79 35.95
C ALA C 293 -29.21 -51.78 35.19
N PRO C 294 -29.84 -51.31 34.13
CA PRO C 294 -30.71 -52.17 33.30
C PRO C 294 -30.22 -52.26 31.87
N SER C 295 -31.01 -52.90 31.00
CA SER C 295 -30.64 -53.05 29.60
C SER C 295 -31.78 -52.61 28.69
N LEU C 296 -31.84 -53.21 27.51
CA LEU C 296 -32.88 -52.89 26.53
C LEU C 296 -32.88 -53.88 25.37
N THR C 297 -33.91 -53.80 24.53
CA THR C 297 -34.03 -54.68 23.38
C THR C 297 -35.03 -54.15 22.37
N ASP C 298 -34.93 -54.61 21.14
CA ASP C 298 -35.83 -54.18 20.07
C ASP C 298 -36.13 -52.69 20.19
N MET C 299 -35.44 -51.88 19.39
CA MET C 299 -35.63 -50.43 19.40
C MET C 299 -35.63 -49.86 17.98
N SER C 300 -36.71 -49.17 17.64
CA SER C 300 -36.84 -48.56 16.32
C SER C 300 -36.72 -47.04 16.41
N CYS C 301 -36.04 -46.44 15.44
CA CYS C 301 -35.84 -45.00 15.43
C CYS C 301 -36.58 -44.31 14.29
N GLU C 302 -37.49 -43.37 14.63
CA GLU C 302 -38.29 -42.60 13.69
C GLU C 302 -38.00 -41.10 13.85
N VAL C 303 -37.72 -40.41 12.74
CA VAL C 303 -37.41 -38.97 12.73
C VAL C 303 -38.58 -38.20 12.07
N PRO C 304 -39.53 -37.66 12.86
CA PRO C 304 -40.67 -36.94 12.26
C PRO C 304 -40.33 -35.55 11.75
N ALA C 305 -39.25 -34.92 12.27
CA ALA C 305 -38.82 -33.57 11.87
C ALA C 305 -37.32 -33.36 11.98
N CYS C 306 -36.70 -32.81 10.91
CA CYS C 306 -35.27 -32.47 10.87
C CYS C 306 -34.95 -31.31 9.94
N THR C 307 -34.16 -30.36 10.46
CA THR C 307 -33.67 -29.17 9.77
C THR C 307 -32.19 -29.01 10.14
N HIS C 308 -31.28 -29.29 9.17
CA HIS C 308 -29.84 -29.20 9.40
C HIS C 308 -29.35 -27.77 9.63
N SER C 309 -29.05 -27.45 10.91
CA SER C 309 -28.58 -26.12 11.32
C SER C 309 -27.55 -26.21 12.46
N SER C 310 -27.07 -25.05 12.96
CA SER C 310 -26.10 -24.94 14.04
C SER C 310 -26.68 -25.43 15.38
N ASP C 311 -27.98 -25.22 15.60
CA ASP C 311 -28.70 -25.66 16.81
C ASP C 311 -29.41 -27.00 16.57
N PHE C 312 -30.04 -27.55 17.62
CA PHE C 312 -30.77 -28.83 17.55
C PHE C 312 -32.07 -28.68 16.76
N GLY C 313 -31.96 -28.80 15.44
CA GLY C 313 -33.08 -28.67 14.51
C GLY C 313 -33.73 -30.00 14.13
N GLY C 314 -33.37 -31.07 14.84
CA GLY C 314 -33.88 -32.41 14.61
C GLY C 314 -34.53 -33.03 15.82
N VAL C 315 -35.66 -33.73 15.61
CA VAL C 315 -36.45 -34.40 16.65
C VAL C 315 -36.48 -35.91 16.32
N ALA C 316 -36.16 -36.76 17.29
CA ALA C 316 -36.15 -38.22 17.10
C ALA C 316 -36.87 -38.97 18.20
N ILE C 317 -37.73 -39.95 17.82
CA ILE C 317 -38.49 -40.79 18.74
C ILE C 317 -37.94 -42.22 18.67
N ILE C 318 -37.45 -42.74 19.81
CA ILE C 318 -36.87 -44.09 19.90
C ILE C 318 -37.73 -44.99 20.77
N LYS C 319 -38.22 -46.10 20.19
CA LYS C 319 -39.04 -47.11 20.88
C LYS C 319 -38.11 -48.16 21.51
N TYR C 320 -38.47 -48.70 22.68
CA TYR C 320 -37.65 -49.68 23.39
C TYR C 320 -38.42 -50.68 24.25
N ALA C 321 -37.70 -51.71 24.76
CA ALA C 321 -38.19 -52.74 25.67
C ALA C 321 -37.13 -52.92 26.78
N ALA C 322 -37.36 -52.27 27.93
CA ALA C 322 -36.45 -52.27 29.08
C ALA C 322 -36.73 -53.37 30.09
N SER C 323 -35.67 -53.86 30.75
CA SER C 323 -35.74 -54.91 31.77
C SER C 323 -36.25 -54.39 33.12
N LYS C 324 -35.83 -53.17 33.52
CA LYS C 324 -36.21 -52.54 34.78
C LYS C 324 -36.13 -51.00 34.75
N LYS C 325 -36.66 -50.34 35.82
CA LYS C 325 -36.65 -48.88 35.97
C LYS C 325 -35.24 -48.41 36.39
N GLY C 326 -34.67 -47.49 35.62
CA GLY C 326 -33.35 -46.92 35.87
C GLY C 326 -32.94 -45.87 34.86
N LYS C 327 -31.80 -45.21 35.13
CA LYS C 327 -31.26 -44.15 34.26
C LYS C 327 -30.28 -44.73 33.23
N CYS C 328 -30.47 -44.33 31.96
CA CYS C 328 -29.64 -44.77 30.84
C CYS C 328 -29.06 -43.58 30.08
N ALA C 329 -27.76 -43.66 29.74
CA ALA C 329 -27.04 -42.61 29.01
C ALA C 329 -27.35 -42.61 27.52
N VAL C 330 -27.51 -41.42 26.94
CA VAL C 330 -27.79 -41.23 25.52
C VAL C 330 -26.60 -40.52 24.86
N HIS C 331 -26.04 -41.14 23.80
CA HIS C 331 -24.90 -40.60 23.07
C HIS C 331 -24.90 -41.04 21.60
N SER C 332 -24.54 -40.11 20.71
CA SER C 332 -24.46 -40.38 19.26
C SER C 332 -23.11 -41.01 18.93
N MET C 333 -23.13 -42.18 18.28
CA MET C 333 -21.93 -42.91 17.88
C MET C 333 -21.36 -42.39 16.55
N THR C 334 -22.02 -41.36 15.97
CA THR C 334 -21.62 -40.68 14.73
C THR C 334 -21.09 -39.30 15.11
N ASN C 335 -19.90 -38.95 14.59
CA ASN C 335 -19.23 -37.68 14.87
C ASN C 335 -19.86 -36.44 14.19
N ALA C 336 -20.82 -36.66 13.28
CA ALA C 336 -21.53 -35.60 12.56
C ALA C 336 -22.80 -35.12 13.29
N VAL C 337 -23.40 -36.01 14.11
CA VAL C 337 -24.65 -35.73 14.86
C VAL C 337 -24.35 -35.61 16.37
N THR C 338 -24.99 -34.64 17.04
CA THR C 338 -24.84 -34.39 18.48
C THR C 338 -26.21 -34.34 19.17
N ILE C 339 -26.36 -35.09 20.28
CA ILE C 339 -27.60 -35.18 21.07
C ILE C 339 -27.57 -34.19 22.25
N ARG C 340 -28.70 -33.49 22.50
CA ARG C 340 -28.86 -32.52 23.59
C ARG C 340 -29.00 -33.23 24.95
N GLU C 341 -29.66 -34.41 24.97
CA GLU C 341 -29.89 -35.20 26.19
C GLU C 341 -28.68 -36.05 26.55
N ALA C 342 -28.24 -35.94 27.82
CA ALA C 342 -27.10 -36.69 28.36
C ALA C 342 -27.56 -38.00 29.00
N GLU C 343 -28.70 -37.98 29.71
CA GLU C 343 -29.30 -39.15 30.38
C GLU C 343 -30.81 -39.02 30.52
N ILE C 344 -31.53 -40.15 30.34
CA ILE C 344 -32.99 -40.24 30.46
C ILE C 344 -33.43 -41.43 31.33
N GLU C 345 -34.73 -41.49 31.65
CA GLU C 345 -35.33 -42.55 32.47
C GLU C 345 -36.09 -43.58 31.63
N VAL C 346 -35.82 -44.88 31.88
CA VAL C 346 -36.47 -46.00 31.19
C VAL C 346 -37.28 -46.88 32.17
N GLU C 347 -38.25 -47.65 31.67
CA GLU C 347 -39.09 -48.52 32.51
C GLU C 347 -39.31 -49.92 31.94
N GLY C 348 -39.96 -50.00 30.77
CA GLY C 348 -40.25 -51.26 30.10
C GLY C 348 -40.56 -51.06 28.64
N ASN C 349 -41.83 -51.29 28.26
CA ASN C 349 -42.31 -51.10 26.89
C ASN C 349 -42.78 -49.65 26.76
N SER C 350 -41.88 -48.75 26.32
CA SER C 350 -42.15 -47.32 26.16
C SER C 350 -41.33 -46.65 25.04
N GLN C 351 -41.35 -45.30 24.98
CA GLN C 351 -40.63 -44.50 23.98
C GLN C 351 -39.93 -43.29 24.62
N LEU C 352 -39.06 -42.60 23.83
CA LEU C 352 -38.32 -41.42 24.27
C LEU C 352 -38.09 -40.41 23.14
N GLN C 353 -38.25 -39.11 23.44
CA GLN C 353 -38.06 -38.04 22.46
C GLN C 353 -36.73 -37.30 22.72
N ILE C 354 -35.86 -37.24 21.69
CA ILE C 354 -34.56 -36.60 21.77
C ILE C 354 -34.34 -35.52 20.70
N SER C 355 -33.62 -34.45 21.08
CA SER C 355 -33.27 -33.33 20.19
C SER C 355 -31.85 -33.52 19.67
N PHE C 356 -31.66 -33.40 18.35
CA PHE C 356 -30.34 -33.58 17.74
C PHE C 356 -29.95 -32.50 16.72
N SER C 357 -28.62 -32.22 16.62
CA SER C 357 -28.06 -31.24 15.70
C SER C 357 -27.11 -31.92 14.71
N THR C 358 -27.27 -31.58 13.41
CA THR C 358 -26.47 -32.12 12.30
C THR C 358 -26.30 -31.10 11.17
N ALA C 359 -25.32 -31.34 10.28
CA ALA C 359 -25.03 -30.47 9.14
C ALA C 359 -25.43 -31.11 7.81
N LEU C 360 -25.35 -32.46 7.74
CA LEU C 360 -25.68 -33.26 6.54
C LEU C 360 -27.17 -33.25 6.23
N ALA C 361 -27.50 -33.32 4.92
CA ALA C 361 -28.88 -33.37 4.43
C ALA C 361 -29.43 -34.79 4.63
N SER C 362 -28.65 -35.81 4.26
CA SER C 362 -28.99 -37.22 4.44
C SER C 362 -28.16 -37.71 5.63
N ALA C 363 -28.83 -37.92 6.77
CA ALA C 363 -28.17 -38.35 8.00
C ALA C 363 -28.56 -39.74 8.50
N GLU C 364 -27.61 -40.67 8.41
CA GLU C 364 -27.75 -42.05 8.91
C GLU C 364 -26.81 -42.16 10.10
N PHE C 365 -27.37 -42.14 11.31
CA PHE C 365 -26.61 -42.15 12.56
C PHE C 365 -27.06 -43.17 13.59
N ARG C 366 -26.09 -43.68 14.39
CA ARG C 366 -26.32 -44.66 15.44
C ARG C 366 -26.36 -43.99 16.81
N VAL C 367 -27.43 -44.22 17.58
CA VAL C 367 -27.63 -43.65 18.91
C VAL C 367 -27.47 -44.76 19.96
N GLN C 368 -26.51 -44.59 20.88
CA GLN C 368 -26.25 -45.56 21.94
C GLN C 368 -27.03 -45.22 23.20
N VAL C 369 -28.18 -45.88 23.39
CA VAL C 369 -29.02 -45.70 24.58
C VAL C 369 -28.62 -46.82 25.54
N CYS C 370 -28.11 -46.44 26.73
CA CYS C 370 -27.58 -47.32 27.79
C CYS C 370 -26.35 -48.08 27.26
N SER C 371 -26.50 -49.35 26.86
CA SER C 371 -25.43 -50.18 26.32
C SER C 371 -25.76 -50.79 24.95
N THR C 372 -26.99 -50.56 24.44
CA THR C 372 -27.47 -51.07 23.16
C THR C 372 -27.60 -49.92 22.14
N GLN C 373 -27.25 -50.20 20.87
CA GLN C 373 -27.31 -49.23 19.77
C GLN C 373 -28.53 -49.37 18.86
N VAL C 374 -28.99 -48.24 18.29
CA VAL C 374 -30.14 -48.15 17.37
C VAL C 374 -29.81 -47.25 16.16
N HIS C 375 -30.19 -47.67 14.94
CA HIS C 375 -29.95 -46.94 13.70
C HIS C 375 -31.09 -45.95 13.43
N CYS C 376 -30.75 -44.67 13.19
CA CYS C 376 -31.69 -43.60 12.90
C CYS C 376 -31.56 -43.10 11.46
N ALA C 377 -32.68 -43.07 10.72
CA ALA C 377 -32.75 -42.60 9.35
C ALA C 377 -33.43 -41.24 9.31
N ALA C 378 -32.71 -40.22 8.80
CA ALA C 378 -33.21 -38.84 8.72
C ALA C 378 -32.85 -38.13 7.42
N GLU C 379 -33.82 -37.39 6.87
CA GLU C 379 -33.68 -36.59 5.65
C GLU C 379 -33.93 -35.13 6.03
N CYS C 380 -32.89 -34.49 6.60
CA CYS C 380 -32.92 -33.11 7.07
C CYS C 380 -32.97 -32.09 5.95
N HIS C 381 -33.67 -30.96 6.18
CA HIS C 381 -33.87 -29.89 5.21
C HIS C 381 -33.08 -28.61 5.51
N PRO C 382 -32.79 -27.73 4.51
CA PRO C 382 -32.00 -26.53 4.80
C PRO C 382 -32.74 -25.46 5.64
N PRO C 383 -32.02 -24.66 6.46
CA PRO C 383 -32.72 -23.63 7.25
C PRO C 383 -32.95 -22.34 6.47
N LYS C 384 -33.81 -21.45 7.00
CA LYS C 384 -34.16 -20.17 6.37
C LYS C 384 -33.01 -19.15 6.35
N ASP C 385 -32.12 -19.19 7.37
CA ASP C 385 -31.00 -18.26 7.50
C ASP C 385 -29.67 -18.89 7.07
N HIS C 386 -28.88 -18.13 6.30
CA HIS C 386 -27.55 -18.54 5.81
C HIS C 386 -26.45 -18.23 6.83
N ILE C 387 -26.63 -17.16 7.62
CA ILE C 387 -25.69 -16.72 8.66
C ILE C 387 -26.36 -16.80 10.03
N VAL C 388 -25.68 -17.44 10.99
CA VAL C 388 -26.15 -17.65 12.36
C VAL C 388 -25.37 -16.78 13.38
N ASN C 389 -25.97 -16.51 14.57
CA ASN C 389 -25.37 -15.69 15.63
C ASN C 389 -24.74 -16.46 16.80
N TYR C 390 -24.53 -17.79 16.63
CA TYR C 390 -23.92 -18.67 17.64
C TYR C 390 -23.06 -19.78 17.02
N PRO C 391 -21.87 -20.11 17.61
CA PRO C 391 -21.02 -21.16 17.02
C PRO C 391 -21.50 -22.59 17.33
N ALA C 392 -21.07 -23.55 16.48
CA ALA C 392 -21.42 -24.97 16.59
C ALA C 392 -20.23 -25.89 16.27
N SER C 393 -20.38 -27.20 16.58
CA SER C 393 -19.36 -28.22 16.35
C SER C 393 -19.22 -28.53 14.84
N ASN D 1 -12.09 34.79 53.03
CA ASN D 1 -12.47 35.51 51.85
C ASN D 1 -11.22 35.93 51.20
N VAL D 2 -10.69 35.05 50.38
CA VAL D 2 -9.41 35.27 49.73
C VAL D 2 -9.41 36.55 48.86
N TYR D 3 -10.61 37.07 48.56
CA TYR D 3 -10.83 38.25 47.74
C TYR D 3 -10.62 39.58 48.49
N LYS D 4 -10.20 39.50 49.77
CA LYS D 4 -9.88 40.66 50.62
C LYS D 4 -8.57 41.29 50.11
N ALA D 5 -7.56 40.47 49.87
CA ALA D 5 -6.26 40.97 49.42
C ALA D 5 -6.20 41.15 47.90
N THR D 6 -6.93 40.31 47.18
CA THR D 6 -6.92 40.36 45.72
C THR D 6 -7.52 41.65 45.17
N ARG D 7 -7.35 41.87 43.87
CA ARG D 7 -7.87 43.06 43.21
C ARG D 7 -7.79 42.93 41.69
N PRO D 8 -7.76 44.07 41.00
CA PRO D 8 -7.70 44.07 39.53
C PRO D 8 -6.46 44.79 39.01
N TYR D 9 -6.41 45.02 37.70
CA TYR D 9 -5.27 45.69 37.08
C TYR D 9 -5.61 46.16 35.67
N LEU D 10 -4.59 46.60 34.94
CA LEU D 10 -4.77 47.07 33.57
C LEU D 10 -3.68 46.52 32.65
N ALA D 11 -4.00 46.42 31.36
CA ALA D 11 -3.06 45.91 30.38
C ALA D 11 -3.36 46.44 28.97
N HIS D 12 -2.71 45.85 27.98
CA HIS D 12 -2.91 46.26 26.59
C HIS D 12 -3.81 45.28 25.85
N CYS D 13 -4.42 45.76 24.77
CA CYS D 13 -5.30 44.92 23.96
C CYS D 13 -5.09 45.17 22.47
N PRO D 14 -5.19 44.09 21.69
CA PRO D 14 -5.00 44.19 20.23
C PRO D 14 -6.25 44.70 19.53
N ASP D 15 -7.41 44.42 20.10
CA ASP D 15 -8.67 44.85 19.51
C ASP D 15 -9.61 45.41 20.57
N CYS D 16 -9.75 46.74 20.60
CA CYS D 16 -10.61 47.40 21.56
C CYS D 16 -11.97 47.74 20.94
N GLY D 17 -12.03 47.69 19.61
CA GLY D 17 -13.26 48.00 18.90
C GLY D 17 -13.00 48.53 17.50
N GLU D 18 -13.59 47.88 16.51
CA GLU D 18 -13.42 48.30 15.12
C GLU D 18 -12.01 48.04 14.63
N GLY D 19 -11.33 47.08 15.26
CA GLY D 19 -9.96 46.73 14.89
C GLY D 19 -8.87 47.66 15.40
N HIS D 20 -9.20 48.56 16.34
CA HIS D 20 -8.24 49.51 16.92
C HIS D 20 -7.68 49.01 18.25
N SER D 21 -6.33 48.99 18.37
CA SER D 21 -5.64 48.55 19.58
C SER D 21 -5.51 49.68 20.59
N CYS D 22 -5.69 49.37 21.90
CA CYS D 22 -5.62 50.33 23.00
C CYS D 22 -5.24 49.67 24.35
N HIS D 23 -5.19 50.47 25.43
CA HIS D 23 -4.93 50.01 26.79
C HIS D 23 -6.31 49.78 27.42
N SER D 24 -6.75 48.51 27.45
CA SER D 24 -8.08 48.15 27.94
C SER D 24 -8.09 47.63 29.37
N PRO D 25 -9.10 48.03 30.21
CA PRO D 25 -9.16 47.48 31.58
C PRO D 25 -9.74 46.06 31.63
N VAL D 26 -10.26 45.58 30.48
CA VAL D 26 -10.85 44.27 30.28
C VAL D 26 -9.94 43.42 29.33
N ALA D 27 -8.61 43.70 29.38
CA ALA D 27 -7.59 43.03 28.57
C ALA D 27 -7.49 41.53 28.82
N LEU D 28 -7.43 40.74 27.73
CA LEU D 28 -7.34 39.27 27.79
C LEU D 28 -5.90 38.82 28.01
N GLU D 29 -5.73 37.84 28.92
CA GLU D 29 -4.42 37.30 29.27
C GLU D 29 -4.22 35.88 28.73
N ARG D 30 -4.95 34.91 29.30
CA ARG D 30 -4.86 33.50 28.95
C ARG D 30 -6.27 32.90 28.84
N ILE D 31 -6.52 32.17 27.74
CA ILE D 31 -7.80 31.50 27.48
C ILE D 31 -7.57 29.99 27.48
N ARG D 32 -7.85 29.35 28.64
CA ARG D 32 -7.68 27.91 28.84
C ARG D 32 -8.90 27.14 28.32
N ASN D 33 -8.65 26.05 27.57
CA ASN D 33 -9.68 25.18 26.99
C ASN D 33 -9.34 23.69 27.18
N GLU D 34 -8.84 23.33 28.38
CA GLU D 34 -8.45 21.96 28.73
C GLU D 34 -9.65 21.04 29.00
N ALA D 35 -10.79 21.62 29.42
CA ALA D 35 -12.02 20.90 29.72
C ALA D 35 -12.67 20.31 28.48
N THR D 36 -12.90 18.99 28.50
CA THR D 36 -13.49 18.23 27.39
C THR D 36 -14.98 18.53 27.17
N ASP D 37 -15.69 19.01 28.21
CA ASP D 37 -17.12 19.34 28.13
C ASP D 37 -17.39 20.58 27.27
N GLY D 38 -16.43 21.52 27.24
CA GLY D 38 -16.53 22.73 26.45
C GLY D 38 -16.35 24.04 27.22
N THR D 39 -16.18 23.95 28.56
CA THR D 39 -16.00 25.09 29.45
C THR D 39 -14.65 25.78 29.20
N LEU D 40 -14.67 27.13 29.10
CA LEU D 40 -13.48 27.96 28.87
C LEU D 40 -13.08 28.72 30.13
N LYS D 41 -11.78 28.69 30.48
CA LYS D 41 -11.26 29.42 31.63
C LYS D 41 -10.52 30.65 31.12
N ILE D 42 -11.22 31.80 31.15
CA ILE D 42 -10.75 33.10 30.66
C ILE D 42 -10.11 33.93 31.78
N GLN D 43 -8.87 34.42 31.55
CA GLN D 43 -8.15 35.28 32.48
C GLN D 43 -8.20 36.71 31.93
N VAL D 44 -8.74 37.63 32.74
CA VAL D 44 -8.92 39.04 32.37
C VAL D 44 -8.05 39.99 33.23
N SER D 45 -7.96 41.28 32.81
CA SER D 45 -7.18 42.32 33.48
C SER D 45 -7.85 42.84 34.76
N LEU D 46 -9.20 42.92 34.77
CA LEU D 46 -9.98 43.40 35.93
C LEU D 46 -10.30 42.29 36.95
N GLN D 47 -10.98 42.64 38.06
CA GLN D 47 -11.36 41.72 39.13
C GLN D 47 -12.88 41.74 39.38
N ILE D 48 -13.53 40.56 39.41
CA ILE D 48 -14.97 40.42 39.60
C ILE D 48 -15.33 39.85 40.98
N GLY D 49 -16.38 40.42 41.58
CA GLY D 49 -16.89 40.01 42.89
C GLY D 49 -16.26 40.73 44.08
N ILE D 50 -15.40 41.71 43.81
CA ILE D 50 -14.68 42.49 44.81
C ILE D 50 -14.86 44.00 44.56
N LYS D 51 -15.00 44.80 45.64
CA LYS D 51 -15.14 46.25 45.58
C LYS D 51 -13.79 46.94 45.81
N THR D 52 -13.70 48.25 45.52
CA THR D 52 -12.49 49.09 45.65
C THR D 52 -11.92 49.17 47.09
N ASP D 53 -12.80 49.02 48.10
CA ASP D 53 -12.43 49.05 49.52
C ASP D 53 -11.99 47.66 50.05
N ASP D 54 -11.85 46.68 49.13
CA ASP D 54 -11.48 45.28 49.40
C ASP D 54 -12.55 44.56 50.23
N SER D 55 -13.72 44.33 49.60
CA SER D 55 -14.89 43.67 50.20
C SER D 55 -15.64 42.83 49.17
N HIS D 56 -16.13 41.65 49.59
CA HIS D 56 -16.86 40.72 48.71
C HIS D 56 -18.30 41.17 48.43
N ASP D 57 -18.61 41.36 47.13
CA ASP D 57 -19.92 41.76 46.62
C ASP D 57 -20.07 41.19 45.20
N TRP D 58 -20.87 40.11 45.05
CA TRP D 58 -21.08 39.41 43.78
C TRP D 58 -21.69 40.25 42.66
N THR D 59 -22.49 41.29 43.01
CA THR D 59 -23.12 42.18 42.04
C THR D 59 -22.18 43.30 41.56
N LYS D 60 -20.99 43.44 42.19
CA LYS D 60 -20.01 44.47 41.85
C LYS D 60 -18.76 43.96 41.13
N LEU D 61 -18.13 44.85 40.34
CA LEU D 61 -16.93 44.60 39.54
C LEU D 61 -15.87 45.67 39.83
N ARG D 62 -14.57 45.29 39.83
CA ARG D 62 -13.45 46.21 40.08
C ARG D 62 -12.51 46.27 38.86
N TYR D 63 -12.47 47.45 38.21
CA TYR D 63 -11.64 47.71 37.03
C TYR D 63 -10.75 48.93 37.24
N MET D 64 -9.66 49.04 36.45
CA MET D 64 -8.71 50.16 36.52
C MET D 64 -9.18 51.31 35.62
N ASP D 65 -9.33 52.52 36.19
CA ASP D 65 -9.78 53.70 35.45
C ASP D 65 -8.82 54.89 35.64
N ASN D 66 -7.85 55.05 34.71
CA ASN D 66 -6.86 56.11 34.66
C ASN D 66 -6.17 56.39 36.02
N HIS D 67 -5.22 55.51 36.39
CA HIS D 67 -4.41 55.54 37.62
C HIS D 67 -5.12 55.07 38.91
N MET D 68 -6.47 55.12 38.95
CA MET D 68 -7.24 54.71 40.13
C MET D 68 -8.28 53.62 39.83
N PRO D 69 -8.44 52.61 40.72
CA PRO D 69 -9.46 51.58 40.48
C PRO D 69 -10.87 52.08 40.79
N ALA D 70 -11.84 51.72 39.93
CA ALA D 70 -13.25 52.11 40.06
C ALA D 70 -14.20 50.91 40.04
N ASP D 71 -15.42 51.09 40.60
CA ASP D 71 -16.44 50.04 40.66
C ASP D 71 -17.38 50.06 39.45
N ALA D 72 -17.86 48.87 39.05
CA ALA D 72 -18.77 48.66 37.93
C ALA D 72 -19.83 47.57 38.27
N GLU D 73 -20.70 47.21 37.31
CA GLU D 73 -21.77 46.23 37.51
C GLU D 73 -21.46 44.86 36.90
N ARG D 74 -21.83 43.79 37.63
CA ARG D 74 -21.67 42.37 37.23
C ARG D 74 -22.57 42.04 36.04
N ALA D 75 -23.78 42.65 35.98
CA ALA D 75 -24.75 42.47 34.91
C ALA D 75 -24.25 43.00 33.56
N GLY D 76 -23.37 44.01 33.60
CA GLY D 76 -22.77 44.62 32.43
C GLY D 76 -21.74 43.76 31.72
N LEU D 77 -21.14 42.80 32.45
CA LEU D 77 -20.12 41.88 31.95
C LEU D 77 -20.69 40.90 30.91
N PHE D 78 -19.98 40.73 29.77
CA PHE D 78 -20.40 39.84 28.69
C PHE D 78 -19.22 39.13 28.02
N VAL D 79 -19.47 37.90 27.54
CA VAL D 79 -18.51 37.05 26.82
C VAL D 79 -19.21 36.58 25.53
N ARG D 80 -18.50 36.65 24.37
CA ARG D 80 -19.03 36.24 23.07
C ARG D 80 -17.96 35.80 22.05
N THR D 81 -18.31 34.84 21.17
CA THR D 81 -17.44 34.34 20.11
C THR D 81 -17.99 34.76 18.74
N SER D 82 -19.21 34.29 18.43
CA SER D 82 -19.97 34.58 17.21
C SER D 82 -21.40 34.92 17.63
N ALA D 83 -21.77 34.47 18.84
CA ALA D 83 -23.05 34.66 19.52
C ALA D 83 -22.75 34.82 21.03
N PRO D 84 -23.66 35.41 21.87
CA PRO D 84 -23.33 35.54 23.30
C PRO D 84 -23.11 34.22 24.03
N CYS D 85 -22.25 34.25 25.06
CA CYS D 85 -21.90 33.08 25.89
C CYS D 85 -22.53 33.17 27.27
N THR D 86 -22.88 32.00 27.84
CA THR D 86 -23.46 31.90 29.18
C THR D 86 -22.35 31.82 30.22
N ILE D 87 -22.29 32.83 31.12
CA ILE D 87 -21.29 32.90 32.18
C ILE D 87 -21.70 31.96 33.32
N THR D 88 -20.83 30.98 33.64
CA THR D 88 -21.08 29.97 34.68
C THR D 88 -20.11 30.05 35.86
N GLY D 89 -19.58 31.24 36.13
CA GLY D 89 -18.65 31.47 37.24
C GLY D 89 -17.75 32.68 37.06
N THR D 90 -17.68 33.53 38.10
CA THR D 90 -16.86 34.75 38.13
C THR D 90 -16.22 34.96 39.50
N MET D 91 -14.89 35.11 39.53
CA MET D 91 -14.10 35.36 40.74
C MET D 91 -12.73 35.92 40.36
N GLY D 92 -12.51 37.19 40.70
CA GLY D 92 -11.28 37.92 40.41
C GLY D 92 -11.05 38.09 38.92
N HIS D 93 -9.88 37.67 38.45
CA HIS D 93 -9.48 37.76 37.04
C HIS D 93 -10.10 36.64 36.17
N PHE D 94 -10.74 35.64 36.79
CA PHE D 94 -11.28 34.48 36.10
C PHE D 94 -12.78 34.46 35.82
N ILE D 95 -13.13 34.04 34.57
CA ILE D 95 -14.50 33.92 34.06
C ILE D 95 -14.67 32.54 33.42
N LEU D 96 -15.77 31.83 33.76
CA LEU D 96 -16.10 30.53 33.18
C LEU D 96 -17.27 30.70 32.21
N ALA D 97 -17.10 30.25 30.95
CA ALA D 97 -18.14 30.39 29.93
C ALA D 97 -18.21 29.26 28.92
N ARG D 98 -19.44 28.93 28.48
CA ARG D 98 -19.73 27.93 27.46
C ARG D 98 -20.06 28.70 26.18
N CYS D 99 -19.20 28.58 25.16
CA CYS D 99 -19.32 29.33 23.91
C CYS D 99 -19.60 28.49 22.66
N PRO D 100 -20.40 29.02 21.68
CA PRO D 100 -20.60 28.27 20.43
C PRO D 100 -19.38 28.42 19.49
N LYS D 101 -19.41 27.74 18.33
CA LYS D 101 -18.34 27.77 17.32
C LYS D 101 -17.99 29.20 16.87
N GLY D 102 -16.75 29.60 17.12
CA GLY D 102 -16.23 30.92 16.78
C GLY D 102 -14.75 30.94 16.48
N GLU D 103 -14.28 32.05 15.85
CA GLU D 103 -12.89 32.24 15.47
C GLU D 103 -12.18 33.34 16.29
N THR D 104 -12.97 34.22 16.96
CA THR D 104 -12.45 35.32 17.79
C THR D 104 -13.25 35.42 19.10
N LEU D 105 -12.55 35.47 20.25
CA LEU D 105 -13.17 35.58 21.57
C LEU D 105 -13.22 37.05 22.01
N THR D 106 -14.42 37.50 22.45
CA THR D 106 -14.66 38.88 22.90
C THR D 106 -15.16 38.89 24.35
N VAL D 107 -14.51 39.70 25.21
CA VAL D 107 -14.86 39.87 26.63
C VAL D 107 -14.99 41.37 26.91
N GLY D 108 -16.16 41.78 27.42
CA GLY D 108 -16.44 43.17 27.73
C GLY D 108 -17.27 43.41 28.98
N PHE D 109 -17.50 44.70 29.30
CA PHE D 109 -18.26 45.19 30.46
C PHE D 109 -18.71 46.65 30.26
N THR D 110 -19.49 47.19 31.23
CA THR D 110 -19.98 48.59 31.23
C THR D 110 -19.59 49.27 32.55
N ASP D 111 -18.96 50.46 32.46
CA ASP D 111 -18.49 51.23 33.62
C ASP D 111 -19.58 52.09 34.30
N SER D 112 -19.16 52.93 35.28
CA SER D 112 -20.03 53.85 36.03
C SER D 112 -20.51 55.01 35.15
N ARG D 113 -19.64 55.49 34.23
CA ARG D 113 -19.93 56.60 33.30
C ARG D 113 -20.75 56.16 32.07
N LYS D 114 -21.30 54.93 32.09
CA LYS D 114 -22.11 54.31 31.04
C LYS D 114 -21.36 54.12 29.70
N ILE D 115 -20.04 53.83 29.78
CA ILE D 115 -19.16 53.60 28.64
C ILE D 115 -18.73 52.14 28.61
N SER D 116 -18.92 51.46 27.46
CA SER D 116 -18.59 50.05 27.30
C SER D 116 -17.24 49.80 26.63
N HIS D 117 -16.38 48.99 27.28
CA HIS D 117 -15.05 48.61 26.81
C HIS D 117 -15.02 47.10 26.59
N SER D 118 -14.48 46.65 25.44
CA SER D 118 -14.40 45.23 25.09
C SER D 118 -13.09 44.87 24.41
N CYS D 119 -12.49 43.72 24.80
CA CYS D 119 -11.24 43.23 24.22
C CYS D 119 -11.49 41.99 23.37
N THR D 120 -10.97 41.99 22.13
CA THR D 120 -11.13 40.89 21.18
C THR D 120 -9.78 40.24 20.85
N HIS D 121 -9.71 38.91 20.97
CA HIS D 121 -8.53 38.09 20.70
C HIS D 121 -8.84 36.99 19.68
N PRO D 122 -7.95 36.72 18.69
CA PRO D 122 -8.23 35.63 17.75
C PRO D 122 -8.05 34.26 18.39
N PHE D 123 -9.15 33.54 18.56
CA PHE D 123 -9.11 32.22 19.17
C PHE D 123 -10.03 31.24 18.44
N HIS D 124 -9.47 30.12 18.02
CA HIS D 124 -10.24 29.11 17.30
C HIS D 124 -10.99 28.20 18.28
N HIS D 125 -12.26 28.51 18.51
CA HIS D 125 -13.09 27.73 19.42
C HIS D 125 -13.91 26.68 18.66
N ASP D 126 -13.88 25.45 19.16
CA ASP D 126 -14.63 24.36 18.54
C ASP D 126 -14.45 23.06 19.31
N PRO D 127 -15.36 22.82 20.25
CA PRO D 127 -15.32 21.60 21.08
C PRO D 127 -14.97 20.37 20.24
N PRO D 128 -14.03 19.57 20.74
CA PRO D 128 -13.61 18.36 20.02
C PRO D 128 -14.73 17.33 19.95
N VAL D 129 -14.60 16.37 19.03
CA VAL D 129 -15.61 15.33 18.87
C VAL D 129 -15.24 14.08 19.67
N ILE D 130 -16.24 13.50 20.34
CA ILE D 130 -16.03 12.30 21.14
C ILE D 130 -16.83 11.12 20.59
N GLY D 131 -16.15 10.00 20.39
CA GLY D 131 -16.79 8.80 19.87
C GLY D 131 -16.56 8.62 18.38
N ARG D 132 -17.60 8.22 17.68
CA ARG D 132 -17.52 8.00 16.23
C ARG D 132 -18.68 8.65 15.51
N GLU D 133 -19.46 9.45 16.22
CA GLU D 133 -20.61 10.13 15.65
C GLU D 133 -20.58 11.63 15.97
N LYS D 134 -20.77 12.45 14.96
CA LYS D 134 -20.77 13.90 15.12
C LYS D 134 -22.18 14.43 15.36
N PHE D 135 -22.64 14.35 16.60
CA PHE D 135 -23.98 14.82 16.96
C PHE D 135 -23.93 16.23 17.55
N HIS D 136 -25.08 16.89 17.57
CA HIS D 136 -25.18 18.25 18.10
C HIS D 136 -25.70 18.23 19.54
N SER D 137 -26.94 17.79 19.72
CA SER D 137 -27.55 17.73 21.03
C SER D 137 -27.08 16.49 21.79
N ARG D 138 -26.85 16.65 23.10
CA ARG D 138 -26.40 15.54 23.94
C ARG D 138 -27.53 14.61 24.43
N PRO D 139 -27.38 13.27 24.33
CA PRO D 139 -28.46 12.38 24.78
C PRO D 139 -28.45 12.13 26.30
N GLN D 140 -29.65 11.92 26.88
CA GLN D 140 -29.81 11.63 28.31
C GLN D 140 -29.34 10.21 28.65
N HIS D 141 -29.52 9.27 27.70
CA HIS D 141 -29.13 7.86 27.83
C HIS D 141 -28.46 7.38 26.54
N GLY D 142 -27.27 6.81 26.68
CA GLY D 142 -26.49 6.29 25.56
C GLY D 142 -25.26 5.51 25.98
N LYS D 143 -24.30 5.33 25.04
CA LYS D 143 -23.05 4.60 25.26
C LYS D 143 -22.11 5.40 26.16
N GLU D 144 -21.57 4.75 27.20
CA GLU D 144 -20.65 5.36 28.17
C GLU D 144 -19.21 5.31 27.65
N LEU D 145 -18.61 6.50 27.46
CA LEU D 145 -17.22 6.66 26.99
C LEU D 145 -16.40 7.58 27.91
N PRO D 146 -15.09 7.31 28.12
CA PRO D 146 -14.30 8.19 29.01
C PRO D 146 -13.91 9.51 28.36
N CYS D 147 -14.14 10.62 29.10
CA CYS D 147 -13.84 11.99 28.67
C CYS D 147 -13.38 12.85 29.86
N SER D 148 -13.20 14.16 29.66
CA SER D 148 -12.77 15.10 30.69
C SER D 148 -13.51 16.44 30.59
N THR D 149 -13.80 17.05 31.77
CA THR D 149 -14.47 18.35 31.88
C THR D 149 -13.99 19.12 33.13
N TYR D 150 -14.33 20.42 33.20
CA TYR D 150 -14.01 21.27 34.34
C TYR D 150 -15.21 21.25 35.30
N VAL D 151 -15.02 20.70 36.51
CA VAL D 151 -16.08 20.61 37.53
C VAL D 151 -16.45 21.98 38.13
N GLN D 152 -17.64 22.09 38.76
CA GLN D 152 -18.12 23.35 39.33
C GLN D 152 -17.84 23.52 40.84
N SER D 153 -16.90 22.72 41.40
CA SER D 153 -16.52 22.80 42.80
C SER D 153 -15.64 24.03 43.06
N THR D 154 -16.14 24.97 43.89
CA THR D 154 -15.46 26.22 44.24
C THR D 154 -14.32 25.99 45.25
N ALA D 155 -14.40 24.85 46.02
CA ALA D 155 -13.45 24.43 47.05
C ALA D 155 -11.97 24.63 46.67
N ALA D 156 -11.21 25.30 47.55
CA ALA D 156 -9.79 25.63 47.38
C ALA D 156 -8.89 24.38 47.42
N THR D 157 -8.71 23.72 46.26
CA THR D 157 -7.89 22.51 46.10
C THR D 157 -7.25 22.40 44.71
N THR D 158 -6.24 21.51 44.58
CA THR D 158 -5.49 21.16 43.36
C THR D 158 -4.71 22.31 42.69
N GLU D 159 -5.30 22.96 41.67
CA GLU D 159 -4.70 24.03 40.87
C GLU D 159 -4.50 25.35 41.62
N GLU D 160 -3.49 26.12 41.22
CA GLU D 160 -3.20 27.39 41.86
C GLU D 160 -2.46 28.33 40.91
N ILE D 161 -2.47 29.62 41.24
CA ILE D 161 -1.81 30.64 40.42
C ILE D 161 -0.85 31.47 41.25
N GLU D 162 -0.23 32.46 40.62
CA GLU D 162 0.72 33.34 41.30
C GLU D 162 0.21 34.77 41.34
N VAL D 163 0.53 35.48 42.42
CA VAL D 163 0.11 36.86 42.59
C VAL D 163 1.24 37.72 43.13
N HIS D 164 1.12 39.03 42.93
CA HIS D 164 2.14 39.97 43.41
C HIS D 164 1.64 41.41 43.32
N MET D 165 2.56 42.33 43.07
CA MET D 165 2.23 43.74 42.96
C MET D 165 2.41 44.25 41.53
N PRO D 166 1.84 45.40 41.23
CA PRO D 166 1.94 46.00 39.90
C PRO D 166 3.36 46.48 39.61
N PRO D 167 3.62 46.88 38.37
CA PRO D 167 4.94 47.37 37.96
C PRO D 167 4.88 48.81 37.47
N ASP D 168 5.79 49.16 36.55
CA ASP D 168 5.84 50.51 36.00
C ASP D 168 4.67 50.77 35.05
N THR D 169 3.88 51.80 35.35
CA THR D 169 2.75 52.15 34.52
C THR D 169 2.87 53.58 33.97
N PRO D 170 2.55 53.74 32.69
CA PRO D 170 2.64 55.06 32.05
C PRO D 170 1.41 55.90 32.34
N ASP D 171 1.59 57.23 32.40
CA ASP D 171 0.50 58.14 32.67
C ASP D 171 0.83 59.56 32.21
N ARG D 172 0.07 60.06 31.26
CA ARG D 172 0.28 61.41 30.73
C ARG D 172 -0.43 62.45 31.59
N THR D 173 -1.36 62.00 32.43
CA THR D 173 -2.10 62.89 33.30
C THR D 173 -1.26 63.35 34.48
N LEU D 174 -0.02 62.87 34.54
CA LEU D 174 0.88 63.22 35.62
C LEU D 174 1.63 64.51 35.32
N MET D 175 1.68 64.88 34.04
CA MET D 175 2.35 66.09 33.61
C MET D 175 1.36 67.21 33.31
N SER D 176 1.75 68.44 33.61
CA SER D 176 0.89 69.60 33.36
C SER D 176 1.70 70.82 32.96
N GLN D 177 1.22 71.57 31.96
CA GLN D 177 1.88 72.78 31.44
C GLN D 177 1.60 74.01 32.32
N GLN D 178 2.50 74.28 33.27
CA GLN D 178 2.43 75.42 34.18
C GLN D 178 3.09 76.61 33.47
N SER D 179 2.27 77.39 32.73
CA SER D 179 2.65 78.55 31.91
C SER D 179 3.67 78.18 30.82
N GLY D 180 4.96 78.23 31.16
CA GLY D 180 6.05 77.88 30.25
C GLY D 180 6.95 76.79 30.80
N ASN D 181 6.52 76.17 31.91
CA ASN D 181 7.24 75.09 32.60
C ASN D 181 6.34 73.85 32.72
N VAL D 182 6.94 72.68 33.04
CA VAL D 182 6.20 71.42 33.19
C VAL D 182 6.18 70.99 34.67
N LYS D 183 4.96 70.83 35.23
CA LYS D 183 4.76 70.39 36.61
C LYS D 183 4.35 68.92 36.63
N ILE D 184 5.05 68.12 37.46
CA ILE D 184 4.79 66.68 37.62
C ILE D 184 4.08 66.46 38.97
N THR D 185 2.76 66.22 38.92
CA THR D 185 1.95 66.00 40.12
C THR D 185 1.98 64.52 40.52
N VAL D 186 2.74 64.23 41.58
CA VAL D 186 2.98 62.90 42.14
C VAL D 186 1.74 62.21 42.75
N ASN D 187 0.98 62.93 43.61
CA ASN D 187 -0.21 62.45 44.33
C ASN D 187 0.05 61.19 45.20
N GLY D 188 1.11 61.27 46.01
CA GLY D 188 1.54 60.21 46.92
C GLY D 188 1.98 58.92 46.27
N GLN D 189 2.59 59.01 45.07
CA GLN D 189 3.06 57.86 44.29
C GLN D 189 4.51 58.05 43.81
N THR D 190 5.22 56.94 43.58
CA THR D 190 6.60 57.00 43.09
C THR D 190 6.54 57.12 41.56
N VAL D 191 7.06 58.24 41.01
CA VAL D 191 7.02 58.54 39.57
C VAL D 191 8.44 58.61 38.96
N ARG D 192 8.62 57.92 37.80
CA ARG D 192 9.88 57.93 37.04
C ARG D 192 9.70 58.87 35.84
N TYR D 193 10.50 59.96 35.80
CA TYR D 193 10.42 60.99 34.75
C TYR D 193 11.66 61.12 33.87
N LYS D 194 11.47 61.65 32.63
CA LYS D 194 12.53 61.91 31.64
C LYS D 194 12.07 63.03 30.69
N CYS D 195 12.95 64.04 30.49
CA CYS D 195 12.68 65.20 29.62
C CYS D 195 13.80 65.48 28.62
N ASN D 196 13.47 66.19 27.52
CA ASN D 196 14.42 66.58 26.47
C ASN D 196 15.23 67.82 26.89
N CYS D 197 14.61 68.70 27.69
CA CYS D 197 15.18 69.97 28.17
C CYS D 197 16.33 69.79 29.17
N GLY D 198 17.13 70.84 29.34
CA GLY D 198 18.29 70.88 30.23
C GLY D 198 18.00 70.77 31.72
N GLY D 199 19.07 70.73 32.50
CA GLY D 199 19.02 70.61 33.96
C GLY D 199 18.69 69.19 34.40
N SER D 200 17.70 69.05 35.31
CA SER D 200 17.24 67.75 35.79
C SER D 200 16.32 67.14 34.73
N ASN D 201 16.77 66.03 34.11
CA ASN D 201 16.04 65.36 33.03
C ASN D 201 15.92 63.82 33.20
N GLU D 202 16.09 63.33 34.45
CA GLU D 202 16.00 61.91 34.83
C GLU D 202 15.82 61.78 36.35
N GLY D 203 15.37 60.61 36.79
CA GLY D 203 15.20 60.33 38.21
C GLY D 203 13.91 59.63 38.60
N LEU D 204 13.83 59.26 39.89
CA LEU D 204 12.70 58.58 40.53
C LEU D 204 12.22 59.47 41.69
N THR D 205 11.19 60.31 41.42
CA THR D 205 10.65 61.25 42.40
C THR D 205 9.47 60.74 43.23
N THR D 206 9.44 61.17 44.51
CA THR D 206 8.41 60.86 45.51
C THR D 206 7.68 62.18 45.86
N THR D 207 8.26 63.32 45.45
CA THR D 207 7.74 64.67 45.66
C THR D 207 7.39 65.37 44.34
N ASP D 208 6.58 66.45 44.41
CA ASP D 208 6.16 67.24 43.24
C ASP D 208 7.36 67.98 42.65
N LYS D 209 7.62 67.75 41.35
CA LYS D 209 8.75 68.35 40.64
C LYS D 209 8.31 69.29 39.52
N VAL D 210 9.15 70.31 39.24
CA VAL D 210 8.90 71.30 38.18
C VAL D 210 10.12 71.46 37.26
N ILE D 211 9.91 71.27 35.95
CA ILE D 211 10.96 71.39 34.92
C ILE D 211 10.82 72.75 34.24
N ASN D 212 11.80 73.65 34.48
CA ASN D 212 11.82 75.01 33.92
C ASN D 212 12.12 75.04 32.43
N ASN D 213 11.33 75.86 31.68
CA ASN D 213 11.40 76.07 30.23
C ASN D 213 11.37 74.76 29.43
N CYS D 214 10.19 74.11 29.41
CA CYS D 214 9.94 72.84 28.72
C CYS D 214 8.47 72.68 28.31
N LYS D 215 8.21 71.77 27.34
CA LYS D 215 6.88 71.44 26.85
C LYS D 215 6.49 70.02 27.29
N VAL D 216 5.18 69.80 27.52
CA VAL D 216 4.61 68.51 27.96
C VAL D 216 4.92 67.35 26.99
N ASP D 217 4.94 67.63 25.67
CA ASP D 217 5.24 66.65 24.61
C ASP D 217 6.70 66.19 24.64
N GLN D 218 7.60 67.03 25.19
CA GLN D 218 9.03 66.77 25.33
C GLN D 218 9.39 65.98 26.62
N CYS D 219 8.37 65.61 27.38
CA CYS D 219 8.59 64.89 28.64
C CYS D 219 7.82 63.59 28.69
N HIS D 220 7.91 62.90 29.82
CA HIS D 220 7.22 61.62 30.01
C HIS D 220 7.63 60.97 31.32
N ALA D 221 6.70 60.24 31.93
CA ALA D 221 6.96 59.57 33.20
C ALA D 221 6.03 58.38 33.41
N ALA D 222 6.17 57.72 34.55
CA ALA D 222 5.33 56.57 34.87
C ALA D 222 4.98 56.53 36.36
N VAL D 223 4.88 55.33 36.91
CA VAL D 223 4.54 55.18 38.32
C VAL D 223 4.68 53.71 38.75
N THR D 224 4.44 53.45 40.04
CA THR D 224 4.53 52.11 40.58
C THR D 224 3.33 51.78 41.45
N ASN D 225 3.27 50.55 41.93
CA ASN D 225 2.16 50.11 42.77
C ASN D 225 2.64 49.43 44.04
N HIS D 226 1.72 48.80 44.76
CA HIS D 226 2.05 48.11 46.00
C HIS D 226 0.78 47.67 46.74
N LYS D 227 0.82 47.75 48.07
CA LYS D 227 -0.32 47.37 48.90
C LYS D 227 -1.11 46.24 48.25
N LYS D 228 -2.38 46.51 47.93
CA LYS D 228 -3.25 45.53 47.31
C LYS D 228 -2.44 44.51 46.51
N TRP D 229 -2.90 43.27 46.49
CA TRP D 229 -2.23 42.20 45.76
C TRP D 229 -2.62 42.21 44.29
N GLN D 230 -2.06 41.27 43.52
CA GLN D 230 -2.35 41.18 42.10
C GLN D 230 -1.79 39.89 41.51
N TYR D 231 -2.42 39.41 40.44
CA TYR D 231 -1.99 38.19 39.78
C TYR D 231 -0.81 38.45 38.85
N ASN D 232 0.16 37.54 38.85
CA ASN D 232 1.34 37.67 38.00
C ASN D 232 1.00 37.54 36.51
N SER D 233 0.64 38.66 35.89
CA SER D 233 0.29 38.68 34.48
C SER D 233 1.40 39.28 33.64
N PRO D 234 1.61 38.72 32.45
CA PRO D 234 2.65 39.20 31.53
C PRO D 234 2.25 40.50 30.81
N LEU D 235 0.97 40.90 30.92
CA LEU D 235 0.42 42.11 30.30
C LEU D 235 0.51 43.33 31.23
N VAL D 236 1.03 43.14 32.46
CA VAL D 236 1.22 44.15 33.50
C VAL D 236 2.72 44.16 33.90
N PRO D 237 3.39 45.33 34.06
CA PRO D 237 4.81 45.31 34.43
C PRO D 237 5.10 44.82 35.85
N ARG D 238 6.34 44.35 36.08
CA ARG D 238 6.80 43.85 37.38
C ARG D 238 7.15 45.03 38.30
N ASN D 239 6.92 44.86 39.62
CA ASN D 239 7.20 45.88 40.65
C ASN D 239 8.71 46.17 40.71
N ALA D 240 9.09 47.44 40.46
CA ALA D 240 10.47 47.95 40.43
C ALA D 240 11.30 47.59 41.67
N GLU D 241 10.84 48.00 42.88
CA GLU D 241 11.54 47.71 44.15
C GLU D 241 11.11 46.33 44.69
N LEU D 242 11.29 45.28 43.87
CA LEU D 242 10.93 43.90 44.16
C LEU D 242 11.60 42.96 43.15
N GLY D 243 12.16 41.85 43.65
CA GLY D 243 12.79 40.83 42.83
C GLY D 243 11.78 39.79 42.38
N ASP D 244 11.81 38.61 43.02
CA ASP D 244 10.88 37.52 42.74
C ASP D 244 9.95 37.21 43.94
N ARG D 245 9.57 38.26 44.69
CA ARG D 245 8.67 38.15 45.84
C ARG D 245 7.24 37.99 45.31
N LYS D 246 6.62 36.83 45.59
CA LYS D 246 5.28 36.50 45.11
C LYS D 246 4.51 35.58 46.07
N GLY D 247 3.19 35.59 45.94
CA GLY D 247 2.25 34.76 46.68
C GLY D 247 1.52 33.81 45.75
N LYS D 248 0.66 32.95 46.31
CA LYS D 248 -0.12 31.99 45.53
C LYS D 248 -1.51 31.72 46.11
N ILE D 249 -2.51 31.56 45.24
CA ILE D 249 -3.90 31.31 45.63
C ILE D 249 -4.52 30.13 44.86
N HIS D 250 -5.29 29.27 45.55
CA HIS D 250 -5.97 28.11 44.95
C HIS D 250 -7.08 28.61 44.01
N ILE D 251 -7.22 27.97 42.85
CA ILE D 251 -8.20 28.37 41.84
C ILE D 251 -9.36 27.39 41.62
N PRO D 252 -10.60 27.90 41.39
CA PRO D 252 -11.74 26.99 41.17
C PRO D 252 -11.75 26.34 39.78
N PHE D 253 -12.72 25.42 39.56
CA PHE D 253 -12.96 24.66 38.33
C PHE D 253 -11.78 23.79 37.85
N PRO D 254 -11.39 22.79 38.63
CA PRO D 254 -10.29 21.90 38.27
C PRO D 254 -10.71 20.86 37.23
N LEU D 255 -9.75 20.32 36.50
CA LEU D 255 -10.02 19.32 35.48
C LEU D 255 -10.09 17.92 36.09
N ALA D 256 -11.10 17.15 35.68
CA ALA D 256 -11.28 15.80 36.17
C ALA D 256 -11.87 14.88 35.10
N ASN D 257 -11.50 13.62 35.13
CA ASN D 257 -12.00 12.65 34.16
C ASN D 257 -13.40 12.17 34.50
N VAL D 258 -14.33 12.36 33.56
CA VAL D 258 -15.71 11.95 33.75
C VAL D 258 -16.13 10.92 32.71
N THR D 259 -17.43 10.84 32.45
CA THR D 259 -17.96 9.90 31.47
C THR D 259 -18.96 10.58 30.54
N CYS D 260 -18.74 10.43 29.24
CA CYS D 260 -19.62 11.03 28.24
C CYS D 260 -20.64 10.01 27.73
N ARG D 261 -21.83 10.47 27.42
CA ARG D 261 -22.89 9.61 26.92
C ARG D 261 -23.16 9.84 25.44
N VAL D 262 -23.44 8.77 24.70
CA VAL D 262 -23.71 8.86 23.29
C VAL D 262 -24.86 7.94 22.88
N PRO D 263 -26.05 8.50 22.75
CA PRO D 263 -27.24 7.73 22.37
C PRO D 263 -26.93 6.72 21.28
N LYS D 264 -27.89 5.85 21.00
CA LYS D 264 -27.71 4.82 19.97
C LYS D 264 -28.52 5.15 18.72
N ALA D 265 -28.00 4.75 17.57
CA ALA D 265 -28.68 5.00 16.29
C ALA D 265 -29.82 4.01 16.08
N ARG D 266 -30.80 4.41 15.26
CA ARG D 266 -31.94 3.55 14.96
C ARG D 266 -31.56 2.43 13.99
N ASN D 267 -32.11 1.25 14.22
CA ASN D 267 -31.83 0.09 13.37
C ASN D 267 -32.05 0.41 11.90
N PRO D 268 -31.26 -0.21 11.03
CA PRO D 268 -31.36 0.01 9.58
C PRO D 268 -32.16 -1.10 8.90
N THR D 269 -32.71 -0.80 7.73
CA THR D 269 -33.49 -1.76 6.97
C THR D 269 -32.51 -2.81 6.40
N VAL D 270 -32.54 -4.02 6.98
CA VAL D 270 -31.65 -5.11 6.60
C VAL D 270 -32.31 -6.19 5.72
N THR D 271 -31.70 -6.47 4.56
CA THR D 271 -32.14 -7.47 3.58
C THR D 271 -30.98 -8.39 3.23
N TYR D 272 -31.18 -9.71 3.36
CA TYR D 272 -30.15 -10.72 3.11
C TYR D 272 -30.15 -11.24 1.67
N GLY D 273 -28.97 -11.65 1.21
CA GLY D 273 -28.74 -12.19 -0.13
C GLY D 273 -27.68 -13.28 -0.15
N LYS D 274 -27.34 -13.77 -1.36
CA LYS D 274 -26.34 -14.82 -1.57
C LYS D 274 -24.94 -14.33 -1.16
N ASN D 275 -24.50 -14.73 0.06
CA ASN D 275 -23.22 -14.38 0.68
C ASN D 275 -22.97 -12.85 0.83
N GLN D 276 -24.07 -12.06 0.87
CA GLN D 276 -24.02 -10.60 1.01
C GLN D 276 -25.14 -10.03 1.86
N VAL D 277 -24.86 -8.88 2.52
CA VAL D 277 -25.81 -8.18 3.39
C VAL D 277 -26.02 -6.72 2.91
N ILE D 278 -27.30 -6.32 2.77
CA ILE D 278 -27.69 -4.98 2.31
C ILE D 278 -28.31 -4.18 3.46
N MET D 279 -27.77 -2.97 3.72
CA MET D 279 -28.23 -2.08 4.79
C MET D 279 -28.65 -0.71 4.25
N LEU D 280 -29.86 -0.26 4.64
CA LEU D 280 -30.39 1.05 4.25
C LEU D 280 -30.24 1.96 5.48
N LEU D 281 -29.13 2.71 5.53
CA LEU D 281 -28.78 3.60 6.64
C LEU D 281 -29.46 4.96 6.57
N TYR D 282 -30.22 5.31 7.62
CA TYR D 282 -30.92 6.60 7.75
C TYR D 282 -30.43 7.35 8.99
N PRO D 283 -29.29 8.08 8.91
CA PRO D 283 -28.77 8.78 10.09
C PRO D 283 -29.35 10.18 10.31
N ASP D 284 -29.66 10.50 11.59
CA ASP D 284 -30.20 11.80 12.00
C ASP D 284 -29.03 12.77 12.20
N HIS D 285 -27.89 12.24 12.64
CA HIS D 285 -26.63 12.96 12.92
C HIS D 285 -25.44 12.12 12.40
N PRO D 286 -24.20 12.67 12.24
CA PRO D 286 -23.08 11.85 11.74
C PRO D 286 -22.80 10.60 12.58
N THR D 287 -23.11 9.43 11.99
CA THR D 287 -22.98 8.11 12.63
C THR D 287 -21.86 7.29 11.97
N LEU D 288 -20.97 6.70 12.80
CA LEU D 288 -19.84 5.89 12.34
C LEU D 288 -20.23 4.43 12.08
N LEU D 289 -19.90 3.93 10.88
CA LEU D 289 -20.15 2.55 10.44
C LEU D 289 -18.81 1.83 10.28
N SER D 290 -18.63 0.71 11.00
CA SER D 290 -17.42 -0.09 10.94
C SER D 290 -17.75 -1.57 10.80
N TYR D 291 -16.93 -2.30 10.03
CA TYR D 291 -17.13 -3.73 9.79
C TYR D 291 -15.84 -4.53 9.68
N ARG D 292 -15.87 -5.79 10.17
CA ARG D 292 -14.73 -6.71 10.17
C ARG D 292 -15.15 -8.18 10.01
N ASN D 293 -14.25 -9.01 9.46
CA ASN D 293 -14.47 -10.45 9.28
C ASN D 293 -14.06 -11.18 10.55
N MET D 294 -14.81 -12.23 10.92
CA MET D 294 -14.55 -13.03 12.12
C MET D 294 -13.66 -14.27 11.85
N GLY D 295 -12.59 -14.05 11.10
CA GLY D 295 -11.64 -15.08 10.72
C GLY D 295 -10.19 -14.68 10.87
N GLU D 296 -9.31 -15.23 9.99
CA GLU D 296 -7.87 -14.96 9.98
C GLU D 296 -7.57 -13.52 9.53
N GLU D 297 -8.19 -13.09 8.41
CA GLU D 297 -8.03 -11.74 7.86
C GLU D 297 -9.25 -10.89 8.25
N PRO D 298 -9.14 -9.96 9.23
CA PRO D 298 -10.31 -9.15 9.62
C PRO D 298 -10.71 -8.08 8.61
N ASN D 299 -9.70 -7.40 8.02
CA ASN D 299 -9.84 -6.33 7.02
C ASN D 299 -10.82 -5.23 7.47
N TYR D 300 -10.42 -4.48 8.51
CA TYR D 300 -11.22 -3.42 9.12
C TYR D 300 -11.41 -2.24 8.18
N GLN D 301 -12.66 -1.77 8.05
CA GLN D 301 -13.04 -0.64 7.21
C GLN D 301 -13.96 0.29 8.01
N GLU D 302 -13.67 1.59 8.01
CA GLU D 302 -14.46 2.59 8.73
C GLU D 302 -14.89 3.77 7.84
N GLU D 303 -16.14 4.25 8.04
CA GLU D 303 -16.72 5.37 7.30
C GLU D 303 -17.80 6.12 8.09
N TRP D 304 -17.80 7.46 8.01
CA TRP D 304 -18.77 8.30 8.69
C TRP D 304 -19.98 8.54 7.78
N VAL D 305 -21.11 7.89 8.11
CA VAL D 305 -22.36 7.98 7.36
C VAL D 305 -23.13 9.22 7.84
N MET D 306 -23.51 10.10 6.90
CA MET D 306 -24.23 11.34 7.18
C MET D 306 -25.56 11.45 6.43
N HIS D 307 -25.60 10.97 5.17
CA HIS D 307 -26.79 11.01 4.32
C HIS D 307 -27.41 9.61 4.15
N LYS D 308 -28.53 9.50 3.39
CA LYS D 308 -29.24 8.25 3.09
C LYS D 308 -28.29 7.39 2.24
N LYS D 309 -27.89 6.23 2.77
CA LYS D 309 -26.94 5.35 2.08
C LYS D 309 -27.32 3.88 2.09
N GLU D 310 -27.01 3.19 0.98
CA GLU D 310 -27.23 1.76 0.78
C GLU D 310 -25.85 1.10 0.69
N VAL D 311 -25.56 0.17 1.63
CA VAL D 311 -24.28 -0.53 1.67
C VAL D 311 -24.40 -2.04 1.48
N VAL D 312 -23.62 -2.60 0.54
CA VAL D 312 -23.59 -4.03 0.23
C VAL D 312 -22.26 -4.60 0.76
N LEU D 313 -22.34 -5.49 1.77
CA LEU D 313 -21.17 -6.09 2.40
C LEU D 313 -21.17 -7.60 2.24
N THR D 314 -20.04 -8.17 1.78
CA THR D 314 -19.87 -9.61 1.56
C THR D 314 -19.67 -10.33 2.90
N VAL D 315 -20.44 -11.41 3.13
CA VAL D 315 -20.37 -12.20 4.36
C VAL D 315 -19.61 -13.53 4.10
N PRO D 316 -18.39 -13.72 4.67
CA PRO D 316 -17.66 -14.98 4.46
C PRO D 316 -18.11 -16.08 5.41
N THR D 317 -17.60 -17.32 5.21
CA THR D 317 -17.93 -18.52 6.02
C THR D 317 -17.65 -18.32 7.52
N GLU D 318 -16.57 -17.59 7.85
CA GLU D 318 -16.15 -17.29 9.23
C GLU D 318 -17.13 -16.35 9.96
N GLY D 319 -17.75 -15.44 9.21
CA GLY D 319 -18.71 -14.46 9.73
C GLY D 319 -18.28 -13.02 9.54
N LEU D 320 -19.27 -12.10 9.57
CA LEU D 320 -19.06 -10.66 9.44
C LEU D 320 -19.71 -9.90 10.60
N GLU D 321 -18.91 -9.09 11.30
CA GLU D 321 -19.34 -8.27 12.44
C GLU D 321 -19.45 -6.80 11.99
N VAL D 322 -20.66 -6.22 12.10
CA VAL D 322 -20.94 -4.83 11.70
C VAL D 322 -21.37 -4.00 12.92
N THR D 323 -20.69 -2.87 13.16
CA THR D 323 -21.00 -1.95 14.25
C THR D 323 -21.56 -0.65 13.67
N TRP D 324 -22.83 -0.34 13.99
CA TRP D 324 -23.50 0.88 13.52
C TRP D 324 -23.72 1.84 14.68
N GLY D 325 -22.80 2.79 14.82
CA GLY D 325 -22.81 3.81 15.87
C GLY D 325 -22.54 3.24 17.25
N ASN D 326 -23.35 3.69 18.23
CA ASN D 326 -23.24 3.25 19.64
C ASN D 326 -23.99 1.94 19.94
N ASN D 327 -24.64 1.35 18.92
CA ASN D 327 -25.37 0.08 19.03
C ASN D 327 -24.39 -1.09 19.19
N GLU D 328 -24.84 -2.17 19.82
CA GLU D 328 -24.00 -3.33 20.03
C GLU D 328 -23.65 -4.01 18.71
N PRO D 329 -22.37 -4.07 18.39
CA PRO D 329 -21.91 -4.69 17.14
C PRO D 329 -22.82 -5.82 16.70
N TYR D 330 -23.11 -5.88 15.40
CA TYR D 330 -23.97 -6.92 14.85
C TYR D 330 -23.16 -8.08 14.30
N LYS D 331 -23.73 -9.27 14.35
CA LYS D 331 -23.06 -10.47 13.85
C LYS D 331 -23.89 -11.16 12.77
N TYR D 332 -23.23 -11.56 11.70
CA TYR D 332 -23.89 -12.24 10.58
C TYR D 332 -23.11 -13.48 10.14
N TRP D 333 -23.84 -14.53 9.79
CA TRP D 333 -23.22 -15.77 9.34
C TRP D 333 -23.96 -16.37 8.16
N PRO D 334 -23.23 -17.05 7.29
CA PRO D 334 -23.82 -17.68 6.10
C PRO D 334 -24.60 -18.93 6.46
N GLN D 335 -25.90 -18.95 6.14
CA GLN D 335 -26.75 -20.09 6.43
C GLN D 335 -26.33 -21.31 5.62
N LEU D 336 -26.25 -22.46 6.28
CA LEU D 336 -25.87 -23.70 5.62
C LEU D 336 -26.90 -24.12 4.57
N TYR E 1 46.87 50.80 -19.47
CA TYR E 1 46.82 49.45 -20.02
C TYR E 1 45.39 48.89 -19.99
N GLU E 2 44.85 48.56 -21.18
CA GLU E 2 43.51 48.03 -21.35
C GLU E 2 43.48 46.52 -21.08
N HIS E 3 42.65 46.09 -20.11
CA HIS E 3 42.47 44.69 -19.74
C HIS E 3 41.04 44.23 -20.02
N VAL E 4 40.89 43.34 -21.02
CA VAL E 4 39.61 42.78 -21.44
C VAL E 4 39.43 41.40 -20.79
N THR E 5 38.26 41.16 -20.17
CA THR E 5 37.93 39.91 -19.50
C THR E 5 36.44 39.57 -19.64
N VAL E 6 36.11 38.27 -19.62
CA VAL E 6 34.74 37.78 -19.73
C VAL E 6 34.38 36.97 -18.49
N ILE E 7 33.33 37.39 -17.76
CA ILE E 7 32.85 36.72 -16.55
C ILE E 7 31.40 36.24 -16.73
N PRO E 8 30.96 35.11 -16.12
CA PRO E 8 29.57 34.66 -16.28
C PRO E 8 28.57 35.60 -15.60
N ASN E 9 27.34 35.68 -16.14
CA ASN E 9 26.26 36.53 -15.61
C ASN E 9 25.68 35.91 -14.33
N THR E 10 26.51 35.78 -13.28
CA THR E 10 26.13 35.19 -11.99
C THR E 10 26.45 36.17 -10.84
N VAL E 11 25.39 36.64 -10.17
CA VAL E 11 25.44 37.57 -9.05
C VAL E 11 25.81 36.84 -7.75
N GLY E 12 26.78 37.39 -7.01
CA GLY E 12 27.22 36.85 -5.73
C GLY E 12 28.48 36.01 -5.73
N VAL E 13 29.01 35.72 -6.93
CA VAL E 13 30.22 34.89 -7.08
C VAL E 13 31.43 35.79 -7.40
N PRO E 14 32.52 35.75 -6.59
CA PRO E 14 33.70 36.58 -6.91
C PRO E 14 34.62 35.88 -7.92
N TYR E 15 35.05 36.64 -8.96
CA TYR E 15 35.92 36.12 -10.01
C TYR E 15 37.25 36.89 -10.02
N LYS E 16 38.37 36.16 -10.06
CA LYS E 16 39.71 36.77 -10.07
C LYS E 16 40.37 36.69 -11.44
N THR E 17 40.96 37.81 -11.87
CA THR E 17 41.65 37.93 -13.16
C THR E 17 43.11 38.37 -12.99
N LEU E 18 44.01 37.78 -13.78
CA LEU E 18 45.44 38.11 -13.74
C LEU E 18 45.78 39.11 -14.84
N VAL E 19 46.22 40.31 -14.43
CA VAL E 19 46.61 41.40 -15.31
C VAL E 19 48.13 41.35 -15.48
N ASN E 20 48.59 40.93 -16.67
CA ASN E 20 50.02 40.82 -16.97
C ASN E 20 50.45 41.74 -18.10
N ARG E 21 50.93 42.95 -17.72
CA ARG E 21 51.44 43.95 -18.65
C ARG E 21 52.93 43.61 -18.87
N PRO E 22 53.35 43.27 -20.12
CA PRO E 22 54.76 42.90 -20.35
C PRO E 22 55.77 43.94 -19.84
N GLY E 23 56.73 43.47 -19.05
CA GLY E 23 57.77 44.30 -18.44
C GLY E 23 57.43 44.80 -17.06
N TYR E 24 56.16 44.62 -16.64
CA TYR E 24 55.63 45.06 -15.34
C TYR E 24 55.10 43.89 -14.52
N SER E 25 55.26 43.96 -13.18
CA SER E 25 54.84 42.93 -12.21
C SER E 25 53.33 42.63 -12.30
N PRO E 26 52.93 41.33 -12.27
CA PRO E 26 51.50 40.99 -12.38
C PRO E 26 50.60 41.59 -11.31
N MET E 27 49.32 41.80 -11.66
CA MET E 27 48.28 42.40 -10.82
C MET E 27 47.04 41.49 -10.82
N VAL E 28 46.43 41.27 -9.65
CA VAL E 28 45.25 40.42 -9.49
C VAL E 28 44.04 41.28 -9.08
N LEU E 29 42.97 41.23 -9.88
CA LEU E 29 41.73 41.97 -9.63
C LEU E 29 40.57 41.03 -9.32
N GLU E 30 39.86 41.31 -8.23
CA GLU E 30 38.73 40.49 -7.83
C GLU E 30 37.41 41.18 -8.11
N MET E 31 36.69 40.69 -9.11
CA MET E 31 35.40 41.26 -9.49
C MET E 31 34.24 40.41 -8.99
N GLU E 32 33.07 41.03 -8.82
CA GLU E 32 31.90 40.32 -8.35
C GLU E 32 30.62 41.12 -8.64
N LEU E 33 29.72 40.54 -9.43
CA LEU E 33 28.47 41.19 -9.78
C LEU E 33 27.61 41.43 -8.54
N LEU E 34 26.90 42.56 -8.52
CA LEU E 34 26.04 42.91 -7.40
C LEU E 34 24.57 42.82 -7.79
N SER E 35 24.26 43.26 -9.01
CA SER E 35 22.89 43.24 -9.50
C SER E 35 22.84 43.45 -11.01
N VAL E 36 21.63 43.43 -11.57
CA VAL E 36 21.45 43.62 -13.01
C VAL E 36 19.99 43.86 -13.35
N THR E 37 19.63 45.13 -13.55
CA THR E 37 18.27 45.50 -13.89
C THR E 37 18.03 45.43 -15.39
N LEU E 38 16.77 45.62 -15.79
CA LEU E 38 16.41 45.58 -17.21
C LEU E 38 15.08 46.27 -17.44
N GLU E 39 15.13 47.42 -18.12
CA GLU E 39 13.93 48.19 -18.42
C GLU E 39 13.66 48.23 -19.92
N PRO E 40 12.44 47.85 -20.31
CA PRO E 40 12.05 47.86 -21.73
C PRO E 40 10.87 48.78 -21.99
N THR E 41 10.94 49.53 -23.08
CA THR E 41 9.86 50.45 -23.44
C THR E 41 8.51 49.75 -23.44
N LEU E 42 7.44 50.52 -23.52
CA LEU E 42 6.08 49.98 -23.53
C LEU E 42 5.07 51.02 -23.96
N SER E 43 4.25 50.68 -24.95
CA SER E 43 3.22 51.58 -25.45
C SER E 43 1.85 51.22 -24.90
N LEU E 44 1.32 52.09 -24.04
CA LEU E 44 0.01 51.85 -23.44
C LEU E 44 -1.08 51.72 -24.50
N ASP E 45 -1.69 50.55 -24.57
CA ASP E 45 -2.76 50.30 -25.53
C ASP E 45 -4.05 50.88 -24.98
N TYR E 46 -4.44 50.44 -23.76
CA TYR E 46 -5.63 50.86 -23.02
C TYR E 46 -5.54 50.47 -21.54
N ILE E 47 -6.56 50.84 -20.75
CA ILE E 47 -6.69 50.49 -19.33
C ILE E 47 -8.09 49.92 -19.07
N THR E 48 -8.17 48.88 -18.23
CA THR E 48 -9.45 48.27 -17.86
C THR E 48 -9.71 48.38 -16.37
N CYS E 49 -10.99 48.53 -15.99
CA CYS E 49 -11.45 48.71 -14.61
C CYS E 49 -12.88 48.19 -14.44
N GLU E 50 -13.52 48.49 -13.31
CA GLU E 50 -14.91 48.12 -13.03
C GLU E 50 -15.80 49.08 -13.80
N TYR E 51 -16.91 48.58 -14.37
CA TYR E 51 -17.83 49.44 -15.12
C TYR E 51 -19.00 49.91 -14.24
N LYS E 52 -19.66 51.00 -14.65
CA LYS E 52 -20.81 51.56 -13.95
C LYS E 52 -22.01 51.59 -14.91
N THR E 53 -23.07 50.82 -14.57
CA THR E 53 -24.30 50.76 -15.35
C THR E 53 -25.21 51.90 -14.87
N VAL E 54 -25.11 53.05 -15.55
CA VAL E 54 -25.88 54.27 -15.23
C VAL E 54 -27.33 54.09 -15.69
N ILE E 55 -28.25 53.93 -14.72
CA ILE E 55 -29.68 53.77 -14.98
C ILE E 55 -30.52 54.90 -14.33
N PRO E 56 -31.13 55.80 -15.12
CA PRO E 56 -31.93 56.88 -14.50
C PRO E 56 -33.34 56.43 -14.10
N SER E 57 -34.18 57.36 -13.62
CA SER E 57 -35.56 57.07 -13.22
C SER E 57 -36.39 56.69 -14.45
N PRO E 58 -37.15 55.56 -14.42
CA PRO E 58 -37.93 55.17 -15.60
C PRO E 58 -39.10 56.09 -15.90
N TYR E 59 -39.26 56.47 -17.18
CA TYR E 59 -40.34 57.35 -17.61
C TYR E 59 -41.64 56.56 -17.77
N VAL E 60 -42.50 56.64 -16.75
CA VAL E 60 -43.80 55.97 -16.73
C VAL E 60 -44.85 56.91 -17.33
N LYS E 61 -45.30 56.61 -18.54
CA LYS E 61 -46.31 57.42 -19.23
C LYS E 61 -47.70 56.87 -18.96
N CYS E 62 -48.48 57.59 -18.15
CA CYS E 62 -49.85 57.20 -17.81
C CYS E 62 -50.79 57.67 -18.91
N CYS E 63 -51.64 56.74 -19.41
CA CYS E 63 -52.62 56.95 -20.48
C CYS E 63 -51.97 57.47 -21.79
N GLY E 64 -50.92 56.78 -22.22
CA GLY E 64 -50.18 57.13 -23.42
C GLY E 64 -48.99 56.26 -23.74
N THR E 65 -48.29 56.59 -24.84
CA THR E 65 -47.12 55.85 -25.34
C THR E 65 -45.85 56.71 -25.32
N ALA E 66 -44.74 56.11 -24.84
CA ALA E 66 -43.42 56.72 -24.79
C ALA E 66 -42.58 56.13 -25.94
N GLU E 67 -41.65 56.94 -26.49
CA GLU E 67 -40.81 56.49 -27.61
C GLU E 67 -39.31 56.56 -27.33
N CYS E 68 -38.57 55.51 -27.72
CA CYS E 68 -37.12 55.40 -27.54
C CYS E 68 -36.37 56.30 -28.50
N LYS E 69 -35.41 57.05 -27.97
CA LYS E 69 -34.54 57.95 -28.73
C LYS E 69 -33.15 57.30 -28.82
N ASP E 70 -32.65 57.10 -30.05
CA ASP E 70 -31.34 56.49 -30.30
C ASP E 70 -30.23 57.46 -29.86
N LYS E 71 -29.56 57.12 -28.75
CA LYS E 71 -28.49 57.94 -28.15
C LYS E 71 -27.11 57.35 -28.40
N ASN E 72 -26.12 58.21 -28.65
CA ASN E 72 -24.74 57.82 -28.89
C ASN E 72 -23.98 57.73 -27.56
N LEU E 73 -24.19 56.60 -26.86
CA LEU E 73 -23.59 56.30 -25.55
C LEU E 73 -23.07 54.86 -25.50
N PRO E 74 -21.97 54.56 -24.76
CA PRO E 74 -21.46 53.17 -24.72
C PRO E 74 -22.46 52.18 -24.12
N ASP E 75 -22.78 51.13 -24.90
CA ASP E 75 -23.74 50.06 -24.57
C ASP E 75 -25.15 50.59 -24.26
N TYR E 76 -25.59 51.63 -24.99
CA TYR E 76 -26.91 52.23 -24.82
C TYR E 76 -28.01 51.25 -25.17
N SER E 77 -28.93 51.03 -24.23
CA SER E 77 -30.05 50.12 -24.36
C SER E 77 -31.34 50.83 -23.99
N CYS E 78 -32.39 50.66 -24.82
CA CYS E 78 -33.70 51.29 -24.64
C CYS E 78 -34.82 50.33 -24.98
N LYS E 79 -35.92 50.36 -24.18
CA LYS E 79 -37.11 49.53 -24.38
C LYS E 79 -38.35 50.15 -23.75
N VAL E 80 -39.50 50.04 -24.44
CA VAL E 80 -40.79 50.55 -23.99
C VAL E 80 -41.72 49.36 -23.74
N PHE E 81 -42.27 49.26 -22.51
CA PHE E 81 -43.15 48.16 -22.11
C PHE E 81 -44.60 48.61 -22.03
N THR E 82 -45.48 47.97 -22.83
CA THR E 82 -46.91 48.26 -22.91
C THR E 82 -47.73 47.48 -21.89
N GLY E 83 -48.85 48.05 -21.46
CA GLY E 83 -49.77 47.45 -20.51
C GLY E 83 -49.24 47.33 -19.10
N VAL E 84 -48.60 48.40 -18.60
CA VAL E 84 -48.03 48.44 -17.25
C VAL E 84 -48.94 49.18 -16.27
N TYR E 85 -49.17 48.61 -15.09
CA TYR E 85 -50.00 49.22 -14.05
C TYR E 85 -49.20 49.29 -12.74
N PRO E 86 -48.28 50.28 -12.60
CA PRO E 86 -47.45 50.34 -11.39
C PRO E 86 -48.14 50.91 -10.16
N PHE E 87 -47.64 50.53 -8.97
CA PHE E 87 -48.16 50.97 -7.68
C PHE E 87 -47.11 51.70 -6.85
N MET E 88 -47.57 52.71 -6.09
CA MET E 88 -46.76 53.50 -5.17
C MET E 88 -47.33 53.41 -3.74
N TRP E 89 -46.80 54.21 -2.79
CA TRP E 89 -47.22 54.24 -1.39
C TRP E 89 -48.73 54.44 -1.18
N GLY E 90 -49.31 55.44 -1.83
CA GLY E 90 -50.72 55.79 -1.69
C GLY E 90 -51.68 55.19 -2.70
N GLY E 91 -51.19 54.25 -3.51
CA GLY E 91 -51.98 53.58 -4.53
C GLY E 91 -51.35 53.58 -5.91
N ALA E 92 -52.19 53.42 -6.95
CA ALA E 92 -51.75 53.39 -8.35
C ALA E 92 -51.27 54.76 -8.85
N TYR E 93 -50.15 54.76 -9.58
CA TYR E 93 -49.52 55.95 -10.15
C TYR E 93 -50.26 56.41 -11.42
N CYS E 94 -50.90 55.47 -12.14
CA CYS E 94 -51.63 55.75 -13.38
C CYS E 94 -53.15 55.62 -13.26
N PHE E 95 -53.89 56.33 -14.12
CA PHE E 95 -55.36 56.34 -14.18
C PHE E 95 -55.89 55.15 -15.01
N CYS E 96 -55.34 54.96 -16.22
CA CYS E 96 -55.71 53.90 -17.16
C CYS E 96 -55.29 52.51 -16.66
N ASP E 97 -56.00 51.46 -17.12
CA ASP E 97 -55.76 50.08 -16.74
C ASP E 97 -54.72 49.35 -17.60
N ALA E 98 -54.77 49.56 -18.94
CA ALA E 98 -53.88 48.91 -19.89
C ALA E 98 -53.24 49.86 -20.91
N GLU E 99 -53.63 51.14 -20.90
CA GLU E 99 -53.14 52.17 -21.83
C GLU E 99 -51.89 52.92 -21.34
N ASN E 100 -51.13 52.32 -20.41
CA ASN E 100 -49.91 52.94 -19.86
C ASN E 100 -48.64 52.27 -20.39
N THR E 101 -47.54 53.06 -20.51
CA THR E 101 -46.24 52.60 -20.99
C THR E 101 -45.11 53.01 -20.03
N GLN E 102 -43.96 52.31 -20.11
CA GLN E 102 -42.78 52.59 -19.30
C GLN E 102 -41.51 52.54 -20.17
N LEU E 103 -40.79 53.67 -20.23
CA LEU E 103 -39.54 53.79 -20.99
C LEU E 103 -38.36 53.45 -20.07
N SER E 104 -37.65 52.36 -20.39
CA SER E 104 -36.48 51.90 -19.64
C SER E 104 -35.20 52.10 -20.46
N GLU E 105 -34.44 53.15 -20.12
CA GLU E 105 -33.17 53.48 -20.80
C GLU E 105 -31.96 53.23 -19.90
N ALA E 106 -30.83 52.79 -20.51
CA ALA E 106 -29.60 52.47 -19.79
C ALA E 106 -28.36 52.61 -20.67
N HIS E 107 -27.18 52.85 -20.05
CA HIS E 107 -25.88 52.96 -20.69
C HIS E 107 -24.72 52.62 -19.72
N VAL E 108 -23.57 52.19 -20.27
CA VAL E 108 -22.39 51.80 -19.50
C VAL E 108 -21.32 52.90 -19.51
N GLU E 109 -20.83 53.25 -18.31
CA GLU E 109 -19.79 54.27 -18.09
C GLU E 109 -18.64 53.70 -17.24
N LYS E 110 -17.52 54.43 -17.16
CA LYS E 110 -16.38 54.08 -16.32
C LYS E 110 -16.76 54.41 -14.88
N SER E 111 -16.50 53.48 -13.94
CA SER E 111 -16.80 53.70 -12.52
C SER E 111 -15.86 54.75 -11.92
N GLU E 112 -16.27 55.35 -10.78
CA GLU E 112 -15.49 56.38 -10.08
C GLU E 112 -14.12 55.82 -9.60
N SER E 113 -14.06 54.49 -9.39
CA SER E 113 -12.89 53.75 -8.94
C SER E 113 -11.77 53.64 -9.99
N CYS E 114 -12.11 53.79 -11.29
CA CYS E 114 -11.16 53.67 -12.41
C CYS E 114 -9.87 54.50 -12.29
N LYS E 115 -9.90 55.60 -11.51
CA LYS E 115 -8.75 56.47 -11.26
C LYS E 115 -7.78 55.79 -10.29
N THR E 116 -8.33 54.96 -9.37
CA THR E 116 -7.59 54.22 -8.34
C THR E 116 -7.41 52.74 -8.71
N GLU E 117 -8.53 51.98 -8.82
CA GLU E 117 -8.54 50.56 -9.15
C GLU E 117 -8.62 50.33 -10.66
N PHE E 118 -7.48 50.01 -11.30
CA PHE E 118 -7.36 49.78 -12.73
C PHE E 118 -6.17 48.90 -13.11
N ALA E 119 -6.27 48.21 -14.25
CA ALA E 119 -5.21 47.36 -14.81
C ALA E 119 -4.80 47.94 -16.15
N SER E 120 -3.49 48.13 -16.37
CA SER E 120 -2.95 48.71 -17.61
C SER E 120 -2.45 47.66 -18.60
N ALA E 121 -2.89 47.80 -19.87
CA ALA E 121 -2.50 46.91 -20.96
C ALA E 121 -1.39 47.54 -21.80
N TYR E 122 -0.14 47.06 -21.59
CA TYR E 122 1.05 47.56 -22.26
C TYR E 122 1.55 46.64 -23.38
N ARG E 123 2.31 47.23 -24.32
CA ARG E 123 2.93 46.52 -25.45
C ARG E 123 4.45 46.73 -25.34
N ALA E 124 5.16 45.72 -24.83
CA ALA E 124 6.61 45.78 -24.64
C ALA E 124 7.37 45.58 -25.95
N HIS E 125 8.27 46.53 -26.28
CA HIS E 125 9.06 46.50 -27.51
C HIS E 125 10.47 45.96 -27.23
N THR E 126 11.43 46.87 -26.91
CA THR E 126 12.82 46.53 -26.62
C THR E 126 13.17 46.92 -25.17
N ALA E 127 14.23 46.33 -24.60
CA ALA E 127 14.64 46.61 -23.23
C ALA E 127 16.05 47.19 -23.13
N SER E 128 16.24 48.14 -22.18
CA SER E 128 17.52 48.78 -21.91
C SER E 128 18.06 48.31 -20.56
N ALA E 129 19.25 47.68 -20.58
CA ALA E 129 19.90 47.14 -19.38
C ALA E 129 20.76 48.19 -18.68
N SER E 130 20.77 48.15 -17.33
CA SER E 130 21.54 49.04 -16.46
C SER E 130 21.92 48.30 -15.18
N ALA E 131 23.16 48.49 -14.70
CA ALA E 131 23.65 47.79 -13.51
C ALA E 131 24.36 48.65 -12.48
N LYS E 132 25.71 46.55 -11.43
CA LYS E 132 26.45 47.03 -10.26
C LYS E 132 27.58 46.02 -10.00
N LEU E 133 28.84 46.45 -10.16
CA LEU E 133 30.02 45.60 -10.00
C LEU E 133 30.98 46.08 -8.92
N ARG E 134 31.42 45.15 -8.06
CA ARG E 134 32.38 45.39 -6.98
C ARG E 134 33.77 44.97 -7.47
N VAL E 135 34.77 45.86 -7.34
CA VAL E 135 36.15 45.61 -7.78
C VAL E 135 37.14 45.85 -6.64
N LEU E 136 38.01 44.86 -6.32
CA LEU E 136 39.04 45.00 -5.32
C LEU E 136 40.30 45.52 -6.04
N TYR E 137 40.34 46.86 -6.23
CA TYR E 137 41.41 47.57 -6.91
C TYR E 137 42.31 48.27 -5.89
N GLN E 138 43.60 47.88 -5.87
CA GLN E 138 44.66 48.39 -4.97
C GLN E 138 44.32 48.23 -3.47
N GLY E 139 43.84 47.02 -3.12
CA GLY E 139 43.46 46.66 -1.75
C GLY E 139 42.24 47.37 -1.19
N ASN E 140 41.37 47.89 -2.07
CA ASN E 140 40.15 48.61 -1.68
C ASN E 140 38.98 48.30 -2.62
N ASN E 141 37.81 48.02 -2.03
CA ASN E 141 36.59 47.71 -2.76
C ASN E 141 35.97 48.97 -3.36
N ILE E 142 35.76 48.97 -4.69
CA ILE E 142 35.15 50.08 -5.43
C ILE E 142 33.85 49.67 -6.11
N THR E 143 32.84 50.56 -6.08
CA THR E 143 31.53 50.30 -6.67
C THR E 143 31.41 50.95 -8.05
N VAL E 144 31.07 50.14 -9.06
CA VAL E 144 30.91 50.59 -10.46
C VAL E 144 29.48 50.26 -10.93
N THR E 145 28.73 51.30 -11.33
CA THR E 145 27.35 51.17 -11.83
C THR E 145 27.30 51.80 -13.22
N ALA E 146 27.07 50.96 -14.26
CA ALA E 146 27.03 51.38 -15.66
C ALA E 146 26.13 50.48 -16.53
N TYR E 147 25.72 50.99 -17.71
CA TYR E 147 24.90 50.25 -18.68
C TYR E 147 25.74 49.17 -19.35
N ALA E 148 25.17 47.95 -19.45
CA ALA E 148 25.85 46.79 -20.06
C ALA E 148 25.69 46.74 -21.60
N ASN E 149 26.00 47.87 -22.26
CA ASN E 149 25.93 48.02 -23.72
C ASN E 149 27.30 47.97 -24.41
N GLY E 150 28.36 48.14 -23.63
CA GLY E 150 29.74 48.15 -24.11
C GLY E 150 30.15 49.47 -24.72
N ASP E 151 29.52 50.57 -24.27
CA ASP E 151 29.78 51.94 -24.75
C ASP E 151 29.88 52.93 -23.59
N HIS E 152 28.99 52.81 -22.58
CA HIS E 152 28.95 53.69 -21.40
C HIS E 152 30.15 53.44 -20.48
N ALA E 153 31.12 54.37 -20.49
CA ALA E 153 32.34 54.30 -19.70
C ALA E 153 32.24 55.08 -18.38
N VAL E 154 32.69 54.46 -17.28
CA VAL E 154 32.68 55.05 -15.93
C VAL E 154 34.10 54.99 -15.35
N THR E 155 34.62 56.17 -14.92
CA THR E 155 35.96 56.29 -14.35
C THR E 155 35.92 56.33 -12.81
N VAL E 156 36.50 55.30 -12.18
CA VAL E 156 36.61 55.17 -10.72
C VAL E 156 38.09 54.95 -10.39
N LYS E 157 38.67 55.85 -9.56
CA LYS E 157 40.09 55.85 -9.16
C LYS E 157 41.05 55.87 -10.36
N ASP E 158 40.76 56.77 -11.33
CA ASP E 158 41.50 56.99 -12.58
C ASP E 158 41.54 55.77 -13.53
N ALA E 159 40.60 54.81 -13.35
CA ALA E 159 40.49 53.61 -14.17
C ALA E 159 39.16 53.58 -14.90
N LYS E 160 39.21 53.52 -16.25
CA LYS E 160 38.03 53.50 -17.12
C LYS E 160 37.43 52.09 -17.17
N PHE E 161 36.13 51.98 -16.84
CA PHE E 161 35.37 50.73 -16.83
C PHE E 161 34.31 50.70 -17.92
N ILE E 162 34.33 49.65 -18.76
CA ILE E 162 33.35 49.42 -19.83
C ILE E 162 32.71 48.04 -19.60
N VAL E 163 31.41 48.04 -19.32
CA VAL E 163 30.61 46.85 -19.03
C VAL E 163 29.75 46.48 -20.24
N GLY E 164 29.76 45.20 -20.59
CA GLY E 164 28.99 44.65 -21.71
C GLY E 164 29.71 44.68 -23.04
N PRO E 165 29.00 44.44 -24.18
CA PRO E 165 27.56 44.14 -24.33
C PRO E 165 27.17 42.73 -23.90
N MET E 166 25.93 42.57 -23.39
CA MET E 166 25.35 41.31 -22.92
C MET E 166 25.40 40.21 -23.99
N SER E 167 25.76 38.99 -23.56
CA SER E 167 25.86 37.79 -24.42
C SER E 167 24.49 37.39 -24.96
N SER E 168 23.46 37.44 -24.10
CA SER E 168 22.08 37.08 -24.45
C SER E 168 21.15 38.30 -24.38
N ALA E 169 20.10 38.58 -24.60
CA ALA E 169 19.10 39.62 -24.88
C ALA E 169 17.72 39.21 -24.34
N TRP E 170 17.67 38.10 -23.58
CA TRP E 170 16.46 37.53 -22.97
C TRP E 170 15.82 38.44 -21.93
N THR E 171 14.48 38.50 -21.94
CA THR E 171 13.64 39.26 -21.01
C THR E 171 12.48 38.35 -20.55
N PRO E 172 12.02 38.42 -19.27
CA PRO E 172 10.89 37.57 -18.85
C PRO E 172 9.54 38.01 -19.41
N PHE E 173 9.47 39.25 -19.94
CA PHE E 173 8.27 39.84 -20.52
C PHE E 173 8.09 39.46 -21.98
N ASP E 174 6.84 39.30 -22.42
CA ASP E 174 6.48 39.00 -23.81
C ASP E 174 6.22 40.33 -24.55
N ASN E 175 5.67 40.26 -25.78
CA ASN E 175 5.37 41.46 -26.58
C ASN E 175 4.10 42.19 -26.09
N LYS E 176 3.29 41.51 -25.25
CA LYS E 176 2.06 42.02 -24.66
C LYS E 176 2.03 41.71 -23.15
N ILE E 177 1.95 42.76 -22.30
CA ILE E 177 1.93 42.62 -20.84
C ILE E 177 0.77 43.38 -20.16
N VAL E 178 0.38 42.94 -18.95
CA VAL E 178 -0.69 43.55 -18.15
C VAL E 178 -0.15 43.89 -16.74
N VAL E 179 -0.31 45.16 -16.31
CA VAL E 179 0.18 45.64 -15.01
C VAL E 179 -0.95 46.09 -14.08
N TYR E 180 -1.03 45.45 -12.89
CA TYR E 180 -1.99 45.78 -11.83
C TYR E 180 -1.21 46.05 -10.54
N LYS E 181 -1.21 47.33 -10.09
CA LYS E 181 -0.51 47.81 -8.91
C LYS E 181 0.99 47.45 -8.89
N GLY E 182 1.34 46.32 -8.28
CA GLY E 182 2.72 45.85 -8.19
C GLY E 182 2.95 44.48 -8.80
N ASP E 183 1.99 44.01 -9.62
CA ASP E 183 2.07 42.70 -10.29
C ASP E 183 1.99 42.83 -11.81
N VAL E 184 2.92 42.16 -12.52
CA VAL E 184 3.01 42.15 -13.98
C VAL E 184 2.68 40.74 -14.49
N TYR E 185 1.76 40.65 -15.47
CA TYR E 185 1.31 39.39 -16.06
C TYR E 185 1.58 39.35 -17.57
N ASN E 186 2.11 38.21 -18.06
CA ASN E 186 2.36 38.00 -19.49
C ASN E 186 1.03 37.54 -20.09
N MET E 187 0.19 38.49 -20.51
CA MET E 187 -1.14 38.23 -21.04
C MET E 187 -1.31 38.60 -22.52
N ASP E 188 -2.08 37.78 -23.25
CA ASP E 188 -2.43 38.01 -24.65
C ASP E 188 -3.84 38.63 -24.67
N TYR E 189 -3.95 39.84 -24.09
CA TYR E 189 -5.17 40.63 -23.94
C TYR E 189 -5.88 40.96 -25.27
N PRO E 190 -7.23 41.14 -25.29
CA PRO E 190 -7.90 41.46 -26.57
C PRO E 190 -7.57 42.87 -27.06
N PRO E 191 -7.48 43.09 -28.39
CA PRO E 191 -7.15 44.45 -28.89
C PRO E 191 -8.21 45.50 -28.58
N PHE E 192 -7.83 46.79 -28.70
CA PHE E 192 -8.70 47.94 -28.43
C PHE E 192 -9.91 47.96 -29.36
N GLY E 193 -11.10 47.89 -28.77
CA GLY E 193 -12.37 47.87 -29.47
C GLY E 193 -12.81 46.48 -29.89
N ALA E 194 -12.27 45.43 -29.23
CA ALA E 194 -12.57 44.03 -29.53
C ALA E 194 -12.78 43.17 -28.26
N GLY E 195 -13.12 43.82 -27.15
CA GLY E 195 -13.37 43.16 -25.88
C GLY E 195 -14.68 42.42 -25.83
N ARG E 196 -14.73 41.31 -25.09
CA ARG E 196 -15.91 40.45 -24.95
C ARG E 196 -16.58 40.59 -23.56
N PRO E 197 -17.92 40.40 -23.45
CA PRO E 197 -18.57 40.53 -22.11
C PRO E 197 -18.17 39.45 -21.11
N GLY E 198 -17.97 39.86 -19.87
CA GLY E 198 -17.58 38.99 -18.76
C GLY E 198 -16.10 38.66 -18.69
N GLN E 199 -15.35 39.01 -19.75
CA GLN E 199 -13.91 38.76 -19.86
C GLN E 199 -13.09 40.04 -19.64
N PHE E 200 -11.76 39.88 -19.48
CA PHE E 200 -10.80 40.97 -19.30
C PHE E 200 -10.81 41.83 -20.57
N GLY E 201 -11.32 43.04 -20.44
CA GLY E 201 -11.43 43.99 -21.55
C GLY E 201 -12.84 44.28 -21.99
N ASP E 202 -13.85 43.93 -21.15
CA ASP E 202 -15.28 44.18 -21.41
C ASP E 202 -15.58 45.68 -21.47
N ILE E 203 -14.74 46.48 -20.77
CA ILE E 203 -14.74 47.94 -20.74
C ILE E 203 -13.30 48.42 -21.00
N GLN E 204 -13.10 49.14 -22.11
CA GLN E 204 -11.78 49.63 -22.53
C GLN E 204 -11.73 51.15 -22.66
N SER E 205 -10.76 51.77 -21.97
CA SER E 205 -10.52 53.21 -21.98
C SER E 205 -9.04 53.50 -22.17
N ARG E 206 -8.71 54.61 -22.83
CA ARG E 206 -7.33 55.02 -23.13
C ARG E 206 -6.50 55.30 -21.87
N THR E 207 -7.01 56.13 -20.94
CA THR E 207 -6.36 56.50 -19.68
C THR E 207 -7.38 56.51 -18.52
N PRO E 208 -6.97 56.40 -17.22
CA PRO E 208 -7.95 56.45 -16.13
C PRO E 208 -8.78 57.74 -16.03
N GLU E 209 -8.35 58.81 -16.74
CA GLU E 209 -9.02 60.11 -16.76
C GLU E 209 -9.67 60.42 -18.13
N SER E 210 -9.59 59.46 -19.09
CA SER E 210 -10.13 59.59 -20.46
C SER E 210 -11.64 59.85 -20.51
N LYS E 211 -12.08 60.55 -21.57
CA LYS E 211 -13.48 60.93 -21.79
C LYS E 211 -14.29 59.82 -22.46
N ASP E 212 -13.84 59.34 -23.65
CA ASP E 212 -14.53 58.29 -24.42
C ASP E 212 -14.12 56.89 -23.99
N VAL E 213 -15.11 55.97 -23.89
CA VAL E 213 -14.91 54.59 -23.47
C VAL E 213 -15.57 53.56 -24.41
N TYR E 214 -15.01 52.34 -24.47
CA TYR E 214 -15.52 51.22 -25.24
C TYR E 214 -16.23 50.28 -24.26
N ALA E 215 -17.44 49.81 -24.59
CA ALA E 215 -18.21 48.93 -23.72
C ALA E 215 -18.96 47.82 -24.45
N ASN E 216 -18.68 46.56 -24.05
CA ASN E 216 -19.33 45.35 -24.53
C ASN E 216 -19.60 44.50 -23.30
N THR E 217 -20.80 44.65 -22.72
CA THR E 217 -21.21 43.99 -21.49
C THR E 217 -22.46 43.09 -21.64
N GLN E 218 -23.10 43.12 -22.83
CA GLN E 218 -24.33 42.38 -23.18
C GLN E 218 -25.47 42.76 -22.21
N LEU E 219 -25.86 44.04 -22.26
CA LEU E 219 -26.91 44.64 -21.42
C LEU E 219 -28.25 44.60 -22.15
N VAL E 220 -29.26 43.94 -21.54
CA VAL E 220 -30.62 43.80 -22.06
C VAL E 220 -31.63 44.14 -20.95
N LEU E 221 -32.61 45.02 -21.24
CA LEU E 221 -33.65 45.39 -20.27
C LEU E 221 -34.72 44.32 -20.21
N GLN E 222 -35.31 44.13 -19.01
CA GLN E 222 -36.38 43.16 -18.76
C GLN E 222 -37.66 43.89 -18.38
N ARG E 223 -38.83 43.22 -18.52
CA ARG E 223 -40.13 43.79 -18.17
C ARG E 223 -40.27 43.88 -16.63
N PRO E 224 -40.71 45.04 -16.06
CA PRO E 224 -40.82 45.13 -14.60
C PRO E 224 -41.93 44.26 -14.00
N ALA E 225 -41.79 43.94 -12.69
CA ALA E 225 -42.74 43.12 -11.93
C ALA E 225 -44.11 43.81 -11.79
N ALA E 226 -45.17 43.01 -11.56
CA ALA E 226 -46.55 43.48 -11.42
C ALA E 226 -46.71 44.52 -10.30
N GLY E 227 -47.12 45.73 -10.70
CA GLY E 227 -47.31 46.87 -9.83
C GLY E 227 -46.05 47.36 -9.15
N THR E 228 -44.92 47.28 -9.87
CA THR E 228 -43.60 47.65 -9.36
C THR E 228 -42.87 48.62 -10.29
N VAL E 229 -42.26 49.66 -9.70
CA VAL E 229 -41.45 50.64 -10.43
C VAL E 229 -39.98 50.30 -10.16
N HIS E 230 -39.31 49.73 -11.17
CA HIS E 230 -37.90 49.34 -11.16
C HIS E 230 -37.43 49.05 -12.59
N VAL E 231 -36.09 49.04 -12.80
CA VAL E 231 -35.51 48.77 -14.11
C VAL E 231 -34.75 47.42 -14.07
N PRO E 232 -35.43 46.27 -14.28
CA PRO E 232 -34.71 44.98 -14.25
C PRO E 232 -33.90 44.78 -15.53
N TYR E 233 -32.69 44.21 -15.39
CA TYR E 233 -31.81 43.99 -16.55
C TYR E 233 -30.94 42.73 -16.43
N SER E 234 -30.52 42.21 -17.61
CA SER E 234 -29.62 41.06 -17.72
C SER E 234 -28.31 41.56 -18.32
N GLN E 235 -27.22 41.44 -17.55
CA GLN E 235 -25.89 41.91 -17.95
C GLN E 235 -24.80 40.99 -17.41
N ALA E 236 -23.76 40.72 -18.23
CA ALA E 236 -22.62 39.88 -17.85
C ALA E 236 -21.79 40.59 -16.77
N PRO E 237 -21.43 39.91 -15.65
CA PRO E 237 -20.66 40.60 -14.58
C PRO E 237 -19.29 41.12 -15.01
N SER E 238 -18.76 42.10 -14.25
CA SER E 238 -17.47 42.77 -14.48
C SER E 238 -16.31 41.82 -14.74
N GLY E 239 -15.74 41.92 -15.94
CA GLY E 239 -14.61 41.13 -16.39
C GLY E 239 -13.35 41.40 -15.61
N PHE E 240 -13.16 42.66 -15.17
CA PHE E 240 -12.03 43.12 -14.37
C PHE E 240 -12.08 42.52 -12.97
N LYS E 241 -13.30 42.52 -12.35
CA LYS E 241 -13.53 41.96 -11.01
C LYS E 241 -13.34 40.44 -11.02
N TYR E 242 -13.73 39.77 -12.12
CA TYR E 242 -13.57 38.33 -12.31
C TYR E 242 -12.10 37.98 -12.50
N TRP E 243 -11.36 38.79 -13.31
CA TRP E 243 -9.92 38.59 -13.57
C TRP E 243 -9.09 38.74 -12.30
N LEU E 244 -9.45 39.73 -11.45
CA LEU E 244 -8.79 40.01 -10.16
C LEU E 244 -8.80 38.79 -9.22
N LYS E 245 -9.77 37.88 -9.43
CA LYS E 245 -9.94 36.64 -8.67
C LYS E 245 -9.27 35.45 -9.40
N GLU E 246 -9.39 35.40 -10.75
CA GLU E 246 -8.84 34.30 -11.57
C GLU E 246 -7.68 34.73 -12.49
N ARG E 247 -6.60 35.28 -11.90
CA ARG E 247 -5.40 35.72 -12.64
C ARG E 247 -4.18 34.83 -12.38
N GLY E 248 -4.11 34.26 -11.18
CA GLY E 248 -3.02 33.41 -10.76
C GLY E 248 -1.80 34.17 -10.30
N ALA E 249 -0.63 33.53 -10.35
CA ALA E 249 0.64 34.13 -9.93
C ALA E 249 1.23 35.01 -11.03
N SER E 250 1.83 36.15 -10.62
CA SER E 250 2.47 37.10 -11.52
C SER E 250 3.86 36.64 -11.93
N LEU E 251 4.54 37.42 -12.82
CA LEU E 251 5.90 37.12 -13.30
C LEU E 251 6.92 37.03 -12.17
N GLN E 252 6.74 37.82 -11.09
CA GLN E 252 7.56 37.85 -9.87
C GLN E 252 7.75 36.43 -9.28
N HIS E 253 6.72 35.57 -9.40
CA HIS E 253 6.71 34.20 -8.88
C HIS E 253 6.92 33.12 -9.97
N THR E 254 6.51 33.39 -11.23
CA THR E 254 6.59 32.40 -12.32
C THR E 254 7.78 32.51 -13.29
N ALA E 255 8.46 33.68 -13.35
CA ALA E 255 9.58 33.91 -14.26
C ALA E 255 10.83 33.06 -14.00
N PRO E 256 11.53 32.57 -15.05
CA PRO E 256 12.75 31.79 -14.81
C PRO E 256 13.97 32.66 -14.44
N PHE E 257 15.11 32.01 -14.13
CA PHE E 257 16.40 32.61 -13.74
C PHE E 257 16.35 33.46 -12.45
N GLY E 258 15.33 33.23 -11.63
CA GLY E 258 15.11 33.91 -10.35
C GLY E 258 14.84 35.40 -10.48
N CYS E 259 14.10 35.80 -11.53
CA CYS E 259 13.76 37.19 -11.82
C CYS E 259 12.86 37.82 -10.75
N GLN E 260 13.20 39.06 -10.36
CA GLN E 260 12.43 39.86 -9.39
C GLN E 260 11.76 40.98 -10.19
N ILE E 261 10.43 41.04 -10.17
CA ILE E 261 9.67 42.04 -10.93
C ILE E 261 9.27 43.25 -10.08
N ALA E 262 9.71 44.44 -10.51
CA ALA E 262 9.44 45.73 -9.86
C ALA E 262 8.48 46.56 -10.73
N THR E 263 7.83 47.56 -10.12
CA THR E 263 6.87 48.42 -10.80
C THR E 263 7.19 49.93 -10.68
N ASN E 264 6.55 50.75 -11.53
CA ASN E 264 6.67 52.20 -11.61
C ASN E 264 8.14 52.74 -11.66
N PRO E 265 8.83 52.52 -12.78
CA PRO E 265 8.24 51.82 -13.91
C PRO E 265 8.56 50.33 -13.90
N VAL E 266 7.76 49.54 -14.61
CA VAL E 266 7.97 48.10 -14.67
C VAL E 266 9.36 47.76 -15.21
N ARG E 267 9.98 46.74 -14.63
CA ARG E 267 11.31 46.32 -15.06
C ARG E 267 11.75 45.06 -14.31
N ALA E 268 12.64 44.30 -14.93
CA ALA E 268 13.14 43.06 -14.33
C ALA E 268 14.46 43.30 -13.60
N VAL E 269 14.53 42.87 -12.35
CA VAL E 269 15.74 43.04 -11.54
C VAL E 269 16.35 41.69 -11.20
N ASN E 270 17.69 41.65 -11.16
CA ASN E 270 18.41 40.42 -10.85
C ASN E 270 17.99 39.25 -11.72
N CYS E 271 18.74 39.01 -12.79
CA CYS E 271 18.45 37.92 -13.71
C CYS E 271 19.73 37.29 -14.25
N ALA E 272 19.95 36.04 -13.88
CA ALA E 272 21.14 35.32 -14.33
C ALA E 272 20.91 34.63 -15.66
N VAL E 273 21.90 34.67 -16.54
CA VAL E 273 21.80 34.04 -17.85
C VAL E 273 22.85 34.60 -18.80
N GLY E 274 23.68 33.71 -19.34
CA GLY E 274 24.73 34.11 -20.27
C GLY E 274 25.90 34.76 -19.57
N ASN E 275 26.87 35.22 -20.36
CA ASN E 275 28.04 35.89 -19.81
C ASN E 275 27.99 37.40 -19.99
N MET E 276 29.11 38.06 -19.74
CA MET E 276 29.21 39.52 -19.87
C MET E 276 30.65 39.99 -19.84
N PRO E 277 31.07 40.67 -20.91
CA PRO E 277 32.44 41.18 -21.01
C PRO E 277 32.63 42.44 -20.16
N ILE E 278 33.87 42.73 -19.80
CA ILE E 278 34.18 43.91 -19.00
C ILE E 278 35.59 44.41 -19.27
N SER E 279 35.69 45.62 -19.83
CA SER E 279 36.97 46.22 -20.13
C SER E 279 37.37 47.25 -19.09
N ILE E 280 38.63 47.23 -18.68
CA ILE E 280 39.13 48.16 -17.68
C ILE E 280 40.49 48.73 -18.07
N ASP E 281 40.56 50.05 -18.22
CA ASP E 281 41.79 50.72 -18.60
C ASP E 281 42.57 51.17 -17.37
N ILE E 282 43.36 50.28 -16.80
CA ILE E 282 44.15 50.59 -15.62
C ILE E 282 45.30 51.55 -15.95
N PRO E 283 45.43 52.59 -15.15
CA PRO E 283 46.48 53.60 -15.37
C PRO E 283 47.88 53.00 -15.21
N GLU E 284 48.87 53.65 -15.79
CA GLU E 284 50.24 53.16 -15.72
C GLU E 284 50.87 53.50 -14.36
N ALA E 285 50.19 54.33 -13.59
CA ALA E 285 50.67 54.73 -12.27
C ALA E 285 50.45 53.62 -11.25
N ALA E 286 49.64 52.64 -11.61
CA ALA E 286 49.35 51.52 -10.71
C ALA E 286 50.15 50.29 -11.10
N PHE E 287 51.10 50.46 -12.02
CA PHE E 287 51.94 49.36 -12.47
C PHE E 287 53.36 49.51 -11.95
N THR E 288 54.02 48.37 -11.72
CA THR E 288 55.39 48.37 -11.22
C THR E 288 56.28 47.44 -12.05
N ARG E 289 57.36 47.98 -12.58
CA ARG E 289 58.29 47.21 -13.39
C ARG E 289 58.73 45.93 -12.66
N VAL E 290 59.04 44.90 -13.43
CA VAL E 290 59.46 43.62 -12.87
C VAL E 290 60.78 43.77 -12.12
N VAL E 291 61.75 44.42 -12.75
CA VAL E 291 63.06 44.62 -12.14
C VAL E 291 62.93 45.27 -10.77
N ASP E 292 62.00 46.21 -10.64
CA ASP E 292 61.77 46.90 -9.38
C ASP E 292 60.84 46.11 -8.48
N ALA E 293 60.25 45.05 -9.02
CA ALA E 293 59.34 44.21 -8.26
C ALA E 293 60.07 43.05 -7.60
N PRO E 294 59.33 42.21 -6.89
CA PRO E 294 59.91 41.05 -6.21
C PRO E 294 59.76 39.77 -7.03
N SER E 295 60.87 39.15 -7.39
CA SER E 295 60.85 37.92 -8.17
C SER E 295 60.68 36.70 -7.27
N LEU E 296 60.20 35.60 -7.86
CA LEU E 296 60.00 34.36 -7.11
C LEU E 296 60.82 33.22 -7.70
N THR E 297 61.50 32.48 -6.84
CA THR E 297 62.32 31.35 -7.26
C THR E 297 62.15 30.16 -6.32
N ASP E 298 62.82 29.06 -6.65
CA ASP E 298 62.74 27.85 -5.84
C ASP E 298 61.37 27.72 -5.18
N MET E 299 60.42 27.15 -5.90
CA MET E 299 59.06 26.97 -5.37
C MET E 299 58.62 25.52 -5.27
N SER E 300 58.06 25.15 -4.11
CA SER E 300 57.54 23.81 -3.81
C SER E 300 56.17 23.95 -3.15
N CYS E 301 55.23 23.05 -3.52
CA CYS E 301 53.86 23.07 -3.00
C CYS E 301 53.49 21.78 -2.29
N GLU E 302 53.12 21.90 -0.99
CA GLU E 302 52.72 20.78 -0.13
C GLU E 302 51.29 21.01 0.36
N VAL E 303 50.44 19.97 0.22
CA VAL E 303 49.03 20.01 0.64
C VAL E 303 48.83 19.09 1.87
N PRO E 304 48.89 19.63 3.11
CA PRO E 304 48.72 18.77 4.29
C PRO E 304 47.28 18.33 4.56
N ALA E 305 46.27 19.08 4.04
CA ALA E 305 44.86 18.78 4.25
C ALA E 305 43.98 19.24 3.08
N CYS E 306 43.10 18.34 2.59
CA CYS E 306 42.14 18.62 1.53
C CYS E 306 40.87 17.78 1.60
N THR E 307 39.72 18.46 1.50
CA THR E 307 38.37 17.87 1.51
C THR E 307 37.59 18.58 0.40
N HIS E 308 37.31 17.85 -0.71
CA HIS E 308 36.58 18.42 -1.85
C HIS E 308 35.11 18.73 -1.55
N SER E 309 34.81 20.04 -1.38
CA SER E 309 33.48 20.55 -1.05
C SER E 309 33.19 21.89 -1.75
N SER E 310 32.00 22.47 -1.49
CA SER E 310 31.55 23.75 -2.04
C SER E 310 32.39 24.92 -1.51
N ASP E 311 32.83 24.82 -0.24
CA ASP E 311 33.67 25.84 0.42
C ASP E 311 35.16 25.46 0.33
N PHE E 312 36.05 26.33 0.84
CA PHE E 312 37.49 26.13 0.83
C PHE E 312 37.90 25.04 1.85
N GLY E 313 37.81 23.79 1.42
CA GLY E 313 38.15 22.62 2.24
C GLY E 313 39.57 22.12 2.08
N GLY E 314 40.40 22.91 1.40
CA GLY E 314 41.81 22.58 1.16
C GLY E 314 42.77 23.62 1.68
N VAL E 315 43.90 23.15 2.27
CA VAL E 315 44.96 23.99 2.83
C VAL E 315 46.26 23.68 2.07
N ALA E 316 46.97 24.71 1.58
CA ALA E 316 48.21 24.55 0.84
C ALA E 316 49.33 25.47 1.34
N ILE E 317 50.54 24.89 1.52
CA ILE E 317 51.73 25.63 1.96
C ILE E 317 52.73 25.70 0.79
N ILE E 318 53.07 26.93 0.36
CA ILE E 318 53.99 27.17 -0.76
C ILE E 318 55.28 27.84 -0.27
N LYS E 319 56.42 27.18 -0.50
CA LYS E 319 57.76 27.67 -0.13
C LYS E 319 58.31 28.49 -1.29
N TYR E 320 59.08 29.56 -0.99
CA TYR E 320 59.62 30.45 -2.02
C TYR E 320 60.95 31.13 -1.66
N ALA E 321 61.57 31.80 -2.66
CA ALA E 321 62.79 32.59 -2.54
C ALA E 321 62.57 33.90 -3.30
N ALA E 322 62.22 34.97 -2.55
CA ALA E 322 61.91 36.30 -3.08
C ALA E 322 63.12 37.23 -3.16
N SER E 323 63.12 38.13 -4.16
CA SER E 323 64.17 39.11 -4.38
C SER E 323 64.09 40.30 -3.42
N LYS E 324 62.86 40.76 -3.11
CA LYS E 324 62.60 41.91 -2.22
C LYS E 324 61.22 41.87 -1.55
N LYS E 325 60.98 42.77 -0.57
CA LYS E 325 59.72 42.92 0.15
C LYS E 325 58.70 43.64 -0.73
N GLY E 326 57.54 43.01 -0.94
CA GLY E 326 56.45 43.56 -1.75
C GLY E 326 55.23 42.66 -1.80
N LYS E 327 54.14 43.18 -2.40
CA LYS E 327 52.88 42.45 -2.55
C LYS E 327 52.82 41.67 -3.87
N CYS E 328 52.43 40.40 -3.79
CA CYS E 328 52.32 39.50 -4.94
C CYS E 328 50.92 38.88 -5.04
N ALA E 329 50.36 38.85 -6.25
CA ALA E 329 49.02 38.31 -6.52
C ALA E 329 49.02 36.78 -6.57
N VAL E 330 47.98 36.16 -5.99
CA VAL E 330 47.81 34.70 -5.95
C VAL E 330 46.56 34.34 -6.78
N HIS E 331 46.75 33.45 -7.76
CA HIS E 331 45.66 33.00 -8.64
C HIS E 331 45.90 31.58 -9.15
N SER E 332 44.84 30.77 -9.21
CA SER E 332 44.88 29.40 -9.70
C SER E 332 44.77 29.40 -11.22
N MET E 333 45.75 28.78 -11.90
CA MET E 333 45.79 28.66 -13.36
C MET E 333 44.92 27.50 -13.88
N THR E 334 44.27 26.78 -12.95
CA THR E 334 43.37 25.66 -13.22
C THR E 334 41.94 26.13 -12.94
N ASN E 335 41.02 25.89 -13.90
CA ASN E 335 39.62 26.30 -13.80
C ASN E 335 38.77 25.49 -12.82
N ALA E 336 39.32 24.38 -12.29
CA ALA E 336 38.64 23.50 -11.33
C ALA E 336 38.88 23.90 -9.88
N VAL E 337 40.02 24.58 -9.61
CA VAL E 337 40.45 25.01 -8.26
C VAL E 337 40.35 26.54 -8.14
N THR E 338 39.86 27.05 -6.98
CA THR E 338 39.71 28.47 -6.70
C THR E 338 40.39 28.83 -5.36
N ILE E 339 41.21 29.89 -5.35
CA ILE E 339 41.95 30.36 -4.16
C ILE E 339 41.19 31.50 -3.47
N ARG E 340 41.14 31.47 -2.13
CA ARG E 340 40.47 32.48 -1.29
C ARG E 340 41.29 33.78 -1.23
N GLU E 341 42.63 33.66 -1.23
CA GLU E 341 43.57 34.79 -1.15
C GLU E 341 43.77 35.45 -2.51
N ALA E 342 43.61 36.79 -2.56
CA ALA E 342 43.78 37.58 -3.78
C ALA E 342 45.21 38.12 -3.89
N GLU E 343 45.80 38.55 -2.74
CA GLU E 343 47.17 39.06 -2.65
C GLU E 343 47.78 38.86 -1.27
N ILE E 344 49.09 38.53 -1.24
CA ILE E 344 49.86 38.29 -0.01
C ILE E 344 51.20 39.06 -0.01
N GLU E 345 51.89 39.06 1.14
CA GLU E 345 53.18 39.74 1.31
C GLU E 345 54.36 38.76 1.30
N VAL E 346 55.40 39.07 0.50
CA VAL E 346 56.62 38.27 0.37
C VAL E 346 57.86 39.04 0.85
N GLU E 347 58.95 38.34 1.20
CA GLU E 347 60.19 38.97 1.68
C GLU E 347 61.47 38.38 1.08
N GLY E 348 61.72 37.10 1.35
CA GLY E 348 62.89 36.40 0.85
C GLY E 348 62.72 34.90 0.91
N ASN E 349 63.47 34.23 1.80
CA ASN E 349 63.39 32.79 2.02
C ASN E 349 62.32 32.54 3.09
N SER E 350 61.07 32.31 2.65
CA SER E 350 59.92 32.07 3.53
C SER E 350 58.85 31.16 2.91
N GLN E 351 57.67 31.08 3.56
CA GLN E 351 56.52 30.27 3.12
C GLN E 351 55.19 31.04 3.23
N LEU E 352 54.11 30.47 2.65
CA LEU E 352 52.76 31.06 2.67
C LEU E 352 51.66 29.99 2.73
N GLN E 353 50.62 30.23 3.54
CA GLN E 353 49.49 29.31 3.69
C GLN E 353 48.26 29.86 2.96
N ILE E 354 47.69 29.06 2.04
CA ILE E 354 46.52 29.44 1.23
C ILE E 354 45.37 28.44 1.35
N SER E 355 44.12 28.95 1.33
CA SER E 355 42.90 28.17 1.38
C SER E 355 42.35 27.99 -0.04
N PHE E 356 42.01 26.75 -0.43
CA PHE E 356 41.50 26.46 -1.77
C PHE E 356 40.26 25.56 -1.80
N SER E 357 39.40 25.76 -2.81
CA SER E 357 38.17 24.98 -3.03
C SER E 357 38.22 24.25 -4.36
N THR E 358 37.88 22.94 -4.34
CA THR E 358 37.87 22.06 -5.51
C THR E 358 36.77 20.98 -5.41
N ALA E 359 36.43 20.34 -6.55
CA ALA E 359 35.42 19.29 -6.62
C ALA E 359 36.04 17.92 -6.86
N LEU E 360 37.17 17.88 -7.59
CA LEU E 360 37.91 16.66 -7.95
C LEU E 360 38.57 16.00 -6.74
N ALA E 361 38.66 14.65 -6.76
CA ALA E 361 39.30 13.85 -5.72
C ALA E 361 40.82 13.94 -5.87
N SER E 362 41.31 13.77 -7.11
CA SER E 362 42.73 13.89 -7.46
C SER E 362 42.89 15.24 -8.14
N ALA E 363 43.50 16.20 -7.43
CA ALA E 363 43.69 17.56 -7.94
C ALA E 363 45.15 17.97 -8.16
N GLU E 364 45.53 18.12 -9.43
CA GLU E 364 46.84 18.57 -9.87
C GLU E 364 46.62 19.95 -10.47
N PHE E 365 47.00 21.01 -9.73
CA PHE E 365 46.76 22.40 -10.13
C PHE E 365 47.98 23.31 -10.01
N ARG E 366 48.05 24.31 -10.91
CA ARG E 366 49.13 25.30 -10.96
C ARG E 366 48.69 26.61 -10.32
N VAL E 367 49.48 27.11 -9.35
CA VAL E 367 49.20 28.36 -8.64
C VAL E 367 50.21 29.43 -9.08
N GLN E 368 49.70 30.55 -9.62
CA GLN E 368 50.54 31.65 -10.09
C GLN E 368 50.72 32.70 -8.99
N VAL E 369 51.86 32.62 -8.29
CA VAL E 369 52.22 33.57 -7.25
C VAL E 369 53.11 34.62 -7.90
N CYS E 370 52.65 35.88 -7.91
CA CYS E 370 53.29 37.04 -8.56
C CYS E 370 53.32 36.83 -10.08
N SER E 371 54.48 36.41 -10.64
CA SER E 371 54.66 36.16 -12.08
C SER E 371 55.21 34.75 -12.37
N THR E 372 55.53 33.98 -11.32
CA THR E 372 56.07 32.62 -11.42
C THR E 372 55.03 31.58 -10.98
N GLN E 373 54.98 30.42 -11.67
CA GLN E 373 54.03 29.34 -11.39
C GLN E 373 54.64 28.17 -10.61
N VAL E 374 53.80 27.50 -9.79
CA VAL E 374 54.16 26.33 -8.97
C VAL E 374 53.10 25.22 -9.07
N HIS E 375 53.54 23.95 -9.21
CA HIS E 375 52.65 22.78 -9.31
C HIS E 375 52.28 22.24 -7.93
N CYS E 376 50.97 22.08 -7.67
CA CYS E 376 50.45 21.56 -6.41
C CYS E 376 49.80 20.19 -6.60
N ALA E 377 50.22 19.21 -5.78
CA ALA E 377 49.71 17.85 -5.78
C ALA E 377 48.82 17.64 -4.56
N ALA E 378 47.54 17.30 -4.79
CA ALA E 378 46.56 17.09 -3.72
C ALA E 378 45.64 15.90 -3.96
N GLU E 379 45.38 15.13 -2.89
CA GLU E 379 44.49 13.96 -2.90
C GLU E 379 43.36 14.26 -1.91
N CYS E 380 42.37 15.05 -2.37
CA CYS E 380 41.22 15.49 -1.58
C CYS E 380 40.23 14.36 -1.30
N HIS E 381 39.59 14.42 -0.11
CA HIS E 381 38.64 13.40 0.37
C HIS E 381 37.17 13.87 0.38
N PRO E 382 36.17 12.96 0.33
CA PRO E 382 34.77 13.41 0.29
C PRO E 382 34.26 14.02 1.61
N PRO E 383 33.31 14.99 1.56
CA PRO E 383 32.80 15.58 2.81
C PRO E 383 31.70 14.74 3.45
N LYS E 384 31.37 15.06 4.73
CA LYS E 384 30.35 14.34 5.50
C LYS E 384 28.92 14.59 5.00
N ASP E 385 28.64 15.78 4.44
CA ASP E 385 27.31 16.16 3.94
C ASP E 385 27.20 16.05 2.43
N HIS E 386 26.09 15.49 1.94
CA HIS E 386 25.78 15.32 0.53
C HIS E 386 25.10 16.57 -0.06
N ILE E 387 24.31 17.28 0.77
CA ILE E 387 23.60 18.49 0.40
C ILE E 387 24.13 19.68 1.22
N VAL E 388 24.46 20.78 0.54
CA VAL E 388 25.00 22.01 1.13
C VAL E 388 23.97 23.18 1.10
N ASN E 389 24.14 24.18 1.98
CA ASN E 389 23.24 25.33 2.09
C ASN E 389 23.74 26.64 1.42
N TYR E 390 24.80 26.54 0.57
CA TYR E 390 25.38 27.68 -0.15
C TYR E 390 25.90 27.28 -1.55
N PRO E 391 25.70 28.15 -2.60
CA PRO E 391 26.16 27.79 -3.94
C PRO E 391 27.67 27.98 -4.15
N ALA E 392 28.23 27.27 -5.16
CA ALA E 392 29.65 27.32 -5.51
C ALA E 392 29.87 27.30 -7.02
N SER E 393 31.11 27.58 -7.46
CA SER E 393 31.53 27.59 -8.87
C SER E 393 31.59 26.17 -9.45
N ASN F 1 -25.06 74.97 2.72
CA ASN F 1 -25.77 73.91 3.38
C ASN F 1 -26.61 73.28 2.35
N VAL F 2 -26.01 72.33 1.68
CA VAL F 2 -26.65 71.65 0.54
C VAL F 2 -27.96 70.97 0.96
N TYR F 3 -28.16 70.79 2.27
CA TYR F 3 -29.33 70.15 2.87
C TYR F 3 -30.57 71.06 2.97
N LYS F 4 -30.46 72.29 2.44
CA LYS F 4 -31.56 73.27 2.38
C LYS F 4 -32.58 72.80 1.33
N ALA F 5 -32.10 72.41 0.16
CA ALA F 5 -32.97 71.95 -0.91
C ALA F 5 -33.19 70.44 -0.83
N THR F 6 -32.31 69.76 -0.13
CA THR F 6 -32.39 68.31 0.03
C THR F 6 -33.44 67.93 1.08
N ARG F 7 -33.88 66.69 1.05
CA ARG F 7 -34.88 66.20 1.99
C ARG F 7 -34.96 64.67 1.97
N PRO F 8 -35.80 64.12 2.84
CA PRO F 8 -35.97 62.68 2.92
C PRO F 8 -37.17 62.20 2.10
N TYR F 9 -37.45 60.90 2.17
CA TYR F 9 -38.57 60.32 1.42
C TYR F 9 -38.83 58.87 1.84
N LEU F 10 -39.60 58.16 1.03
CA LEU F 10 -39.91 56.76 1.31
C LEU F 10 -39.75 55.90 0.06
N ALA F 11 -39.66 54.59 0.26
CA ALA F 11 -39.50 53.66 -0.86
C ALA F 11 -40.15 52.32 -0.54
N HIS F 12 -39.95 51.35 -1.42
CA HIS F 12 -40.52 50.01 -1.24
C HIS F 12 -39.44 49.00 -0.83
N CYS F 13 -39.87 47.95 -0.15
CA CYS F 13 -38.94 46.91 0.29
C CYS F 13 -39.45 45.52 -0.10
N PRO F 14 -38.51 44.63 -0.42
CA PRO F 14 -38.86 43.26 -0.82
C PRO F 14 -38.97 42.33 0.38
N ASP F 15 -38.57 42.81 1.55
CA ASP F 15 -38.62 42.02 2.78
C ASP F 15 -38.57 42.90 4.01
N CYS F 16 -39.74 43.19 4.57
CA CYS F 16 -39.84 44.03 5.76
C CYS F 16 -39.77 43.18 7.03
N GLY F 17 -39.94 41.87 6.86
CA GLY F 17 -39.91 40.95 8.00
C GLY F 17 -40.76 39.73 7.72
N GLU F 18 -40.19 38.53 7.97
CA GLU F 18 -40.83 37.22 7.75
C GLU F 18 -41.19 36.94 6.27
N GLY F 19 -40.41 37.52 5.35
CA GLY F 19 -40.56 37.35 3.91
C GLY F 19 -41.67 38.14 3.26
N HIS F 20 -42.28 39.10 3.99
CA HIS F 20 -43.37 39.93 3.48
C HIS F 20 -42.88 41.28 2.96
N SER F 21 -43.25 41.62 1.71
CA SER F 21 -42.87 42.88 1.07
C SER F 21 -43.82 44.01 1.45
N CYS F 22 -43.26 45.22 1.69
CA CYS F 22 -44.02 46.42 2.08
C CYS F 22 -43.30 47.74 1.68
N HIS F 23 -43.90 48.88 2.04
CA HIS F 23 -43.34 50.22 1.82
C HIS F 23 -42.60 50.58 3.12
N SER F 24 -41.27 50.40 3.12
CA SER F 24 -40.44 50.60 4.31
C SER F 24 -39.72 51.95 4.34
N PRO F 25 -39.67 52.64 5.52
CA PRO F 25 -38.93 53.92 5.57
C PRO F 25 -37.40 53.72 5.66
N VAL F 26 -36.97 52.46 5.84
CA VAL F 26 -35.58 52.02 5.94
C VAL F 26 -35.21 51.16 4.69
N ALA F 27 -35.87 51.46 3.53
CA ALA F 27 -35.68 50.77 2.25
C ALA F 27 -34.27 50.88 1.70
N LEU F 28 -33.71 49.75 1.25
CA LEU F 28 -32.37 49.65 0.69
C LEU F 28 -32.33 50.07 -0.77
N GLU F 29 -31.34 50.89 -1.14
CA GLU F 29 -31.17 51.40 -2.49
C GLU F 29 -29.99 50.76 -3.22
N ARG F 30 -28.76 51.09 -2.78
CA ARG F 30 -27.51 50.61 -3.37
C ARG F 30 -26.54 50.20 -2.27
N ILE F 31 -25.94 49.00 -2.40
CA ILE F 31 -24.97 48.46 -1.45
C ILE F 31 -23.62 48.35 -2.16
N ARG F 32 -22.76 49.36 -1.96
CA ARG F 32 -21.42 49.43 -2.57
C ARG F 32 -20.40 48.64 -1.74
N ASN F 33 -19.57 47.84 -2.44
CA ASN F 33 -18.54 47.00 -1.83
C ASN F 33 -17.20 47.09 -2.61
N GLU F 34 -16.84 48.31 -3.04
CA GLU F 34 -15.62 48.58 -3.81
C GLU F 34 -14.35 48.54 -2.95
N ALA F 35 -14.47 48.81 -1.64
CA ALA F 35 -13.37 48.82 -0.69
C ALA F 35 -12.82 47.43 -0.44
N THR F 36 -11.50 47.27 -0.65
CA THR F 36 -10.77 46.01 -0.48
C THR F 36 -10.63 45.57 0.97
N ASP F 37 -10.70 46.52 1.93
CA ASP F 37 -10.59 46.22 3.36
C ASP F 37 -11.80 45.46 3.91
N GLY F 38 -12.98 45.69 3.32
CA GLY F 38 -14.22 45.04 3.71
C GLY F 38 -15.37 45.96 4.07
N THR F 39 -15.13 47.28 4.05
CA THR F 39 -16.13 48.31 4.37
C THR F 39 -17.23 48.38 3.30
N LEU F 40 -18.50 48.41 3.75
CA LEU F 40 -19.68 48.47 2.88
C LEU F 40 -20.32 49.86 2.92
N LYS F 41 -20.64 50.42 1.73
CA LYS F 41 -21.30 51.71 1.63
C LYS F 41 -22.78 51.47 1.28
N ILE F 42 -23.63 51.50 2.32
CA ILE F 42 -25.06 51.23 2.24
C ILE F 42 -25.87 52.53 2.05
N GLN F 43 -26.75 52.56 1.02
CA GLN F 43 -27.63 53.70 0.76
C GLN F 43 -29.05 53.30 1.19
N VAL F 44 -29.63 54.10 2.11
CA VAL F 44 -30.94 53.85 2.69
C VAL F 44 -31.98 54.94 2.30
N SER F 45 -33.27 54.69 2.58
CA SER F 45 -34.39 55.58 2.29
C SER F 45 -34.47 56.77 3.25
N LEU F 46 -34.14 56.56 4.54
CA LEU F 46 -34.16 57.60 5.58
C LEU F 46 -32.86 58.44 5.64
N GLN F 47 -32.82 59.45 6.54
CA GLN F 47 -31.66 60.32 6.74
C GLN F 47 -31.19 60.32 8.19
N ILE F 48 -29.87 60.11 8.40
CA ILE F 48 -29.27 60.03 9.75
C ILE F 48 -28.42 61.26 10.07
N GLY F 49 -28.52 61.74 11.32
CA GLY F 49 -27.78 62.88 11.82
C GLY F 49 -28.46 64.22 11.63
N ILE F 50 -29.71 64.22 11.11
CA ILE F 50 -30.50 65.41 10.83
C ILE F 50 -31.90 65.28 11.44
N LYS F 51 -32.44 66.39 11.98
CA LYS F 51 -33.77 66.48 12.59
C LYS F 51 -34.80 67.01 11.57
N THR F 52 -36.11 66.87 11.89
CA THR F 52 -37.23 67.29 11.04
C THR F 52 -37.26 68.79 10.72
N ASP F 53 -36.70 69.64 11.62
CA ASP F 53 -36.63 71.09 11.48
C ASP F 53 -35.38 71.54 10.69
N ASP F 54 -34.62 70.56 10.12
CA ASP F 54 -33.38 70.74 9.34
C ASP F 54 -32.25 71.29 10.22
N SER F 55 -31.78 70.44 11.15
CA SER F 55 -30.71 70.77 12.10
C SER F 55 -29.85 69.54 12.40
N HIS F 56 -28.53 69.74 12.53
CA HIS F 56 -27.57 68.66 12.80
C HIS F 56 -27.59 68.18 14.25
N ASP F 57 -27.87 66.87 14.44
CA ASP F 57 -27.93 66.20 15.73
C ASP F 57 -27.56 64.72 15.49
N TRP F 58 -26.33 64.33 15.87
CA TRP F 58 -25.79 62.96 15.68
C TRP F 58 -26.58 61.85 16.37
N THR F 59 -27.25 62.17 17.50
CA THR F 59 -28.05 61.20 18.26
C THR F 59 -29.46 61.01 17.69
N LYS F 60 -29.86 61.84 16.70
CA LYS F 60 -31.18 61.79 16.08
C LYS F 60 -31.19 61.24 14.64
N LEU F 61 -32.35 60.68 14.24
CA LEU F 61 -32.61 60.07 12.93
C LEU F 61 -33.90 60.64 12.33
N ARG F 62 -33.93 60.83 10.99
CA ARG F 62 -35.09 61.36 10.28
C ARG F 62 -35.63 60.34 9.26
N TYR F 63 -36.84 59.83 9.53
CA TYR F 63 -37.52 58.84 8.68
C TYR F 63 -38.92 59.34 8.27
N MET F 64 -39.48 58.77 7.18
CA MET F 64 -40.81 59.12 6.67
C MET F 64 -41.89 58.26 7.36
N ASP F 65 -42.89 58.92 7.98
CA ASP F 65 -43.98 58.25 8.69
C ASP F 65 -45.35 58.73 8.21
N ASN F 66 -45.94 58.00 7.24
CA ASN F 66 -47.26 58.23 6.64
C ASN F 66 -47.52 59.71 6.27
N HIS F 67 -46.94 60.15 5.13
CA HIS F 67 -47.02 61.50 4.55
C HIS F 67 -46.16 62.59 5.22
N MET F 68 -45.78 62.40 6.50
CA MET F 68 -44.98 63.37 7.25
C MET F 68 -43.69 62.80 7.83
N PRO F 69 -42.55 63.53 7.77
CA PRO F 69 -41.30 63.01 8.35
C PRO F 69 -41.29 63.12 9.88
N ALA F 70 -40.79 62.07 10.55
CA ALA F 70 -40.71 62.00 12.02
C ALA F 70 -39.29 61.69 12.51
N ASP F 71 -39.00 62.05 13.78
CA ASP F 71 -37.70 61.82 14.41
C ASP F 71 -37.60 60.48 15.13
N ALA F 72 -36.40 59.87 15.13
CA ALA F 72 -36.09 58.60 15.78
C ALA F 72 -34.70 58.64 16.45
N GLU F 73 -34.25 57.50 17.03
CA GLU F 73 -32.96 57.42 17.73
C GLU F 73 -31.86 56.73 16.92
N ARG F 74 -30.62 57.27 17.01
CA ARG F 74 -29.42 56.77 16.35
C ARG F 74 -29.01 55.39 16.93
N ALA F 75 -29.22 55.20 18.25
CA ALA F 75 -28.92 53.96 18.97
C ALA F 75 -29.77 52.78 18.49
N GLY F 76 -30.98 53.08 18.00
CA GLY F 76 -31.92 52.08 17.49
C GLY F 76 -31.54 51.48 16.15
N LEU F 77 -30.71 52.21 15.36
CA LEU F 77 -30.24 51.79 14.04
C LEU F 77 -29.31 50.59 14.13
N PHE F 78 -29.54 49.59 13.26
CA PHE F 78 -28.75 48.34 13.22
C PHE F 78 -28.55 47.81 11.80
N VAL F 79 -27.38 47.18 11.56
CA VAL F 79 -27.00 46.55 10.30
C VAL F 79 -26.54 45.11 10.62
N ARG F 80 -26.99 44.11 9.83
CA ARG F 80 -26.64 42.69 10.03
C ARG F 80 -26.72 41.84 8.76
N THR F 81 -25.85 40.82 8.66
CA THR F 81 -25.81 39.87 7.54
C THR F 81 -26.24 38.49 8.01
N SER F 82 -25.48 37.92 8.96
CA SER F 82 -25.70 36.62 9.60
C SER F 82 -25.52 36.83 11.11
N ALA F 83 -24.80 37.91 11.47
CA ALA F 83 -24.49 38.37 12.82
C ALA F 83 -24.48 39.91 12.78
N PRO F 84 -24.64 40.63 13.92
CA PRO F 84 -24.64 42.12 13.86
C PRO F 84 -23.35 42.74 13.32
N CYS F 85 -23.48 43.89 12.65
CA CYS F 85 -22.37 44.64 12.05
C CYS F 85 -22.04 45.89 12.85
N THR F 86 -20.75 46.27 12.86
CA THR F 86 -20.27 47.46 13.55
C THR F 86 -20.38 48.67 12.63
N ILE F 87 -21.20 49.66 13.02
CA ILE F 87 -21.41 50.90 12.23
C ILE F 87 -20.22 51.84 12.46
N THR F 88 -19.52 52.19 11.37
CA THR F 88 -18.34 53.06 11.40
C THR F 88 -18.53 54.40 10.67
N GLY F 89 -19.77 54.87 10.60
CA GLY F 89 -20.09 56.15 9.95
C GLY F 89 -21.53 56.25 9.48
N THR F 90 -22.20 57.37 9.83
CA THR F 90 -23.60 57.67 9.46
C THR F 90 -23.78 59.14 9.12
N MET F 91 -24.31 59.42 7.91
CA MET F 91 -24.61 60.76 7.42
C MET F 91 -25.61 60.69 6.26
N GLY F 92 -26.82 61.19 6.52
CA GLY F 92 -27.92 61.20 5.57
C GLY F 92 -28.40 59.80 5.23
N HIS F 93 -28.43 59.50 3.93
CA HIS F 93 -28.85 58.19 3.40
C HIS F 93 -27.75 57.11 3.51
N PHE F 94 -26.52 57.51 3.86
CA PHE F 94 -25.36 56.61 3.90
C PHE F 94 -24.93 56.07 5.26
N ILE F 95 -24.63 54.76 5.28
CA ILE F 95 -24.17 54.00 6.46
C ILE F 95 -22.91 53.21 6.08
N LEU F 96 -21.86 53.27 6.92
CA LEU F 96 -20.62 52.51 6.73
C LEU F 96 -20.58 51.38 7.75
N ALA F 97 -20.40 50.13 7.28
CA ALA F 97 -20.37 48.96 8.18
C ALA F 97 -19.44 47.84 7.73
N ARG F 98 -18.83 47.16 8.73
CA ARG F 98 -17.96 46.00 8.53
C ARG F 98 -18.77 44.78 8.94
N CYS F 99 -19.08 43.91 7.96
CA CYS F 99 -19.94 42.74 8.14
C CYS F 99 -19.26 41.39 7.98
N PRO F 100 -19.66 40.36 8.76
CA PRO F 100 -19.09 39.02 8.54
C PRO F 100 -19.75 38.32 7.35
N LYS F 101 -19.28 37.10 6.99
CA LYS F 101 -19.79 36.31 5.87
C LYS F 101 -21.31 36.07 5.95
N GLY F 102 -22.03 36.57 4.95
CA GLY F 102 -23.49 36.46 4.86
C GLY F 102 -24.01 36.43 3.43
N GLU F 103 -25.28 36.02 3.28
CA GLU F 103 -25.96 35.91 1.99
C GLU F 103 -27.09 36.94 1.79
N THR F 104 -27.56 37.55 2.90
CA THR F 104 -28.62 38.56 2.89
C THR F 104 -28.27 39.72 3.83
N LEU F 105 -28.35 40.97 3.34
CA LEU F 105 -28.06 42.17 4.13
C LEU F 105 -29.35 42.75 4.72
N THR F 106 -29.35 43.02 6.04
CA THR F 106 -30.49 43.56 6.78
C THR F 106 -30.12 44.90 7.44
N VAL F 107 -30.95 45.94 7.21
CA VAL F 107 -30.78 47.29 7.77
C VAL F 107 -32.12 47.70 8.44
N GLY F 108 -32.06 48.04 9.71
CA GLY F 108 -33.23 48.44 10.48
C GLY F 108 -33.01 49.55 11.50
N PHE F 109 -34.11 49.95 12.17
CA PHE F 109 -34.14 51.02 13.20
C PHE F 109 -35.41 50.90 14.08
N THR F 110 -35.54 51.77 15.10
CA THR F 110 -36.70 51.82 16.01
C THR F 110 -37.25 53.26 16.05
N ASP F 111 -38.58 53.40 15.84
CA ASP F 111 -39.26 54.70 15.80
C ASP F 111 -39.63 55.28 17.18
N SER F 112 -40.40 56.39 17.20
CA SER F 112 -40.88 57.07 18.41
C SER F 112 -41.96 56.24 19.13
N ARG F 113 -42.82 55.55 18.35
CA ARG F 113 -43.91 54.70 18.86
C ARG F 113 -43.44 53.31 19.32
N LYS F 114 -42.10 53.11 19.44
CA LYS F 114 -41.44 51.86 19.86
C LYS F 114 -41.71 50.66 18.92
N ILE F 115 -41.82 50.95 17.61
CA ILE F 115 -42.06 49.95 16.55
C ILE F 115 -40.81 49.84 15.67
N SER F 116 -40.30 48.61 15.48
CA SER F 116 -39.09 48.36 14.68
C SER F 116 -39.39 47.92 13.25
N HIS F 117 -38.79 48.63 12.27
CA HIS F 117 -38.92 48.35 10.84
C HIS F 117 -37.54 47.98 10.28
N SER F 118 -37.46 46.89 9.48
CA SER F 118 -36.20 46.43 8.90
C SER F 118 -36.37 45.94 7.46
N CYS F 119 -35.41 46.31 6.58
CA CYS F 119 -35.43 45.90 5.17
C CYS F 119 -34.32 44.90 4.88
N THR F 120 -34.68 43.77 4.25
CA THR F 120 -33.73 42.69 3.91
C THR F 120 -33.59 42.54 2.39
N HIS F 121 -32.33 42.53 1.91
CA HIS F 121 -31.98 42.39 0.50
C HIS F 121 -31.01 41.22 0.30
N PRO F 122 -31.18 40.38 -0.75
CA PRO F 122 -30.22 39.29 -0.97
C PRO F 122 -28.88 39.81 -1.51
N PHE F 123 -27.84 39.70 -0.69
CA PHE F 123 -26.51 40.17 -1.08
C PHE F 123 -25.43 39.20 -0.63
N HIS F 124 -24.63 38.72 -1.57
CA HIS F 124 -23.56 37.79 -1.27
C HIS F 124 -22.33 38.51 -0.72
N HIS F 125 -22.19 38.53 0.60
CA HIS F 125 -21.06 39.19 1.25
C HIS F 125 -19.92 38.22 1.51
N ASP F 126 -18.73 38.57 1.05
CA ASP F 126 -17.56 37.72 1.24
C ASP F 126 -16.27 38.47 0.88
N PRO F 127 -15.87 39.39 1.75
CA PRO F 127 -14.65 40.18 1.52
C PRO F 127 -13.44 39.30 1.24
N PRO F 128 -12.56 39.75 0.36
CA PRO F 128 -11.36 38.98 0.00
C PRO F 128 -10.27 39.14 1.05
N VAL F 129 -10.07 38.11 1.87
CA VAL F 129 -9.05 38.15 2.92
C VAL F 129 -7.82 38.93 2.46
N ILE F 130 -7.33 39.80 3.32
CA ILE F 130 -6.16 40.61 3.02
C ILE F 130 -4.88 39.95 3.51
N GLY F 131 -4.05 39.50 2.57
CA GLY F 131 -2.80 38.84 2.90
C GLY F 131 -2.87 37.34 2.75
N ARG F 132 -2.31 36.62 3.71
CA ARG F 132 -2.31 35.17 3.69
C ARG F 132 -2.72 34.58 5.04
N GLU F 133 -3.14 35.45 5.94
CA GLU F 133 -3.56 35.02 7.27
C GLU F 133 -4.96 35.53 7.60
N LYS F 134 -5.80 34.65 8.11
CA LYS F 134 -7.17 35.00 8.47
C LYS F 134 -7.27 35.38 9.94
N PHE F 135 -6.87 36.61 10.26
CA PHE F 135 -6.91 37.08 11.64
C PHE F 135 -8.22 37.82 11.93
N HIS F 136 -8.52 38.00 13.21
CA HIS F 136 -9.75 38.68 13.62
C HIS F 136 -9.45 40.11 14.04
N SER F 137 -8.50 40.28 14.96
CA SER F 137 -8.13 41.61 15.44
C SER F 137 -6.97 42.17 14.64
N ARG F 138 -7.09 43.44 14.26
CA ARG F 138 -6.06 44.12 13.49
C ARG F 138 -4.90 44.57 14.38
N PRO F 139 -3.68 44.33 13.92
CA PRO F 139 -2.48 44.71 14.68
C PRO F 139 -2.06 46.18 14.48
N GLN F 140 -1.47 46.78 15.52
CA GLN F 140 -0.98 48.17 15.49
C GLN F 140 0.28 48.28 14.63
N HIS F 141 1.12 47.22 14.63
CA HIS F 141 2.36 47.15 13.87
C HIS F 141 2.49 45.77 13.19
N GLY F 142 2.72 45.78 11.89
CA GLY F 142 2.87 44.57 11.08
C GLY F 142 3.32 44.83 9.66
N LYS F 143 3.12 43.83 8.78
CA LYS F 143 3.50 43.89 7.36
C LYS F 143 2.57 44.85 6.60
N GLU F 144 3.18 45.76 5.82
CA GLU F 144 2.45 46.76 5.02
C GLU F 144 2.03 46.18 3.66
N LEU F 145 0.71 46.13 3.42
CA LEU F 145 0.13 45.62 2.18
C LEU F 145 -0.87 46.63 1.56
N PRO F 146 -0.96 46.74 0.21
CA PRO F 146 -1.90 47.70 -0.38
C PRO F 146 -3.35 47.23 -0.35
N CYS F 147 -4.26 48.11 0.12
CA CYS F 147 -5.69 47.85 0.23
C CYS F 147 -6.50 49.13 -0.08
N SER F 148 -7.83 49.09 0.12
CA SER F 148 -8.73 50.23 -0.12
C SER F 148 -9.80 50.34 0.95
N THR F 149 -10.18 51.60 1.29
CA THR F 149 -11.21 51.92 2.28
C THR F 149 -11.93 53.23 1.94
N TYR F 150 -13.07 53.50 2.61
CA TYR F 150 -13.83 54.74 2.42
C TYR F 150 -13.38 55.72 3.50
N VAL F 151 -12.76 56.85 3.08
CA VAL F 151 -12.26 57.88 3.99
C VAL F 151 -13.40 58.68 4.66
N GLN F 152 -13.10 59.37 5.78
CA GLN F 152 -14.10 60.14 6.53
C GLN F 152 -14.16 61.64 6.19
N SER F 153 -13.59 62.03 5.03
CA SER F 153 -13.61 63.43 4.58
C SER F 153 -15.00 63.81 4.03
N THR F 154 -15.64 64.77 4.71
CA THR F 154 -16.99 65.26 4.37
C THR F 154 -16.95 66.18 3.13
N ALA F 155 -15.78 66.79 2.84
CA ALA F 155 -15.51 67.71 1.73
C ALA F 155 -16.15 67.29 0.39
N ALA F 156 -16.90 68.22 -0.23
CA ALA F 156 -17.62 68.03 -1.48
C ALA F 156 -16.68 67.87 -2.69
N THR F 157 -16.23 66.62 -2.95
CA THR F 157 -15.32 66.27 -4.05
C THR F 157 -15.56 64.83 -4.58
N THR F 158 -15.01 64.56 -5.78
CA THR F 158 -15.02 63.27 -6.49
C THR F 158 -16.42 62.73 -6.88
N GLU F 159 -16.99 61.84 -6.06
CA GLU F 159 -18.28 61.14 -6.28
C GLU F 159 -19.50 62.06 -6.18
N GLU F 160 -20.58 61.72 -6.93
CA GLU F 160 -21.83 62.49 -6.98
C GLU F 160 -23.09 61.65 -7.30
N ILE F 161 -24.26 62.07 -6.77
CA ILE F 161 -25.56 61.42 -6.98
C ILE F 161 -26.54 62.35 -7.71
N GLU F 162 -27.49 61.77 -8.44
CA GLU F 162 -28.47 62.54 -9.17
C GLU F 162 -29.72 62.81 -8.33
N VAL F 163 -30.07 64.09 -8.19
CA VAL F 163 -31.23 64.48 -7.40
C VAL F 163 -32.27 65.20 -8.25
N HIS F 164 -33.51 64.77 -8.16
CA HIS F 164 -34.59 65.38 -8.92
C HIS F 164 -35.67 65.95 -8.01
N MET F 165 -36.67 66.60 -8.60
CA MET F 165 -37.75 67.19 -7.84
C MET F 165 -38.83 66.16 -7.51
N PRO F 166 -39.41 66.27 -6.32
CA PRO F 166 -40.46 65.34 -5.88
C PRO F 166 -41.85 65.92 -6.11
N PRO F 167 -42.09 66.47 -7.29
CA PRO F 167 -43.39 67.05 -7.64
C PRO F 167 -44.40 66.89 -6.50
N ASP F 168 -45.39 66.04 -6.71
CA ASP F 168 -46.42 65.82 -5.70
C ASP F 168 -46.33 64.40 -5.14
N THR F 169 -46.17 64.30 -3.82
CA THR F 169 -46.07 63.00 -3.16
C THR F 169 -47.42 62.28 -3.15
N PRO F 170 -47.50 61.18 -3.87
CA PRO F 170 -48.74 60.39 -3.95
C PRO F 170 -49.19 59.90 -2.58
N ASP F 171 -50.49 59.91 -2.34
CA ASP F 171 -51.04 59.47 -1.07
C ASP F 171 -52.48 58.96 -1.23
N ARG F 172 -52.65 57.65 -1.10
CA ARG F 172 -53.96 57.04 -1.23
C ARG F 172 -54.78 57.21 0.05
N THR F 173 -54.11 57.57 1.13
CA THR F 173 -54.77 57.78 2.41
C THR F 173 -55.52 59.11 2.45
N LEU F 174 -55.41 59.87 1.37
CA LEU F 174 -56.08 61.15 1.27
C LEU F 174 -57.52 60.99 0.78
N MET F 175 -57.80 59.86 0.14
CA MET F 175 -59.14 59.59 -0.38
C MET F 175 -59.89 58.62 0.52
N SER F 176 -61.20 58.79 0.62
CA SER F 176 -62.03 57.92 1.46
C SER F 176 -63.41 57.73 0.84
N GLN F 177 -63.93 56.49 0.87
CA GLN F 177 -65.24 56.13 0.32
C GLN F 177 -66.37 56.48 1.29
N GLN F 178 -66.97 57.67 1.10
CA GLN F 178 -68.08 58.16 1.90
C GLN F 178 -69.37 57.64 1.24
N SER F 179 -69.82 56.44 1.69
CA SER F 179 -71.00 55.70 1.20
C SER F 179 -70.87 55.36 -0.30
N GLY F 180 -71.32 56.27 -1.16
CA GLY F 180 -71.26 56.12 -2.61
C GLY F 180 -70.51 57.25 -3.30
N ASN F 181 -69.86 58.11 -2.49
CA ASN F 181 -69.09 59.27 -2.95
C ASN F 181 -67.65 59.18 -2.42
N VAL F 182 -66.74 60.00 -2.98
CA VAL F 182 -65.32 60.03 -2.58
C VAL F 182 -65.00 61.35 -1.88
N LYS F 183 -64.52 61.26 -0.62
CA LYS F 183 -64.13 62.40 0.19
C LYS F 183 -62.60 62.54 0.21
N ILE F 184 -62.10 63.75 -0.09
CA ILE F 184 -60.67 64.05 -0.11
C ILE F 184 -60.33 64.88 1.14
N THR F 185 -59.71 64.24 2.14
CA THR F 185 -59.33 64.90 3.41
C THR F 185 -57.96 65.55 3.27
N VAL F 186 -57.97 66.90 3.15
CA VAL F 186 -56.81 67.75 2.95
C VAL F 186 -55.82 67.81 4.13
N ASN F 187 -56.34 68.01 5.38
CA ASN F 187 -55.57 68.14 6.63
C ASN F 187 -54.51 69.26 6.59
N GLY F 188 -54.94 70.45 6.18
CA GLY F 188 -54.12 71.65 6.09
C GLY F 188 -52.97 71.59 5.09
N GLN F 189 -53.17 70.86 3.97
CA GLN F 189 -52.16 70.67 2.93
C GLN F 189 -52.75 70.94 1.54
N THR F 190 -51.89 71.33 0.58
CA THR F 190 -52.31 71.57 -0.80
C THR F 190 -52.31 70.23 -1.54
N VAL F 191 -53.50 69.79 -2.00
CA VAL F 191 -53.68 68.49 -2.68
C VAL F 191 -54.13 68.66 -4.14
N ARG F 192 -53.46 67.93 -5.06
CA ARG F 192 -53.79 67.90 -6.49
C ARG F 192 -54.56 66.60 -6.78
N TYR F 193 -55.84 66.72 -7.22
CA TYR F 193 -56.72 65.59 -7.48
C TYR F 193 -57.17 65.43 -8.95
N LYS F 194 -57.53 64.19 -9.33
CA LYS F 194 -58.03 63.82 -10.66
C LYS F 194 -58.91 62.56 -10.55
N CYS F 195 -60.11 62.60 -11.16
CA CYS F 195 -61.09 61.51 -11.14
C CYS F 195 -61.63 61.15 -12.53
N ASN F 196 -62.13 59.91 -12.70
CA ASN F 196 -62.72 59.42 -13.94
C ASN F 196 -64.17 59.90 -14.11
N CYS F 197 -64.88 60.09 -12.98
CA CYS F 197 -66.28 60.51 -12.92
C CYS F 197 -66.51 61.97 -13.37
N GLY F 198 -67.77 62.29 -13.69
CA GLY F 198 -68.20 63.60 -14.16
C GLY F 198 -68.10 64.73 -13.16
N GLY F 199 -68.43 65.94 -13.62
CA GLY F 199 -68.39 67.17 -12.84
C GLY F 199 -66.96 67.67 -12.64
N SER F 200 -66.60 67.98 -11.39
CA SER F 200 -65.25 68.43 -11.04
C SER F 200 -64.33 67.22 -10.97
N ASN F 201 -63.37 67.13 -11.91
CA ASN F 201 -62.44 66.01 -12.05
C ASN F 201 -60.96 66.41 -12.19
N GLU F 202 -60.62 67.66 -11.78
CA GLU F 202 -59.27 68.22 -11.81
C GLU F 202 -59.17 69.44 -10.88
N GLY F 203 -57.95 69.84 -10.54
CA GLY F 203 -57.72 71.01 -9.69
C GLY F 203 -56.70 70.86 -8.59
N LEU F 204 -56.41 71.97 -7.92
CA LEU F 204 -55.47 72.09 -6.80
C LEU F 204 -56.24 72.65 -5.60
N THR F 205 -56.71 71.76 -4.72
CA THR F 205 -57.52 72.11 -3.54
C THR F 205 -56.74 72.34 -2.25
N THR F 206 -57.22 73.31 -1.46
CA THR F 206 -56.68 73.71 -0.15
C THR F 206 -57.74 73.37 0.93
N THR F 207 -58.98 73.07 0.48
CA THR F 207 -60.12 72.72 1.32
C THR F 207 -60.60 71.29 1.06
N ASP F 208 -61.39 70.72 1.99
CA ASP F 208 -61.96 69.36 1.88
C ASP F 208 -62.98 69.30 0.74
N LYS F 209 -62.76 68.37 -0.20
CA LYS F 209 -63.62 68.21 -1.37
C LYS F 209 -64.31 66.85 -1.41
N VAL F 210 -65.51 66.81 -2.02
CA VAL F 210 -66.32 65.60 -2.16
C VAL F 210 -66.77 65.38 -3.62
N ILE F 211 -66.45 64.21 -4.19
CA ILE F 211 -66.81 63.84 -5.56
C ILE F 211 -68.03 62.90 -5.51
N ASN F 212 -69.18 63.40 -5.99
CA ASN F 212 -70.45 62.67 -6.00
C ASN F 212 -70.48 61.54 -7.04
N ASN F 213 -70.97 60.35 -6.61
CA ASN F 213 -71.11 59.13 -7.40
C ASN F 213 -69.79 58.70 -8.09
N CYS F 214 -68.83 58.24 -7.26
CA CYS F 214 -67.51 57.79 -7.72
C CYS F 214 -66.89 56.76 -6.77
N LYS F 215 -65.89 56.01 -7.27
CA LYS F 215 -65.16 54.99 -6.50
C LYS F 215 -63.72 55.46 -6.26
N VAL F 216 -63.12 55.06 -5.12
CA VAL F 216 -61.76 55.42 -4.70
C VAL F 216 -60.67 55.01 -5.72
N ASP F 217 -60.86 53.83 -6.38
CA ASP F 217 -59.96 53.29 -7.40
C ASP F 217 -59.95 54.14 -8.69
N GLN F 218 -61.04 54.86 -8.94
CA GLN F 218 -61.15 55.69 -10.12
C GLN F 218 -60.73 57.13 -9.82
N CYS F 219 -59.93 57.30 -8.78
CA CYS F 219 -59.46 58.62 -8.38
C CYS F 219 -57.96 58.58 -8.03
N HIS F 220 -57.36 59.76 -7.92
CA HIS F 220 -55.95 59.86 -7.58
C HIS F 220 -55.62 61.23 -7.00
N ALA F 221 -54.91 61.25 -5.88
CA ALA F 221 -54.53 62.49 -5.22
C ALA F 221 -53.07 62.47 -4.80
N ALA F 222 -52.56 63.61 -4.35
CA ALA F 222 -51.18 63.73 -3.92
C ALA F 222 -50.86 65.14 -3.44
N VAL F 223 -49.99 65.25 -2.45
CA VAL F 223 -49.59 66.53 -1.90
C VAL F 223 -48.59 67.24 -2.82
N THR F 224 -48.60 68.56 -2.79
CA THR F 224 -47.70 69.36 -3.61
C THR F 224 -46.60 70.00 -2.77
N ASN F 225 -45.42 70.17 -3.36
CA ASN F 225 -44.29 70.76 -2.66
C ASN F 225 -43.06 70.88 -3.55
N HIS F 226 -43.26 71.42 -4.75
CA HIS F 226 -42.17 71.61 -5.70
C HIS F 226 -41.15 72.61 -5.19
N LYS F 227 -40.79 72.50 -3.92
CA LYS F 227 -39.82 73.40 -3.31
C LYS F 227 -38.62 72.63 -2.76
N LYS F 228 -38.80 71.33 -2.55
CA LYS F 228 -37.73 70.49 -2.03
C LYS F 228 -37.13 69.62 -3.13
N TRP F 229 -35.94 69.10 -2.88
CA TRP F 229 -35.25 68.24 -3.84
C TRP F 229 -35.26 66.78 -3.38
N GLN F 230 -35.09 65.87 -4.34
CA GLN F 230 -35.08 64.45 -4.03
C GLN F 230 -34.06 63.71 -4.91
N TYR F 231 -33.50 62.63 -4.37
CA TYR F 231 -32.52 61.84 -5.09
C TYR F 231 -33.19 60.86 -6.06
N ASN F 232 -32.60 60.70 -7.23
CA ASN F 232 -33.15 59.80 -8.24
C ASN F 232 -33.21 58.36 -7.75
N SER F 233 -34.32 58.01 -7.11
CA SER F 233 -34.53 56.67 -6.58
C SER F 233 -35.40 55.80 -7.48
N PRO F 234 -35.02 54.51 -7.72
CA PRO F 234 -35.88 53.63 -8.52
C PRO F 234 -37.09 53.11 -7.74
N LEU F 235 -37.11 53.33 -6.40
CA LEU F 235 -38.18 52.91 -5.50
C LEU F 235 -39.27 53.98 -5.34
N VAL F 236 -39.07 55.15 -5.99
CA VAL F 236 -39.97 56.31 -5.97
C VAL F 236 -40.34 56.64 -7.45
N PRO F 237 -41.63 56.93 -7.79
CA PRO F 237 -41.97 57.23 -9.19
C PRO F 237 -41.41 58.55 -9.72
N ARG F 238 -41.27 58.67 -11.05
CA ARG F 238 -40.77 59.87 -11.73
C ARG F 238 -41.88 60.92 -11.82
N ASN F 239 -41.50 62.22 -11.76
CA ASN F 239 -42.43 63.35 -11.83
C ASN F 239 -43.12 63.40 -13.20
N ALA F 240 -44.47 63.29 -13.21
CA ALA F 240 -45.33 63.28 -14.38
C ALA F 240 -45.07 64.42 -15.37
N GLU F 241 -45.20 65.69 -14.93
CA GLU F 241 -44.96 66.86 -15.77
C GLU F 241 -43.47 67.24 -15.78
N LEU F 242 -42.61 66.28 -16.16
CA LEU F 242 -41.15 66.39 -16.22
C LEU F 242 -40.56 65.23 -17.03
N GLY F 243 -39.61 65.56 -17.90
CA GLY F 243 -38.91 64.58 -18.72
C GLY F 243 -37.69 64.05 -18.00
N ASP F 244 -36.49 64.52 -18.40
CA ASP F 244 -35.22 64.13 -17.76
C ASP F 244 -34.54 65.33 -17.06
N ARG F 245 -35.34 66.22 -16.47
CA ARG F 245 -34.85 67.38 -15.72
C ARG F 245 -34.37 66.89 -14.36
N LYS F 246 -33.06 67.05 -14.09
CA LYS F 246 -32.43 66.60 -12.85
C LYS F 246 -31.22 67.45 -12.44
N GLY F 247 -30.89 67.38 -11.15
CA GLY F 247 -29.76 68.05 -10.54
C GLY F 247 -28.76 67.03 -10.01
N LYS F 248 -27.62 67.51 -9.47
CA LYS F 248 -26.58 66.63 -8.92
C LYS F 248 -25.87 67.23 -7.71
N ILE F 249 -25.55 66.40 -6.71
CA ILE F 249 -24.86 66.82 -5.48
C ILE F 249 -23.67 65.91 -5.14
N HIS F 250 -22.55 66.52 -4.69
CA HIS F 250 -21.34 65.80 -4.29
C HIS F 250 -21.61 64.99 -3.02
N ILE F 251 -21.10 63.76 -2.97
CA ILE F 251 -21.32 62.85 -1.84
C ILE F 251 -20.10 62.56 -0.97
N PRO F 252 -20.27 62.45 0.38
CA PRO F 252 -19.11 62.16 1.24
C PRO F 252 -18.66 60.70 1.19
N PHE F 253 -17.53 60.40 1.89
CA PHE F 253 -16.89 59.09 2.01
C PHE F 253 -16.44 58.44 0.68
N PRO F 254 -15.46 59.02 -0.06
CA PRO F 254 -15.03 58.39 -1.31
C PRO F 254 -14.04 57.24 -1.10
N LEU F 255 -13.88 56.38 -2.13
CA LEU F 255 -12.94 55.25 -2.07
C LEU F 255 -11.53 55.74 -2.39
N ALA F 256 -10.57 55.33 -1.58
CA ALA F 256 -9.18 55.73 -1.78
C ALA F 256 -8.22 54.62 -1.35
N ASN F 257 -7.18 54.40 -2.15
CA ASN F 257 -6.19 53.37 -1.84
C ASN F 257 -5.34 53.72 -0.62
N VAL F 258 -5.24 52.78 0.30
CA VAL F 258 -4.46 52.98 1.52
C VAL F 258 -3.55 51.79 1.80
N THR F 259 -3.05 51.70 3.03
CA THR F 259 -2.17 50.61 3.43
C THR F 259 -2.74 49.84 4.61
N CYS F 260 -2.62 48.51 4.56
CA CYS F 260 -3.13 47.66 5.63
C CYS F 260 -2.01 46.78 6.19
N ARG F 261 -2.00 46.64 7.52
CA ARG F 261 -0.99 45.81 8.18
C ARG F 261 -1.52 44.41 8.46
N VAL F 262 -0.97 43.43 7.75
CA VAL F 262 -1.38 42.04 7.92
C VAL F 262 -0.36 41.26 8.74
N PRO F 263 -0.51 39.93 8.75
CA PRO F 263 0.40 39.07 9.50
C PRO F 263 1.13 38.09 8.60
N LYS F 264 1.95 37.23 9.19
CA LYS F 264 2.71 36.24 8.43
C LYS F 264 2.61 34.86 9.07
N ALA F 265 2.49 33.83 8.23
CA ALA F 265 2.39 32.45 8.72
C ALA F 265 3.61 32.07 9.53
N ARG F 266 3.39 31.24 10.55
CA ARG F 266 4.48 30.79 11.41
C ARG F 266 5.39 29.79 10.69
N ASN F 267 6.69 29.91 10.92
CA ASN F 267 7.66 29.02 10.29
C ASN F 267 7.42 27.56 10.65
N PRO F 268 7.49 26.68 9.66
CA PRO F 268 7.28 25.24 9.87
C PRO F 268 8.52 24.50 10.35
N THR F 269 8.32 23.29 10.92
CA THR F 269 9.40 22.42 11.40
C THR F 269 10.10 21.84 10.17
N VAL F 270 11.32 22.32 9.89
CA VAL F 270 12.12 21.91 8.74
C VAL F 270 13.26 20.94 9.10
N THR F 271 13.29 19.79 8.39
CA THR F 271 14.28 18.72 8.53
C THR F 271 14.85 18.37 7.16
N TYR F 272 16.18 18.40 7.02
CA TYR F 272 16.87 18.12 5.75
C TYR F 272 17.25 16.65 5.58
N GLY F 273 17.31 16.22 4.32
CA GLY F 273 17.68 14.86 3.92
C GLY F 273 18.46 14.82 2.63
N LYS F 274 18.74 13.60 2.12
CA LYS F 274 19.49 13.37 0.88
C LYS F 274 18.70 13.87 -0.33
N ASN F 275 19.06 15.09 -0.81
CA ASN F 275 18.45 15.79 -1.94
C ASN F 275 16.94 16.06 -1.78
N GLN F 276 16.45 16.11 -0.53
CA GLN F 276 15.04 16.34 -0.20
C GLN F 276 14.84 17.19 1.07
N VAL F 277 13.71 17.92 1.11
CA VAL F 277 13.34 18.79 2.23
C VAL F 277 11.97 18.41 2.79
N ILE F 278 11.87 18.23 4.13
CA ILE F 278 10.65 17.85 4.83
C ILE F 278 10.12 19.02 5.67
N MET F 279 8.85 19.39 5.46
CA MET F 279 8.19 20.49 6.18
C MET F 279 6.94 20.03 6.90
N LEU F 280 6.84 20.38 8.20
CA LEU F 280 5.67 20.07 9.04
C LEU F 280 4.86 21.37 9.17
N LEU F 281 3.85 21.53 8.28
CA LEU F 281 3.00 22.72 8.21
C LEU F 281 1.85 22.70 9.21
N TYR F 282 1.79 23.73 10.07
CA TYR F 282 0.75 23.92 11.09
C TYR F 282 -0.01 25.24 10.84
N PRO F 283 -1.00 25.26 9.93
CA PRO F 283 -1.71 26.51 9.64
C PRO F 283 -2.90 26.80 10.57
N ASP F 284 -3.02 28.07 10.99
CA ASP F 284 -4.11 28.54 11.84
C ASP F 284 -5.33 28.88 10.98
N HIS F 285 -5.08 29.34 9.75
CA HIS F 285 -6.06 29.73 8.73
C HIS F 285 -5.59 29.20 7.33
N PRO F 286 -6.46 29.15 6.27
CA PRO F 286 -5.99 28.64 4.97
C PRO F 286 -4.78 29.41 4.42
N THR F 287 -3.62 28.73 4.39
CA THR F 287 -2.34 29.28 3.95
C THR F 287 -1.89 28.62 2.63
N LEU F 288 -1.46 29.45 1.65
CA LEU F 288 -1.01 28.99 0.34
C LEU F 288 0.47 28.61 0.33
N LEU F 289 0.79 27.40 -0.15
CA LEU F 289 2.13 26.86 -0.27
C LEU F 289 2.48 26.70 -1.76
N SER F 290 3.56 27.35 -2.19
CA SER F 290 4.04 27.31 -3.58
C SER F 290 5.54 27.04 -3.64
N TYR F 291 5.97 26.27 -4.65
CA TYR F 291 7.38 25.92 -4.83
C TYR F 291 7.82 25.82 -6.29
N ARG F 292 9.08 26.22 -6.56
CA ARG F 292 9.67 26.22 -7.90
C ARG F 292 11.18 25.93 -7.87
N ASN F 293 11.71 25.37 -8.97
CA ASN F 293 13.14 25.07 -9.13
C ASN F 293 13.84 26.32 -9.67
N MET F 294 15.08 26.57 -9.21
CA MET F 294 15.87 27.73 -9.62
C MET F 294 16.82 27.41 -10.80
N GLY F 295 16.27 26.72 -11.82
CA GLY F 295 17.01 26.33 -13.01
C GLY F 295 16.27 26.58 -14.31
N GLU F 296 16.50 25.72 -15.31
CA GLU F 296 15.87 25.79 -16.64
C GLU F 296 14.38 25.46 -16.58
N GLU F 297 14.02 24.35 -15.91
CA GLU F 297 12.63 23.90 -15.73
C GLU F 297 12.15 24.28 -14.31
N PRO F 298 11.31 25.33 -14.16
CA PRO F 298 10.87 25.72 -12.81
C PRO F 298 9.85 24.76 -12.19
N ASN F 299 8.89 24.26 -12.99
CA ASN F 299 7.81 23.34 -12.62
C ASN F 299 7.05 23.83 -11.37
N TYR F 300 6.30 24.93 -11.54
CA TYR F 300 5.52 25.57 -10.48
C TYR F 300 4.36 24.69 -10.02
N GLN F 301 4.22 24.54 -8.69
CA GLN F 301 3.16 23.77 -8.06
C GLN F 301 2.56 24.58 -6.91
N GLU F 302 1.23 24.70 -6.86
CA GLU F 302 0.52 25.44 -5.81
C GLU F 302 -0.58 24.62 -5.12
N GLU F 303 -0.71 24.78 -3.80
CA GLU F 303 -1.71 24.09 -2.97
C GLU F 303 -2.08 24.87 -1.71
N TRP F 304 -3.39 24.89 -1.37
CA TRP F 304 -3.90 25.58 -0.19
C TRP F 304 -3.88 24.63 1.01
N VAL F 305 -2.95 24.86 1.94
CA VAL F 305 -2.79 24.05 3.16
C VAL F 305 -3.75 24.57 4.24
N MET F 306 -4.58 23.68 4.79
CA MET F 306 -5.57 24.02 5.81
C MET F 306 -5.40 23.21 7.11
N HIS F 307 -5.03 21.92 6.98
CA HIS F 307 -4.83 21.01 8.12
C HIS F 307 -3.34 20.71 8.35
N LYS F 308 -3.02 19.89 9.39
CA LYS F 308 -1.65 19.47 9.74
C LYS F 308 -1.13 18.62 8.59
N LYS F 309 -0.06 19.09 7.90
CA LYS F 309 0.48 18.37 6.74
C LYS F 309 2.00 18.27 6.73
N GLU F 310 2.50 17.13 6.22
CA GLU F 310 3.91 16.82 6.06
C GLU F 310 4.19 16.76 4.56
N VAL F 311 5.10 17.63 4.08
CA VAL F 311 5.45 17.69 2.65
C VAL F 311 6.93 17.40 2.37
N VAL F 312 7.19 16.45 1.45
CA VAL F 312 8.54 16.05 1.04
C VAL F 312 8.78 16.61 -0.36
N LEU F 313 9.75 17.54 -0.48
CA LEU F 313 10.09 18.20 -1.75
C LEU F 313 11.52 17.92 -2.14
N THR F 314 11.74 17.48 -3.40
CA THR F 314 13.07 17.18 -3.93
C THR F 314 13.83 18.47 -4.28
N VAL F 315 15.08 18.58 -3.81
CA VAL F 315 15.93 19.76 -4.03
C VAL F 315 16.99 19.44 -5.11
N PRO F 316 16.90 20.06 -6.32
CA PRO F 316 17.92 19.79 -7.35
C PRO F 316 19.19 20.65 -7.17
N THR F 317 20.23 20.39 -7.99
CA THR F 317 21.52 21.10 -7.96
C THR F 317 21.40 22.61 -8.13
N GLU F 318 20.44 23.06 -8.97
CA GLU F 318 20.16 24.47 -9.25
C GLU F 318 19.55 25.21 -8.06
N GLY F 319 18.78 24.49 -7.24
CA GLY F 319 18.12 25.03 -6.05
C GLY F 319 16.60 24.97 -6.09
N LEU F 320 15.97 25.02 -4.90
CA LEU F 320 14.52 24.99 -4.74
C LEU F 320 14.04 26.17 -3.89
N GLU F 321 13.11 26.97 -4.43
CA GLU F 321 12.53 28.13 -3.77
C GLU F 321 11.11 27.78 -3.31
N VAL F 322 10.85 27.88 -1.99
CA VAL F 322 9.55 27.56 -1.37
C VAL F 322 8.96 28.81 -0.70
N THR F 323 7.72 29.16 -1.06
CA THR F 323 6.99 30.30 -0.49
C THR F 323 5.83 29.78 0.36
N TRP F 324 5.87 30.06 1.67
CA TRP F 324 4.85 29.63 2.63
C TRP F 324 4.07 30.85 3.13
N GLY F 325 2.93 31.10 2.48
CA GLY F 325 2.04 32.22 2.78
C GLY F 325 2.62 33.57 2.42
N ASN F 326 2.48 34.55 3.34
CA ASN F 326 2.99 35.91 3.16
C ASN F 326 4.46 36.08 3.56
N ASN F 327 5.10 34.99 4.01
CA ASN F 327 6.53 34.98 4.39
C ASN F 327 7.42 35.11 3.15
N GLU F 328 8.64 35.63 3.34
CA GLU F 328 9.63 35.79 2.26
C GLU F 328 10.06 34.40 1.74
N PRO F 329 10.28 34.23 0.42
CA PRO F 329 10.63 32.89 -0.10
C PRO F 329 11.88 32.25 0.48
N TYR F 330 11.74 31.02 0.96
CA TYR F 330 12.87 30.29 1.53
C TYR F 330 13.68 29.58 0.44
N LYS F 331 14.97 29.87 0.40
CA LYS F 331 15.86 29.28 -0.60
C LYS F 331 16.62 28.09 -0.01
N TYR F 332 16.67 26.99 -0.76
CA TYR F 332 17.37 25.80 -0.32
C TYR F 332 18.34 25.30 -1.39
N TRP F 333 19.50 24.82 -0.95
CA TRP F 333 20.52 24.32 -1.87
C TRP F 333 21.16 23.04 -1.33
N PRO F 334 21.21 22.01 -2.18
CA PRO F 334 21.80 20.73 -1.79
C PRO F 334 23.29 20.67 -2.11
N GLN F 335 23.95 19.61 -1.67
CA GLN F 335 25.38 19.44 -1.91
C GLN F 335 26.13 19.25 -0.60
N LEU F 336 26.82 18.12 -0.47
CA LEU F 336 26.83 17.12 -1.53
C LEU F 336 26.46 15.74 -0.99
N TYR G 1 -66.62 16.47 -51.87
CA TYR G 1 -65.45 15.72 -52.33
C TYR G 1 -64.55 15.34 -51.15
N GLU G 2 -64.35 14.03 -50.94
CA GLU G 2 -63.52 13.49 -49.86
C GLU G 2 -62.04 13.49 -50.27
N HIS G 3 -61.21 14.17 -49.46
CA HIS G 3 -59.77 14.27 -49.66
C HIS G 3 -59.02 13.60 -48.51
N VAL G 4 -58.35 12.48 -48.79
CA VAL G 4 -57.57 11.70 -47.83
C VAL G 4 -56.09 12.07 -47.99
N THR G 5 -55.42 12.37 -46.86
CA THR G 5 -54.01 12.75 -46.81
C THR G 5 -53.32 12.23 -45.55
N VAL G 6 -52.00 11.96 -45.63
CA VAL G 6 -51.20 11.47 -44.51
C VAL G 6 -50.07 12.47 -44.22
N ILE G 7 -50.04 13.00 -42.99
CA ILE G 7 -49.01 13.95 -42.54
C ILE G 7 -48.22 13.40 -41.35
N PRO G 8 -46.90 13.71 -41.20
CA PRO G 8 -46.15 13.16 -40.05
C PRO G 8 -46.62 13.75 -38.72
N ASN G 9 -46.48 12.98 -37.63
CA ASN G 9 -46.86 13.38 -36.27
C ASN G 9 -45.85 14.39 -35.70
N THR G 10 -45.73 15.57 -36.35
CA THR G 10 -44.80 16.63 -35.97
C THR G 10 -45.54 17.96 -35.78
N VAL G 11 -45.55 18.45 -34.54
CA VAL G 11 -46.20 19.68 -34.11
C VAL G 11 -45.33 20.90 -34.47
N GLY G 12 -45.95 21.91 -35.08
CA GLY G 12 -45.29 23.17 -35.45
C GLY G 12 -44.83 23.30 -36.89
N VAL G 13 -44.95 22.21 -37.68
CA VAL G 13 -44.54 22.21 -39.09
C VAL G 13 -45.77 22.30 -40.01
N PRO G 14 -45.85 23.32 -40.90
CA PRO G 14 -47.01 23.39 -41.81
C PRO G 14 -46.84 22.51 -43.06
N TYR G 15 -47.87 21.73 -43.39
CA TYR G 15 -47.86 20.83 -44.54
C TYR G 15 -48.93 21.23 -45.55
N LYS G 16 -48.56 21.33 -46.84
CA LYS G 16 -49.48 21.71 -47.91
C LYS G 16 -49.89 20.53 -48.78
N THR G 17 -51.20 20.42 -49.06
CA THR G 17 -51.78 19.35 -49.88
C THR G 17 -52.54 19.90 -51.09
N LEU G 18 -52.40 19.24 -52.25
CA LEU G 18 -53.07 19.65 -53.47
C LEU G 18 -54.35 18.82 -53.67
N VAL G 19 -55.51 19.51 -53.65
CA VAL G 19 -56.82 18.91 -53.83
C VAL G 19 -57.22 19.08 -55.29
N ASN G 20 -57.21 17.96 -56.04
CA ASN G 20 -57.54 17.97 -57.46
C ASN G 20 -58.79 17.12 -57.78
N ARG G 21 -59.95 17.79 -57.79
CA ARG G 21 -61.23 17.17 -58.12
C ARG G 21 -61.36 17.23 -59.65
N PRO G 22 -61.42 16.07 -60.36
CA PRO G 22 -61.51 16.10 -61.84
C PRO G 22 -62.64 16.96 -62.38
N GLY G 23 -62.29 17.87 -63.29
CA GLY G 23 -63.21 18.81 -63.92
C GLY G 23 -63.30 20.15 -63.21
N TYR G 24 -62.69 20.25 -62.00
CA TYR G 24 -62.68 21.45 -61.17
C TYR G 24 -61.26 21.93 -60.89
N SER G 25 -61.08 23.26 -60.81
CA SER G 25 -59.80 23.95 -60.56
C SER G 25 -59.13 23.48 -59.26
N PRO G 26 -57.80 23.23 -59.27
CA PRO G 26 -57.11 22.74 -58.06
C PRO G 26 -57.21 23.68 -56.85
N MET G 27 -57.14 23.08 -55.65
CA MET G 27 -57.23 23.76 -54.35
C MET G 27 -56.05 23.34 -53.47
N VAL G 28 -55.43 24.31 -52.77
CA VAL G 28 -54.28 24.06 -51.90
C VAL G 28 -54.67 24.34 -50.44
N LEU G 29 -54.52 23.32 -49.57
CA LEU G 29 -54.83 23.40 -48.14
C LEU G 29 -53.57 23.30 -47.29
N GLU G 30 -53.40 24.24 -46.36
CA GLU G 30 -52.26 24.29 -45.43
C GLU G 30 -52.72 23.72 -44.08
N MET G 31 -52.08 22.64 -43.62
CA MET G 31 -52.41 21.99 -42.34
C MET G 31 -51.22 22.02 -41.40
N GLU G 32 -51.47 22.34 -40.13
CA GLU G 32 -50.44 22.40 -39.09
C GLU G 32 -50.97 21.82 -37.78
N LEU G 33 -50.18 20.91 -37.17
CA LEU G 33 -50.52 20.30 -35.90
C LEU G 33 -50.13 21.25 -34.77
N LEU G 34 -51.11 21.64 -33.95
CA LEU G 34 -50.91 22.56 -32.83
C LEU G 34 -50.59 21.80 -31.54
N SER G 35 -51.21 20.61 -31.37
CA SER G 35 -51.02 19.71 -30.24
C SER G 35 -51.49 18.28 -30.54
N VAL G 36 -50.77 17.28 -30.01
CA VAL G 36 -51.10 15.85 -30.14
C VAL G 36 -51.10 15.32 -28.70
N THR G 37 -52.25 14.90 -28.58
CA THR G 37 -52.40 14.35 -27.24
C THR G 37 -52.59 12.82 -27.23
N LEU G 38 -51.74 12.11 -26.48
CA LEU G 38 -51.78 10.66 -26.29
C LEU G 38 -52.13 10.38 -24.81
N GLU G 39 -53.40 10.05 -24.55
CA GLU G 39 -53.88 9.78 -23.19
C GLU G 39 -53.98 8.27 -22.89
N PRO G 40 -53.14 7.72 -21.98
CA PRO G 40 -53.23 6.29 -21.68
C PRO G 40 -54.34 5.93 -20.71
N THR G 41 -54.94 4.73 -20.88
CA THR G 41 -55.99 4.20 -20.02
C THR G 41 -55.31 3.70 -18.75
N LEU G 42 -55.60 4.35 -17.61
CA LEU G 42 -54.97 4.05 -16.32
C LEU G 42 -55.86 3.23 -15.39
N SER G 43 -55.20 2.47 -14.50
CA SER G 43 -55.81 1.66 -13.46
C SER G 43 -54.96 1.82 -12.21
N LEU G 44 -55.51 2.50 -11.19
CA LEU G 44 -54.81 2.77 -9.95
C LEU G 44 -54.62 1.50 -9.13
N ASP G 45 -53.36 1.14 -8.85
CA ASP G 45 -53.01 -0.02 -8.04
C ASP G 45 -53.13 0.36 -6.57
N TYR G 46 -52.41 1.42 -6.16
CA TYR G 46 -52.38 1.98 -4.80
C TYR G 46 -51.77 3.39 -4.80
N ILE G 47 -51.72 4.02 -3.61
CA ILE G 47 -51.11 5.33 -3.39
C ILE G 47 -50.16 5.26 -2.19
N THR G 48 -49.01 5.93 -2.28
CA THR G 48 -48.04 5.98 -1.19
C THR G 48 -47.81 7.41 -0.70
N CYS G 49 -47.56 7.56 0.62
CA CYS G 49 -47.37 8.85 1.28
C CYS G 49 -46.48 8.69 2.52
N GLU G 50 -46.40 9.72 3.37
CA GLU G 50 -45.64 9.69 4.61
C GLU G 50 -46.46 8.91 5.64
N TYR G 51 -45.80 8.07 6.46
CA TYR G 51 -46.50 7.30 7.48
C TYR G 51 -46.49 7.99 8.84
N LYS G 52 -47.43 7.62 9.72
CA LYS G 52 -47.54 8.15 11.06
C LYS G 52 -47.42 7.01 12.09
N THR G 53 -46.37 7.05 12.91
CA THR G 53 -46.12 6.06 13.96
C THR G 53 -46.90 6.51 15.21
N VAL G 54 -48.14 6.02 15.35
CA VAL G 54 -49.03 6.35 16.46
C VAL G 54 -48.57 5.60 17.72
N ILE G 55 -48.02 6.36 18.69
CA ILE G 55 -47.53 5.83 19.96
C ILE G 55 -48.27 6.45 21.17
N PRO G 56 -49.12 5.70 21.90
CA PRO G 56 -49.83 6.29 23.05
C PRO G 56 -48.96 6.36 24.30
N SER G 57 -49.54 6.80 25.44
CA SER G 57 -48.85 6.89 26.72
C SER G 57 -48.48 5.50 27.24
N PRO G 58 -47.20 5.25 27.64
CA PRO G 58 -46.84 3.90 28.09
C PRO G 58 -47.47 3.52 29.43
N TYR G 59 -48.00 2.29 29.51
CA TYR G 59 -48.63 1.79 30.73
C TYR G 59 -47.57 1.30 31.71
N VAL G 60 -47.25 2.15 32.70
CA VAL G 60 -46.26 1.84 33.73
C VAL G 60 -47.00 1.19 34.91
N LYS G 61 -46.81 -0.12 35.09
CA LYS G 61 -47.43 -0.86 36.18
C LYS G 61 -46.50 -0.92 37.39
N CYS G 62 -46.85 -0.18 38.45
CA CYS G 62 -46.06 -0.15 39.68
C CYS G 62 -46.45 -1.33 40.55
N CYS G 63 -45.44 -2.08 41.03
CA CYS G 63 -45.58 -3.28 41.87
C CYS G 63 -46.47 -4.37 41.22
N GLY G 64 -46.15 -4.70 39.96
CA GLY G 64 -46.88 -5.69 39.19
C GLY G 64 -46.41 -5.90 37.77
N THR G 65 -47.10 -6.80 37.04
CA THR G 65 -46.79 -7.17 35.65
C THR G 65 -47.93 -6.80 34.69
N ALA G 66 -47.56 -6.22 33.54
CA ALA G 66 -48.48 -5.85 32.46
C ALA G 66 -48.34 -6.90 31.35
N GLU G 67 -49.43 -7.17 30.61
CA GLU G 67 -49.41 -8.16 29.53
C GLU G 67 -49.83 -7.60 28.17
N CYS G 68 -49.07 -7.98 27.12
CA CYS G 68 -49.32 -7.56 25.74
C CYS G 68 -50.53 -8.25 25.14
N LYS G 69 -51.41 -7.45 24.51
CA LYS G 69 -52.61 -7.92 23.84
C LYS G 69 -52.37 -7.84 22.33
N ASP G 70 -52.53 -8.98 21.62
CA ASP G 70 -52.33 -9.06 20.17
C ASP G 70 -53.47 -8.31 19.46
N LYS G 71 -53.12 -7.14 18.88
CA LYS G 71 -54.07 -6.26 18.18
C LYS G 71 -53.91 -6.33 16.66
N ASN G 72 -55.04 -6.29 15.94
CA ASN G 72 -55.06 -6.32 14.48
C ASN G 72 -54.94 -4.89 13.92
N LEU G 73 -53.68 -4.39 13.90
CA LEU G 73 -53.34 -3.05 13.43
C LEU G 73 -52.09 -3.09 12.54
N PRO G 74 -51.96 -2.21 11.51
CA PRO G 74 -50.77 -2.26 10.64
C PRO G 74 -49.46 -1.98 11.39
N ASP G 75 -48.52 -2.94 11.30
CA ASP G 75 -47.20 -2.93 11.94
C ASP G 75 -47.28 -2.80 13.47
N TYR G 76 -48.28 -3.47 14.08
CA TYR G 76 -48.49 -3.46 15.53
C TYR G 76 -47.32 -4.12 16.25
N SER G 77 -46.72 -3.40 17.19
CA SER G 77 -45.58 -3.84 17.97
C SER G 77 -45.86 -3.64 19.46
N CYS G 78 -45.57 -4.66 20.28
CA CYS G 78 -45.80 -4.63 21.72
C CYS G 78 -44.65 -5.29 22.47
N LYS G 79 -44.27 -4.71 23.63
CA LYS G 79 -43.20 -5.22 24.49
C LYS G 79 -43.36 -4.76 25.93
N VAL G 80 -43.08 -5.65 26.90
CA VAL G 80 -43.15 -5.39 28.34
C VAL G 80 -41.74 -5.45 28.92
N PHE G 81 -41.29 -4.37 29.57
CA PHE G 81 -39.95 -4.28 30.16
C PHE G 81 -39.98 -4.40 31.69
N THR G 82 -39.29 -5.42 32.21
CA THR G 82 -39.21 -5.73 33.65
C THR G 82 -38.07 -4.98 34.34
N GLY G 83 -38.25 -4.70 35.63
CA GLY G 83 -37.28 -4.01 36.47
C GLY G 83 -37.06 -2.56 36.11
N VAL G 84 -38.16 -1.81 35.89
CA VAL G 84 -38.12 -0.39 35.54
C VAL G 84 -38.41 0.49 36.75
N TYR G 85 -37.60 1.53 36.97
CA TYR G 85 -37.79 2.47 38.09
C TYR G 85 -37.84 3.91 37.52
N PRO G 86 -39.00 4.34 36.95
CA PRO G 86 -39.06 5.68 36.35
C PRO G 86 -39.22 6.82 37.34
N PHE G 87 -38.77 8.02 36.92
CA PHE G 87 -38.83 9.24 37.73
C PHE G 87 -39.65 10.33 37.05
N MET G 88 -40.37 11.11 37.87
CA MET G 88 -41.17 12.26 37.46
C MET G 88 -40.69 13.54 38.17
N TRP G 89 -41.42 14.66 38.03
CA TRP G 89 -41.10 15.96 38.63
C TRP G 89 -40.86 15.92 40.16
N GLY G 90 -41.78 15.31 40.90
CA GLY G 90 -41.72 15.23 42.36
C GLY G 90 -41.08 14.00 42.95
N GLY G 91 -40.45 13.17 42.10
CA GLY G 91 -39.79 11.95 42.52
C GLY G 91 -40.20 10.72 41.74
N ALA G 92 -40.00 9.53 42.35
CA ALA G 92 -40.33 8.24 41.72
C ALA G 92 -41.84 8.02 41.58
N TYR G 93 -42.25 7.51 40.41
CA TYR G 93 -43.65 7.22 40.08
C TYR G 93 -44.11 5.91 40.74
N CYS G 94 -43.17 4.96 40.98
CA CYS G 94 -43.47 3.66 41.58
C CYS G 94 -42.92 3.49 43.00
N PHE G 95 -43.56 2.60 43.79
CA PHE G 95 -43.19 2.28 45.17
C PHE G 95 -42.08 1.22 45.22
N CYS G 96 -42.25 0.11 44.46
CA CYS G 96 -41.30 -1.00 44.39
C CYS G 96 -40.00 -0.62 43.68
N ASP G 97 -38.90 -1.33 43.99
CA ASP G 97 -37.58 -1.08 43.41
C ASP G 97 -37.31 -1.83 42.11
N ALA G 98 -37.72 -3.12 42.03
CA ALA G 98 -37.49 -3.97 40.86
C ALA G 98 -38.75 -4.73 40.38
N GLU G 99 -39.86 -4.62 41.12
CA GLU G 99 -41.12 -5.31 40.81
C GLU G 99 -42.08 -4.51 39.91
N ASN G 100 -41.55 -3.53 39.14
CA ASN G 100 -42.35 -2.70 38.23
C ASN G 100 -42.14 -3.07 36.76
N THR G 101 -43.19 -2.89 35.95
CA THR G 101 -43.18 -3.18 34.50
C THR G 101 -43.70 -2.00 33.67
N GLN G 102 -43.34 -1.96 32.38
CA GLN G 102 -43.77 -0.91 31.45
C GLN G 102 -44.20 -1.53 30.11
N LEU G 103 -45.47 -1.32 29.74
CA LEU G 103 -46.04 -1.81 28.49
C LEU G 103 -45.87 -0.75 27.40
N SER G 104 -45.07 -1.08 26.36
CA SER G 104 -44.81 -0.18 25.24
C SER G 104 -45.47 -0.74 23.97
N GLU G 105 -46.60 -0.14 23.58
CA GLU G 105 -47.35 -0.52 22.39
C GLU G 105 -47.28 0.55 21.29
N ALA G 106 -47.26 0.11 20.01
CA ALA G 106 -47.14 0.99 18.84
C ALA G 106 -47.76 0.37 17.58
N HIS G 107 -48.18 1.22 16.63
CA HIS G 107 -48.73 0.85 15.33
C HIS G 107 -48.53 1.96 14.28
N VAL G 108 -48.52 1.58 12.98
CA VAL G 108 -48.32 2.50 11.86
C VAL G 108 -49.64 2.82 11.16
N GLU G 109 -49.90 4.12 10.94
CA GLU G 109 -51.09 4.65 10.28
C GLU G 109 -50.70 5.62 9.16
N LYS G 110 -51.68 5.99 8.32
CA LYS G 110 -51.50 6.97 7.24
C LYS G 110 -51.47 8.35 7.90
N SER G 111 -50.48 9.20 7.52
CA SER G 111 -50.37 10.55 8.06
C SER G 111 -51.51 11.44 7.55
N GLU G 112 -51.78 12.55 8.26
CA GLU G 112 -52.83 13.52 7.92
C GLU G 112 -52.58 14.15 6.54
N SER G 113 -51.29 14.20 6.13
CA SER G 113 -50.82 14.76 4.86
C SER G 113 -51.18 13.93 3.63
N CYS G 114 -51.46 12.62 3.81
CA CYS G 114 -51.79 11.68 2.72
C CYS G 114 -52.88 12.13 1.75
N LYS G 115 -53.78 13.03 2.20
CA LYS G 115 -54.87 13.59 1.39
C LYS G 115 -54.30 14.63 0.41
N THR G 116 -53.22 15.32 0.82
CA THR G 116 -52.53 16.37 0.06
C THR G 116 -51.23 15.86 -0.59
N GLU G 117 -50.24 15.45 0.24
CA GLU G 117 -48.94 14.94 -0.19
C GLU G 117 -48.96 13.41 -0.39
N PHE G 118 -49.06 12.97 -1.66
CA PHE G 118 -49.12 11.55 -2.03
C PHE G 118 -48.66 11.30 -3.47
N ALA G 119 -48.17 10.08 -3.73
CA ALA G 119 -47.74 9.62 -5.05
C ALA G 119 -48.62 8.45 -5.46
N SER G 120 -49.17 8.50 -6.68
CA SER G 120 -50.08 7.47 -7.20
C SER G 120 -49.40 6.45 -8.10
N ALA G 121 -49.63 5.16 -7.84
CA ALA G 121 -49.06 4.04 -8.61
C ALA G 121 -50.10 3.51 -9.60
N TYR G 122 -49.93 3.89 -10.88
CA TYR G 122 -50.83 3.51 -11.98
C TYR G 122 -50.28 2.40 -12.86
N ARG G 123 -51.19 1.69 -13.56
CA ARG G 123 -50.88 0.61 -14.49
C ARG G 123 -51.44 1.02 -15.86
N ALA G 124 -50.58 1.51 -16.75
CA ALA G 124 -50.98 1.97 -18.09
C ALA G 124 -51.22 0.80 -19.04
N HIS G 125 -52.41 0.77 -19.67
CA HIS G 125 -52.79 -0.29 -20.60
C HIS G 125 -52.61 0.17 -22.06
N THR G 126 -53.65 0.76 -22.66
CA THR G 126 -53.65 1.27 -24.03
C THR G 126 -53.86 2.79 -24.05
N ALA G 127 -53.47 3.46 -25.15
CA ALA G 127 -53.61 4.91 -25.27
C ALA G 127 -54.51 5.34 -26.42
N SER G 128 -55.28 6.41 -26.21
CA SER G 128 -56.19 7.00 -27.20
C SER G 128 -55.64 8.34 -27.67
N ALA G 129 -55.36 8.46 -28.97
CA ALA G 129 -54.81 9.67 -29.57
C ALA G 129 -55.91 10.66 -29.99
N SER G 130 -55.63 11.96 -29.83
CA SER G 130 -56.53 13.08 -30.18
C SER G 130 -55.70 14.29 -30.57
N ALA G 131 -56.12 15.01 -31.63
CA ALA G 131 -55.38 16.16 -32.13
C ALA G 131 -56.21 17.42 -32.42
N LYS G 132 -55.23 18.89 -32.01
CA LYS G 132 -55.63 20.25 -32.37
C LYS G 132 -54.92 20.59 -33.68
N LEU G 133 -55.69 20.79 -34.77
CA LEU G 133 -55.16 21.05 -36.11
C LEU G 133 -55.64 22.38 -36.69
N ARG G 134 -54.70 23.17 -37.25
CA ARG G 134 -54.95 24.46 -37.90
C ARG G 134 -55.04 24.22 -39.41
N VAL G 135 -56.11 24.70 -40.05
CA VAL G 135 -56.34 24.55 -41.50
C VAL G 135 -56.59 25.91 -42.17
N LEU G 136 -55.82 26.23 -43.22
CA LEU G 136 -56.01 27.46 -44.00
C LEU G 136 -57.00 27.12 -45.14
N TYR G 137 -58.30 27.16 -44.79
CA TYR G 137 -59.40 26.85 -45.69
C TYR G 137 -60.08 28.13 -46.15
N GLN G 138 -60.05 28.38 -47.48
CA GLN G 138 -60.61 29.55 -48.16
C GLN G 138 -60.04 30.90 -47.66
N GLY G 139 -58.72 30.94 -47.51
CA GLY G 139 -57.98 32.11 -47.05
C GLY G 139 -58.20 32.50 -45.60
N ASN G 140 -58.64 31.55 -44.76
CA ASN G 140 -58.91 31.77 -43.33
C ASN G 140 -58.51 30.56 -42.49
N ASN G 141 -57.79 30.83 -41.38
CA ASN G 141 -57.33 29.80 -40.44
C ASN G 141 -58.49 29.29 -39.57
N ILE G 142 -58.72 27.96 -39.60
CA ILE G 142 -59.77 27.30 -38.82
C ILE G 142 -59.17 26.29 -37.83
N THR G 143 -59.73 26.24 -36.60
CA THR G 143 -59.26 25.34 -35.55
C THR G 143 -60.15 24.10 -35.46
N VAL G 144 -59.51 22.91 -35.54
CA VAL G 144 -60.18 21.61 -35.49
C VAL G 144 -59.61 20.80 -34.33
N THR G 145 -60.46 20.41 -33.36
CA THR G 145 -60.08 19.61 -32.20
C THR G 145 -60.96 18.35 -32.19
N ALA G 146 -60.33 17.17 -32.40
CA ALA G 146 -61.02 15.88 -32.46
C ALA G 146 -60.13 14.70 -32.04
N TYR G 147 -60.75 13.56 -31.69
CA TYR G 147 -60.06 12.34 -31.30
C TYR G 147 -59.40 11.69 -32.52
N ALA G 148 -58.13 11.27 -32.39
CA ALA G 148 -57.35 10.65 -33.47
C ALA G 148 -57.60 9.14 -33.59
N ASN G 149 -58.89 8.74 -33.64
CA ASN G 149 -59.32 7.34 -33.76
C ASN G 149 -59.79 6.97 -35.18
N GLY G 150 -60.07 7.99 -36.01
CA GLY G 150 -60.54 7.83 -37.37
C GLY G 150 -62.03 7.53 -37.45
N ASP G 151 -62.80 8.02 -36.46
CA ASP G 151 -64.26 7.83 -36.36
C ASP G 151 -64.97 9.12 -35.95
N HIS G 152 -64.40 9.88 -35.00
CA HIS G 152 -64.94 11.14 -34.50
C HIS G 152 -64.83 12.26 -35.55
N ALA G 153 -65.97 12.61 -36.17
CA ALA G 153 -66.06 13.63 -37.22
C ALA G 153 -66.48 14.99 -36.67
N VAL G 154 -65.78 16.05 -37.09
CA VAL G 154 -66.03 17.44 -36.68
C VAL G 154 -66.25 18.31 -37.94
N THR G 155 -67.38 19.01 -38.00
CA THR G 155 -67.74 19.88 -39.12
C THR G 155 -67.43 21.35 -38.83
N VAL G 156 -66.49 21.93 -39.58
CA VAL G 156 -66.08 23.34 -39.49
C VAL G 156 -66.20 23.94 -40.89
N LYS G 157 -67.02 25.02 -41.03
CA LYS G 157 -67.32 25.73 -42.28
C LYS G 157 -67.84 24.77 -43.38
N ASP G 158 -68.82 23.92 -42.99
CA ASP G 158 -69.50 22.91 -43.82
C ASP G 158 -68.56 21.81 -44.38
N ALA G 159 -67.39 21.62 -43.77
CA ALA G 159 -66.40 20.62 -44.17
C ALA G 159 -66.18 19.61 -43.05
N LYS G 160 -66.42 18.33 -43.33
CA LYS G 160 -66.27 17.23 -42.37
C LYS G 160 -64.80 16.82 -42.24
N PHE G 161 -64.29 16.84 -41.00
CA PHE G 161 -62.90 16.48 -40.68
C PHE G 161 -62.82 15.19 -39.86
N ILE G 162 -62.03 14.23 -40.35
CA ILE G 162 -61.87 12.95 -39.65
C ILE G 162 -60.41 12.65 -39.39
N VAL G 163 -59.96 12.91 -38.16
CA VAL G 163 -58.58 12.67 -37.78
C VAL G 163 -58.39 11.25 -37.25
N GLY G 164 -57.26 10.64 -37.57
CA GLY G 164 -56.96 9.29 -37.12
C GLY G 164 -57.11 8.27 -38.23
N PRO G 165 -56.76 7.02 -37.93
CA PRO G 165 -56.26 6.66 -36.60
C PRO G 165 -54.74 6.71 -36.53
N MET G 166 -54.20 6.90 -35.34
CA MET G 166 -52.76 6.96 -35.14
C MET G 166 -52.05 5.78 -35.82
N SER G 167 -50.94 6.08 -36.48
CA SER G 167 -50.17 5.05 -37.18
C SER G 167 -49.30 4.26 -36.21
N SER G 168 -48.57 4.97 -35.36
CA SER G 168 -47.71 4.34 -34.38
C SER G 168 -48.38 4.26 -33.01
N ALA G 169 -48.09 3.19 -32.28
CA ALA G 169 -48.67 3.00 -30.95
C ALA G 169 -47.63 3.20 -29.86
N TRP G 170 -46.52 3.86 -30.23
CA TRP G 170 -45.45 4.12 -29.28
C TRP G 170 -45.88 5.14 -28.23
N THR G 171 -45.47 4.92 -26.99
CA THR G 171 -45.82 5.82 -25.89
C THR G 171 -44.66 5.94 -24.91
N PRO G 172 -44.38 7.17 -24.47
CA PRO G 172 -43.31 7.42 -23.51
C PRO G 172 -43.56 6.73 -22.17
N PHE G 173 -44.77 6.23 -21.98
CA PHE G 173 -45.13 5.57 -20.74
C PHE G 173 -45.03 4.04 -20.89
N ASP G 174 -44.74 3.37 -19.78
CA ASP G 174 -44.62 1.92 -19.79
C ASP G 174 -45.83 1.25 -19.15
N ASN G 175 -45.71 -0.03 -18.86
CA ASN G 175 -46.81 -0.79 -18.25
C ASN G 175 -47.09 -0.33 -16.81
N LYS G 176 -46.07 0.22 -16.17
CA LYS G 176 -46.20 0.69 -14.79
C LYS G 176 -45.66 2.11 -14.65
N ILE G 177 -46.51 3.02 -14.19
CA ILE G 177 -46.11 4.43 -14.01
C ILE G 177 -46.42 4.97 -12.60
N VAL G 178 -45.69 6.03 -12.19
CA VAL G 178 -45.86 6.70 -10.88
C VAL G 178 -46.07 8.22 -11.09
N VAL G 179 -47.16 8.76 -10.54
CA VAL G 179 -47.53 10.18 -10.68
C VAL G 179 -47.51 10.94 -9.34
N TYR G 180 -46.67 12.00 -9.28
CA TYR G 180 -46.55 12.90 -8.14
C TYR G 180 -46.79 14.33 -8.62
N LYS G 181 -47.92 14.93 -8.19
CA LYS G 181 -48.36 16.29 -8.55
C LYS G 181 -48.41 16.52 -10.07
N GLY G 182 -47.32 17.04 -10.65
CA GLY G 182 -47.21 17.31 -12.07
C GLY G 182 -46.07 16.58 -12.77
N ASP G 183 -45.52 15.55 -12.11
CA ASP G 183 -44.41 14.75 -12.64
C ASP G 183 -44.77 13.27 -12.74
N VAL G 184 -44.50 12.66 -13.91
CA VAL G 184 -44.76 11.25 -14.20
C VAL G 184 -43.43 10.51 -14.37
N TYR G 185 -43.27 9.38 -13.66
CA TYR G 185 -42.05 8.56 -13.67
C TYR G 185 -42.35 7.14 -14.15
N ASN G 186 -41.50 6.60 -15.04
CA ASN G 186 -41.60 5.24 -15.53
C ASN G 186 -40.91 4.35 -14.49
N MET G 187 -41.69 3.91 -13.47
CA MET G 187 -41.17 3.11 -12.36
C MET G 187 -41.75 1.69 -12.31
N ASP G 188 -40.89 0.73 -11.90
CA ASP G 188 -41.26 -0.67 -11.71
C ASP G 188 -41.49 -0.86 -10.19
N TYR G 189 -42.52 -0.17 -9.67
CA TYR G 189 -42.91 -0.14 -8.27
C TYR G 189 -43.29 -1.52 -7.69
N PRO G 190 -43.10 -1.77 -6.36
CA PRO G 190 -43.45 -3.08 -5.80
C PRO G 190 -44.97 -3.32 -5.79
N PRO G 191 -45.44 -4.59 -6.00
CA PRO G 191 -46.89 -4.84 -5.99
C PRO G 191 -47.57 -4.59 -4.65
N PHE G 192 -48.92 -4.48 -4.66
CA PHE G 192 -49.74 -4.23 -3.47
C PHE G 192 -49.60 -5.36 -2.44
N GLY G 193 -49.12 -5.00 -1.26
CA GLY G 193 -48.88 -5.91 -0.15
C GLY G 193 -47.53 -6.58 -0.18
N ALA G 194 -46.56 -5.98 -0.91
CA ALA G 194 -45.20 -6.50 -1.05
C ALA G 194 -44.12 -5.40 -0.93
N GLY G 195 -44.46 -4.31 -0.27
CA GLY G 195 -43.54 -3.19 -0.04
C GLY G 195 -42.50 -3.49 1.01
N ARG G 196 -41.29 -2.90 0.84
CA ARG G 196 -40.14 -3.10 1.73
C ARG G 196 -39.87 -1.84 2.59
N PRO G 197 -39.32 -1.99 3.84
CA PRO G 197 -39.04 -0.81 4.67
C PRO G 197 -37.96 0.11 4.12
N GLY G 198 -38.19 1.42 4.24
CA GLY G 198 -37.27 2.46 3.77
C GLY G 198 -37.32 2.74 2.28
N GLN G 199 -38.03 1.90 1.52
CA GLN G 199 -38.18 2.02 0.07
C GLN G 199 -39.57 2.54 -0.32
N PHE G 200 -39.74 2.92 -1.61
CA PHE G 200 -40.99 3.41 -2.18
C PHE G 200 -42.03 2.27 -2.10
N GLY G 201 -43.03 2.46 -1.26
CA GLY G 201 -44.09 1.49 -1.05
C GLY G 201 -44.07 0.83 0.32
N ASP G 202 -43.34 1.43 1.29
CA ASP G 202 -43.25 0.95 2.68
C ASP G 202 -44.61 1.03 3.39
N ILE G 203 -45.47 1.96 2.91
CA ILE G 203 -46.85 2.18 3.33
C ILE G 203 -47.71 2.24 2.06
N GLN G 204 -48.65 1.29 1.93
CA GLN G 204 -49.52 1.19 0.75
C GLN G 204 -51.00 1.27 1.12
N SER G 205 -51.73 2.19 0.47
CA SER G 205 -53.17 2.41 0.66
C SER G 205 -53.84 2.52 -0.70
N ARG G 206 -55.10 2.08 -0.79
CA ARG G 206 -55.90 2.09 -2.02
C ARG G 206 -56.17 3.51 -2.57
N THR G 207 -56.66 4.43 -1.70
CA THR G 207 -56.97 5.82 -2.05
C THR G 207 -56.51 6.77 -0.91
N PRO G 208 -56.30 8.10 -1.15
CA PRO G 208 -55.89 8.99 -0.05
C PRO G 208 -56.89 9.11 1.11
N GLU G 209 -58.14 8.62 0.91
CA GLU G 209 -59.21 8.65 1.92
C GLU G 209 -59.57 7.23 2.42
N SER G 210 -58.85 6.19 1.94
CA SER G 210 -59.07 4.78 2.30
C SER G 210 -58.93 4.48 3.79
N LYS G 211 -59.66 3.47 4.27
CA LYS G 211 -59.71 3.04 5.66
C LYS G 211 -58.55 2.09 6.03
N ASP G 212 -58.41 0.95 5.31
CA ASP G 212 -57.37 -0.05 5.56
C ASP G 212 -56.07 0.27 4.83
N VAL G 213 -54.93 0.07 5.51
CA VAL G 213 -53.59 0.33 5.00
C VAL G 213 -52.61 -0.84 5.20
N TYR G 214 -51.60 -0.95 4.31
CA TYR G 214 -50.53 -1.93 4.37
C TYR G 214 -49.29 -1.22 4.91
N ALA G 215 -48.60 -1.83 5.89
CA ALA G 215 -47.40 -1.23 6.48
C ALA G 215 -46.27 -2.21 6.79
N ASN G 216 -45.10 -1.94 6.22
CA ASN G 216 -43.85 -2.69 6.42
C ASN G 216 -42.75 -1.64 6.60
N THR G 217 -42.49 -1.27 7.87
CA THR G 217 -41.54 -0.23 8.25
C THR G 217 -40.40 -0.72 9.16
N GLN G 218 -40.47 -1.99 9.62
CA GLN G 218 -39.50 -2.64 10.51
C GLN G 218 -39.40 -1.87 11.85
N LEU G 219 -40.53 -1.81 12.57
CA LEU G 219 -40.67 -1.12 13.85
C LEU G 219 -40.42 -2.08 15.01
N VAL G 220 -39.43 -1.73 15.86
CA VAL G 220 -39.03 -2.52 17.04
C VAL G 220 -38.91 -1.57 18.26
N LEU G 221 -39.54 -1.92 19.39
CA LEU G 221 -39.45 -1.11 20.62
C LEU G 221 -38.14 -1.39 21.35
N GLN G 222 -37.60 -0.35 22.01
CA GLN G 222 -36.37 -0.43 22.78
C GLN G 222 -36.66 -0.19 24.28
N ARG G 223 -35.75 -0.63 25.16
CA ARG G 223 -35.89 -0.44 26.60
C ARG G 223 -35.68 1.04 26.98
N PRO G 224 -36.57 1.66 27.80
CA PRO G 224 -36.38 3.08 28.14
C PRO G 224 -35.15 3.35 29.02
N ALA G 225 -34.67 4.61 28.99
CA ALA G 225 -33.52 5.08 29.76
C ALA G 225 -33.79 5.05 31.27
N ALA G 226 -32.71 4.99 32.09
CA ALA G 226 -32.77 4.94 33.55
C ALA G 226 -33.53 6.12 34.15
N GLY G 227 -34.64 5.81 34.83
CA GLY G 227 -35.53 6.78 35.47
C GLY G 227 -36.21 7.72 34.50
N THR G 228 -36.54 7.22 33.29
CA THR G 228 -37.15 8.01 32.22
C THR G 228 -38.42 7.36 31.67
N VAL G 229 -39.47 8.18 31.47
CA VAL G 229 -40.73 7.73 30.87
C VAL G 229 -40.73 8.22 29.42
N HIS G 230 -40.55 7.28 28.48
CA HIS G 230 -40.53 7.49 27.04
C HIS G 230 -40.63 6.16 26.31
N VAL G 231 -41.00 6.19 25.01
CA VAL G 231 -41.13 4.98 24.20
C VAL G 231 -40.03 4.98 23.10
N PRO G 232 -38.79 4.51 23.39
CA PRO G 232 -37.76 4.51 22.35
C PRO G 232 -37.99 3.38 21.34
N TYR G 233 -37.73 3.66 20.06
CA TYR G 233 -37.95 2.67 19.00
C TYR G 233 -36.96 2.77 17.83
N SER G 234 -36.78 1.64 17.12
CA SER G 234 -35.94 1.55 15.93
C SER G 234 -36.85 1.27 14.74
N GLN G 235 -36.89 2.19 13.77
CA GLN G 235 -37.76 2.10 12.59
C GLN G 235 -37.06 2.72 11.37
N ALA G 236 -37.22 2.07 10.20
CA ALA G 236 -36.65 2.54 8.93
C ALA G 236 -37.36 3.84 8.50
N PRO G 237 -36.61 4.91 8.11
CA PRO G 237 -37.28 6.16 7.73
C PRO G 237 -38.21 6.08 6.52
N SER G 238 -39.13 7.04 6.40
CA SER G 238 -40.15 7.13 5.34
C SER G 238 -39.59 6.97 3.92
N GLY G 239 -40.04 5.91 3.25
CA GLY G 239 -39.65 5.57 1.88
C GLY G 239 -40.11 6.60 0.87
N PHE G 240 -41.28 7.21 1.12
CA PHE G 240 -41.87 8.26 0.28
C PHE G 240 -41.04 9.55 0.37
N LYS G 241 -40.63 9.93 1.59
CA LYS G 241 -39.79 11.12 1.85
C LYS G 241 -38.40 10.97 1.23
N TYR G 242 -37.86 9.73 1.26
CA TYR G 242 -36.56 9.38 0.68
C TYR G 242 -36.65 9.42 -0.85
N TRP G 243 -37.74 8.87 -1.44
CA TRP G 243 -37.98 8.85 -2.88
C TRP G 243 -38.11 10.26 -3.45
N LEU G 244 -38.81 11.16 -2.72
CA LEU G 244 -39.02 12.56 -3.10
C LEU G 244 -37.70 13.32 -3.28
N LYS G 245 -36.61 12.82 -2.66
CA LYS G 245 -35.27 13.38 -2.74
C LYS G 245 -34.43 12.63 -3.81
N GLU G 246 -34.59 11.29 -3.91
CA GLU G 246 -33.84 10.46 -4.85
C GLU G 246 -34.70 9.82 -5.97
N ARG G 247 -35.40 10.66 -6.75
CA ARG G 247 -36.25 10.21 -7.87
C ARG G 247 -35.68 10.58 -9.24
N GLY G 248 -34.95 11.68 -9.29
CA GLY G 248 -34.34 12.18 -10.52
C GLY G 248 -35.31 12.95 -11.39
N ALA G 249 -35.01 13.03 -12.69
CA ALA G 249 -35.84 13.74 -13.67
C ALA G 249 -37.02 12.90 -14.13
N SER G 250 -38.17 13.55 -14.32
CA SER G 250 -39.41 12.91 -14.78
C SER G 250 -39.40 12.70 -16.29
N LEU G 251 -40.46 12.06 -16.84
CA LEU G 251 -40.62 11.80 -18.27
C LEU G 251 -40.59 13.08 -19.11
N GLN G 252 -41.12 14.20 -18.56
CA GLN G 252 -41.15 15.53 -19.17
C GLN G 252 -39.75 15.97 -19.67
N HIS G 253 -38.69 15.56 -18.95
CA HIS G 253 -37.29 15.87 -19.26
C HIS G 253 -36.50 14.72 -19.91
N THR G 254 -36.87 13.45 -19.63
CA THR G 254 -36.13 12.28 -20.14
C THR G 254 -36.72 11.56 -21.37
N ALA G 255 -38.02 11.77 -21.68
CA ALA G 255 -38.68 11.10 -22.82
C ALA G 255 -38.14 11.49 -24.20
N PRO G 256 -38.06 10.53 -25.16
CA PRO G 256 -37.58 10.88 -26.51
C PRO G 256 -38.66 11.57 -27.36
N PHE G 257 -38.28 12.00 -28.59
CA PHE G 257 -39.12 12.70 -29.58
C PHE G 257 -39.69 14.05 -29.11
N GLY G 258 -39.07 14.64 -28.09
CA GLY G 258 -39.44 15.92 -27.51
C GLY G 258 -40.81 15.94 -26.86
N CYS G 259 -41.18 14.84 -26.19
CA CYS G 259 -42.47 14.68 -25.51
C CYS G 259 -42.64 15.64 -24.34
N GLN G 260 -43.85 16.24 -24.24
CA GLN G 260 -44.23 17.14 -23.16
C GLN G 260 -45.26 16.38 -22.31
N ILE G 261 -44.97 16.17 -21.03
CA ILE G 261 -45.86 15.42 -20.14
C ILE G 261 -46.76 16.33 -19.30
N ALA G 262 -48.08 16.15 -19.44
CA ALA G 262 -49.11 16.89 -18.72
C ALA G 262 -49.81 15.98 -17.70
N THR G 263 -50.49 16.59 -16.71
CA THR G 263 -51.19 15.85 -15.65
C THR G 263 -52.66 16.22 -15.51
N ASN G 264 -53.44 15.37 -14.79
CA ASN G 264 -54.87 15.51 -14.50
C ASN G 264 -55.76 15.79 -15.75
N PRO G 265 -55.96 14.83 -16.68
CA PRO G 265 -55.43 13.45 -16.70
C PRO G 265 -54.01 13.38 -17.26
N VAL G 266 -53.30 12.29 -16.95
CA VAL G 266 -51.92 12.12 -17.42
C VAL G 266 -51.89 11.71 -18.89
N ARG G 267 -51.21 12.51 -19.71
CA ARG G 267 -51.11 12.23 -21.14
C ARG G 267 -49.86 12.88 -21.73
N ALA G 268 -49.47 12.41 -22.92
CA ALA G 268 -48.29 12.95 -23.59
C ALA G 268 -48.69 13.90 -24.71
N VAL G 269 -48.23 15.13 -24.63
CA VAL G 269 -48.53 16.14 -25.65
C VAL G 269 -47.35 16.36 -26.58
N ASN G 270 -47.65 16.75 -27.83
CA ASN G 270 -46.61 16.98 -28.82
C ASN G 270 -45.51 15.92 -28.79
N CYS G 271 -45.72 14.84 -29.55
CA CYS G 271 -44.75 13.76 -29.61
C CYS G 271 -44.48 13.34 -31.05
N ALA G 272 -43.33 13.75 -31.58
CA ALA G 272 -42.95 13.42 -32.94
C ALA G 272 -42.67 11.93 -33.09
N VAL G 273 -43.72 11.16 -33.38
CA VAL G 273 -43.59 9.71 -33.55
C VAL G 273 -44.68 9.17 -34.46
N GLY G 274 -44.26 8.58 -35.58
CA GLY G 274 -45.20 8.02 -36.54
C GLY G 274 -45.94 9.09 -37.33
N ASN G 275 -46.93 8.65 -38.10
CA ASN G 275 -47.73 9.58 -38.90
C ASN G 275 -49.17 9.67 -38.42
N MET G 276 -49.99 10.39 -39.18
CA MET G 276 -51.40 10.56 -38.82
C MET G 276 -52.24 10.91 -40.06
N PRO G 277 -53.23 10.07 -40.33
CA PRO G 277 -54.12 10.29 -41.49
C PRO G 277 -55.21 11.31 -41.19
N ILE G 278 -55.58 12.09 -42.18
CA ILE G 278 -56.62 13.10 -42.01
C ILE G 278 -57.53 13.18 -43.23
N SER G 279 -58.82 12.91 -43.02
CA SER G 279 -59.79 12.95 -44.10
C SER G 279 -60.59 14.24 -44.07
N ILE G 280 -60.66 14.92 -45.21
CA ILE G 280 -61.41 16.18 -45.31
C ILE G 280 -62.45 16.10 -46.43
N ASP G 281 -63.74 16.17 -46.05
CA ASP G 281 -64.85 16.15 -46.99
C ASP G 281 -65.23 17.60 -47.32
N ILE G 282 -64.56 18.17 -48.32
CA ILE G 282 -64.77 19.55 -48.79
C ILE G 282 -66.09 19.66 -49.56
N PRO G 283 -67.00 20.60 -49.19
CA PRO G 283 -68.28 20.72 -49.93
C PRO G 283 -68.10 21.21 -51.37
N GLU G 284 -69.03 20.80 -52.25
CA GLU G 284 -69.03 21.14 -53.68
C GLU G 284 -69.12 22.65 -53.98
N ALA G 285 -69.63 23.43 -53.03
CA ALA G 285 -69.76 24.86 -53.20
C ALA G 285 -68.41 25.55 -53.10
N ALA G 286 -67.42 24.84 -52.56
CA ALA G 286 -66.08 25.39 -52.41
C ALA G 286 -65.27 25.21 -53.69
N PHE G 287 -65.79 24.41 -54.61
CA PHE G 287 -65.12 24.15 -55.88
C PHE G 287 -65.60 25.12 -56.96
N THR G 288 -64.88 25.14 -58.09
CA THR G 288 -65.24 26.02 -59.19
C THR G 288 -64.74 25.46 -60.52
N ARG G 289 -65.67 24.96 -61.33
CA ARG G 289 -65.32 24.38 -62.62
C ARG G 289 -64.05 25.01 -63.18
N VAL G 290 -63.27 24.21 -63.89
CA VAL G 290 -62.02 24.68 -64.47
C VAL G 290 -62.28 25.66 -65.62
N VAL G 291 -63.18 25.28 -66.51
CA VAL G 291 -63.53 26.12 -67.65
C VAL G 291 -63.84 27.55 -67.21
N ASP G 292 -64.22 27.69 -65.94
CA ASP G 292 -64.56 29.01 -65.39
C ASP G 292 -63.32 29.66 -64.76
N ALA G 293 -62.16 29.09 -65.02
CA ALA G 293 -60.91 29.61 -64.47
C ALA G 293 -60.08 30.30 -65.54
N PRO G 294 -58.96 30.90 -65.13
CA PRO G 294 -58.07 31.59 -66.07
C PRO G 294 -56.90 30.71 -66.50
N SER G 295 -56.42 30.92 -67.71
CA SER G 295 -55.30 30.14 -68.23
C SER G 295 -54.01 30.96 -68.26
N LEU G 296 -52.96 30.39 -68.83
CA LEU G 296 -51.67 31.06 -68.91
C LEU G 296 -50.86 30.55 -70.09
N THR G 297 -50.05 31.43 -70.67
CA THR G 297 -49.22 31.09 -71.81
C THR G 297 -47.83 31.70 -71.70
N ASP G 298 -46.97 31.40 -72.68
CA ASP G 298 -45.61 31.94 -72.69
C ASP G 298 -45.21 32.46 -71.31
N MET G 299 -44.49 31.63 -70.55
CA MET G 299 -44.05 32.01 -69.22
C MET G 299 -42.56 31.72 -69.04
N SER G 300 -41.82 32.74 -68.61
CA SER G 300 -40.38 32.61 -68.39
C SER G 300 -40.06 32.53 -66.91
N CYS G 301 -38.95 31.88 -66.58
CA CYS G 301 -38.53 31.72 -65.19
C CYS G 301 -37.10 32.23 -64.99
N GLU G 302 -36.96 33.29 -64.21
CA GLU G 302 -35.65 33.87 -63.92
C GLU G 302 -35.39 33.88 -62.42
N VAL G 303 -34.22 33.37 -61.98
CA VAL G 303 -33.82 33.30 -60.58
C VAL G 303 -32.66 34.31 -60.32
N PRO G 304 -32.97 35.53 -59.84
CA PRO G 304 -31.91 36.52 -59.61
C PRO G 304 -31.06 36.25 -58.35
N ALA G 305 -31.61 35.50 -57.37
CA ALA G 305 -30.93 35.20 -56.11
C ALA G 305 -31.34 33.85 -55.52
N CYS G 306 -30.35 33.02 -55.13
CA CYS G 306 -30.57 31.73 -54.48
C CYS G 306 -29.43 31.31 -53.56
N THR G 307 -29.80 30.89 -52.34
CA THR G 307 -28.90 30.40 -51.30
C THR G 307 -29.56 29.15 -50.69
N HIS G 308 -29.02 27.96 -50.97
CA HIS G 308 -29.57 26.69 -50.47
C HIS G 308 -29.43 26.53 -48.96
N SER G 309 -30.57 26.70 -48.25
CA SER G 309 -30.64 26.62 -46.79
C SER G 309 -31.97 26.00 -46.33
N SER G 310 -32.16 25.89 -44.99
CA SER G 310 -33.37 25.34 -44.37
C SER G 310 -34.60 26.22 -44.62
N ASP G 311 -34.40 27.56 -44.68
CA ASP G 311 -35.45 28.54 -44.94
C ASP G 311 -35.50 28.91 -46.43
N PHE G 312 -36.46 29.76 -46.83
CA PHE G 312 -36.63 30.21 -48.21
C PHE G 312 -35.52 31.21 -48.61
N GLY G 313 -34.39 30.66 -49.03
CA GLY G 313 -33.22 31.43 -49.44
C GLY G 313 -33.14 31.72 -50.93
N GLY G 314 -34.22 31.43 -51.65
CA GLY G 314 -34.31 31.63 -53.09
C GLY G 314 -35.45 32.53 -53.51
N VAL G 315 -35.19 33.41 -54.50
CA VAL G 315 -36.15 34.37 -55.05
C VAL G 315 -36.33 34.06 -56.55
N ALA G 316 -37.58 33.93 -57.01
CA ALA G 316 -37.87 33.63 -58.42
C ALA G 316 -38.95 34.55 -59.01
N ILE G 317 -38.69 35.06 -60.23
CA ILE G 317 -39.60 35.94 -60.96
C ILE G 317 -40.14 35.18 -62.18
N ILE G 318 -41.48 35.00 -62.24
CA ILE G 318 -42.15 34.28 -63.33
C ILE G 318 -43.01 35.22 -64.16
N LYS G 319 -42.72 35.32 -65.48
CA LYS G 319 -43.46 36.16 -66.43
C LYS G 319 -44.61 35.32 -67.01
N TYR G 320 -45.76 35.95 -67.30
CA TYR G 320 -46.94 35.24 -67.82
C TYR G 320 -47.85 36.09 -68.73
N ALA G 321 -48.82 35.41 -69.38
CA ALA G 321 -49.86 36.00 -70.22
C ALA G 321 -51.20 35.34 -69.83
N ALA G 322 -51.99 36.02 -68.98
CA ALA G 322 -53.27 35.53 -68.46
C ALA G 322 -54.47 35.95 -69.29
N SER G 323 -55.51 35.09 -69.31
CA SER G 323 -56.75 35.32 -70.05
C SER G 323 -57.68 36.30 -69.33
N LYS G 324 -57.75 36.23 -67.98
CA LYS G 324 -58.61 37.09 -67.15
C LYS G 324 -58.10 37.24 -65.70
N LYS G 325 -58.72 38.17 -64.93
CA LYS G 325 -58.40 38.44 -63.54
C LYS G 325 -58.98 37.34 -62.64
N GLY G 326 -58.13 36.71 -61.85
CA GLY G 326 -58.51 35.63 -60.92
C GLY G 326 -57.36 35.09 -60.10
N LYS G 327 -57.68 34.22 -59.13
CA LYS G 327 -56.69 33.60 -58.25
C LYS G 327 -56.18 32.27 -58.82
N CYS G 328 -54.84 32.10 -58.83
CA CYS G 328 -54.18 30.90 -59.33
C CYS G 328 -53.25 30.30 -58.27
N ALA G 329 -53.30 28.97 -58.11
CA ALA G 329 -52.48 28.22 -57.15
C ALA G 329 -51.04 28.04 -57.63
N VAL G 330 -50.08 28.19 -56.69
CA VAL G 330 -48.65 28.04 -56.96
C VAL G 330 -48.13 26.81 -56.19
N HIS G 331 -47.52 25.86 -56.90
CA HIS G 331 -46.97 24.64 -56.31
C HIS G 331 -45.79 24.10 -57.11
N SER G 332 -44.74 23.63 -56.39
CA SER G 332 -43.54 23.06 -57.00
C SER G 332 -43.79 21.60 -57.33
N MET G 333 -43.58 21.22 -58.61
CA MET G 333 -43.74 19.86 -59.10
C MET G 333 -42.51 18.98 -58.82
N THR G 334 -41.48 19.57 -58.18
CA THR G 334 -40.24 18.92 -57.77
C THR G 334 -40.27 18.75 -56.25
N ASN G 335 -39.98 17.53 -55.76
CA ASN G 335 -40.00 17.20 -54.34
C ASN G 335 -38.83 17.77 -53.52
N ALA G 336 -37.82 18.33 -54.20
CA ALA G 336 -36.64 18.93 -53.57
C ALA G 336 -36.82 20.42 -53.25
N VAL G 337 -37.70 21.11 -54.01
CA VAL G 337 -37.98 22.55 -53.86
C VAL G 337 -39.39 22.77 -53.28
N THR G 338 -39.52 23.75 -52.35
CA THR G 338 -40.79 24.09 -51.71
C THR G 338 -41.06 25.61 -51.81
N ILE G 339 -42.28 25.98 -52.26
CA ILE G 339 -42.70 27.39 -52.44
C ILE G 339 -43.46 27.88 -51.20
N ARG G 340 -43.17 29.13 -50.76
CA ARG G 340 -43.81 29.77 -49.61
C ARG G 340 -45.23 30.22 -49.95
N GLU G 341 -45.47 30.66 -51.21
CA GLU G 341 -46.78 31.15 -51.68
C GLU G 341 -47.70 30.00 -52.07
N ALA G 342 -48.93 30.01 -51.54
CA ALA G 342 -49.95 29.00 -51.81
C ALA G 342 -50.85 29.42 -52.98
N GLU G 343 -51.20 30.72 -53.05
CA GLU G 343 -52.03 31.31 -54.11
C GLU G 343 -51.74 32.79 -54.33
N ILE G 344 -51.75 33.22 -55.60
CA ILE G 344 -51.51 34.62 -56.02
C ILE G 344 -52.58 35.12 -57.00
N GLU G 345 -52.55 36.43 -57.30
CA GLU G 345 -53.49 37.08 -58.21
C GLU G 345 -52.87 37.36 -59.59
N VAL G 346 -53.58 37.00 -60.67
CA VAL G 346 -53.15 37.20 -62.05
C VAL G 346 -54.12 38.14 -62.81
N GLU G 347 -53.67 38.76 -63.91
CA GLU G 347 -54.50 39.68 -64.70
C GLU G 347 -54.37 39.48 -66.21
N GLY G 348 -53.18 39.70 -66.76
CA GLY G 348 -52.89 39.56 -68.17
C GLY G 348 -51.41 39.43 -68.45
N ASN G 349 -50.82 40.45 -69.08
CA ASN G 349 -49.39 40.49 -69.38
C ASN G 349 -48.68 41.13 -68.18
N SER G 350 -48.21 40.28 -67.23
CA SER G 350 -47.54 40.71 -66.00
C SER G 350 -46.51 39.69 -65.48
N GLN G 351 -46.02 39.90 -64.24
CA GLN G 351 -45.03 39.04 -63.57
C GLN G 351 -45.39 38.77 -62.10
N LEU G 352 -44.69 37.81 -61.45
CA LEU G 352 -44.90 37.44 -60.05
C LEU G 352 -43.59 37.03 -59.35
N GLN G 353 -43.40 37.48 -58.10
CA GLN G 353 -42.21 37.16 -57.30
C GLN G 353 -42.55 36.11 -56.24
N ILE G 354 -41.81 34.98 -56.24
CA ILE G 354 -42.01 33.88 -55.29
C ILE G 354 -40.75 33.52 -54.51
N SER G 355 -40.92 33.12 -53.24
CA SER G 355 -39.85 32.70 -52.34
C SER G 355 -39.80 31.17 -52.30
N PHE G 356 -38.61 30.58 -52.49
CA PHE G 356 -38.44 29.13 -52.50
C PHE G 356 -37.28 28.61 -51.65
N SER G 357 -37.43 27.39 -51.10
CA SER G 357 -36.42 26.72 -50.28
C SER G 357 -35.97 25.41 -50.94
N THR G 358 -34.64 25.20 -51.01
CA THR G 358 -34.02 24.01 -51.61
C THR G 358 -32.69 23.65 -50.92
N ALA G 359 -32.20 22.41 -51.12
CA ALA G 359 -30.96 21.91 -50.54
C ALA G 359 -29.86 21.76 -51.59
N LEU G 360 -30.25 21.46 -52.85
CA LEU G 360 -29.34 21.25 -53.99
C LEU G 360 -28.66 22.55 -54.43
N ALA G 361 -27.41 22.44 -54.93
CA ALA G 361 -26.63 23.56 -55.44
C ALA G 361 -27.13 23.92 -56.84
N SER G 362 -27.33 22.91 -57.70
CA SER G 362 -27.86 23.05 -59.06
C SER G 362 -29.31 22.59 -59.00
N ALA G 363 -30.25 23.55 -59.05
CA ALA G 363 -31.67 23.25 -58.96
C ALA G 363 -32.47 23.56 -60.23
N GLU G 364 -32.96 22.51 -60.89
CA GLU G 364 -33.80 22.58 -62.08
C GLU G 364 -35.16 22.06 -61.64
N PHE G 365 -36.13 22.97 -61.45
CA PHE G 365 -37.45 22.65 -60.93
C PHE G 365 -38.61 23.24 -61.73
N ARG G 366 -39.74 22.51 -61.76
CA ARG G 366 -40.97 22.91 -62.45
C ARG G 366 -41.99 23.49 -61.47
N VAL G 367 -42.49 24.70 -61.75
CA VAL G 367 -43.47 25.40 -60.91
C VAL G 367 -44.83 25.41 -61.64
N GLN G 368 -45.85 24.83 -61.00
CA GLN G 368 -47.21 24.77 -61.56
C GLN G 368 -48.05 25.96 -61.10
N VAL G 369 -48.14 26.99 -61.95
CA VAL G 369 -48.94 28.18 -61.68
C VAL G 369 -50.28 27.94 -62.37
N CYS G 370 -51.37 27.90 -61.58
CA CYS G 370 -52.75 27.60 -61.99
C CYS G 370 -52.83 26.16 -62.54
N SER G 371 -52.84 25.98 -63.87
CA SER G 371 -52.90 24.67 -64.53
C SER G 371 -51.76 24.45 -65.54
N THR G 372 -50.92 25.48 -65.75
CA THR G 372 -49.79 25.44 -66.69
C THR G 372 -48.45 25.42 -65.92
N GLN G 373 -47.46 24.65 -66.43
CA GLN G 373 -46.14 24.50 -65.81
C GLN G 373 -45.04 25.33 -66.49
N VAL G 374 -44.04 25.75 -65.69
CA VAL G 374 -42.88 26.54 -66.13
C VAL G 374 -41.57 25.99 -65.53
N HIS G 375 -40.50 25.90 -66.35
CA HIS G 375 -39.20 25.40 -65.93
C HIS G 375 -38.33 26.52 -65.36
N CYS G 376 -37.79 26.32 -64.14
CA CYS G 376 -36.93 27.29 -63.45
C CYS G 376 -35.49 26.77 -63.33
N ALA G 377 -34.53 27.60 -63.77
CA ALA G 377 -33.10 27.29 -63.72
C ALA G 377 -32.46 28.14 -62.60
N ALA G 378 -31.84 27.47 -61.62
CA ALA G 378 -31.20 28.13 -60.48
C ALA G 378 -29.88 27.49 -60.07
N GLU G 379 -28.89 28.33 -59.76
CA GLU G 379 -27.56 27.92 -59.30
C GLU G 379 -27.36 28.51 -57.89
N CYS G 380 -27.95 27.82 -56.90
CA CYS G 380 -27.92 28.23 -55.49
C CYS G 380 -26.55 28.06 -54.85
N HIS G 381 -26.22 28.97 -53.91
CA HIS G 381 -24.93 29.02 -53.22
C HIS G 381 -25.01 28.58 -51.74
N PRO G 382 -23.88 28.12 -51.12
CA PRO G 382 -23.96 27.67 -49.72
C PRO G 382 -24.17 28.78 -48.69
N PRO G 383 -24.85 28.51 -47.55
CA PRO G 383 -25.06 29.57 -46.54
C PRO G 383 -23.87 29.74 -45.61
N LYS G 384 -23.85 30.85 -44.85
CA LYS G 384 -22.76 31.17 -43.91
C LYS G 384 -22.72 30.25 -42.67
N ASP G 385 -23.88 29.74 -42.23
CA ASP G 385 -24.00 28.88 -41.05
C ASP G 385 -24.14 27.41 -41.43
N HIS G 386 -23.40 26.53 -40.72
CA HIS G 386 -23.42 25.09 -40.92
C HIS G 386 -24.54 24.41 -40.08
N ILE G 387 -24.86 25.01 -38.92
CA ILE G 387 -25.90 24.52 -38.01
C ILE G 387 -27.01 25.58 -37.89
N VAL G 388 -28.27 25.15 -38.06
CA VAL G 388 -29.46 26.00 -38.02
C VAL G 388 -30.31 25.73 -36.74
N ASN G 389 -31.15 26.70 -36.33
CA ASN G 389 -31.99 26.61 -35.13
C ASN G 389 -33.48 26.27 -35.40
N TYR G 390 -33.81 25.82 -36.62
CA TYR G 390 -35.17 25.43 -37.03
C TYR G 390 -35.19 24.25 -38.01
N PRO G 391 -36.15 23.28 -37.88
CA PRO G 391 -36.16 22.13 -38.80
C PRO G 391 -36.78 22.45 -40.17
N ALA G 392 -36.42 21.64 -41.19
CA ALA G 392 -36.89 21.77 -42.57
C ALA G 392 -37.21 20.42 -43.21
N SER G 393 -37.87 20.45 -44.39
CA SER G 393 -38.25 19.26 -45.17
C SER G 393 -37.03 18.60 -45.81
N ASN H 1 -63.68 28.02 25.43
CA ASN H 1 -62.29 28.03 25.83
C ASN H 1 -61.93 26.62 26.09
N VAL H 2 -61.53 25.96 25.04
CA VAL H 2 -61.22 24.53 25.08
C VAL H 2 -60.11 24.22 26.10
N TYR H 3 -59.38 25.25 26.52
CA TYR H 3 -58.26 25.16 27.47
C TYR H 3 -58.70 25.07 28.95
N LYS H 4 -60.02 25.01 29.19
CA LYS H 4 -60.63 24.85 30.52
C LYS H 4 -60.36 23.42 31.01
N ALA H 5 -60.63 22.44 30.15
CA ALA H 5 -60.42 21.04 30.50
C ALA H 5 -58.96 20.63 30.29
N THR H 6 -58.43 20.95 29.12
CA THR H 6 -57.04 20.61 28.80
C THR H 6 -56.08 21.22 29.81
N ARG H 7 -54.84 20.72 29.81
CA ARG H 7 -53.82 21.21 30.73
C ARG H 7 -52.42 21.01 30.15
N PRO H 8 -51.41 21.30 30.96
CA PRO H 8 -50.02 21.15 30.52
C PRO H 8 -49.24 20.17 31.39
N TYR H 9 -48.08 19.72 30.91
CA TYR H 9 -47.26 18.79 31.66
C TYR H 9 -45.78 19.06 31.44
N LEU H 10 -44.93 18.18 31.97
CA LEU H 10 -43.48 18.33 31.84
C LEU H 10 -42.89 17.19 31.02
N ALA H 11 -41.61 17.32 30.68
CA ALA H 11 -40.92 16.29 29.91
C ALA H 11 -39.41 16.33 30.16
N HIS H 12 -38.64 15.84 29.19
CA HIS H 12 -37.20 15.82 29.31
C HIS H 12 -36.53 16.57 28.15
N CYS H 13 -35.33 17.05 28.39
CA CYS H 13 -34.58 17.79 27.37
C CYS H 13 -33.14 17.34 27.29
N PRO H 14 -32.58 17.35 26.09
CA PRO H 14 -31.18 16.94 25.88
C PRO H 14 -30.21 18.11 25.99
N ASP H 15 -30.75 19.32 25.99
CA ASP H 15 -29.93 20.52 26.09
C ASP H 15 -30.73 21.71 26.60
N CYS H 16 -30.59 22.01 27.88
CA CYS H 16 -31.32 23.13 28.49
C CYS H 16 -30.48 24.41 28.45
N GLY H 17 -29.18 24.25 28.19
CA GLY H 17 -28.27 25.38 28.12
C GLY H 17 -26.86 24.96 28.49
N GLU H 18 -25.87 25.36 27.65
CA GLU H 18 -24.44 25.05 27.80
C GLU H 18 -24.13 23.53 27.72
N GLY H 19 -24.95 22.80 26.96
CA GLY H 19 -24.80 21.36 26.74
C GLY H 19 -25.24 20.45 27.87
N HIS H 20 -25.95 21.00 28.87
CA HIS H 20 -26.42 20.23 30.02
C HIS H 20 -27.87 19.80 29.86
N SER H 21 -28.14 18.49 30.04
CA SER H 21 -29.48 17.90 29.92
C SER H 21 -30.27 18.04 31.23
N CYS H 22 -31.58 18.35 31.13
CA CYS H 22 -32.47 18.53 32.29
C CYS H 22 -33.95 18.27 31.93
N HIS H 23 -34.86 18.44 32.91
CA HIS H 23 -36.30 18.32 32.74
C HIS H 23 -36.81 19.73 32.46
N SER H 24 -37.04 20.04 31.18
CA SER H 24 -37.44 21.37 30.72
C SER H 24 -38.94 21.52 30.48
N PRO H 25 -39.57 22.66 30.89
CA PRO H 25 -41.01 22.85 30.60
C PRO H 25 -41.28 23.28 29.16
N VAL H 26 -40.20 23.59 28.41
CA VAL H 26 -40.20 24.00 27.01
C VAL H 26 -39.54 22.89 26.12
N ALA H 27 -39.67 21.62 26.58
CA ALA H 27 -39.12 20.43 25.92
C ALA H 27 -39.69 20.20 24.51
N LEU H 28 -38.78 19.92 23.56
CA LEU H 28 -39.12 19.68 22.15
C LEU H 28 -39.59 18.25 21.93
N GLU H 29 -40.69 18.09 21.17
CA GLU H 29 -41.27 16.79 20.87
C GLU H 29 -41.05 16.38 19.42
N ARG H 30 -41.72 17.06 18.48
CA ARG H 30 -41.66 16.77 17.05
C ARG H 30 -41.51 18.08 16.27
N ILE H 31 -40.55 18.12 15.32
CA ILE H 31 -40.29 19.27 14.47
C ILE H 31 -40.63 18.88 13.01
N ARG H 32 -41.84 19.25 12.57
CA ARG H 32 -42.34 18.95 11.21
C ARG H 32 -41.87 20.00 10.22
N ASN H 33 -41.37 19.54 9.05
CA ASN H 33 -40.86 20.38 7.97
C ASN H 33 -41.38 19.92 6.58
N GLU H 34 -42.67 19.54 6.52
CA GLU H 34 -43.33 19.06 5.30
C GLU H 34 -43.64 20.18 4.30
N ALA H 35 -43.81 21.42 4.79
CA ALA H 35 -44.11 22.60 3.99
C ALA H 35 -42.94 23.00 3.11
N THR H 36 -43.20 23.10 1.79
CA THR H 36 -42.21 23.45 0.76
C THR H 36 -41.77 24.93 0.82
N ASP H 37 -42.62 25.82 1.39
CA ASP H 37 -42.31 27.25 1.51
C ASP H 37 -41.19 27.53 2.53
N GLY H 38 -41.10 26.69 3.56
CA GLY H 38 -40.08 26.81 4.60
C GLY H 38 -40.60 26.87 6.02
N THR H 39 -41.92 26.86 6.20
CA THR H 39 -42.60 26.93 7.50
C THR H 39 -42.37 25.63 8.31
N LEU H 40 -42.00 25.79 9.60
CA LEU H 40 -41.74 24.67 10.52
C LEU H 40 -42.85 24.53 11.54
N LYS H 41 -43.35 23.29 11.74
CA LYS H 41 -44.38 23.00 12.74
C LYS H 41 -43.72 22.34 13.94
N ILE H 42 -43.45 23.16 14.97
CA ILE H 42 -42.77 22.76 16.21
C ILE H 42 -43.76 22.37 17.31
N GLN H 43 -43.58 21.16 17.90
CA GLN H 43 -44.39 20.67 19.00
C GLN H 43 -43.58 20.80 20.29
N VAL H 44 -44.12 21.54 21.27
CA VAL H 44 -43.46 21.82 22.55
C VAL H 44 -44.21 21.17 23.75
N SER H 45 -43.56 21.16 24.93
CA SER H 45 -44.09 20.60 26.18
C SER H 45 -45.16 21.49 26.83
N LEU H 46 -45.01 22.83 26.74
CA LEU H 46 -45.95 23.80 27.31
C LEU H 46 -47.14 24.13 26.37
N GLN H 47 -48.07 24.98 26.84
CA GLN H 47 -49.26 25.40 26.08
C GLN H 47 -49.33 26.92 25.95
N ILE H 48 -49.53 27.44 24.72
CA ILE H 48 -49.58 28.88 24.43
C ILE H 48 -51.00 29.34 24.09
N GLY H 49 -51.36 30.52 24.60
CA GLY H 49 -52.67 31.15 24.37
C GLY H 49 -53.74 30.77 25.37
N ILE H 50 -53.37 29.98 26.40
CA ILE H 50 -54.30 29.50 27.44
C ILE H 50 -53.73 29.80 28.84
N LYS H 51 -54.60 30.16 29.79
CA LYS H 51 -54.25 30.45 31.18
C LYS H 51 -54.48 29.21 32.07
N THR H 52 -53.95 29.24 33.31
CA THR H 52 -54.05 28.15 34.30
C THR H 52 -55.48 27.79 34.70
N ASP H 53 -56.41 28.76 34.64
CA ASP H 53 -57.83 28.59 34.97
C ASP H 53 -58.66 28.08 33.78
N ASP H 54 -57.98 27.72 32.67
CA ASP H 54 -58.55 27.24 31.39
C ASP H 54 -59.38 28.33 30.71
N SER H 55 -58.69 29.38 30.22
CA SER H 55 -59.28 30.53 29.54
C SER H 55 -58.36 31.05 28.44
N HIS H 56 -58.95 31.47 27.30
CA HIS H 56 -58.19 31.97 26.14
C HIS H 56 -57.67 33.39 26.34
N ASP H 57 -56.34 33.55 26.24
CA ASP H 57 -55.62 34.82 26.37
C ASP H 57 -54.33 34.71 25.54
N TRP H 58 -54.32 35.38 24.36
CA TRP H 58 -53.19 35.34 23.41
C TRP H 58 -51.86 35.87 23.95
N THR H 59 -51.91 36.82 24.92
CA THR H 59 -50.73 37.42 25.54
C THR H 59 -50.15 36.55 26.67
N LYS H 60 -50.86 35.47 27.07
CA LYS H 60 -50.43 34.57 28.14
C LYS H 60 -49.96 33.19 27.66
N LEU H 61 -49.09 32.55 28.48
CA LEU H 61 -48.49 31.24 28.24
C LEU H 61 -48.67 30.35 29.48
N ARG H 62 -48.89 29.03 29.28
CA ARG H 62 -49.08 28.05 30.35
C ARG H 62 -47.98 26.98 30.31
N TYR H 63 -47.11 26.98 31.35
CA TYR H 63 -46.01 26.04 31.49
C TYR H 63 -46.06 25.31 32.84
N MET H 64 -45.40 24.14 32.95
CA MET H 64 -45.35 23.34 34.17
C MET H 64 -44.18 23.80 35.06
N ASP H 65 -44.49 24.16 36.33
CA ASP H 65 -43.49 24.63 37.30
C ASP H 65 -43.55 23.84 38.61
N ASN H 66 -42.72 22.78 38.71
CA ASN H 66 -42.57 21.89 39.88
C ASN H 66 -43.91 21.43 40.48
N HIS H 67 -44.55 20.45 39.82
CA HIS H 67 -45.84 19.82 40.17
C HIS H 67 -47.10 20.63 39.86
N MET H 68 -46.98 21.97 39.74
CA MET H 68 -48.12 22.84 39.45
C MET H 68 -47.93 23.72 38.21
N PRO H 69 -48.99 23.89 37.36
CA PRO H 69 -48.84 24.75 36.18
C PRO H 69 -48.89 26.23 36.55
N ALA H 70 -48.02 27.04 35.91
CA ALA H 70 -47.91 28.48 36.13
C ALA H 70 -48.03 29.29 34.84
N ASP H 71 -48.41 30.58 34.96
CA ASP H 71 -48.56 31.49 33.81
C ASP H 71 -47.29 32.26 33.48
N ALA H 72 -47.07 32.55 32.18
CA ALA H 72 -45.92 33.28 31.66
C ALA H 72 -46.35 34.24 30.53
N GLU H 73 -45.39 34.94 29.90
CA GLU H 73 -45.67 35.91 28.84
C GLU H 73 -45.38 35.38 27.43
N ARG H 74 -46.26 35.74 26.46
CA ARG H 74 -46.17 35.38 25.04
C ARG H 74 -44.96 36.08 24.37
N ALA H 75 -44.66 37.32 24.81
CA ALA H 75 -43.54 38.13 24.31
C ALA H 75 -42.18 37.50 24.64
N GLY H 76 -42.11 36.75 25.74
CA GLY H 76 -40.91 36.07 26.20
C GLY H 76 -40.51 34.87 25.38
N LEU H 77 -41.47 34.26 24.64
CA LEU H 77 -41.27 33.09 23.79
C LEU H 77 -40.40 33.43 22.57
N PHE H 78 -39.41 32.56 22.30
CA PHE H 78 -38.47 32.73 21.17
C PHE H 78 -38.08 31.41 20.52
N VAL H 79 -37.83 31.46 19.19
CA VAL H 79 -37.41 30.33 18.36
C VAL H 79 -36.16 30.80 17.58
N ARG H 80 -35.10 29.95 17.53
CA ARG H 80 -33.85 30.27 16.81
C ARG H 80 -33.06 29.03 16.34
N THR H 81 -32.36 29.17 15.20
CA THR H 81 -31.51 28.10 14.63
C THR H 81 -30.04 28.51 14.72
N SER H 82 -29.69 29.62 14.05
CA SER H 82 -28.37 30.25 14.01
C SER H 82 -28.55 31.75 14.24
N ALA H 83 -29.79 32.22 13.98
CA ALA H 83 -30.27 33.59 14.12
C ALA H 83 -31.74 33.52 14.57
N PRO H 84 -32.35 34.57 15.20
CA PRO H 84 -33.75 34.46 15.63
C PRO H 84 -34.74 34.20 14.50
N CYS H 85 -35.84 33.49 14.82
CA CYS H 85 -36.91 33.13 13.89
C CYS H 85 -38.17 33.94 14.14
N THR H 86 -38.92 34.23 13.06
CA THR H 86 -40.18 34.97 13.12
C THR H 86 -41.33 34.00 13.39
N ILE H 87 -42.01 34.17 14.54
CA ILE H 87 -43.14 33.33 14.93
C ILE H 87 -44.39 33.79 14.16
N THR H 88 -45.00 32.87 13.39
CA THR H 88 -46.17 33.13 12.55
C THR H 88 -47.42 32.35 12.98
N GLY H 89 -47.50 31.98 14.25
CA GLY H 89 -48.63 31.25 14.79
C GLY H 89 -48.32 30.47 16.05
N THR H 90 -49.18 30.61 17.09
CA THR H 90 -49.06 29.94 18.38
C THR H 90 -50.42 29.51 18.93
N MET H 91 -50.56 28.22 19.25
CA MET H 91 -51.78 27.63 19.81
C MET H 91 -51.45 26.29 20.46
N GLY H 92 -51.56 26.25 21.80
CA GLY H 92 -51.27 25.08 22.61
C GLY H 92 -49.80 24.68 22.55
N HIS H 93 -49.55 23.41 22.21
CA HIS H 93 -48.20 22.85 22.08
C HIS H 93 -47.51 23.22 20.76
N PHE H 94 -48.24 23.82 19.81
CA PHE H 94 -47.74 24.16 18.47
C PHE H 94 -47.30 25.59 18.21
N ILE H 95 -46.13 25.72 17.54
CA ILE H 95 -45.51 27.00 17.15
C ILE H 95 -45.14 26.93 15.65
N LEU H 96 -45.49 27.98 14.89
CA LEU H 96 -45.14 28.10 13.47
C LEU H 96 -44.05 29.14 13.31
N ALA H 97 -42.92 28.76 12.67
CA ALA H 97 -41.79 29.67 12.48
C ALA H 97 -41.02 29.49 11.18
N ARG H 98 -40.51 30.61 10.63
CA ARG H 98 -39.68 30.64 9.43
C ARG H 98 -38.25 30.89 9.91
N CYS H 99 -37.37 29.89 9.71
CA CYS H 99 -36.00 29.92 10.20
C CYS H 99 -34.91 29.95 9.12
N PRO H 100 -33.77 30.65 9.35
CA PRO H 100 -32.68 30.62 8.37
C PRO H 100 -31.87 29.32 8.50
N LYS H 101 -30.86 29.11 7.62
CA LYS H 101 -30.00 27.92 7.61
C LYS H 101 -29.30 27.68 8.96
N GLY H 102 -29.61 26.53 9.55
CA GLY H 102 -29.07 26.12 10.86
C GLY H 102 -28.94 24.62 11.01
N GLU H 103 -28.16 24.19 12.03
CA GLU H 103 -27.90 22.79 12.34
C GLU H 103 -28.56 22.32 13.65
N THR H 104 -28.95 23.27 14.53
CA THR H 104 -29.60 22.99 15.81
C THR H 104 -30.77 23.95 16.05
N LEU H 105 -31.96 23.41 16.39
CA LEU H 105 -33.15 24.22 16.66
C LEU H 105 -33.30 24.49 18.17
N THR H 106 -33.50 25.77 18.53
CA THR H 106 -33.65 26.21 19.92
C THR H 106 -35.00 26.91 20.13
N VAL H 107 -35.75 26.46 21.16
CA VAL H 107 -37.06 27.00 21.54
C VAL H 107 -37.03 27.33 23.04
N GLY H 108 -37.32 28.59 23.38
CA GLY H 108 -37.31 29.06 24.76
C GLY H 108 -38.40 30.07 25.11
N PHE H 109 -38.43 30.47 26.40
CA PHE H 109 -39.38 31.43 26.98
C PHE H 109 -38.85 32.00 28.31
N THR H 110 -39.61 32.96 28.93
CA THR H 110 -39.27 33.57 30.22
C THR H 110 -40.47 33.44 31.17
N ASP H 111 -40.22 32.94 32.40
CA ASP H 111 -41.25 32.71 33.42
C ASP H 111 -41.63 33.96 34.24
N SER H 112 -42.46 33.77 35.30
CA SER H 112 -42.91 34.82 36.21
C SER H 112 -41.77 35.30 37.12
N ARG H 113 -40.88 34.38 37.54
CA ARG H 113 -39.72 34.66 38.41
C ARG H 113 -38.52 35.25 37.65
N LYS H 114 -38.73 35.66 36.38
CA LYS H 114 -37.73 36.27 35.47
C LYS H 114 -36.55 35.33 35.15
N ILE H 115 -36.83 34.01 35.05
CA ILE H 115 -35.85 32.97 34.74
C ILE H 115 -36.17 32.39 33.35
N SER H 116 -35.15 32.36 32.46
CA SER H 116 -35.31 31.85 31.10
C SER H 116 -34.85 30.40 30.92
N HIS H 117 -35.74 29.56 30.36
CA HIS H 117 -35.49 28.14 30.07
C HIS H 117 -35.58 27.92 28.56
N SER H 118 -34.61 27.20 28.00
CA SER H 118 -34.57 26.92 26.55
C SER H 118 -34.11 25.50 26.24
N CYS H 119 -34.78 24.84 25.28
CA CYS H 119 -34.45 23.48 24.85
C CYS H 119 -33.83 23.47 23.46
N THR H 120 -32.68 22.81 23.30
CA THR H 120 -31.96 22.72 22.03
C THR H 120 -31.90 21.28 21.52
N HIS H 121 -32.30 21.09 20.24
CA HIS H 121 -32.32 19.80 19.56
C HIS H 121 -31.51 19.85 18.25
N PRO H 122 -30.70 18.82 17.92
CA PRO H 122 -29.96 18.86 16.66
C PRO H 122 -30.88 18.62 15.46
N PHE H 123 -31.06 19.64 14.64
CA PHE H 123 -31.92 19.55 13.47
C PHE H 123 -31.31 20.26 12.28
N HIS H 124 -31.13 19.52 11.18
CA HIS H 124 -30.56 20.09 9.96
C HIS H 124 -31.60 20.87 9.16
N HIS H 125 -31.64 22.17 9.36
CA HIS H 125 -32.59 23.03 8.66
C HIS H 125 -31.98 23.61 7.39
N ASP H 126 -32.70 23.46 6.28
CA ASP H 126 -32.23 23.97 4.99
C ASP H 126 -33.33 23.93 3.95
N PRO H 127 -34.36 24.76 4.14
CA PRO H 127 -35.49 24.82 3.21
C PRO H 127 -35.13 24.24 1.85
N PRO H 128 -35.85 23.20 1.43
CA PRO H 128 -35.60 22.55 0.15
C PRO H 128 -35.50 23.57 -0.99
N VAL H 129 -35.08 23.12 -2.16
CA VAL H 129 -34.94 23.99 -3.32
C VAL H 129 -36.24 24.05 -4.12
N ILE H 130 -37.11 24.98 -3.75
CA ILE H 130 -38.39 25.14 -4.44
C ILE H 130 -38.20 25.77 -5.81
N GLY H 131 -37.99 24.93 -6.82
CA GLY H 131 -37.79 25.40 -8.18
C GLY H 131 -36.53 24.84 -8.81
N ARG H 132 -35.59 25.74 -9.11
CA ARG H 132 -34.33 25.34 -9.72
C ARG H 132 -33.19 26.24 -9.27
N GLU H 133 -33.47 27.09 -8.30
CA GLU H 133 -32.46 28.01 -7.77
C GLU H 133 -32.41 27.95 -6.25
N LYS H 134 -31.20 27.84 -5.71
CA LYS H 134 -31.01 27.77 -4.26
C LYS H 134 -30.71 29.15 -3.68
N PHE H 135 -31.76 29.94 -3.48
CA PHE H 135 -31.62 31.29 -2.93
C PHE H 135 -31.79 31.28 -1.42
N HIS H 136 -31.39 32.38 -0.78
CA HIS H 136 -31.50 32.50 0.66
C HIS H 136 -32.67 33.39 1.07
N SER H 137 -32.62 34.65 0.62
CA SER H 137 -33.68 35.61 0.93
C SER H 137 -34.84 35.47 -0.07
N ARG H 138 -36.09 35.52 0.42
CA ARG H 138 -37.27 35.38 -0.45
C ARG H 138 -37.64 36.67 -1.22
N PRO H 139 -37.91 36.59 -2.55
CA PRO H 139 -38.25 37.81 -3.29
C PRO H 139 -39.72 38.22 -3.16
N GLN H 140 -39.99 39.53 -3.22
CA GLN H 140 -41.34 40.10 -3.14
C GLN H 140 -42.13 39.84 -4.43
N HIS H 141 -41.42 39.82 -5.58
CA HIS H 141 -41.97 39.58 -6.91
C HIS H 141 -41.08 38.62 -7.69
N GLY H 142 -41.67 37.54 -8.21
CA GLY H 142 -40.97 36.54 -8.99
C GLY H 142 -41.88 35.53 -9.66
N LYS H 143 -41.31 34.37 -10.06
CA LYS H 143 -42.04 33.28 -10.71
C LYS H 143 -42.95 32.55 -9.71
N GLU H 144 -44.21 32.35 -10.09
CA GLU H 144 -45.21 31.69 -9.26
C GLU H 144 -45.15 30.16 -9.43
N LEU H 145 -44.85 29.45 -8.33
CA LEU H 145 -44.76 27.99 -8.29
C LEU H 145 -45.61 27.38 -7.17
N PRO H 146 -46.23 26.19 -7.37
CA PRO H 146 -47.07 25.61 -6.31
C PRO H 146 -46.26 24.97 -5.19
N CYS H 147 -46.61 25.32 -3.93
CA CYS H 147 -45.97 24.81 -2.72
C CYS H 147 -47.00 24.63 -1.59
N SER H 148 -46.53 24.31 -0.36
CA SER H 148 -47.40 24.10 0.80
C SER H 148 -46.78 24.69 2.07
N THR H 149 -47.65 25.24 2.96
CA THR H 149 -47.27 25.84 4.24
C THR H 149 -48.36 25.65 5.30
N TYR H 150 -48.04 25.91 6.58
CA TYR H 150 -48.99 25.84 7.68
C TYR H 150 -49.55 27.24 7.92
N VAL H 151 -50.85 27.43 7.68
CA VAL H 151 -51.53 28.72 7.85
C VAL H 151 -51.66 29.14 9.33
N GLN H 152 -51.90 30.44 9.59
CA GLN H 152 -52.00 30.97 10.95
C GLN H 152 -53.45 31.09 11.49
N SER H 153 -54.41 30.39 10.86
CA SER H 153 -55.81 30.40 11.29
C SER H 153 -56.00 29.53 12.54
N THR H 154 -56.40 30.16 13.65
CA THR H 154 -56.62 29.52 14.95
C THR H 154 -57.93 28.71 14.97
N ALA H 155 -58.89 29.07 14.07
CA ALA H 155 -60.22 28.44 13.92
C ALA H 155 -60.21 26.92 14.00
N ALA H 156 -61.08 26.37 14.88
CA ALA H 156 -61.23 24.94 15.15
C ALA H 156 -61.83 24.18 13.96
N THR H 157 -60.95 23.74 13.03
CA THR H 157 -61.31 22.99 11.82
C THR H 157 -60.21 22.01 11.35
N THR H 158 -60.59 21.07 10.46
CA THR H 158 -59.75 20.05 9.82
C THR H 158 -59.06 19.03 10.77
N GLU H 159 -57.79 19.29 11.15
CA GLU H 159 -56.95 18.43 11.98
C GLU H 159 -57.39 18.34 13.45
N GLU H 160 -57.12 17.21 14.08
CA GLU H 160 -57.48 17.01 15.48
C GLU H 160 -56.57 16.00 16.16
N ILE H 161 -56.59 15.99 17.49
CA ILE H 161 -55.76 15.07 18.26
C ILE H 161 -56.57 14.36 19.33
N GLU H 162 -55.96 13.38 19.98
CA GLU H 162 -56.64 12.62 21.03
C GLU H 162 -56.19 13.06 22.41
N VAL H 163 -57.11 13.03 23.37
CA VAL H 163 -56.81 13.43 24.74
C VAL H 163 -57.45 12.48 25.74
N HIS H 164 -56.96 12.52 26.98
CA HIS H 164 -57.47 11.67 28.04
C HIS H 164 -56.94 12.08 29.40
N MET H 165 -57.02 11.17 30.37
CA MET H 165 -56.54 11.44 31.72
C MET H 165 -55.03 11.28 31.82
N PRO H 166 -54.40 12.09 32.66
CA PRO H 166 -52.95 12.03 32.84
C PRO H 166 -52.56 11.08 33.97
N PRO H 167 -51.26 10.99 34.26
CA PRO H 167 -50.77 10.11 35.33
C PRO H 167 -50.42 10.89 36.59
N ASP H 168 -49.76 10.23 37.53
CA ASP H 168 -49.37 10.87 38.78
C ASP H 168 -47.90 11.26 38.77
N THR H 169 -47.60 12.46 39.27
CA THR H 169 -46.23 12.96 39.31
C THR H 169 -45.64 12.82 40.71
N PRO H 170 -44.40 12.36 40.77
CA PRO H 170 -43.71 12.18 42.07
C PRO H 170 -43.30 13.51 42.67
N ASP H 171 -43.29 13.59 44.00
CA ASP H 171 -42.91 14.81 44.70
C ASP H 171 -42.63 14.53 46.17
N ARG H 172 -41.36 14.64 46.56
CA ARG H 172 -40.96 14.41 47.93
C ARG H 172 -41.20 15.64 48.80
N THR H 173 -41.39 16.78 48.16
CA THR H 173 -41.63 18.03 48.86
C THR H 173 -43.05 18.08 49.42
N LEU H 174 -43.80 17.01 49.21
CA LEU H 174 -45.17 16.93 49.69
C LEU H 174 -45.24 16.35 51.10
N MET H 175 -44.18 15.65 51.49
CA MET H 175 -44.11 15.03 52.81
C MET H 175 -43.21 15.84 53.74
N SER H 176 -43.57 15.86 55.03
CA SER H 176 -42.79 16.60 56.02
C SER H 176 -42.81 15.88 57.37
N GLN H 177 -41.64 15.82 58.05
CA GLN H 177 -41.49 15.18 59.35
C GLN H 177 -41.95 16.08 60.50
N GLN H 178 -43.23 15.91 60.90
CA GLN H 178 -43.83 16.66 62.01
C GLN H 178 -43.52 15.89 63.30
N SER H 179 -42.37 16.26 63.94
CA SER H 179 -41.82 15.66 65.16
C SER H 179 -41.51 14.17 64.98
N GLY H 180 -42.50 13.31 65.24
CA GLY H 180 -42.40 11.86 65.09
C GLY H 180 -43.44 11.29 64.16
N ASN H 181 -44.17 12.16 63.46
CA ASN H 181 -45.23 11.81 62.51
C ASN H 181 -44.94 12.42 61.13
N VAL H 182 -45.64 11.95 60.09
CA VAL H 182 -45.45 12.45 58.71
C VAL H 182 -46.70 13.23 58.27
N LYS H 183 -46.49 14.51 57.89
CA LYS H 183 -47.55 15.39 57.41
C LYS H 183 -47.47 15.52 55.89
N ILE H 184 -48.62 15.30 55.21
CA ILE H 184 -48.73 15.39 53.74
C ILE H 184 -49.46 16.69 53.39
N THR H 185 -48.70 17.71 52.93
CA THR H 185 -49.25 19.01 52.57
C THR H 185 -49.73 19.00 51.10
N VAL H 186 -51.05 18.93 50.93
CA VAL H 186 -51.77 18.85 49.65
C VAL H 186 -51.65 20.11 48.76
N ASN H 187 -51.87 21.31 49.33
CA ASN H 187 -51.85 22.61 48.65
C ASN H 187 -52.81 22.70 47.44
N GLY H 188 -54.07 22.31 47.68
CA GLY H 188 -55.16 22.32 46.70
C GLY H 188 -54.96 21.40 45.50
N GLN H 189 -54.30 20.25 45.72
CA GLN H 189 -54.01 19.26 44.68
C GLN H 189 -54.40 17.85 45.11
N THR H 190 -54.71 16.97 44.15
CA THR H 190 -55.06 15.57 44.43
C THR H 190 -53.76 14.78 44.56
N VAL H 191 -53.50 14.22 45.75
CA VAL H 191 -52.26 13.49 46.06
C VAL H 191 -52.54 12.00 46.38
N ARG H 192 -51.75 11.09 45.76
CA ARG H 192 -51.82 9.65 45.98
C ARG H 192 -50.64 9.25 46.90
N TYR H 193 -50.95 8.74 48.11
CA TYR H 193 -49.97 8.36 49.12
C TYR H 193 -49.92 6.87 49.47
N LYS H 194 -48.75 6.41 49.98
CA LYS H 194 -48.49 5.03 50.42
C LYS H 194 -47.37 5.04 51.47
N CYS H 195 -47.59 4.35 52.61
CA CYS H 195 -46.63 4.26 53.72
C CYS H 195 -46.40 2.82 54.20
N ASN H 196 -45.25 2.57 54.86
CA ASN H 196 -44.88 1.27 55.42
C ASN H 196 -45.57 1.02 56.77
N CYS H 197 -45.81 2.11 57.53
CA CYS H 197 -46.43 2.10 58.85
C CYS H 197 -47.91 1.70 58.86
N GLY H 198 -48.40 1.31 60.04
CA GLY H 198 -49.78 0.87 60.25
C GLY H 198 -50.85 1.92 60.07
N GLY H 199 -52.11 1.48 60.21
CA GLY H 199 -53.28 2.34 60.06
C GLY H 199 -53.58 2.64 58.61
N SER H 200 -53.80 3.93 58.28
CA SER H 200 -54.06 4.39 56.92
C SER H 200 -52.72 4.45 56.17
N ASN H 201 -52.54 3.57 55.17
CA ASN H 201 -51.31 3.46 54.39
C ASN H 201 -51.51 3.43 52.86
N GLU H 202 -52.67 3.91 52.40
CA GLU H 202 -53.06 4.00 50.98
C GLU H 202 -54.23 4.98 50.79
N GLY H 203 -54.44 5.42 49.55
CA GLY H 203 -55.54 6.34 49.23
C GLY H 203 -55.20 7.49 48.31
N LEU H 204 -56.25 8.23 47.93
CA LEU H 204 -56.21 9.40 47.06
C LEU H 204 -56.83 10.57 47.84
N THR H 205 -55.97 11.39 48.48
CA THR H 205 -56.39 12.52 49.32
C THR H 205 -56.47 13.88 48.61
N THR H 206 -57.47 14.68 49.01
CA THR H 206 -57.74 16.03 48.51
C THR H 206 -57.52 17.02 49.68
N THR H 207 -57.41 16.48 50.91
CA THR H 207 -57.19 17.23 52.16
C THR H 207 -55.84 16.87 52.79
N ASP H 208 -55.35 17.72 53.72
CA ASP H 208 -54.09 17.52 54.46
C ASP H 208 -54.20 16.32 55.39
N LYS H 209 -53.29 15.35 55.23
CA LYS H 209 -53.28 14.12 56.02
C LYS H 209 -52.03 13.98 56.88
N VAL H 210 -52.18 13.29 58.03
CA VAL H 210 -51.09 13.04 58.98
C VAL H 210 -50.99 11.55 59.36
N ILE H 211 -49.80 10.95 59.16
CA ILE H 211 -49.53 9.54 59.46
C ILE H 211 -48.77 9.47 60.79
N ASN H 212 -49.44 8.94 61.84
CA ASN H 212 -48.88 8.81 63.18
C ASN H 212 -47.80 7.73 63.28
N ASN H 213 -46.69 8.07 63.97
CA ASN H 213 -45.51 7.22 64.20
C ASN H 213 -44.94 6.61 62.92
N CYS H 214 -44.32 7.47 62.08
CA CYS H 214 -43.71 7.09 60.80
C CYS H 214 -42.58 8.03 60.40
N LYS H 215 -41.72 7.57 59.48
CA LYS H 215 -40.59 8.33 58.94
C LYS H 215 -40.84 8.69 57.47
N VAL H 216 -40.33 9.85 57.01
CA VAL H 216 -40.48 10.37 55.65
C VAL H 216 -39.96 9.40 54.56
N ASP H 217 -38.84 8.69 54.86
CA ASP H 217 -38.22 7.70 53.97
C ASP H 217 -39.10 6.46 53.76
N GLN H 218 -39.99 6.17 54.73
CA GLN H 218 -40.92 5.04 54.71
C GLN H 218 -42.25 5.36 53.98
N CYS H 219 -42.35 6.57 53.43
CA CYS H 219 -43.55 6.98 52.72
C CYS H 219 -43.24 7.43 51.30
N HIS H 220 -44.29 7.72 50.53
CA HIS H 220 -44.13 8.17 49.15
C HIS H 220 -45.43 8.74 48.61
N ALA H 221 -45.38 9.99 48.16
CA ALA H 221 -46.56 10.65 47.61
C ALA H 221 -46.34 11.09 46.17
N ALA H 222 -47.38 11.63 45.55
CA ALA H 222 -47.30 12.08 44.17
C ALA H 222 -48.61 12.70 43.71
N VAL H 223 -48.52 13.80 42.97
CA VAL H 223 -49.70 14.49 42.47
C VAL H 223 -50.34 13.72 41.32
N THR H 224 -51.63 13.95 41.11
CA THR H 224 -52.37 13.29 40.04
C THR H 224 -53.33 14.25 39.35
N ASN H 225 -53.72 13.90 38.13
CA ASN H 225 -54.64 14.73 37.35
C ASN H 225 -55.80 13.93 36.77
N HIS H 226 -57.01 14.23 37.24
CA HIS H 226 -58.20 13.54 36.77
C HIS H 226 -59.24 14.53 36.26
N LYS H 227 -59.54 15.55 37.06
CA LYS H 227 -60.52 16.56 36.69
C LYS H 227 -60.11 17.28 35.41
N LYS H 228 -58.81 17.23 35.10
CA LYS H 228 -58.29 17.88 33.90
C LYS H 228 -58.08 16.87 32.78
N TRP H 229 -57.95 17.38 31.55
CA TRP H 229 -57.74 16.52 30.39
C TRP H 229 -56.27 16.50 29.97
N GLN H 230 -55.87 15.44 29.29
CA GLN H 230 -54.49 15.30 28.84
C GLN H 230 -54.43 14.68 27.44
N TYR H 231 -53.42 15.06 26.67
CA TYR H 231 -53.24 14.55 25.32
C TYR H 231 -52.62 13.15 25.33
N ASN H 232 -53.16 12.26 24.52
CA ASN H 232 -52.66 10.89 24.44
C ASN H 232 -51.22 10.83 23.96
N SER H 233 -50.27 10.97 24.89
CA SER H 233 -48.86 10.94 24.57
C SER H 233 -48.23 9.59 24.94
N PRO H 234 -47.32 9.12 24.10
CA PRO H 234 -46.64 7.84 24.35
C PRO H 234 -45.54 7.93 25.42
N LEU H 235 -45.21 9.17 25.84
CA LEU H 235 -44.18 9.46 26.85
C LEU H 235 -44.78 9.52 28.27
N VAL H 236 -46.11 9.37 28.38
CA VAL H 236 -46.90 9.39 29.62
C VAL H 236 -47.67 8.06 29.73
N PRO H 237 -47.73 7.38 30.91
CA PRO H 237 -48.47 6.11 30.99
C PRO H 237 -49.99 6.24 30.86
N ARG H 238 -50.66 5.14 30.46
CA ARG H 238 -52.12 5.07 30.30
C ARG H 238 -52.79 4.90 31.67
N ASN H 239 -53.99 5.48 31.85
CA ASN H 239 -54.78 5.41 33.08
C ASN H 239 -55.18 3.97 33.37
N ALA H 240 -54.75 3.45 34.54
CA ALA H 240 -54.98 2.08 35.03
C ALA H 240 -56.45 1.64 34.98
N GLU H 241 -57.35 2.36 35.69
CA GLU H 241 -58.78 2.05 35.72
C GLU H 241 -59.51 2.70 34.52
N LEU H 242 -59.04 2.39 33.30
CA LEU H 242 -59.54 2.91 32.03
C LEU H 242 -59.00 2.06 30.86
N GLY H 243 -59.89 1.72 29.92
CA GLY H 243 -59.55 0.97 28.73
C GLY H 243 -59.11 1.90 27.62
N ASP H 244 -59.99 2.12 26.63
CA ASP H 244 -59.74 3.01 25.50
C ASP H 244 -60.68 4.24 25.49
N ARG H 245 -61.02 4.74 26.70
CA ARG H 245 -61.86 5.92 26.88
C ARG H 245 -61.01 7.16 26.60
N LYS H 246 -61.39 7.91 25.55
CA LYS H 246 -60.66 9.10 25.11
C LYS H 246 -61.56 10.15 24.46
N GLY H 247 -61.06 11.39 24.45
CA GLY H 247 -61.70 12.55 23.82
C GLY H 247 -60.86 13.06 22.67
N LYS H 248 -61.35 14.11 21.97
CA LYS H 248 -60.64 14.71 20.85
C LYS H 248 -60.87 16.21 20.73
N ILE H 249 -59.81 16.97 20.36
CA ILE H 249 -59.87 18.42 20.21
C ILE H 249 -59.26 18.89 18.89
N HIS H 250 -59.90 19.87 18.21
CA HIS H 250 -59.42 20.45 16.96
C HIS H 250 -58.13 21.24 17.21
N ILE H 251 -57.16 21.10 16.29
CA ILE H 251 -55.85 21.76 16.43
C ILE H 251 -55.57 22.88 15.43
N PRO H 252 -54.89 23.98 15.86
CA PRO H 252 -54.59 25.07 14.93
C PRO H 252 -53.45 24.76 13.95
N PHE H 253 -53.21 25.70 13.00
CA PHE H 253 -52.18 25.65 11.97
C PHE H 253 -52.25 24.45 11.00
N PRO H 254 -53.32 24.32 10.17
CA PRO H 254 -53.37 23.18 9.24
C PRO H 254 -52.54 23.39 7.97
N LEU H 255 -52.25 22.30 7.26
CA LEU H 255 -51.48 22.35 6.01
C LEU H 255 -52.40 22.72 4.85
N ALA H 256 -51.97 23.69 4.02
CA ALA H 256 -52.74 24.17 2.87
C ALA H 256 -51.82 24.49 1.69
N ASN H 257 -52.26 24.16 0.48
CA ASN H 257 -51.48 24.42 -0.72
C ASN H 257 -51.51 25.89 -1.13
N VAL H 258 -50.34 26.53 -1.09
CA VAL H 258 -50.23 27.93 -1.46
C VAL H 258 -49.39 28.12 -2.71
N THR H 259 -48.84 29.31 -2.88
CA THR H 259 -48.00 29.62 -4.04
C THR H 259 -46.70 30.28 -3.62
N CYS H 260 -45.58 29.70 -4.06
CA CYS H 260 -44.27 30.23 -3.73
C CYS H 260 -43.72 31.11 -4.84
N ARG H 261 -43.06 32.20 -4.47
CA ARG H 261 -42.51 33.13 -5.43
C ARG H 261 -41.01 32.90 -5.61
N VAL H 262 -40.61 32.60 -6.84
CA VAL H 262 -39.20 32.35 -7.15
C VAL H 262 -38.70 33.31 -8.24
N PRO H 263 -37.42 33.19 -8.57
CA PRO H 263 -36.82 34.03 -9.61
C PRO H 263 -36.33 33.22 -10.80
N LYS H 264 -35.94 33.90 -11.87
CA LYS H 264 -35.45 33.22 -13.07
C LYS H 264 -34.00 33.58 -13.35
N ALA H 265 -33.16 32.56 -13.51
CA ALA H 265 -31.74 32.76 -13.78
C ALA H 265 -31.54 33.73 -14.95
N ARG H 266 -30.39 34.40 -14.95
CA ARG H 266 -30.07 35.36 -16.00
C ARG H 266 -29.52 34.65 -17.24
N ASN H 267 -29.89 35.14 -18.41
CA ASN H 267 -29.44 34.56 -19.67
C ASN H 267 -27.92 34.39 -19.71
N PRO H 268 -27.48 33.27 -20.27
CA PRO H 268 -26.04 32.98 -20.36
C PRO H 268 -25.47 33.41 -21.71
N THR H 269 -24.18 33.76 -21.73
CA THR H 269 -23.51 34.18 -22.97
C THR H 269 -23.45 32.96 -23.89
N VAL H 270 -24.27 32.97 -24.95
CA VAL H 270 -24.38 31.87 -25.92
C VAL H 270 -23.65 32.15 -27.24
N THR H 271 -22.76 31.21 -27.63
CA THR H 271 -21.97 31.26 -28.87
C THR H 271 -22.12 29.93 -29.61
N TYR H 272 -22.52 29.99 -30.90
CA TYR H 272 -22.74 28.81 -31.72
C TYR H 272 -21.50 28.36 -32.50
N GLY H 273 -21.43 27.06 -32.77
CA GLY H 273 -20.35 26.42 -33.52
C GLY H 273 -20.82 25.27 -34.38
N LYS H 274 -19.88 24.56 -35.02
CA LYS H 274 -20.15 23.41 -35.90
C LYS H 274 -20.74 22.25 -35.08
N ASN H 275 -22.08 22.09 -35.14
CA ASN H 275 -22.87 21.07 -34.44
C ASN H 275 -22.71 21.07 -32.90
N GLN H 276 -22.33 22.24 -32.34
CA GLN H 276 -22.11 22.41 -30.89
C GLN H 276 -22.55 23.78 -30.38
N VAL H 277 -22.94 23.84 -29.10
CA VAL H 277 -23.38 25.06 -28.41
C VAL H 277 -22.54 25.33 -27.16
N ILE H 278 -22.02 26.57 -27.02
CA ILE H 278 -21.18 26.99 -25.90
C ILE H 278 -21.94 27.99 -25.01
N MET H 279 -22.02 27.70 -23.70
CA MET H 279 -22.71 28.54 -22.73
C MET H 279 -21.80 28.98 -21.58
N LEU H 280 -21.77 30.29 -21.30
CA LEU H 280 -20.99 30.87 -20.21
C LEU H 280 -21.96 31.16 -19.06
N LEU H 281 -22.08 30.21 -18.13
CA LEU H 281 -23.01 30.29 -16.99
C LEU H 281 -22.46 31.09 -15.82
N TYR H 282 -23.20 32.13 -15.40
CA TYR H 282 -22.86 33.01 -14.29
C TYR H 282 -23.97 32.97 -13.23
N PRO H 283 -23.97 31.95 -12.33
CA PRO H 283 -25.04 31.86 -11.31
C PRO H 283 -24.79 32.65 -10.04
N ASP H 284 -25.84 33.32 -9.54
CA ASP H 284 -25.80 34.10 -8.30
C ASP H 284 -26.02 33.18 -7.10
N HIS H 285 -26.83 32.12 -7.32
CA HIS H 285 -27.21 31.09 -6.35
C HIS H 285 -27.18 29.69 -7.03
N PRO H 286 -27.18 28.54 -6.29
CA PRO H 286 -27.15 27.23 -6.98
C PRO H 286 -28.30 27.03 -7.97
N THR H 287 -27.96 27.01 -9.27
CA THR H 287 -28.91 26.89 -10.39
C THR H 287 -28.73 25.54 -11.10
N LEU H 288 -29.85 24.83 -11.35
CA LEU H 288 -29.86 23.53 -12.01
C LEU H 288 -29.87 23.64 -13.54
N LEU H 289 -28.93 22.95 -14.20
CA LEU H 289 -28.80 22.89 -15.66
C LEU H 289 -29.11 21.47 -16.13
N SER H 290 -30.09 21.34 -17.03
CA SER H 290 -30.51 20.06 -17.60
C SER H 290 -30.65 20.15 -19.11
N TYR H 291 -30.28 19.07 -19.82
CA TYR H 291 -30.35 19.01 -21.28
C TYR H 291 -30.73 17.65 -21.83
N ARG H 292 -31.48 17.63 -22.95
CA ARG H 292 -31.96 16.43 -23.63
C ARG H 292 -32.05 16.60 -25.15
N ASN H 293 -31.93 15.48 -25.89
CA ASN H 293 -32.05 15.45 -27.35
C ASN H 293 -33.53 15.31 -27.73
N MET H 294 -33.95 15.98 -28.81
CA MET H 294 -35.33 15.95 -29.29
C MET H 294 -35.57 14.87 -30.37
N GLY H 295 -35.05 13.67 -30.11
CA GLY H 295 -35.16 12.52 -31.01
C GLY H 295 -35.53 11.22 -30.32
N GLU H 296 -35.04 10.09 -30.85
CA GLU H 296 -35.28 8.74 -30.33
C GLU H 296 -34.58 8.52 -28.98
N GLU H 297 -33.28 8.88 -28.90
CA GLU H 297 -32.48 8.76 -27.68
C GLU H 297 -32.36 10.14 -27.01
N PRO H 298 -33.10 10.41 -25.90
CA PRO H 298 -33.01 11.74 -25.28
C PRO H 298 -31.71 11.99 -24.51
N ASN H 299 -31.21 10.96 -23.79
CA ASN H 299 -29.99 10.98 -22.97
C ASN H 299 -29.95 12.18 -22.02
N TYR H 300 -30.84 12.16 -21.01
CA TYR H 300 -30.98 13.22 -20.01
C TYR H 300 -29.75 13.31 -19.10
N GLN H 301 -29.25 14.54 -18.91
CA GLN H 301 -28.10 14.84 -18.05
C GLN H 301 -28.43 16.04 -17.18
N GLU H 302 -28.19 15.93 -15.86
CA GLU H 302 -28.45 17.01 -14.90
C GLU H 302 -27.24 17.34 -14.02
N GLU H 303 -27.03 18.65 -13.75
CA GLU H 303 -25.93 19.15 -12.93
C GLU H 303 -26.25 20.48 -12.26
N TRP H 304 -25.87 20.63 -10.97
CA TRP H 304 -26.09 21.85 -10.21
C TRP H 304 -24.90 22.81 -10.39
N VAL H 305 -25.12 23.89 -11.16
CA VAL H 305 -24.09 24.90 -11.44
C VAL H 305 -24.08 25.94 -10.30
N MET H 306 -22.89 26.15 -9.70
CA MET H 306 -22.71 27.08 -8.58
C MET H 306 -21.67 28.17 -8.88
N HIS H 307 -20.58 27.82 -9.60
CA HIS H 307 -19.50 28.74 -9.95
C HIS H 307 -19.54 29.10 -11.45
N LYS H 308 -18.58 29.97 -11.89
CA LYS H 308 -18.44 30.40 -13.29
C LYS H 308 -18.06 29.17 -14.11
N LYS H 309 -18.93 28.76 -15.06
CA LYS H 309 -18.69 27.56 -15.86
C LYS H 309 -18.97 27.73 -17.35
N GLU H 310 -18.15 27.06 -18.17
CA GLU H 310 -18.25 27.02 -19.63
C GLU H 310 -18.64 25.60 -20.03
N VAL H 311 -19.80 25.45 -20.69
CA VAL H 311 -20.30 24.14 -21.12
C VAL H 311 -20.46 24.01 -22.63
N VAL H 312 -19.86 22.95 -23.21
CA VAL H 312 -19.92 22.65 -24.64
C VAL H 312 -20.86 21.45 -24.83
N LEU H 313 -22.00 21.67 -25.50
CA LEU H 313 -23.01 20.63 -25.75
C LEU H 313 -23.21 20.39 -27.23
N THR H 314 -23.16 19.12 -27.66
CA THR H 314 -23.34 18.72 -29.06
C THR H 314 -24.82 18.77 -29.45
N VAL H 315 -25.12 19.43 -30.59
CA VAL H 315 -26.48 19.59 -31.11
C VAL H 315 -26.73 18.62 -32.29
N PRO H 316 -27.59 17.58 -32.13
CA PRO H 316 -27.85 16.67 -33.25
C PRO H 316 -28.90 17.20 -34.22
N THR H 317 -29.13 16.51 -35.35
CA THR H 317 -30.10 16.86 -36.39
C THR H 317 -31.54 17.02 -35.87
N GLU H 318 -31.92 16.18 -34.89
CA GLU H 318 -33.25 16.17 -34.26
C GLU H 318 -33.50 17.41 -33.39
N GLY H 319 -32.43 17.93 -32.77
CA GLY H 319 -32.47 19.10 -31.92
C GLY H 319 -32.05 18.85 -30.49
N LEU H 320 -31.64 19.91 -29.78
CA LEU H 320 -31.22 19.86 -28.37
C LEU H 320 -32.00 20.89 -27.54
N GLU H 321 -32.65 20.41 -26.46
CA GLU H 321 -33.43 21.23 -25.52
C GLU H 321 -32.63 21.40 -24.23
N VAL H 322 -32.33 22.67 -23.86
CA VAL H 322 -31.56 23.01 -22.66
C VAL H 322 -32.41 23.85 -21.71
N THR H 323 -32.52 23.41 -20.44
CA THR H 323 -33.27 24.12 -19.39
C THR H 323 -32.29 24.66 -18.36
N TRP H 324 -32.23 25.99 -18.23
CA TRP H 324 -31.34 26.69 -17.29
C TRP H 324 -32.16 27.33 -16.16
N GLY H 325 -32.27 26.60 -15.06
CA GLY H 325 -33.03 27.01 -13.87
C GLY H 325 -34.52 27.05 -14.10
N ASN H 326 -35.17 28.13 -13.62
CA ASN H 326 -36.62 28.33 -13.74
C ASN H 326 -37.04 28.95 -15.08
N ASN H 327 -36.07 29.24 -15.97
CA ASN H 327 -36.32 29.80 -17.31
C ASN H 327 -36.96 28.76 -18.22
N GLU H 328 -37.72 29.21 -19.24
CA GLU H 328 -38.37 28.35 -20.22
C GLU H 328 -37.31 27.60 -21.05
N PRO H 329 -37.54 26.32 -21.41
CA PRO H 329 -36.49 25.56 -22.14
C PRO H 329 -36.06 26.15 -23.48
N TYR H 330 -34.76 26.33 -23.64
CA TYR H 330 -34.20 26.88 -24.89
C TYR H 330 -34.02 25.78 -25.93
N LYS H 331 -34.63 25.98 -27.10
CA LYS H 331 -34.54 25.01 -28.17
C LYS H 331 -33.45 25.37 -29.17
N TYR H 332 -32.67 24.39 -29.59
CA TYR H 332 -31.59 24.61 -30.54
C TYR H 332 -31.62 23.57 -31.66
N TRP H 333 -31.42 24.02 -32.88
CA TRP H 333 -31.42 23.13 -34.04
C TRP H 333 -30.21 23.39 -34.94
N PRO H 334 -29.71 22.32 -35.56
CA PRO H 334 -28.55 22.44 -36.46
C PRO H 334 -28.89 23.17 -37.74
N GLN H 335 -27.88 23.69 -38.42
CA GLN H 335 -28.09 24.41 -39.67
C GLN H 335 -26.93 24.19 -40.64
N MET H 336 -26.63 25.21 -41.44
CA MET H 336 -25.54 25.12 -42.41
C MET H 336 -24.40 26.05 -42.05
N HIS I 1 42.07 -7.57 26.04
CA HIS I 1 42.79 -7.18 24.84
C HIS I 1 43.55 -8.35 24.23
N THR I 2 44.71 -8.07 23.67
CA THR I 2 45.53 -9.10 23.06
C THR I 2 44.68 -10.29 22.60
N THR I 3 45.24 -11.49 22.73
CA THR I 3 44.54 -12.70 22.33
C THR I 3 44.03 -12.59 20.90
N LEU I 4 44.58 -13.41 20.01
CA LEU I 4 44.18 -13.42 18.61
C LEU I 4 44.88 -14.54 17.85
N GLY I 5 44.40 -14.79 16.63
CA GLY I 5 44.97 -15.84 15.79
C GLY I 5 46.13 -15.33 14.94
N VAL I 6 47.23 -16.07 14.95
CA VAL I 6 48.41 -15.69 14.18
C VAL I 6 48.15 -15.84 12.68
N GLN I 7 49.23 -16.04 11.93
CA GLN I 7 50.57 -16.11 12.50
C GLN I 7 51.13 -14.72 12.75
N ASP I 8 52.31 -14.67 13.35
CA ASP I 8 52.97 -13.41 13.66
C ASP I 8 54.46 -13.47 13.38
N ILE I 9 55.26 -13.03 14.35
CA ILE I 9 56.71 -13.04 14.22
C ILE I 9 57.24 -14.46 14.05
N SER I 10 58.53 -14.64 14.25
CA SER I 10 59.41 -13.53 14.62
C SER I 10 60.28 -13.08 13.45
N THR I 11 59.64 -12.91 12.29
CA THR I 11 60.34 -12.48 11.09
C THR I 11 61.54 -13.39 10.81
N THR I 12 62.63 -12.79 10.32
CA THR I 12 63.84 -13.54 10.02
C THR I 12 63.67 -15.02 10.34
N ALA I 13 64.05 -15.40 11.55
CA ALA I 13 63.94 -16.79 11.99
C ALA I 13 62.78 -17.49 11.31
N MET I 14 61.59 -16.88 11.38
CA MET I 14 60.40 -17.45 10.77
C MET I 14 60.62 -17.76 9.30
N SER I 15 61.26 -16.84 8.59
CA SER I 15 61.55 -17.00 7.17
C SER I 15 62.54 -18.14 6.94
N TRP I 16 63.51 -18.27 7.84
CA TRP I 16 64.50 -19.33 7.75
C TRP I 16 63.85 -20.69 7.58
N VAL I 17 62.85 -20.96 8.42
CA VAL I 17 62.19 -22.26 8.41
C VAL I 17 61.22 -22.39 7.25
N GLN I 18 60.47 -21.32 6.99
CA GLN I 18 59.50 -21.29 5.91
C GLN I 18 60.16 -21.59 4.56
N LYS I 19 61.36 -21.03 4.37
CA LYS I 19 62.04 -21.12 3.09
C LYS I 19 62.41 -22.57 2.77
N ILE I 20 62.45 -23.41 3.80
CA ILE I 20 62.87 -24.79 3.64
C ILE I 20 61.79 -25.63 2.99
N THR I 21 60.54 -25.19 3.13
CA THR I 21 59.40 -25.96 2.67
C THR I 21 58.79 -25.34 1.42
N GLY I 22 58.52 -26.17 0.41
CA GLY I 22 57.84 -25.71 -0.79
C GLY I 22 58.80 -25.68 -1.98
N GLY I 23 60.08 -25.48 -1.70
CA GLY I 23 61.11 -25.49 -2.74
C GLY I 23 61.18 -26.85 -3.43
N VAL I 24 61.16 -27.91 -2.64
CA VAL I 24 61.20 -29.26 -3.18
C VAL I 24 59.95 -29.57 -3.99
N GLY I 25 58.83 -28.96 -3.62
CA GLY I 25 57.59 -29.09 -4.38
C GLY I 25 57.73 -28.48 -5.77
N LEU I 26 58.33 -27.30 -5.83
CA LEU I 26 58.61 -26.65 -7.11
C LEU I 26 59.53 -27.51 -7.97
N ILE I 27 60.51 -28.13 -7.33
CA ILE I 27 61.48 -28.97 -8.05
C ILE I 27 60.79 -30.13 -8.76
N VAL I 28 59.92 -30.83 -8.02
CA VAL I 28 59.27 -32.02 -8.53
C VAL I 28 58.20 -31.66 -9.56
N ALA I 29 57.66 -30.45 -9.44
CA ALA I 29 56.74 -29.93 -10.45
C ALA I 29 57.47 -29.65 -11.76
N VAL I 30 58.63 -29.01 -11.66
CA VAL I 30 59.45 -28.74 -12.84
C VAL I 30 59.92 -30.04 -13.48
N ALA I 31 60.37 -30.98 -12.66
CA ALA I 31 60.83 -32.27 -13.15
C ALA I 31 59.70 -33.02 -13.85
N ALA I 32 58.50 -32.95 -13.28
CA ALA I 32 57.32 -33.55 -13.90
C ALA I 32 57.09 -32.99 -15.30
N LEU I 33 57.13 -31.66 -15.42
CA LEU I 33 56.94 -30.99 -16.69
C LEU I 33 58.01 -31.41 -17.70
N ILE I 34 59.26 -31.46 -17.23
CA ILE I 34 60.38 -31.84 -18.09
C ILE I 34 60.21 -33.26 -18.62
N LEU I 35 59.73 -34.15 -17.75
CA LEU I 35 59.47 -35.53 -18.15
C LEU I 35 58.39 -35.60 -19.22
N ILE I 36 57.35 -34.79 -19.06
CA ILE I 36 56.30 -34.68 -20.06
C ILE I 36 56.87 -34.18 -21.40
N VAL I 37 57.73 -33.18 -21.32
CA VAL I 37 58.35 -32.62 -22.52
C VAL I 37 59.14 -33.68 -23.28
N VAL I 38 59.94 -34.45 -22.55
CA VAL I 38 60.72 -35.53 -23.15
C VAL I 38 59.81 -36.60 -23.75
N LEU I 39 58.73 -36.91 -23.04
CA LEU I 39 57.74 -37.86 -23.53
C LEU I 39 57.18 -37.41 -24.87
N CYS I 40 56.90 -36.13 -24.99
CA CYS I 40 56.38 -35.56 -26.24
C CYS I 40 57.42 -35.64 -27.35
N VAL I 41 58.68 -35.48 -26.98
CA VAL I 41 59.78 -35.64 -27.92
C VAL I 41 59.81 -37.05 -28.49
N SER I 42 59.63 -38.05 -27.61
CA SER I 42 59.55 -39.43 -28.04
C SER I 42 58.35 -39.66 -28.94
N PHE I 43 57.21 -39.09 -28.57
CA PHE I 43 56.00 -39.18 -29.38
C PHE I 43 56.23 -38.60 -30.77
N SER I 44 56.91 -37.46 -30.83
CA SER I 44 57.27 -36.84 -32.10
C SER I 44 58.26 -37.71 -32.88
N ARG I 45 59.18 -38.34 -32.16
CA ARG I 45 60.20 -39.18 -32.77
C ARG I 45 59.56 -40.38 -33.47
N HIS I 46 58.51 -40.91 -32.87
CA HIS I 46 57.76 -42.02 -33.48
C HIS I 46 56.90 -41.54 -34.64
N SER J 1 52.38 -16.17 32.26
CA SER J 1 53.50 -16.97 32.71
C SER J 1 54.15 -17.73 31.55
N THR J 2 54.39 -19.02 31.76
CA THR J 2 55.00 -19.85 30.73
C THR J 2 55.81 -19.02 29.73
N ASN J 3 57.11 -18.92 29.97
CA ASN J 3 57.99 -18.15 29.11
C ASN J 3 58.06 -18.73 27.71
N GLY J 4 58.00 -17.85 26.70
CA GLY J 4 58.05 -18.27 25.31
C GLY J 4 59.30 -17.78 24.61
N THR J 5 60.46 -18.18 25.12
CA THR J 5 61.73 -17.77 24.54
C THR J 5 61.65 -17.72 23.03
N ALA J 6 62.61 -17.05 22.40
CA ALA J 6 62.66 -16.91 20.96
C ALA J 6 63.31 -18.14 20.31
N HIS J 7 64.55 -18.41 20.69
CA HIS J 7 65.29 -19.53 20.14
C HIS J 7 66.56 -19.81 20.94
N GLY J 8 67.57 -20.36 20.28
CA GLY J 8 67.47 -20.68 18.88
C GLY J 8 68.58 -21.60 18.41
N HIS J 9 68.42 -22.16 17.21
CA HIS J 9 67.22 -21.91 16.41
C HIS J 9 66.01 -22.67 16.92
N PRO J 10 65.17 -23.16 16.02
CA PRO J 10 63.98 -23.91 16.39
C PRO J 10 63.76 -23.86 17.90
N HIS J 11 64.15 -24.92 18.59
CA HIS J 11 63.99 -25.00 20.04
C HIS J 11 62.86 -24.09 20.52
N GLU J 12 63.21 -22.87 20.92
CA GLU J 12 62.23 -21.91 21.39
C GLU J 12 60.93 -22.00 20.59
N ILE J 13 61.06 -22.21 19.28
CA ILE J 13 59.90 -22.32 18.41
C ILE J 13 58.82 -23.18 19.04
N ILE J 14 59.22 -24.28 19.66
CA ILE J 14 58.29 -25.19 20.31
C ILE J 14 57.85 -24.65 21.66
N LEU J 15 58.66 -23.77 22.24
CA LEU J 15 58.35 -23.17 23.53
C LEU J 15 57.10 -22.31 23.45
N TYR J 16 56.92 -21.65 22.31
CA TYR J 16 55.76 -20.79 22.10
C TYR J 16 54.46 -21.55 22.25
N TYR J 17 54.49 -22.83 21.89
CA TYR J 17 53.31 -23.69 21.99
C TYR J 17 52.52 -23.38 23.26
N TYR J 18 53.22 -23.27 24.37
CA TYR J 18 52.59 -22.98 25.65
C TYR J 18 51.88 -21.63 25.61
N GLU J 19 52.49 -20.67 24.94
CA GLU J 19 51.92 -19.34 24.81
C GLU J 19 50.97 -19.25 23.62
N LEU J 20 48.91 -18.59 24.38
CA LEU J 20 47.94 -18.63 23.30
C LEU J 20 47.94 -20.01 22.62
N TYR J 21 47.39 -21.67 22.06
CA TYR J 21 48.20 -22.84 21.75
C TYR J 21 47.33 -24.05 21.44
N PRO J 22 47.03 -24.91 22.66
CA PRO J 22 46.26 -26.04 22.17
C PRO J 22 45.95 -25.90 20.68
N THR J 23 46.57 -26.75 19.87
CA THR J 23 46.56 -26.58 18.42
C THR J 23 47.91 -26.11 17.92
N MET J 24 47.91 -24.99 17.19
CA MET J 24 49.15 -24.38 16.74
C MET J 24 50.09 -25.40 16.13
N THR J 25 50.79 -26.12 17.01
CA THR J 25 51.84 -27.04 16.61
C THR J 25 51.34 -28.19 15.76
N VAL J 26 50.17 -28.73 16.08
CA VAL J 26 49.63 -29.84 15.31
C VAL J 26 49.37 -29.46 13.86
N VAL J 27 48.82 -28.26 13.66
CA VAL J 27 48.56 -27.75 12.31
C VAL J 27 49.86 -27.58 11.55
N ILE J 28 50.88 -27.08 12.22
CA ILE J 28 52.18 -26.89 11.62
C ILE J 28 52.76 -28.23 11.20
N VAL J 29 52.57 -29.24 12.05
CA VAL J 29 53.04 -30.59 11.78
C VAL J 29 52.34 -31.14 10.55
N SER J 30 51.04 -30.89 10.44
CA SER J 30 50.27 -31.34 9.30
C SER J 30 50.80 -30.67 8.02
N VAL J 31 51.12 -29.39 8.13
CA VAL J 31 51.65 -28.64 7.00
C VAL J 31 53.00 -29.24 6.58
N ALA J 32 53.81 -29.60 7.56
CA ALA J 32 55.11 -30.21 7.31
C ALA J 32 54.93 -31.54 6.60
N SER J 33 53.94 -32.31 7.03
CA SER J 33 53.63 -33.60 6.41
C SER J 33 53.23 -33.39 4.95
N PHE J 34 52.42 -32.36 4.71
CA PHE J 34 52.00 -32.04 3.35
C PHE J 34 53.20 -31.69 2.49
N VAL J 35 54.13 -30.93 3.08
CA VAL J 35 55.34 -30.53 2.38
C VAL J 35 56.17 -31.76 2.03
N LEU J 36 56.25 -32.70 2.96
CA LEU J 36 56.98 -33.94 2.76
C LEU J 36 56.34 -34.73 1.61
N LEU J 37 55.02 -34.75 1.58
CA LEU J 37 54.28 -35.44 0.53
C LEU J 37 54.59 -34.81 -0.82
N SER J 38 54.66 -33.47 -0.85
CA SER J 38 54.98 -32.77 -2.08
C SER J 38 56.40 -33.12 -2.52
N MET J 39 57.32 -33.19 -1.56
CA MET J 39 58.69 -33.57 -1.83
C MET J 39 58.77 -34.99 -2.35
N VAL J 40 57.98 -35.87 -1.75
CA VAL J 40 57.96 -37.28 -2.15
C VAL J 40 57.35 -37.45 -3.54
N GLY J 41 56.26 -36.71 -3.79
CA GLY J 41 55.62 -36.73 -5.09
C GLY J 41 56.55 -36.24 -6.20
N THR J 42 57.29 -35.18 -5.90
CA THR J 42 58.27 -34.65 -6.84
C THR J 42 59.32 -35.69 -7.19
N ALA J 43 59.83 -36.38 -6.17
CA ALA J 43 60.84 -37.41 -6.37
C ALA J 43 60.31 -38.54 -7.24
N VAL J 44 59.09 -38.99 -6.93
CA VAL J 44 58.44 -40.04 -7.70
C VAL J 44 58.25 -39.62 -9.16
N GLY J 45 57.83 -38.38 -9.35
CA GLY J 45 57.70 -37.82 -10.70
C GLY J 45 59.05 -37.76 -11.41
N MET J 46 60.08 -37.38 -10.67
CA MET J 46 61.43 -37.26 -11.22
C MET J 46 61.95 -38.62 -11.69
N CYS J 47 61.70 -39.65 -10.90
CA CYS J 47 62.11 -41.00 -11.26
C CYS J 47 61.40 -41.48 -12.52
N VAL J 48 60.11 -41.18 -12.62
CA VAL J 48 59.33 -41.51 -13.81
C VAL J 48 59.83 -40.74 -15.02
N CYS J 49 60.23 -39.48 -14.80
CA CYS J 49 60.80 -38.68 -15.87
C CYS J 49 62.16 -39.22 -16.30
N ALA J 50 62.93 -39.71 -15.34
CA ALA J 50 64.22 -40.33 -15.62
C ALA J 50 64.06 -41.57 -16.47
N ARG J 51 63.00 -42.34 -16.22
CA ARG J 51 62.61 -43.44 -17.09
C ARG J 51 62.25 -42.94 -18.48
N ARG J 52 61.47 -41.85 -18.54
CA ARG J 52 61.06 -41.28 -19.80
C ARG J 52 62.26 -40.88 -20.65
N ARG J 53 63.36 -40.52 -19.99
CA ARG J 53 64.56 -40.13 -20.69
C ARG J 53 65.34 -41.34 -21.19
N CYS J 54 65.44 -42.37 -20.34
CA CYS J 54 66.15 -43.59 -20.69
C CYS J 54 65.33 -44.46 -21.63
N ILE J 55 64.07 -44.06 -21.86
CA ILE J 55 63.18 -44.80 -22.73
C ILE J 55 63.86 -45.14 -24.06
N THR J 56 63.44 -44.46 -25.12
CA THR J 56 64.01 -44.69 -26.44
C THR J 56 65.21 -45.62 -26.38
N PRO J 57 66.29 -45.14 -25.78
CA PRO J 57 67.52 -45.94 -25.65
C PRO J 57 67.32 -47.13 -24.73
N TYR J 58 66.12 -47.71 -24.76
CA TYR J 58 65.81 -48.87 -23.92
C TYR J 58 65.71 -50.14 -24.74
N GLU J 59 65.67 -49.98 -26.06
CA GLU J 59 65.58 -51.12 -26.97
C GLU J 59 66.87 -51.94 -26.98
N LEU J 60 67.83 -51.50 -27.80
CA LEU J 60 69.12 -52.17 -27.90
C LEU J 60 70.03 -51.48 -28.89
N THR J 61 71.28 -51.93 -28.96
CA THR J 61 72.26 -51.35 -29.86
C THR J 61 73.09 -50.27 -29.18
N PRO J 62 74.37 -50.20 -29.52
CA PRO J 62 75.28 -49.21 -28.93
C PRO J 62 74.66 -47.81 -28.92
N GLY J 63 75.02 -47.01 -27.93
CA GLY J 63 74.50 -45.66 -27.81
C GLY J 63 74.27 -45.24 -26.38
N ALA J 64 75.14 -45.70 -25.49
CA ALA J 64 75.03 -45.38 -24.07
C ALA J 64 74.37 -46.51 -23.29
N THR J 65 75.01 -46.93 -22.21
CA THR J 65 76.27 -46.33 -21.78
C THR J 65 76.38 -44.89 -22.28
N VAL J 66 77.44 -44.62 -23.05
CA VAL J 66 77.67 -43.28 -23.59
C VAL J 66 77.16 -42.21 -22.65
N PRO J 67 76.08 -41.53 -23.04
CA PRO J 67 75.50 -40.46 -22.23
C PRO J 67 75.07 -40.98 -20.85
N PHE J 68 75.37 -42.24 -20.57
CA PHE J 68 75.00 -42.84 -19.28
C PHE J 68 76.07 -42.56 -18.23
N LEU J 69 76.58 -41.34 -18.23
CA LEU J 69 77.61 -40.94 -17.27
C LEU J 69 78.70 -40.12 -17.94
N LEU J 70 78.60 -38.80 -17.83
CA LEU J 70 77.49 -38.18 -17.11
C LEU J 70 76.17 -38.87 -17.40
N SER J 71 75.40 -39.14 -16.35
CA SER J 71 74.11 -39.81 -16.50
C SER J 71 73.42 -39.96 -15.15
N LEU J 72 72.31 -39.23 -14.98
CA LEU J 72 71.55 -39.29 -13.73
C LEU J 72 71.52 -40.71 -13.17
N LEU J 73 72.35 -40.95 -12.16
CA LEU J 73 72.42 -42.27 -11.54
C LEU J 73 71.42 -43.24 -12.17
N CYS J 74 71.69 -43.64 -13.40
CA CYS J 74 70.82 -44.57 -14.12
C CYS J 74 69.76 -43.82 -14.93
N CYS J 75 70.06 -43.58 -16.20
CA CYS J 75 71.33 -44.01 -16.79
C CYS J 75 71.89 -45.21 -16.05
N VAL J 76 73.20 -45.15 -15.77
CA VAL J 76 73.88 -46.24 -15.06
C VAL J 76 73.89 -45.98 -13.56
N ARG J 77 74.24 -47.02 -12.79
CA ARG J 77 74.57 -48.31 -13.36
C ARG J 77 73.40 -48.90 -14.12
N THR J 78 73.63 -49.28 -15.37
CA THR J 78 72.58 -49.87 -16.21
C THR J 78 73.16 -50.39 -17.52
N THR J 79 74.03 -49.59 -18.14
CA THR J 79 74.65 -49.97 -19.41
C THR J 79 75.69 -51.08 -19.20
N LYS J 80 75.24 -52.32 -19.26
CA LYS J 80 76.13 -53.46 -19.09
C LYS J 80 75.50 -54.52 -18.19
N ALA J 81 75.93 -55.76 -18.35
CA ALA J 81 76.98 -56.09 -19.32
C ALA J 81 76.93 -55.14 -20.52
N HIS K 1 -22.67 -32.11 12.95
CA HIS K 1 -21.67 -31.04 12.98
C HIS K 1 -21.14 -30.76 11.58
N THR K 2 -21.40 -31.68 10.65
CA THR K 2 -20.94 -31.53 9.27
C THR K 2 -19.52 -30.97 9.22
N THR K 3 -19.10 -30.57 8.03
CA THR K 3 -17.77 -30.02 7.83
C THR K 3 -16.70 -31.12 7.81
N LEU K 4 -16.83 -32.03 6.85
CA LEU K 4 -15.88 -33.13 6.71
C LEU K 4 -15.65 -33.49 5.25
N GLY K 5 -14.61 -34.27 4.98
CA GLY K 5 -14.29 -34.68 3.63
C GLY K 5 -14.98 -35.98 3.24
N VAL K 6 -15.53 -36.00 2.03
CA VAL K 6 -16.22 -37.18 1.54
C VAL K 6 -15.23 -38.32 1.25
N GLN K 7 -15.61 -39.19 0.32
CA GLN K 7 -16.89 -39.08 -0.37
C GLN K 7 -18.03 -39.66 0.48
N ASP K 8 -19.25 -39.54 -0.02
CA ASP K 8 -20.42 -40.06 0.69
C ASP K 8 -21.40 -40.71 -0.28
N ILE K 9 -22.67 -40.33 -0.17
CA ILE K 9 -23.70 -40.90 -1.03
C ILE K 9 -23.43 -40.57 -2.50
N SER K 10 -24.23 -41.47 -4.27
CA SER K 10 -25.55 -41.85 -3.78
C SER K 10 -25.82 -43.33 -4.03
N THR K 11 -24.86 -44.17 -3.67
CA THR K 11 -25.00 -45.61 -3.86
C THR K 11 -25.38 -45.95 -5.30
N THR K 12 -26.23 -46.95 -5.46
CA THR K 12 -26.67 -47.38 -6.79
C THR K 12 -26.06 -46.51 -7.88
N ALA K 13 -26.78 -45.45 -8.25
CA ALA K 13 -26.31 -44.54 -9.28
C ALA K 13 -24.79 -44.46 -9.32
N MET K 14 -24.19 -44.22 -8.15
CA MET K 14 -22.74 -44.12 -8.04
C MET K 14 -22.06 -45.37 -8.60
N SER K 15 -22.60 -46.53 -8.27
CA SER K 15 -22.05 -47.80 -8.74
C SER K 15 -22.20 -47.93 -10.25
N TRP K 16 -23.32 -47.45 -10.78
CA TRP K 16 -23.58 -47.49 -12.21
C TRP K 16 -22.41 -46.92 -13.00
N VAL K 17 -21.93 -45.75 -12.59
CA VAL K 17 -20.87 -45.05 -13.29
C VAL K 17 -19.51 -45.68 -13.01
N GLN K 18 -19.29 -46.02 -11.73
CA GLN K 18 -18.03 -46.63 -11.32
C GLN K 18 -17.76 -47.92 -12.09
N LYS K 19 -18.81 -48.70 -12.31
CA LYS K 19 -18.67 -50.02 -12.92
C LYS K 19 -18.17 -49.91 -14.36
N ILE K 20 -18.33 -48.73 -14.95
CA ILE K 20 -17.98 -48.52 -16.35
C ILE K 20 -16.48 -48.39 -16.53
N THR K 21 -15.79 -48.00 -15.46
CA THR K 21 -14.36 -47.72 -15.53
C THR K 21 -13.55 -48.81 -14.83
N GLY K 22 -12.51 -49.29 -15.49
CA GLY K 22 -11.61 -50.26 -14.88
C GLY K 22 -11.77 -51.63 -15.54
N GLY K 23 -12.96 -51.91 -16.04
CA GLY K 23 -13.24 -53.16 -16.74
C GLY K 23 -12.38 -53.29 -17.98
N VAL K 24 -12.27 -52.21 -18.75
CA VAL K 24 -11.46 -52.21 -19.96
C VAL K 24 -9.99 -52.38 -19.63
N GLY K 25 -9.59 -51.88 -18.47
CA GLY K 25 -8.21 -52.06 -17.98
C GLY K 25 -7.92 -53.53 -17.73
N LEU K 26 -8.85 -54.22 -17.09
CA LEU K 26 -8.72 -55.65 -16.86
C LEU K 26 -8.63 -56.42 -18.17
N ILE K 27 -9.41 -55.99 -19.17
CA ILE K 27 -9.44 -56.64 -20.46
C ILE K 27 -8.08 -56.59 -21.13
N VAL K 28 -7.48 -55.40 -21.14
CA VAL K 28 -6.20 -55.18 -21.84
C VAL K 28 -5.05 -55.83 -21.08
N ALA K 29 -5.21 -55.97 -19.77
CA ALA K 29 -4.26 -56.71 -18.96
C ALA K 29 -4.29 -58.20 -19.28
N VAL K 30 -5.49 -58.76 -19.38
CA VAL K 30 -5.67 -60.16 -19.76
C VAL K 30 -5.14 -60.41 -21.17
N ALA K 31 -5.48 -59.52 -22.08
CA ALA K 31 -5.03 -59.65 -23.47
C ALA K 31 -3.51 -59.59 -23.56
N ALA K 32 -2.92 -58.71 -22.77
CA ALA K 32 -1.46 -58.61 -22.69
C ALA K 32 -0.84 -59.94 -22.26
N LEU K 33 -1.39 -60.53 -21.21
CA LEU K 33 -0.91 -61.81 -20.72
C LEU K 33 -1.07 -62.90 -21.77
N ILE K 34 -2.22 -62.91 -22.44
CA ILE K 34 -2.49 -63.90 -23.47
C ILE K 34 -1.49 -63.80 -24.62
N LEU K 35 -1.15 -62.57 -24.98
CA LEU K 35 -0.17 -62.32 -26.03
C LEU K 35 1.21 -62.85 -25.63
N ILE K 36 1.57 -62.63 -24.36
CA ILE K 36 2.80 -63.18 -23.81
C ILE K 36 2.80 -64.70 -23.88
N VAL K 37 1.67 -65.31 -23.53
CA VAL K 37 1.55 -66.76 -23.55
C VAL K 37 1.77 -67.30 -24.95
N VAL K 38 1.14 -66.68 -25.94
CA VAL K 38 1.31 -67.08 -27.33
C VAL K 38 2.75 -66.90 -27.78
N LEU K 39 3.36 -65.79 -27.37
CA LEU K 39 4.76 -65.53 -27.67
C LEU K 39 5.65 -66.65 -27.15
N CYS K 40 5.37 -67.12 -25.94
CA CYS K 40 6.12 -68.23 -25.35
C CYS K 40 5.90 -69.52 -26.12
N VAL K 41 4.69 -69.71 -26.63
CA VAL K 41 4.39 -70.84 -27.49
C VAL K 41 5.25 -70.84 -28.75
N SER K 42 5.39 -69.66 -29.35
CA SER K 42 6.26 -69.51 -30.51
C SER K 42 7.71 -69.78 -30.15
N PHE K 43 8.14 -69.26 -29.02
CA PHE K 43 9.50 -69.51 -28.52
C PHE K 43 9.75 -71.00 -28.33
N SER K 44 8.77 -71.69 -27.77
CA SER K 44 8.85 -73.14 -27.62
C SER K 44 8.86 -73.85 -28.97
N ARG K 45 8.07 -73.32 -29.91
CA ARG K 45 7.97 -73.91 -31.24
C ARG K 45 9.30 -73.87 -31.97
N HIS K 46 10.04 -72.79 -31.76
CA HIS K 46 11.37 -72.65 -32.34
C HIS K 46 12.39 -73.53 -31.61
N SER L 1 -28.45 -25.32 2.47
CA SER L 1 -29.37 -25.47 1.34
C SER L 1 -28.74 -26.30 0.23
N THR L 2 -28.59 -25.69 -0.94
CA THR L 2 -28.01 -26.38 -2.08
C THR L 2 -28.26 -27.88 -2.02
N ASN L 3 -29.53 -28.26 -1.95
CA ASN L 3 -29.91 -29.66 -1.88
C ASN L 3 -28.96 -30.55 -2.68
N GLY L 4 -28.50 -31.62 -2.05
CA GLY L 4 -27.59 -32.56 -2.70
C GLY L 4 -28.23 -33.90 -2.96
N THR L 5 -29.39 -33.89 -3.62
CA THR L 5 -30.10 -35.12 -3.93
C THR L 5 -29.12 -36.26 -4.26
N ALA L 6 -29.61 -37.49 -4.18
CA ALA L 6 -28.79 -38.66 -4.46
C ALA L 6 -28.57 -38.83 -5.96
N HIS L 7 -29.64 -39.12 -6.68
CA HIS L 7 -29.57 -39.31 -8.12
C HIS L 7 -30.93 -39.07 -8.78
N GLY L 8 -31.16 -39.74 -9.90
CA GLY L 8 -30.17 -40.64 -10.47
C GLY L 8 -30.63 -41.26 -11.78
N HIS L 9 -29.73 -41.99 -12.43
CA HIS L 9 -28.39 -42.19 -11.91
C HIS L 9 -27.59 -40.88 -11.94
N PRO L 10 -26.27 -41.01 -11.97
CA PRO L 10 -25.39 -39.84 -12.00
C PRO L 10 -26.13 -38.59 -11.55
N HIS L 11 -26.56 -37.78 -12.52
CA HIS L 11 -27.28 -36.55 -12.23
C HIS L 11 -26.95 -36.04 -10.82
N GLU L 12 -27.78 -36.42 -9.85
CA GLU L 12 -27.57 -35.99 -8.47
C GLU L 12 -26.09 -35.98 -8.11
N ILE L 13 -25.36 -36.97 -8.61
CA ILE L 13 -23.92 -37.06 -8.35
C ILE L 13 -23.25 -35.70 -8.47
N ILE L 14 -23.64 -34.94 -9.49
CA ILE L 14 -23.08 -33.62 -9.73
C ILE L 14 -23.68 -32.59 -8.78
N LEU L 15 -24.87 -32.89 -8.28
CA LEU L 15 -25.57 -31.99 -7.36
C LEU L 15 -24.81 -31.85 -6.05
N TYR L 16 -24.16 -32.93 -5.62
CA TYR L 16 -23.40 -32.92 -4.39
C TYR L 16 -22.30 -31.86 -4.43
N TYR L 17 -21.76 -31.62 -5.62
CA TYR L 17 -20.70 -30.64 -5.80
C TYR L 17 -20.93 -29.42 -4.92
N TYR L 18 -22.17 -28.91 -4.93
CA TYR L 18 -22.53 -27.75 -4.13
C TYR L 18 -22.33 -28.01 -2.65
N GLU L 19 -22.64 -29.24 -2.22
CA GLU L 19 -22.49 -29.64 -0.84
C GLU L 19 -21.09 -30.16 -0.56
N LEU L 20 -20.15 -28.89 1.11
CA LEU L 20 -18.75 -29.27 1.30
C LEU L 20 -17.99 -29.22 -0.02
N TYR L 21 -16.79 -28.69 -1.32
CA TYR L 21 -16.92 -28.81 -2.76
C TYR L 21 -15.74 -28.14 -3.47
N PRO L 22 -16.02 -26.68 -3.85
CA PRO L 22 -14.83 -26.23 -4.56
C PRO L 22 -13.76 -27.30 -4.59
N THR L 23 -13.51 -27.86 -5.77
CA THR L 23 -12.69 -29.06 -5.90
C THR L 23 -13.55 -30.28 -6.21
N MET L 24 -13.41 -31.31 -5.40
CA MET L 24 -14.24 -32.50 -5.51
C MET L 24 -14.32 -32.98 -6.96
N THR L 25 -15.18 -32.31 -7.73
CA THR L 25 -15.49 -32.72 -9.09
C THR L 25 -14.30 -32.67 -10.02
N VAL L 26 -13.45 -31.65 -9.88
CA VAL L 26 -12.29 -31.53 -10.75
C VAL L 26 -11.33 -32.70 -10.58
N VAL L 27 -11.12 -33.11 -9.33
CA VAL L 27 -10.25 -34.24 -9.04
C VAL L 27 -10.82 -35.52 -9.64
N ILE L 28 -12.13 -35.68 -9.54
CA ILE L 28 -12.81 -36.83 -10.10
C ILE L 28 -12.64 -36.86 -11.61
N VAL L 29 -12.74 -35.68 -12.23
CA VAL L 29 -12.57 -35.54 -13.67
C VAL L 29 -11.16 -35.94 -14.07
N SER L 30 -10.19 -35.52 -13.26
CA SER L 30 -8.80 -35.88 -13.52
C SER L 30 -8.61 -37.39 -13.44
N VAL L 31 -9.26 -37.99 -12.46
CA VAL L 31 -9.19 -39.44 -12.29
C VAL L 31 -9.79 -40.14 -13.50
N ALA L 32 -10.90 -39.60 -14.00
CA ALA L 32 -11.58 -40.14 -15.17
C ALA L 32 -10.66 -40.04 -16.38
N SER L 33 -9.96 -38.92 -16.50
CA SER L 33 -9.02 -38.73 -17.60
C SER L 33 -7.90 -39.76 -17.52
N PHE L 34 -7.42 -40.00 -16.31
CA PHE L 34 -6.37 -41.00 -16.11
C PHE L 34 -6.88 -42.38 -16.51
N VAL L 35 -8.12 -42.67 -16.17
CA VAL L 35 -8.73 -43.95 -16.52
C VAL L 35 -8.82 -44.08 -18.04
N LEU L 36 -9.18 -42.99 -18.70
CA LEU L 36 -9.28 -42.97 -20.16
C LEU L 36 -7.92 -43.23 -20.78
N LEU L 37 -6.88 -42.63 -20.18
CA LEU L 37 -5.52 -42.83 -20.65
C LEU L 37 -5.12 -44.27 -20.51
N SER L 38 -5.50 -44.90 -19.39
CA SER L 38 -5.21 -46.31 -19.17
C SER L 38 -5.92 -47.16 -20.22
N MET L 39 -7.16 -46.81 -20.51
CA MET L 39 -7.94 -47.49 -21.52
C MET L 39 -7.32 -47.32 -22.90
N VAL L 40 -6.84 -46.11 -23.18
CA VAL L 40 -6.21 -45.83 -24.46
C VAL L 40 -4.88 -46.55 -24.59
N GLY L 41 -4.11 -46.57 -23.52
CA GLY L 41 -2.83 -47.27 -23.49
C GLY L 41 -3.02 -48.77 -23.71
N THR L 42 -4.04 -49.33 -23.07
CA THR L 42 -4.37 -50.74 -23.25
C THR L 42 -4.66 -51.05 -24.71
N ALA L 43 -5.48 -50.21 -25.34
CA ALA L 43 -5.85 -50.40 -26.74
C ALA L 43 -4.62 -50.34 -27.64
N VAL L 44 -3.77 -49.34 -27.40
CA VAL L 44 -2.54 -49.20 -28.16
C VAL L 44 -1.65 -50.43 -28.00
N GLY L 45 -1.53 -50.92 -26.78
CA GLY L 45 -0.78 -52.15 -26.50
C GLY L 45 -1.39 -53.34 -27.21
N MET L 46 -2.73 -53.40 -27.20
CA MET L 46 -3.44 -54.51 -27.82
C MET L 46 -3.19 -54.54 -29.33
N CYS L 47 -3.19 -53.37 -29.96
CA CYS L 47 -2.93 -53.28 -31.39
C CYS L 47 -1.51 -53.71 -31.73
N VAL L 48 -0.57 -53.33 -30.89
CA VAL L 48 0.82 -53.75 -31.05
C VAL L 48 0.96 -55.26 -30.85
N CYS L 49 0.19 -55.79 -29.90
CA CYS L 49 0.18 -57.23 -29.68
C CYS L 49 -0.44 -57.97 -30.86
N ALA L 50 -1.47 -57.36 -31.46
CA ALA L 50 -2.12 -57.93 -32.64
C ALA L 50 -1.15 -57.99 -33.80
N ARG L 51 -0.30 -56.98 -33.93
CA ARG L 51 0.81 -57.01 -34.88
C ARG L 51 1.77 -58.14 -34.55
N ARG L 52 2.11 -58.28 -33.28
CA ARG L 52 3.03 -59.31 -32.83
C ARG L 52 2.52 -60.70 -33.20
N ARG L 53 1.20 -60.85 -33.27
CA ARG L 53 0.59 -62.12 -33.62
C ARG L 53 0.61 -62.35 -35.12
N CYS L 54 0.32 -61.31 -35.89
CA CYS L 54 0.32 -61.39 -37.35
C CYS L 54 1.72 -61.37 -37.90
N ILE L 55 2.71 -61.14 -37.03
CA ILE L 55 4.10 -61.09 -37.43
C ILE L 55 4.47 -62.29 -38.30
N THR L 56 5.24 -63.22 -37.73
CA THR L 56 5.66 -64.42 -38.45
C THR L 56 4.96 -64.52 -39.79
N PRO L 57 3.66 -64.77 -39.76
CA PRO L 57 2.86 -64.89 -40.98
C PRO L 57 2.78 -63.58 -41.75
N TYR L 58 3.86 -62.79 -41.71
CA TYR L 58 3.89 -61.51 -42.40
C TYR L 58 4.80 -61.57 -43.62
N GLU L 59 5.58 -62.65 -43.72
CA GLU L 59 6.49 -62.82 -44.84
C GLU L 59 5.73 -63.09 -46.14
N LEU L 60 5.38 -64.35 -46.37
CA LEU L 60 4.65 -64.74 -47.57
C LEU L 60 4.36 -66.24 -47.57
N THR L 61 3.57 -66.67 -48.55
CA THR L 61 3.22 -68.09 -48.68
C THR L 61 1.89 -68.39 -47.99
N PRO L 62 1.11 -69.28 -48.59
CA PRO L 62 -0.19 -69.66 -48.03
C PRO L 62 -0.11 -69.95 -46.53
N GLY L 63 -1.19 -69.69 -45.81
CA GLY L 63 -1.22 -69.94 -44.38
C GLY L 63 -2.01 -68.88 -43.62
N ALA L 64 -3.07 -68.39 -44.25
CA ALA L 64 -3.92 -67.38 -43.65
C ALA L 64 -3.58 -65.99 -44.17
N THR L 65 -4.61 -65.27 -44.61
CA THR L 65 -5.98 -65.77 -44.57
C THR L 65 -6.15 -66.83 -43.49
N VAL L 66 -6.57 -68.02 -43.89
CA VAL L 66 -6.77 -69.12 -42.95
C VAL L 66 -7.24 -68.60 -41.59
N PRO L 67 -6.36 -68.70 -40.59
CA PRO L 67 -6.68 -68.24 -39.24
C PRO L 67 -7.04 -66.76 -39.22
N PHE L 68 -7.09 -66.14 -40.39
CA PHE L 68 -7.43 -64.72 -40.49
C PHE L 68 -8.94 -64.51 -40.53
N LEU L 69 -9.66 -65.26 -39.70
CA LEU L 69 -11.11 -65.16 -39.64
C LEU L 69 -11.75 -66.54 -39.56
N LEU L 70 -12.09 -66.96 -38.34
CA LEU L 70 -11.86 -66.15 -37.16
C LEU L 70 -10.49 -65.47 -37.22
N SER L 71 -10.46 -64.18 -36.88
CA SER L 71 -9.23 -63.42 -36.89
C SER L 71 -9.46 -61.98 -36.45
N LEU L 72 -8.92 -61.64 -35.28
CA LEU L 72 -9.07 -60.29 -34.73
C LEU L 72 -9.01 -59.24 -35.83
N LEU L 73 -10.16 -58.75 -36.23
CA LEU L 73 -10.24 -57.72 -37.28
C LEU L 73 -8.86 -57.35 -37.79
N CYS L 74 -8.22 -58.27 -38.50
CA CYS L 74 -6.89 -58.03 -39.04
C CYS L 74 -5.81 -58.49 -38.07
N CYS L 75 -5.33 -59.71 -38.25
CA CYS L 75 -5.82 -60.57 -39.32
C CYS L 75 -6.38 -59.76 -40.47
N VAL L 76 -7.54 -60.16 -40.97
CA VAL L 76 -8.19 -59.46 -42.08
C VAL L 76 -9.17 -58.42 -41.57
N ARG L 77 -9.61 -57.54 -42.47
CA ARG L 77 -9.18 -57.59 -43.87
C ARG L 77 -7.67 -57.39 -43.98
N THR L 78 -7.00 -58.31 -44.67
CA THR L 78 -5.56 -58.23 -44.86
C THR L 78 -5.08 -59.30 -45.83
N THR L 79 -5.58 -60.52 -45.67
CA THR L 79 -5.19 -61.63 -46.52
C THR L 79 -5.81 -61.49 -47.91
N LYS L 80 -5.10 -60.79 -48.80
CA LYS L 80 -5.58 -60.59 -50.17
C LYS L 80 -5.35 -59.15 -50.62
N ALA L 81 -5.25 -58.96 -51.93
CA ALA L 81 -5.38 -60.06 -52.88
C ALA L 81 -4.88 -61.36 -52.27
N HIS M 1 30.30 25.27 -10.25
CA HIS M 1 31.75 25.30 -10.05
C HIS M 1 32.34 23.89 -10.15
N THR M 2 33.25 23.70 -11.10
CA THR M 2 33.89 22.42 -11.30
C THR M 2 33.16 21.58 -12.35
N THR M 3 32.01 21.05 -11.98
CA THR M 3 31.21 20.24 -12.89
C THR M 3 31.62 20.47 -14.34
N LEU M 4 32.27 19.47 -14.94
CA LEU M 4 32.71 19.58 -16.32
C LEU M 4 32.93 18.19 -16.93
N GLY M 5 33.19 18.16 -18.24
CA GLY M 5 33.42 16.91 -18.94
C GLY M 5 34.86 16.45 -18.85
N VAL M 6 35.06 15.19 -18.43
CA VAL M 6 36.39 14.63 -18.31
C VAL M 6 37.06 14.48 -19.67
N GLN M 7 38.00 13.54 -19.76
CA GLN M 7 38.37 12.70 -18.62
C GLN M 7 39.32 13.43 -17.68
N ASP M 8 39.63 12.80 -16.56
CA ASP M 8 40.55 13.38 -15.58
C ASP M 8 41.50 12.33 -15.02
N ILE M 9 41.61 12.29 -13.70
CA ILE M 9 42.49 11.33 -13.04
C ILE M 9 42.08 9.90 -13.34
N SER M 10 40.19 7.41 -12.64
CA SER M 10 40.96 8.17 -11.67
C SER M 10 42.41 8.35 -12.12
N THR M 11 42.58 8.74 -13.38
CA THR M 11 43.91 8.95 -13.94
C THR M 11 44.79 7.72 -13.74
N THR M 12 46.07 7.96 -13.46
CA THR M 12 47.01 6.87 -13.24
C THR M 12 46.33 5.51 -13.34
N ALA M 13 45.88 5.00 -12.21
CA ALA M 13 45.20 3.71 -12.16
C ALA M 13 44.47 3.43 -13.47
N MET M 14 43.64 4.38 -13.89
CA MET M 14 42.88 4.23 -15.13
C MET M 14 43.79 3.90 -16.31
N SER M 15 44.92 4.59 -16.38
CA SER M 15 45.89 4.37 -17.46
C SER M 15 46.51 2.99 -17.36
N TRP M 16 46.76 2.54 -16.14
CA TRP M 16 47.33 1.23 -15.91
C TRP M 16 46.56 0.14 -16.64
N VAL M 17 45.24 0.17 -16.51
CA VAL M 17 44.38 -0.85 -17.11
C VAL M 17 44.23 -0.63 -18.60
N GLN M 18 44.04 0.63 -18.99
CA GLN M 18 43.86 0.98 -20.40
C GLN M 18 45.05 0.53 -21.23
N LYS M 19 46.25 0.68 -20.68
CA LYS M 19 47.48 0.41 -21.41
C LYS M 19 47.59 -1.08 -21.76
N ILE M 20 46.84 -1.91 -21.04
CA ILE M 20 46.92 -3.35 -21.23
C ILE M 20 46.20 -3.79 -22.49
N THR M 21 45.24 -2.98 -22.93
CA THR M 21 44.38 -3.33 -24.05
C THR M 21 44.75 -2.52 -25.29
N GLY M 22 44.87 -3.21 -26.43
CA GLY M 22 45.11 -2.54 -27.70
C GLY M 22 46.53 -2.78 -28.19
N GLY M 23 47.45 -3.00 -27.25
CA GLY M 23 48.83 -3.31 -27.59
C GLY M 23 48.93 -4.60 -28.39
N VAL M 24 48.20 -5.62 -27.95
CA VAL M 24 48.19 -6.91 -28.63
C VAL M 24 47.58 -6.78 -30.03
N GLY M 25 46.63 -5.86 -30.17
CA GLY M 25 46.03 -5.57 -31.47
C GLY M 25 47.05 -5.01 -32.43
N LEU M 26 47.87 -4.08 -31.95
CA LEU M 26 48.95 -3.52 -32.75
C LEU M 26 49.95 -4.61 -33.16
N ILE M 27 50.23 -5.52 -32.25
CA ILE M 27 51.17 -6.59 -32.51
C ILE M 27 50.71 -7.47 -33.67
N VAL M 28 49.44 -7.87 -33.63
CA VAL M 28 48.91 -8.79 -34.64
C VAL M 28 48.71 -8.09 -35.97
N ALA M 29 48.52 -6.77 -35.92
CA ALA M 29 48.47 -5.96 -37.13
C ALA M 29 49.83 -5.89 -37.81
N VAL M 30 50.87 -5.66 -37.00
CA VAL M 30 52.24 -5.64 -37.51
C VAL M 30 52.64 -7.00 -38.06
N ALA M 31 52.32 -8.05 -37.32
CA ALA M 31 52.62 -9.41 -37.74
C ALA M 31 51.93 -9.75 -39.05
N ALA M 32 50.68 -9.31 -39.18
CA ALA M 32 49.92 -9.50 -40.42
C ALA M 32 50.64 -8.86 -41.60
N LEU M 33 51.07 -7.61 -41.42
CA LEU M 33 51.80 -6.89 -42.46
C LEU M 33 53.09 -7.60 -42.82
N ILE M 34 53.82 -8.06 -41.79
CA ILE M 34 55.08 -8.75 -42.01
C ILE M 34 54.88 -10.03 -42.80
N LEU M 35 53.80 -10.74 -42.52
CA LEU M 35 53.46 -11.96 -43.25
C LEU M 35 53.17 -11.66 -44.70
N ILE M 36 52.46 -10.57 -44.95
CA ILE M 36 52.21 -10.10 -46.31
C ILE M 36 53.51 -9.79 -47.02
N VAL M 37 54.42 -9.11 -46.34
CA VAL M 37 55.70 -8.75 -46.90
C VAL M 37 56.48 -9.98 -47.34
N VAL M 38 56.53 -10.98 -46.47
CA VAL M 38 57.21 -12.24 -46.77
C VAL M 38 56.55 -12.95 -47.94
N LEU M 39 55.22 -12.93 -47.96
CA LEU M 39 54.46 -13.50 -49.08
C LEU M 39 54.86 -12.87 -50.40
N CYS M 40 55.02 -11.55 -50.40
CA CYS M 40 55.44 -10.82 -51.59
C CYS M 40 56.85 -11.20 -52.00
N VAL M 41 57.70 -11.45 -51.01
CA VAL M 41 59.06 -11.94 -51.26
C VAL M 41 59.03 -13.28 -51.99
N SER M 42 58.16 -14.17 -51.54
CA SER M 42 57.97 -15.46 -52.21
C SER M 42 57.46 -15.28 -53.63
N PHE M 43 56.49 -14.39 -53.79
CA PHE M 43 55.95 -14.07 -55.11
C PHE M 43 57.04 -13.56 -56.04
N SER M 44 57.90 -12.69 -55.52
CA SER M 44 59.04 -12.19 -56.27
C SER M 44 60.03 -13.31 -56.58
N ARG M 45 60.21 -14.21 -55.63
CA ARG M 45 61.15 -15.31 -55.79
C ARG M 45 60.73 -16.24 -56.92
N HIS M 46 59.43 -16.42 -57.07
CA HIS M 46 58.89 -17.22 -58.17
C HIS M 46 58.95 -16.47 -59.48
N SER N 1 26.20 13.35 -0.61
CA SER N 1 25.78 12.02 -0.16
C SER N 1 26.63 10.93 -0.81
N THR N 2 25.95 9.99 -1.47
CA THR N 2 26.64 8.89 -2.14
C THR N 2 28.14 9.13 -2.21
N ASN N 3 28.91 8.22 -1.64
CA ASN N 3 30.37 8.33 -1.63
C ASN N 3 31.00 7.72 -2.88
N GLY N 4 31.77 8.54 -3.59
CA GLY N 4 32.42 8.09 -4.82
C GLY N 4 33.86 7.67 -4.58
N THR N 5 34.06 6.70 -3.71
CA THR N 5 35.39 6.21 -3.38
C THR N 5 36.18 5.92 -4.65
N ALA N 6 37.51 5.91 -4.51
CA ALA N 6 38.39 5.65 -5.65
C ALA N 6 38.40 4.17 -6.02
N HIS N 7 39.08 3.37 -5.21
CA HIS N 7 39.17 1.93 -5.44
C HIS N 7 39.18 1.16 -4.13
N GLY N 8 39.82 -0.01 -4.14
CA GLY N 8 40.47 -0.51 -5.34
C GLY N 8 40.69 -2.01 -5.29
N HIS N 9 41.02 -2.59 -6.44
CA HIS N 9 41.17 -1.82 -7.68
C HIS N 9 39.83 -1.25 -8.13
N PRO N 10 39.37 -1.69 -9.30
CA PRO N 10 38.10 -1.22 -9.86
C PRO N 10 37.09 -0.88 -8.76
N HIS N 11 36.31 -1.86 -8.35
CA HIS N 11 35.31 -1.65 -7.31
C HIS N 11 34.92 -0.18 -7.20
N GLU N 12 35.48 0.51 -6.22
CA GLU N 12 35.19 1.93 -6.01
C GLU N 12 35.09 2.67 -7.34
N ILE N 13 35.58 2.03 -8.40
CA ILE N 13 35.55 2.64 -9.73
C ILE N 13 34.13 2.86 -10.20
N ILE N 14 33.27 1.87 -9.96
CA ILE N 14 31.87 1.96 -10.35
C ILE N 14 31.08 2.84 -9.40
N LEU N 15 31.62 3.04 -8.19
CA LEU N 15 30.97 3.86 -7.18
C LEU N 15 30.80 5.30 -7.67
N TYR N 16 31.78 5.78 -8.42
CA TYR N 16 31.74 7.14 -8.96
C TYR N 16 30.47 7.38 -9.76
N TYR N 17 29.97 6.33 -10.40
CA TYR N 17 28.75 6.42 -11.19
C TYR N 17 27.72 7.32 -10.53
N TYR N 18 27.52 7.11 -9.23
CA TYR N 18 26.57 7.91 -8.46
C TYR N 18 26.95 9.38 -8.48
N GLU N 19 28.25 9.65 -8.41
CA GLU N 19 28.76 11.03 -8.42
C GLU N 19 28.97 11.51 -9.85
N LEU N 20 27.72 13.41 -10.16
CA LEU N 20 27.78 13.84 -11.55
C LEU N 20 27.41 12.69 -12.49
N TYR N 21 26.47 11.68 -13.71
CA TYR N 21 26.46 10.23 -13.86
C TYR N 21 25.46 9.79 -14.92
N PRO N 22 24.07 9.48 -14.37
CA PRO N 22 23.28 9.02 -15.50
C PRO N 22 24.07 9.13 -16.81
N THR N 23 24.41 7.97 -17.37
CA THR N 23 25.36 7.91 -18.47
C THR N 23 26.70 7.36 -18.01
N MET N 24 27.77 8.12 -18.26
CA MET N 24 29.10 7.77 -17.79
C MET N 24 29.42 6.31 -18.06
N THR N 25 28.89 5.43 -17.20
CA THR N 25 29.20 4.01 -17.22
C THR N 25 28.77 3.33 -18.51
N VAL N 26 27.60 3.69 -19.03
CA VAL N 26 27.10 3.06 -20.25
C VAL N 26 28.05 3.33 -21.44
N VAL N 27 28.54 4.56 -21.53
CA VAL N 27 29.46 4.93 -22.59
C VAL N 27 30.76 4.15 -22.46
N ILE N 28 31.23 3.99 -21.23
CA ILE N 28 32.44 3.24 -20.96
C ILE N 28 32.25 1.78 -21.38
N VAL N 29 31.07 1.24 -21.09
CA VAL N 29 30.74 -0.12 -21.45
C VAL N 29 30.74 -0.28 -22.97
N SER N 30 30.21 0.71 -23.67
CA SER N 30 30.20 0.70 -25.12
C SER N 30 31.63 0.70 -25.66
N VAL N 31 32.48 1.51 -25.03
CA VAL N 31 33.88 1.58 -25.42
C VAL N 31 34.56 0.23 -25.22
N ALA N 32 34.22 -0.41 -24.10
CA ALA N 32 34.77 -1.73 -23.79
C ALA N 32 34.34 -2.75 -24.84
N SER N 33 33.08 -2.66 -25.26
CA SER N 33 32.55 -3.55 -26.28
C SER N 33 33.29 -3.33 -27.59
N PHE N 34 33.56 -2.07 -27.91
CA PHE N 34 34.30 -1.74 -29.12
C PHE N 34 35.70 -2.34 -29.06
N VAL N 35 36.32 -2.25 -27.88
CA VAL N 35 37.65 -2.80 -27.67
C VAL N 35 37.63 -4.30 -27.86
N LEU N 36 36.58 -4.95 -27.35
CA LEU N 36 36.42 -6.39 -27.49
C LEU N 36 36.29 -6.76 -28.97
N LEU N 37 35.55 -5.95 -29.71
CA LEU N 37 35.36 -6.17 -31.13
C LEU N 37 36.69 -6.06 -31.85
N SER N 38 37.50 -5.07 -31.46
CA SER N 38 38.81 -4.90 -32.05
C SER N 38 39.69 -6.12 -31.75
N MET N 39 39.60 -6.61 -30.53
CA MET N 39 40.34 -7.80 -30.10
C MET N 39 39.88 -9.02 -30.89
N VAL N 40 38.57 -9.12 -31.10
CA VAL N 40 38.00 -10.24 -31.85
C VAL N 40 38.38 -10.17 -33.31
N GLY N 41 38.33 -8.97 -33.87
CA GLY N 41 38.71 -8.76 -35.27
C GLY N 41 40.18 -9.12 -35.49
N THR N 42 41.03 -8.72 -34.55
CA THR N 42 42.45 -9.05 -34.63
C THR N 42 42.67 -10.56 -34.64
N ALA N 43 41.96 -11.26 -33.77
CA ALA N 43 42.08 -12.71 -33.68
C ALA N 43 41.63 -13.37 -34.99
N VAL N 44 40.50 -12.91 -35.52
CA VAL N 44 39.99 -13.42 -36.78
C VAL N 44 40.99 -13.18 -37.92
N GLY N 45 41.58 -11.99 -37.94
CA GLY N 45 42.62 -11.66 -38.92
C GLY N 45 43.84 -12.55 -38.74
N MET N 46 44.20 -12.81 -37.49
CA MET N 46 45.36 -13.63 -37.18
C MET N 46 45.18 -15.06 -37.67
N CYS N 47 43.98 -15.59 -37.49
CA CYS N 47 43.66 -16.94 -37.94
C CYS N 47 43.71 -17.04 -39.45
N VAL N 48 43.22 -16.01 -40.13
CA VAL N 48 43.29 -15.94 -41.58
C VAL N 48 44.73 -15.82 -42.06
N CYS N 49 45.54 -15.08 -41.31
CA CYS N 49 46.96 -14.96 -41.61
C CYS N 49 47.68 -16.28 -41.38
N ALA N 50 47.27 -17.01 -40.35
CA ALA N 50 47.83 -18.32 -40.07
C ALA N 50 47.54 -19.30 -41.20
N ARG N 51 46.35 -19.20 -41.78
CA ARG N 51 46.02 -19.93 -43.00
C ARG N 51 46.92 -19.50 -44.15
N ARG N 52 47.12 -18.20 -44.30
CA ARG N 52 47.97 -17.66 -45.35
C ARG N 52 49.38 -18.24 -45.26
N ARG N 53 49.87 -18.41 -44.04
CA ARG N 53 51.16 -19.06 -43.82
C ARG N 53 51.09 -20.54 -44.20
N CYS N 54 50.04 -21.22 -43.77
CA CYS N 54 49.90 -22.65 -43.99
C CYS N 54 49.63 -22.96 -45.46
N ILE N 55 49.15 -21.95 -46.19
CA ILE N 55 48.85 -22.10 -47.60
C ILE N 55 49.89 -22.97 -48.30
N THR N 56 50.56 -22.41 -49.30
CA THR N 56 51.58 -23.14 -50.04
C THR N 56 51.76 -24.56 -49.50
N PRO N 57 52.26 -24.66 -48.27
CA PRO N 57 52.48 -25.97 -47.65
C PRO N 57 51.23 -26.84 -47.72
N TYR N 58 50.22 -26.37 -48.42
CA TYR N 58 48.97 -27.12 -48.56
C TYR N 58 48.96 -27.93 -49.87
N GLU N 59 50.08 -27.90 -50.57
CA GLU N 59 50.21 -28.63 -51.83
C GLU N 59 51.67 -28.67 -52.30
N LEU N 60 52.40 -29.69 -51.85
CA LEU N 60 51.85 -30.70 -50.96
C LEU N 60 52.73 -31.94 -50.91
N THR N 61 53.31 -32.20 -49.75
CA THR N 61 54.20 -33.35 -49.57
C THR N 61 55.26 -33.08 -48.52
N PRO N 62 56.16 -34.04 -48.33
CA PRO N 62 57.24 -33.90 -47.34
C PRO N 62 57.69 -32.45 -47.20
N GLY N 63 57.51 -31.89 -46.00
CA GLY N 63 57.89 -30.52 -45.74
C GLY N 63 57.06 -29.88 -44.63
N ALA N 64 56.76 -30.66 -43.61
CA ALA N 64 55.98 -30.17 -42.48
C ALA N 64 54.50 -30.49 -42.68
N THR N 65 53.88 -31.08 -41.65
CA THR N 65 54.59 -31.41 -40.42
C THR N 65 55.76 -30.45 -40.18
N VAL N 66 56.95 -31.02 -40.07
CA VAL N 66 58.16 -30.21 -39.84
C VAL N 66 57.81 -28.85 -39.26
N PRO N 67 57.31 -27.96 -40.12
CA PRO N 67 56.94 -26.61 -39.69
C PRO N 67 56.47 -26.60 -38.24
N PHE N 68 54.00 -27.54 -38.69
CA PHE N 68 54.27 -28.26 -37.44
C PHE N 68 54.62 -27.29 -36.32
N LEU N 69 56.52 -27.83 -35.91
CA LEU N 69 56.92 -28.27 -34.58
C LEU N 69 57.73 -29.56 -34.64
N LEU N 70 56.25 -24.13 -34.16
CA LEU N 70 57.41 -24.61 -34.90
C LEU N 70 57.22 -26.04 -35.37
N SER N 71 53.70 -22.78 -34.14
CA SER N 71 53.62 -23.87 -35.11
C SER N 71 52.33 -24.67 -34.94
N LEU N 72 51.85 -21.24 -35.47
CA LEU N 72 50.95 -21.73 -34.43
C LEU N 72 50.07 -22.86 -34.97
N LEU N 73 50.09 -23.43 -33.48
CA LEU N 73 49.15 -24.53 -33.32
C LEU N 73 48.23 -24.64 -34.54
N CYS N 74 48.85 -25.09 -36.57
CA CYS N 74 47.47 -24.65 -36.77
C CYS N 74 47.40 -23.14 -36.97
N CYS N 75 49.30 -26.88 -37.39
CA CYS N 75 50.35 -26.48 -38.32
C CYS N 75 50.58 -27.56 -39.38
N VAL N 76 50.04 -27.70 -34.92
CA VAL N 76 50.67 -28.92 -35.42
C VAL N 76 52.09 -29.08 -34.86
N ARG N 77 46.06 -28.85 -35.58
CA ARG N 77 47.09 -29.85 -35.86
C ARG N 77 46.66 -30.79 -36.98
N THR N 78 47.73 -29.43 -39.08
CA THR N 78 47.40 -30.69 -39.71
C THR N 78 48.42 -31.76 -39.37
N THR N 79 49.43 -31.80 -38.93
CA THR N 79 50.61 -32.64 -39.14
C THR N 79 50.89 -33.53 -37.93
N LYS N 80 47.37 -35.43 -41.40
CA LYS N 80 47.44 -35.90 -40.02
C LYS N 80 47.14 -34.77 -39.03
N ALA N 81 49.04 -40.43 -42.83
CA ALA N 81 48.69 -39.21 -42.11
C ALA N 81 49.93 -38.53 -41.55
N HIS O 1 -37.05 18.06 -42.30
CA HIS O 1 -37.19 16.79 -43.00
C HIS O 1 -35.84 16.35 -43.60
N THR O 2 -35.80 16.24 -44.92
CA THR O 2 -34.58 15.84 -45.62
C THR O 2 -34.06 14.51 -45.08
N THR O 3 -32.75 14.31 -45.17
CA THR O 3 -32.13 13.09 -44.71
C THR O 3 -32.65 11.87 -45.45
N LEU O 4 -31.78 11.25 -46.24
CA LEU O 4 -32.16 10.07 -47.02
C LEU O 4 -30.95 9.47 -47.73
N GLY O 5 -31.11 8.26 -48.26
CA GLY O 5 -30.04 7.59 -48.96
C GLY O 5 -29.99 7.94 -50.44
N VAL O 6 -28.80 8.29 -50.93
CA VAL O 6 -28.62 8.66 -52.32
C VAL O 6 -28.80 7.45 -53.24
N GLN O 7 -28.18 7.50 -54.41
CA GLN O 7 -27.36 8.65 -54.79
C GLN O 7 -28.24 9.79 -55.31
N ASP O 8 -27.60 10.92 -55.61
CA ASP O 8 -28.32 12.09 -56.12
C ASP O 8 -27.53 12.77 -57.23
N ILE O 9 -27.39 14.08 -57.12
CA ILE O 9 -26.65 14.86 -58.12
C ILE O 9 -25.19 14.42 -58.20
N SER O 10 -24.36 15.26 -58.81
CA SER O 10 -24.82 16.52 -59.36
C SER O 10 -24.90 16.47 -60.89
N THR O 11 -25.52 15.40 -61.39
CA THR O 11 -25.66 15.22 -62.83
C THR O 11 -24.32 15.34 -63.54
N THR O 12 -24.34 15.95 -64.73
CA THR O 12 -23.12 16.13 -65.51
C THR O 12 -21.90 15.57 -64.78
N ALA O 13 -21.23 16.43 -64.02
CA ALA O 13 -20.06 16.03 -63.26
C ALA O 13 -20.13 14.56 -62.86
N MET O 14 -21.25 14.18 -62.24
CA MET O 14 -21.44 12.80 -61.80
C MET O 14 -21.24 11.82 -62.95
N SER O 15 -21.80 12.16 -64.11
CA SER O 15 -21.68 11.31 -65.29
C SER O 15 -20.24 11.24 -65.77
N TRP O 16 -19.53 12.35 -65.67
CA TRP O 16 -18.13 12.41 -66.08
C TRP O 16 -17.32 11.29 -65.45
N VAL O 17 -17.49 11.12 -64.13
CA VAL O 17 -16.72 10.14 -63.38
C VAL O 17 -17.25 8.73 -63.62
N GLN O 18 -18.57 8.60 -63.63
CA GLN O 18 -19.22 7.30 -63.83
C GLN O 18 -18.80 6.69 -65.16
N LYS O 19 -18.69 7.52 -66.19
CA LYS O 19 -18.41 7.05 -67.54
C LYS O 19 -17.04 6.40 -67.63
N ILE O 20 -16.18 6.73 -66.67
CA ILE O 20 -14.79 6.25 -66.69
C ILE O 20 -14.72 4.79 -66.27
N THR O 21 -15.71 4.33 -65.51
CA THR O 21 -15.69 2.99 -64.95
C THR O 21 -16.69 2.09 -65.65
N GLY O 22 -16.24 0.88 -66.02
CA GLY O 22 -17.11 -0.11 -66.61
C GLY O 22 -16.80 -0.31 -68.09
N GLY O 23 -16.29 0.74 -68.73
CA GLY O 23 -15.88 0.67 -70.13
C GLY O 23 -14.78 -0.36 -70.33
N VAL O 24 -13.79 -0.34 -69.45
CA VAL O 24 -12.67 -1.28 -69.51
C VAL O 24 -13.15 -2.71 -69.28
N GLY O 25 -14.19 -2.85 -68.47
CA GLY O 25 -14.80 -4.16 -68.22
C GLY O 25 -15.42 -4.71 -69.50
N LEU O 26 -16.13 -3.86 -70.23
CA LEU O 26 -16.70 -4.24 -71.52
C LEU O 26 -15.61 -4.66 -72.50
N ILE O 27 -14.49 -3.93 -72.47
CA ILE O 27 -13.39 -4.20 -73.39
C ILE O 27 -12.83 -5.60 -73.17
N VAL O 28 -12.59 -5.95 -71.90
CA VAL O 28 -11.96 -7.22 -71.57
C VAL O 28 -12.93 -8.38 -71.76
N ALA O 29 -14.23 -8.08 -71.65
CA ALA O 29 -15.26 -9.05 -71.97
C ALA O 29 -15.29 -9.36 -73.46
N VAL O 30 -15.24 -8.32 -74.28
CA VAL O 30 -15.19 -8.47 -75.73
C VAL O 30 -13.92 -9.21 -76.15
N ALA O 31 -12.80 -8.82 -75.58
CA ALA O 31 -11.52 -9.46 -75.89
C ALA O 31 -11.54 -10.94 -75.51
N ALA O 32 -12.13 -11.24 -74.37
CA ALA O 32 -12.30 -12.63 -73.94
C ALA O 32 -13.08 -13.44 -74.97
N LEU O 33 -14.20 -12.88 -75.43
CA LEU O 33 -15.02 -13.55 -76.44
C LEU O 33 -14.24 -13.76 -77.74
N ILE O 34 -13.51 -12.72 -78.15
CA ILE O 34 -12.72 -12.78 -79.38
C ILE O 34 -11.66 -13.87 -79.29
N LEU O 35 -11.04 -14.01 -78.12
CA LEU O 35 -10.04 -15.05 -77.89
C LEU O 35 -10.66 -16.43 -78.00
N ILE O 36 -11.86 -16.58 -77.44
CA ILE O 36 -12.62 -17.82 -77.58
C ILE O 36 -12.92 -18.14 -79.04
N VAL O 37 -13.31 -17.12 -79.78
CA VAL O 37 -13.62 -17.28 -81.20
C VAL O 37 -12.41 -17.80 -81.97
N VAL O 38 -11.27 -17.17 -81.73
CA VAL O 38 -10.02 -17.60 -82.37
C VAL O 38 -9.65 -19.02 -81.97
N LEU O 39 -9.84 -19.34 -80.69
CA LEU O 39 -9.60 -20.69 -80.20
C LEU O 39 -10.43 -21.72 -80.96
N CYS O 40 -11.69 -21.38 -81.21
CA CYS O 40 -12.59 -22.25 -81.96
C CYS O 40 -12.13 -22.40 -83.41
N VAL O 41 -11.57 -21.33 -83.96
CA VAL O 41 -10.99 -21.37 -85.29
C VAL O 41 -9.83 -22.35 -85.36
N SER O 42 -8.98 -22.34 -84.34
CA SER O 42 -7.89 -23.29 -84.24
C SER O 42 -8.41 -24.71 -84.11
N PHE O 43 -9.43 -24.89 -83.27
CA PHE O 43 -10.07 -26.19 -83.11
C PHE O 43 -10.62 -26.71 -84.42
N SER O 44 -11.25 -25.82 -85.19
CA SER O 44 -11.75 -26.17 -86.52
C SER O 44 -10.60 -26.49 -87.46
N ARG O 45 -9.51 -25.75 -87.34
CA ARG O 45 -8.36 -25.92 -88.21
C ARG O 45 -7.74 -27.31 -88.02
N HIS O 46 -7.75 -27.79 -86.79
CA HIS O 46 -7.26 -29.13 -86.48
C HIS O 46 -8.24 -30.20 -86.93
N SER P 1 -22.28 23.24 -42.11
CA SER P 1 -21.14 24.11 -41.82
C SER P 1 -20.11 24.05 -42.94
N THR P 2 -19.16 23.14 -42.82
CA THR P 2 -18.12 22.98 -43.83
C THR P 2 -18.66 23.20 -45.23
N ASN P 3 -17.76 23.46 -46.18
CA ASN P 3 -18.16 23.70 -47.56
C ASN P 3 -17.88 22.50 -48.45
N GLY P 4 -18.88 22.12 -49.26
CA GLY P 4 -18.75 20.99 -50.15
C GLY P 4 -18.74 21.40 -51.60
N THR P 5 -17.87 22.35 -51.94
CA THR P 5 -17.76 22.84 -53.31
C THR P 5 -17.86 21.69 -54.32
N ALA P 6 -17.99 22.04 -55.59
CA ALA P 6 -18.11 21.05 -56.65
C ALA P 6 -16.75 20.39 -56.93
N HIS P 7 -15.86 21.14 -57.56
CA HIS P 7 -14.53 20.63 -57.87
C HIS P 7 -13.49 21.72 -57.92
N GLY P 8 -12.67 21.72 -58.97
CA GLY P 8 -12.80 20.72 -60.03
C GLY P 8 -11.50 20.61 -60.82
N HIS P 9 -11.27 19.42 -61.38
CA HIS P 9 -12.19 18.29 -61.24
C HIS P 9 -12.12 17.67 -59.86
N PRO P 10 -12.24 16.35 -59.79
CA PRO P 10 -12.18 15.63 -58.53
C PRO P 10 -12.16 16.60 -57.35
N HIS P 11 -10.97 16.84 -56.81
CA HIS P 11 -10.81 17.74 -55.67
C HIS P 11 -12.11 17.85 -54.88
N GLU P 12 -12.91 18.86 -55.20
CA GLU P 12 -14.18 19.08 -54.51
C GLU P 12 -14.86 17.76 -54.19
N ILE P 13 -14.78 16.82 -55.13
CA ILE P 13 -15.40 15.50 -54.95
C ILE P 13 -15.15 14.98 -53.54
N ILE P 14 -13.93 15.16 -53.05
CA ILE P 14 -13.56 14.70 -51.71
C ILE P 14 -14.09 15.66 -50.64
N LEU P 15 -14.34 16.90 -51.03
CA LEU P 15 -14.85 17.90 -50.11
C LEU P 15 -16.25 17.53 -49.61
N TYR P 16 -17.03 16.92 -50.49
CA TYR P 16 -18.39 16.51 -50.14
C TYR P 16 -18.39 15.56 -48.95
N TYR P 17 -17.34 14.76 -48.83
CA TYR P 17 -17.21 13.81 -47.74
C TYR P 17 -17.73 14.40 -46.43
N TYR P 18 -17.31 15.63 -46.15
CA TYR P 18 -17.73 16.32 -44.93
C TYR P 18 -19.24 16.49 -44.90
N GLU P 19 -19.83 16.77 -46.06
CA GLU P 19 -21.27 16.96 -46.17
C GLU P 19 -21.98 15.63 -46.40
N LEU P 20 -23.51 15.32 -44.72
CA LEU P 20 -24.11 13.99 -44.82
C LEU P 20 -23.04 12.91 -44.89
N TYR P 21 -21.98 11.48 -44.41
CA TYR P 21 -20.61 11.20 -44.81
C TYR P 21 -20.07 9.96 -44.10
N PRO P 22 -19.35 10.29 -42.80
CA PRO P 22 -18.85 9.01 -42.29
C PRO P 22 -19.32 7.85 -43.17
N THR P 23 -18.37 7.23 -43.87
CA THR P 23 -18.70 6.29 -44.93
C THR P 23 -18.46 6.89 -46.31
N MET P 24 -19.49 6.86 -47.14
CA MET P 24 -19.44 7.49 -48.46
C MET P 24 -18.15 7.13 -49.19
N THR P 25 -17.07 7.82 -48.82
CA THR P 25 -15.79 7.72 -49.51
C THR P 25 -15.19 6.32 -49.43
N VAL P 26 -15.30 5.66 -48.28
CA VAL P 26 -14.73 4.33 -48.12
C VAL P 26 -15.38 3.33 -49.08
N VAL P 27 -16.69 3.42 -49.22
CA VAL P 27 -17.43 2.55 -50.13
C VAL P 27 -16.99 2.78 -51.57
N ILE P 28 -16.81 4.05 -51.91
CA ILE P 28 -16.36 4.43 -53.25
C ILE P 28 -14.98 3.86 -53.51
N VAL P 29 -14.12 3.92 -52.50
CA VAL P 29 -12.76 3.38 -52.59
C VAL P 29 -12.80 1.88 -52.81
N SER P 30 -13.72 1.21 -52.11
CA SER P 30 -13.88 -0.23 -52.27
C SER P 30 -14.32 -0.55 -53.70
N VAL P 31 -15.23 0.26 -54.22
CA VAL P 31 -15.71 0.09 -55.59
C VAL P 31 -14.56 0.26 -56.57
N ALA P 32 -13.72 1.25 -56.31
CA ALA P 32 -12.56 1.52 -57.16
C ALA P 32 -11.61 0.33 -57.13
N SER P 33 -11.42 -0.25 -55.95
CA SER P 33 -10.57 -1.41 -55.81
C SER P 33 -11.14 -2.59 -56.61
N PHE P 34 -12.45 -2.75 -56.56
CA PHE P 34 -13.11 -3.80 -57.32
C PHE P 34 -12.90 -3.58 -58.81
N VAL P 35 -12.98 -2.33 -59.23
CA VAL P 35 -12.77 -1.98 -60.63
C VAL P 35 -11.35 -2.31 -61.05
N LEU P 36 -10.40 -2.02 -60.17
CA LEU P 36 -8.99 -2.32 -60.43
C LEU P 36 -8.79 -3.83 -60.57
N LEU P 37 -9.47 -4.58 -59.72
CA LEU P 37 -9.39 -6.04 -59.76
C LEU P 37 -9.94 -6.54 -61.09
N SER P 38 -11.03 -5.95 -61.54
CA SER P 38 -11.61 -6.33 -62.83
C SER P 38 -10.64 -6.02 -63.97
N MET P 39 -9.99 -4.86 -63.87
CA MET P 39 -8.98 -4.45 -64.85
C MET P 39 -7.80 -5.40 -64.83
N VAL P 40 -7.39 -5.81 -63.63
CA VAL P 40 -6.26 -6.73 -63.48
C VAL P 40 -6.62 -8.12 -63.99
N GLY P 41 -7.82 -8.56 -63.69
CA GLY P 41 -8.30 -9.86 -64.15
C GLY P 41 -8.36 -9.91 -65.67
N THR P 42 -8.85 -8.82 -66.27
CA THR P 42 -8.90 -8.70 -67.72
C THR P 42 -7.52 -8.84 -68.35
N ALA P 43 -6.55 -8.13 -67.77
CA ALA P 43 -5.17 -8.18 -68.25
C ALA P 43 -4.60 -9.58 -68.16
N VAL P 44 -4.82 -10.23 -67.02
CA VAL P 44 -4.37 -11.60 -66.81
C VAL P 44 -4.99 -12.55 -67.84
N GLY P 45 -6.28 -12.38 -68.07
CA GLY P 45 -6.99 -13.16 -69.09
C GLY P 45 -6.42 -12.89 -70.47
N MET P 46 -6.12 -11.62 -70.75
CA MET P 46 -5.59 -11.22 -72.05
C MET P 46 -4.24 -11.87 -72.31
N CYS P 47 -3.39 -11.91 -71.29
CA CYS P 47 -2.08 -12.52 -71.40
C CYS P 47 -2.19 -14.02 -71.67
N VAL P 48 -3.13 -14.67 -70.99
CA VAL P 48 -3.41 -16.08 -71.20
C VAL P 48 -3.95 -16.33 -72.61
N CYS P 49 -4.78 -15.41 -73.09
CA CYS P 49 -5.29 -15.49 -74.44
C CYS P 49 -4.18 -15.29 -75.46
N ALA P 50 -3.24 -14.40 -75.15
CA ALA P 50 -2.09 -14.16 -76.02
C ALA P 50 -1.22 -15.40 -76.12
N ARG P 51 -1.10 -16.14 -75.03
CA ARG P 51 -0.47 -17.45 -75.05
C ARG P 51 -1.25 -18.42 -75.93
N ARG P 52 -2.58 -18.41 -75.79
CA ARG P 52 -3.44 -19.29 -76.56
C ARG P 52 -3.26 -19.05 -78.06
N ARG P 53 -2.91 -17.82 -78.42
CA ARG P 53 -2.70 -17.47 -79.83
C ARG P 53 -1.33 -17.93 -80.31
N CYS P 54 -0.32 -17.73 -79.48
CA CYS P 54 1.05 -18.12 -79.82
C CYS P 54 1.24 -19.63 -79.67
N ILE P 55 0.23 -20.30 -79.13
CA ILE P 55 0.28 -21.74 -78.93
C ILE P 55 0.76 -22.46 -80.20
N THR P 56 -0.16 -23.14 -80.86
CA THR P 56 0.16 -23.87 -82.09
C THR P 56 1.59 -23.57 -82.54
N PRO P 57 1.82 -22.34 -82.99
CA PRO P 57 3.13 -21.92 -83.45
C PRO P 57 4.16 -21.90 -82.33
N TYR P 58 4.03 -22.83 -81.39
CA TYR P 58 4.94 -22.92 -80.26
C TYR P 58 5.87 -24.12 -80.39
N GLU P 59 5.56 -25.01 -81.33
CA GLU P 59 6.36 -26.20 -81.56
C GLU P 59 7.71 -25.85 -82.16
N LEU P 60 7.75 -25.71 -83.48
CA LEU P 60 8.98 -25.37 -84.19
C LEU P 60 8.73 -25.26 -85.70
N THR P 61 9.75 -24.81 -86.42
CA THR P 61 9.65 -24.67 -87.87
C THR P 61 9.26 -23.25 -88.25
N PRO P 62 9.82 -22.76 -89.34
CA PRO P 62 9.52 -21.40 -89.82
C PRO P 62 8.03 -21.12 -89.84
N GLY P 63 7.66 -19.87 -89.63
CA GLY P 63 6.25 -19.48 -89.62
C GLY P 63 5.95 -18.40 -88.58
N ALA P 64 6.91 -17.49 -88.39
CA ALA P 64 6.75 -16.41 -87.43
C ALA P 64 7.48 -16.73 -86.13
N THR P 65 8.29 -15.78 -85.66
CA THR P 65 8.48 -14.52 -86.38
C THR P 65 7.26 -14.18 -87.24
N VAL P 66 7.48 -14.02 -88.53
CA VAL P 66 6.41 -13.69 -89.46
C VAL P 66 5.34 -12.82 -88.79
N PRO P 67 4.17 -13.40 -88.57
CA PRO P 67 3.06 -12.68 -87.94
C PRO P 67 3.44 -12.17 -86.55
N PHE P 68 4.70 -12.36 -86.17
CA PHE P 68 5.18 -11.92 -84.86
C PHE P 68 5.62 -10.46 -84.90
N LEU P 69 4.85 -9.63 -85.61
CA LEU P 69 5.16 -8.21 -85.73
C LEU P 69 4.95 -7.73 -87.15
N LEU P 70 3.80 -7.12 -87.41
CA LEU P 70 2.78 -6.94 -86.37
C LEU P 70 2.65 -8.19 -85.50
N SER P 71 2.60 -7.99 -84.19
CA SER P 71 2.48 -9.09 -83.24
C SER P 71 2.42 -8.59 -81.81
N LEU P 72 1.26 -8.75 -81.18
CA LEU P 72 1.06 -8.32 -79.80
C LEU P 72 2.31 -8.56 -78.96
N LEU P 73 3.08 -7.50 -78.74
CA LEU P 73 4.31 -7.60 -77.95
C LEU P 73 4.53 -9.02 -77.44
N CYS P 74 4.86 -9.92 -78.36
CA CYS P 74 5.10 -11.32 -78.02
C CYS P 74 3.82 -12.14 -78.12
N CYS P 75 3.62 -12.78 -79.26
CA CYS P 75 4.56 -12.69 -80.36
C CYS P 75 5.97 -12.37 -79.86
N VAL P 76 6.63 -11.44 -80.54
CA VAL P 76 7.98 -11.04 -80.16
C VAL P 76 7.97 -9.85 -79.21
N ARG P 77 9.12 -9.57 -78.59
CA ARG P 77 10.32 -10.36 -78.82
C ARG P 77 10.11 -11.81 -78.40
N THR P 78 10.40 -12.74 -79.31
CA THR P 78 10.25 -14.16 -79.04
C THR P 78 10.83 -15.00 -80.17
N THR P 79 10.53 -14.62 -81.40
CA THR P 79 11.01 -15.34 -82.57
C THR P 79 12.51 -15.10 -82.79
N LYS P 80 13.33 -15.94 -82.15
CA LYS P 80 14.78 -15.82 -82.27
C LYS P 80 15.46 -16.01 -80.92
N ALA P 81 16.72 -16.43 -80.95
CA ALA P 81 17.41 -16.68 -82.20
C ALA P 81 16.43 -17.14 -83.29
N CYS Q 1 66.16 -70.31 -36.78
CA CYS Q 1 66.00 -68.91 -36.41
C CYS Q 1 64.53 -68.54 -36.23
N ILE Q 2 63.63 -69.16 -37.00
CA ILE Q 2 62.22 -68.88 -36.87
C ILE Q 2 61.60 -69.90 -35.95
N PHE Q 3 60.80 -69.41 -35.01
CA PHE Q 3 60.14 -70.28 -34.04
C PHE Q 3 58.69 -69.82 -33.96
N GLU Q 4 57.77 -70.75 -33.74
CA GLU Q 4 56.37 -70.36 -33.72
C GLU Q 4 55.70 -70.17 -32.39
N VAL Q 5 54.97 -69.06 -32.29
CA VAL Q 5 54.21 -68.73 -31.10
C VAL Q 5 52.91 -69.54 -31.23
N LYS Q 6 52.59 -70.29 -30.18
CA LYS Q 6 51.37 -71.10 -30.12
C LYS Q 6 50.47 -70.58 -29.02
N HIS Q 7 49.16 -70.63 -29.26
CA HIS Q 7 48.19 -70.20 -28.28
C HIS Q 7 47.03 -71.17 -28.30
N GLU Q 8 46.86 -71.88 -27.18
CA GLU Q 8 45.82 -72.89 -27.04
C GLU Q 8 46.06 -73.85 -28.19
N GLY Q 9 47.30 -74.31 -28.27
CA GLY Q 9 47.70 -75.23 -29.32
C GLY Q 9 47.54 -74.74 -30.75
N LYS Q 10 47.46 -73.42 -30.94
CA LYS Q 10 47.30 -72.84 -32.28
C LYS Q 10 48.28 -71.71 -32.64
N VAL Q 11 49.02 -71.90 -33.74
CA VAL Q 11 49.99 -70.94 -34.23
C VAL Q 11 49.39 -69.57 -34.47
N MET Q 12 49.84 -68.59 -33.69
CA MET Q 12 49.36 -67.20 -33.83
C MET Q 12 50.30 -66.30 -34.63
N GLY Q 13 51.60 -66.47 -34.46
CA GLY Q 13 52.55 -65.64 -35.16
C GLY Q 13 53.89 -66.36 -35.12
N TYR Q 14 54.99 -65.61 -35.14
CA TYR Q 14 56.30 -66.24 -35.10
C TYR Q 14 57.24 -65.48 -34.24
N ALA Q 15 58.40 -66.08 -33.99
CA ALA Q 15 59.42 -65.48 -33.16
C ALA Q 15 60.67 -65.68 -33.98
N CYS Q 16 61.58 -64.73 -33.88
CA CYS Q 16 62.76 -64.80 -34.67
C CYS Q 16 64.05 -64.44 -33.92
N LEU Q 17 65.09 -65.21 -34.20
CA LEU Q 17 66.39 -64.98 -33.58
C LEU Q 17 67.25 -64.04 -34.46
N VAL Q 18 67.09 -62.74 -34.29
CA VAL Q 18 67.86 -61.74 -35.05
C VAL Q 18 68.89 -60.99 -34.22
N GLY Q 19 70.13 -61.01 -34.71
CA GLY Q 19 71.22 -60.33 -34.02
C GLY Q 19 71.64 -61.13 -32.80
N ASP Q 20 71.36 -60.59 -31.61
CA ASP Q 20 71.68 -61.34 -30.42
C ASP Q 20 70.46 -61.37 -29.51
N LYS Q 21 69.34 -60.86 -30.04
CA LYS Q 21 68.07 -60.86 -29.29
C LYS Q 21 67.14 -61.92 -29.85
N VAL Q 22 66.00 -62.13 -29.21
CA VAL Q 22 65.01 -63.10 -29.68
C VAL Q 22 63.78 -62.23 -29.79
N MET Q 23 63.31 -62.03 -31.03
CA MET Q 23 62.13 -61.21 -31.26
C MET Q 23 60.81 -61.95 -31.48
N LYS Q 24 59.71 -61.23 -31.28
CA LYS Q 24 58.36 -61.71 -31.52
C LYS Q 24 57.45 -60.51 -31.34
N PRO Q 25 56.52 -60.31 -32.27
CA PRO Q 25 55.64 -59.15 -32.12
C PRO Q 25 54.91 -59.19 -30.77
N ALA Q 26 54.78 -58.01 -30.17
CA ALA Q 26 54.12 -57.88 -28.89
C ALA Q 26 52.64 -58.28 -28.98
N HIS Q 27 51.97 -57.89 -30.05
CA HIS Q 27 50.56 -58.22 -30.22
C HIS Q 27 50.24 -59.72 -30.32
N VAL Q 28 51.22 -60.55 -30.66
CA VAL Q 28 51.00 -61.99 -30.80
C VAL Q 28 50.75 -62.73 -29.47
N LYS Q 29 49.57 -63.36 -29.36
CA LYS Q 29 49.21 -64.13 -28.18
C LYS Q 29 49.83 -65.53 -28.23
N GLY Q 30 50.19 -66.05 -27.07
CA GLY Q 30 50.79 -67.37 -27.01
C GLY Q 30 52.19 -67.28 -26.44
N THR Q 31 52.85 -68.44 -26.44
CA THR Q 31 54.20 -68.53 -25.93
C THR Q 31 55.01 -69.33 -26.93
N ILE Q 32 56.26 -68.89 -27.15
CA ILE Q 32 57.13 -69.55 -28.11
C ILE Q 32 57.21 -71.06 -27.87
N ASP Q 33 56.92 -71.82 -28.91
CA ASP Q 33 56.94 -73.26 -28.83
C ASP Q 33 58.35 -73.84 -28.79
N ASN Q 34 59.10 -73.44 -27.78
CA ASN Q 34 60.45 -73.92 -27.60
C ASN Q 34 60.82 -73.70 -26.14
N ALA Q 35 61.11 -74.78 -25.42
CA ALA Q 35 61.44 -74.68 -24.01
C ALA Q 35 62.40 -73.53 -23.73
N ASP Q 36 63.61 -73.65 -24.26
CA ASP Q 36 64.65 -72.64 -24.02
C ASP Q 36 64.17 -71.22 -24.24
N LEU Q 37 63.41 -71.00 -25.31
CA LEU Q 37 62.93 -69.67 -25.61
C LEU Q 37 61.76 -69.20 -24.74
N ALA Q 38 60.86 -70.12 -24.44
CA ALA Q 38 59.66 -69.82 -23.67
C ALA Q 38 59.92 -69.31 -22.25
N LYS Q 39 60.93 -69.88 -21.59
CA LYS Q 39 61.27 -69.49 -20.22
C LYS Q 39 62.04 -68.19 -20.06
N LEU Q 40 62.28 -67.49 -21.16
CA LEU Q 40 63.02 -66.23 -21.12
C LEU Q 40 62.22 -65.07 -20.54
N ALA Q 41 62.89 -63.95 -20.32
CA ALA Q 41 62.25 -62.75 -19.78
C ALA Q 41 62.27 -61.73 -20.89
N PHE Q 42 61.11 -61.43 -21.47
CA PHE Q 42 61.04 -60.45 -22.55
C PHE Q 42 60.75 -59.01 -22.06
N LYS Q 43 61.26 -58.03 -22.80
CA LYS Q 43 61.07 -56.62 -22.50
C LYS Q 43 60.14 -56.09 -23.55
N ARG Q 44 58.91 -55.77 -23.16
CA ARG Q 44 57.93 -55.25 -24.11
C ARG Q 44 58.27 -53.79 -24.49
N SER Q 45 57.81 -53.37 -25.67
CA SER Q 45 58.01 -52.01 -26.19
C SER Q 45 56.83 -51.65 -27.10
N SER Q 46 55.77 -51.11 -26.49
CA SER Q 46 54.55 -50.77 -27.24
C SER Q 46 54.66 -49.80 -28.41
N LYS Q 47 55.71 -48.99 -28.41
CA LYS Q 47 55.91 -48.08 -29.53
C LYS Q 47 56.20 -48.93 -30.77
N TYR Q 48 57.15 -49.85 -30.63
CA TYR Q 48 57.54 -50.72 -31.74
C TYR Q 48 56.71 -51.97 -31.90
N ASP Q 49 55.78 -52.18 -30.97
CA ASP Q 49 54.94 -53.36 -31.00
C ASP Q 49 55.91 -54.56 -31.06
N LEU Q 50 57.07 -54.37 -30.45
CA LEU Q 50 58.11 -55.37 -30.43
C LEU Q 50 58.22 -55.89 -29.01
N GLU Q 51 58.87 -57.05 -28.85
CA GLU Q 51 59.00 -57.70 -27.55
C GLU Q 51 60.22 -58.60 -27.70
N CYS Q 52 61.37 -58.05 -27.32
CA CYS Q 52 62.64 -58.76 -27.40
C CYS Q 52 63.20 -59.31 -26.09
N ALA Q 53 64.15 -60.23 -26.22
CA ALA Q 53 64.82 -60.89 -25.10
C ALA Q 53 66.21 -61.25 -25.65
N GLN Q 54 67.04 -61.89 -24.85
CA GLN Q 54 68.37 -62.23 -25.33
C GLN Q 54 68.52 -63.71 -25.64
N ILE Q 55 69.22 -64.03 -26.73
CA ILE Q 55 69.40 -65.42 -27.16
C ILE Q 55 70.34 -66.20 -26.25
N PRO Q 56 69.89 -67.36 -25.74
CA PRO Q 56 70.71 -68.21 -24.86
C PRO Q 56 72.00 -68.54 -25.63
N VAL Q 57 73.12 -68.66 -24.92
CA VAL Q 57 74.40 -68.92 -25.58
C VAL Q 57 74.35 -70.13 -26.52
N HIS Q 58 73.64 -71.19 -26.12
CA HIS Q 58 73.55 -72.41 -26.95
C HIS Q 58 72.74 -72.31 -28.25
N MET Q 59 72.11 -71.16 -28.47
CA MET Q 59 71.32 -70.92 -29.68
C MET Q 59 71.84 -69.71 -30.47
N LYS Q 60 72.77 -68.95 -29.87
CA LYS Q 60 73.32 -67.77 -30.51
C LYS Q 60 73.92 -68.07 -31.89
N SER Q 61 74.33 -69.32 -32.10
CA SER Q 61 74.88 -69.69 -33.40
C SER Q 61 73.75 -69.80 -34.42
N ASP Q 62 72.53 -69.83 -33.89
CA ASP Q 62 71.31 -69.96 -34.69
C ASP Q 62 70.58 -68.65 -35.06
N ALA Q 63 71.18 -67.54 -34.67
CA ALA Q 63 70.58 -66.27 -34.98
C ALA Q 63 70.78 -65.98 -36.45
N SER Q 64 70.15 -64.90 -36.91
CA SER Q 64 70.20 -64.46 -38.29
C SER Q 64 70.63 -63.02 -38.16
N LYS Q 65 71.60 -62.58 -38.97
CA LYS Q 65 72.09 -61.18 -38.89
C LYS Q 65 71.04 -60.25 -39.49
N PHE Q 66 70.31 -59.45 -40.08
CA PHE Q 66 69.37 -58.51 -40.69
C PHE Q 66 70.15 -57.53 -41.56
N THR Q 67 69.46 -56.50 -42.07
CA THR Q 67 70.10 -55.50 -42.93
C THR Q 67 69.19 -54.35 -43.29
N HIS Q 68 69.80 -53.18 -43.39
CA HIS Q 68 69.10 -51.97 -43.73
C HIS Q 68 69.04 -51.90 -45.24
N GLU Q 69 69.92 -52.65 -45.90
CA GLU Q 69 70.02 -52.67 -47.35
C GLU Q 69 68.89 -53.35 -48.06
N LYS Q 70 68.04 -52.55 -48.67
CA LYS Q 70 66.91 -53.08 -49.40
C LYS Q 70 66.58 -52.25 -50.63
N PRO Q 71 67.17 -52.64 -51.76
CA PRO Q 71 66.98 -51.98 -53.05
C PRO Q 71 65.68 -52.46 -53.67
N GLU Q 72 65.04 -51.58 -54.44
CA GLU Q 72 63.79 -51.90 -55.06
C GLU Q 72 63.97 -53.22 -55.78
N GLY Q 73 62.99 -54.11 -55.69
CA GLY Q 73 63.07 -55.40 -56.35
C GLY Q 73 62.24 -56.42 -55.62
N TYR Q 74 62.49 -57.71 -55.82
CA TYR Q 74 61.71 -58.72 -55.12
C TYR Q 74 62.39 -59.40 -53.93
N TYR Q 75 61.64 -59.55 -52.86
CA TYR Q 75 62.12 -60.20 -51.67
C TYR Q 75 61.39 -61.51 -51.44
N ASN Q 76 61.93 -62.33 -50.56
CA ASN Q 76 61.35 -63.64 -50.27
C ASN Q 76 60.65 -63.74 -48.92
N TRP Q 77 59.52 -64.44 -48.90
CA TRP Q 77 58.75 -64.66 -47.69
C TRP Q 77 57.99 -65.95 -47.91
N HIS Q 78 57.66 -66.60 -46.81
CA HIS Q 78 56.98 -67.89 -46.81
C HIS Q 78 55.89 -68.14 -47.81
N HIS Q 79 55.14 -67.11 -48.14
CA HIS Q 79 54.09 -67.36 -49.08
C HIS Q 79 54.45 -67.09 -50.52
N GLY Q 80 55.62 -66.53 -50.73
CA GLY Q 80 56.03 -66.29 -52.08
C GLY Q 80 57.10 -65.25 -52.19
N ALA Q 81 56.87 -64.26 -53.05
CA ALA Q 81 57.81 -63.20 -53.28
C ALA Q 81 57.14 -61.87 -52.98
N VAL Q 82 57.78 -61.10 -52.11
CA VAL Q 82 57.28 -59.80 -51.77
C VAL Q 82 57.92 -58.84 -52.78
N GLN Q 83 57.30 -57.69 -53.02
CA GLN Q 83 57.87 -56.70 -53.91
C GLN Q 83 58.10 -55.41 -53.17
N TYR Q 84 59.31 -54.89 -53.30
CA TYR Q 84 59.69 -53.63 -52.67
C TYR Q 84 59.91 -52.51 -53.67
N SER Q 85 59.28 -51.37 -53.44
CA SER Q 85 59.43 -50.23 -54.32
C SER Q 85 58.68 -49.08 -53.71
N GLY Q 86 59.21 -47.87 -53.90
CA GLY Q 86 58.56 -46.66 -53.40
C GLY Q 86 58.53 -46.63 -51.89
N GLY Q 87 59.43 -47.40 -51.29
CA GLY Q 87 59.51 -47.49 -49.85
C GLY Q 87 58.33 -48.24 -49.30
N ARG Q 88 57.86 -49.23 -50.06
CA ARG Q 88 56.73 -50.03 -49.63
C ARG Q 88 56.78 -51.47 -50.10
N PHE Q 89 56.56 -52.40 -49.17
CA PHE Q 89 56.54 -53.83 -49.48
C PHE Q 89 55.09 -54.22 -49.81
N THR Q 90 54.88 -54.97 -50.87
CA THR Q 90 53.53 -55.37 -51.22
C THR Q 90 53.50 -56.81 -51.68
N ILE Q 91 52.29 -57.36 -51.78
CA ILE Q 91 52.08 -58.75 -52.18
C ILE Q 91 50.72 -58.88 -52.83
N PRO Q 92 50.51 -59.97 -53.58
CA PRO Q 92 49.23 -60.17 -54.22
C PRO Q 92 48.20 -60.36 -53.13
N THR Q 93 47.17 -59.51 -53.12
CA THR Q 93 46.14 -59.59 -52.11
C THR Q 93 45.54 -60.96 -52.02
N GLY Q 94 45.63 -61.51 -50.82
CA GLY Q 94 45.08 -62.81 -50.50
C GLY Q 94 46.18 -63.71 -50.00
N ALA Q 95 47.41 -63.42 -50.40
CA ALA Q 95 48.57 -64.22 -50.03
C ALA Q 95 49.14 -63.97 -48.63
N GLY Q 96 48.43 -63.19 -47.83
CA GLY Q 96 48.86 -62.92 -46.47
C GLY Q 96 47.59 -62.78 -45.68
N LYS Q 97 47.46 -63.53 -44.60
CA LYS Q 97 46.27 -63.52 -43.76
C LYS Q 97 46.57 -63.35 -42.26
N PRO Q 98 45.51 -63.14 -41.45
CA PRO Q 98 45.76 -62.99 -40.02
C PRO Q 98 46.45 -64.24 -39.53
N GLY Q 99 47.52 -64.06 -38.77
CA GLY Q 99 48.25 -65.19 -38.26
C GLY Q 99 49.57 -65.36 -38.99
N ASP Q 100 49.93 -64.34 -39.77
CA ASP Q 100 51.20 -64.32 -40.50
C ASP Q 100 52.19 -63.30 -39.90
N SER Q 101 51.77 -62.59 -38.85
CA SER Q 101 52.62 -61.61 -38.18
C SER Q 101 53.83 -62.35 -37.64
N GLY Q 102 54.94 -61.66 -37.56
CA GLY Q 102 56.16 -62.27 -37.08
C GLY Q 102 57.00 -62.91 -38.17
N ARG Q 103 56.37 -63.26 -39.29
CA ARG Q 103 57.09 -63.88 -40.38
C ARG Q 103 58.02 -62.87 -41.04
N PRO Q 104 59.32 -63.22 -41.15
CA PRO Q 104 60.35 -62.38 -41.76
C PRO Q 104 60.27 -62.36 -43.26
N ILE Q 105 60.81 -61.28 -43.83
CA ILE Q 105 60.89 -61.09 -45.28
C ILE Q 105 62.37 -61.08 -45.55
N PHE Q 106 62.87 -62.19 -46.07
CA PHE Q 106 64.28 -62.36 -46.37
C PHE Q 106 64.62 -61.83 -47.73
N ASP Q 107 65.90 -61.66 -47.99
CA ASP Q 107 66.35 -61.24 -49.29
C ASP Q 107 66.93 -62.51 -49.88
N ASN Q 108 67.68 -62.41 -50.99
CA ASN Q 108 68.24 -63.62 -51.58
C ASN Q 108 69.48 -64.18 -50.92
N LYS Q 109 70.06 -63.45 -49.97
CA LYS Q 109 71.21 -63.95 -49.24
C LYS Q 109 70.84 -64.37 -47.82
N GLY Q 110 69.54 -64.38 -47.55
CA GLY Q 110 69.07 -64.80 -46.25
C GLY Q 110 68.95 -63.72 -45.20
N ARG Q 111 69.45 -62.53 -45.48
CA ARG Q 111 69.33 -61.48 -44.48
C ARG Q 111 67.86 -61.08 -44.31
N VAL Q 112 67.38 -61.08 -43.07
CA VAL Q 112 66.01 -60.65 -42.76
C VAL Q 112 66.01 -59.15 -43.10
N VAL Q 113 65.02 -58.72 -43.86
CA VAL Q 113 64.91 -57.32 -44.30
C VAL Q 113 63.83 -56.52 -43.55
N ALA Q 114 62.76 -57.21 -43.15
CA ALA Q 114 61.63 -56.63 -42.40
C ALA Q 114 60.87 -57.76 -41.73
N ILE Q 115 59.94 -57.42 -40.84
CA ILE Q 115 59.13 -58.44 -40.16
C ILE Q 115 57.67 -57.98 -40.31
N VAL Q 116 56.82 -58.82 -40.90
CA VAL Q 116 55.42 -58.46 -41.14
C VAL Q 116 54.60 -58.31 -39.85
N LEU Q 117 53.78 -57.27 -39.81
CA LEU Q 117 52.93 -57.00 -38.66
C LEU Q 117 51.47 -57.06 -39.08
N GLY Q 118 51.20 -56.68 -40.33
CA GLY Q 118 49.84 -56.70 -40.85
C GLY Q 118 49.86 -56.08 -42.22
N GLY Q 119 48.71 -55.98 -42.87
CA GLY Q 119 48.70 -55.37 -44.18
C GLY Q 119 47.44 -54.60 -44.49
N ALA Q 120 47.57 -53.59 -45.32
CA ALA Q 120 46.44 -52.78 -45.72
C ALA Q 120 46.07 -53.21 -47.15
N ASN Q 121 44.79 -53.50 -47.36
CA ASN Q 121 44.33 -53.93 -48.67
C ASN Q 121 44.03 -52.74 -49.55
N GLU Q 122 44.78 -52.63 -50.63
CA GLU Q 122 44.55 -51.53 -51.55
C GLU Q 122 44.27 -52.06 -52.97
N GLY Q 123 43.43 -53.10 -53.03
CA GLY Q 123 43.02 -53.70 -54.29
C GLY Q 123 43.74 -54.94 -54.71
N ALA Q 124 44.34 -54.87 -55.89
CA ALA Q 124 45.07 -55.97 -56.48
C ALA Q 124 46.12 -56.44 -55.53
N ARG Q 125 46.82 -55.48 -54.90
CA ARG Q 125 47.92 -55.73 -53.97
C ARG Q 125 47.71 -55.13 -52.59
N THR Q 126 48.35 -55.75 -51.60
CA THR Q 126 48.28 -55.28 -50.22
C THR Q 126 49.64 -54.70 -49.78
N ALA Q 127 49.65 -53.47 -49.26
CA ALA Q 127 50.88 -52.85 -48.80
C ALA Q 127 51.09 -53.40 -47.44
N LEU Q 128 52.24 -54.02 -47.20
CA LEU Q 128 52.50 -54.59 -45.88
C LEU Q 128 52.89 -53.56 -44.85
N SER Q 129 52.58 -53.86 -43.60
CA SER Q 129 52.91 -53.01 -42.47
C SER Q 129 54.03 -53.82 -41.82
N VAL Q 130 55.26 -53.31 -41.89
CA VAL Q 130 56.42 -54.02 -41.37
C VAL Q 130 57.29 -53.26 -40.38
N VAL Q 131 58.17 -54.02 -39.73
CA VAL Q 131 59.16 -53.52 -38.78
C VAL Q 131 60.43 -53.64 -39.63
N THR Q 132 61.12 -52.52 -39.90
CA THR Q 132 62.34 -52.54 -40.71
C THR Q 132 63.46 -51.74 -40.10
N TRP Q 133 64.67 -52.16 -40.40
CA TRP Q 133 65.86 -51.49 -39.91
C TRP Q 133 66.25 -50.29 -40.73
N ASN Q 134 66.58 -49.23 -40.05
CA ASN Q 134 67.02 -47.99 -40.68
C ASN Q 134 68.54 -48.08 -40.67
N LYS Q 135 69.19 -46.92 -40.76
CA LYS Q 135 70.66 -46.81 -40.75
C LYS Q 135 71.26 -47.79 -39.77
N ASP Q 136 70.63 -47.91 -38.61
CA ASP Q 136 71.11 -48.83 -37.60
C ASP Q 136 69.92 -49.23 -36.75
N ILE Q 137 69.03 -48.26 -36.53
CA ILE Q 137 67.85 -48.46 -35.70
C ILE Q 137 66.57 -48.95 -36.38
N VAL Q 138 65.82 -49.69 -35.60
CA VAL Q 138 64.55 -50.30 -35.94
C VAL Q 138 63.53 -49.24 -36.32
N THR Q 139 62.56 -49.59 -37.15
CA THR Q 139 61.53 -48.64 -37.56
C THR Q 139 60.30 -49.42 -37.94
N LYS Q 140 59.17 -48.73 -38.06
CA LYS Q 140 57.94 -49.42 -38.38
C LYS Q 140 57.15 -48.67 -39.46
N ILE Q 141 56.89 -49.34 -40.56
CA ILE Q 141 56.17 -48.74 -41.66
C ILE Q 141 54.76 -49.33 -41.71
N THR Q 142 53.77 -48.47 -41.53
CA THR Q 142 52.39 -48.91 -41.51
C THR Q 142 51.54 -48.18 -42.51
N PRO Q 143 51.27 -48.81 -43.66
CA PRO Q 143 50.45 -48.22 -44.73
C PRO Q 143 49.06 -47.85 -44.22
N GLU Q 144 48.50 -46.78 -44.76
CA GLU Q 144 47.18 -46.28 -44.38
C GLU Q 144 46.12 -47.39 -44.49
N GLY Q 145 45.39 -47.62 -43.40
CA GLY Q 145 44.34 -48.63 -43.37
C GLY Q 145 44.81 -50.06 -43.18
N ALA Q 146 45.94 -50.27 -42.50
CA ALA Q 146 46.44 -51.61 -42.29
C ALA Q 146 45.53 -52.46 -41.40
N GLU Q 147 45.51 -53.77 -41.64
CA GLU Q 147 44.71 -54.69 -40.86
C GLU Q 147 45.79 -55.54 -40.24
N GLU Q 148 45.95 -55.38 -38.93
CA GLU Q 148 46.95 -56.08 -38.13
C GLU Q 148 46.75 -57.59 -38.16
N TRP Q 149 47.64 -58.31 -38.82
CA TRP Q 149 47.52 -59.76 -38.88
C TRP Q 149 48.09 -60.44 -37.64
N CYS R 1 15.80 -68.28 -61.48
CA CYS R 1 15.15 -68.33 -60.17
C CYS R 1 16.00 -67.70 -59.07
N ILE R 2 17.34 -67.82 -59.19
CA ILE R 2 18.23 -67.23 -58.21
C ILE R 2 18.64 -65.87 -58.69
N PHE R 3 18.57 -64.89 -57.81
CA PHE R 3 18.95 -63.51 -58.12
C PHE R 3 19.81 -63.00 -56.98
N GLU R 4 20.79 -62.16 -57.27
CA GLU R 4 21.67 -61.72 -56.21
C GLU R 4 21.43 -60.37 -55.62
N VAL R 5 21.47 -60.33 -54.29
CA VAL R 5 21.30 -59.10 -53.53
C VAL R 5 22.70 -58.44 -53.54
N LYS R 6 22.71 -57.17 -53.95
CA LYS R 6 23.96 -56.38 -54.00
C LYS R 6 23.87 -55.24 -53.02
N HIS R 7 24.99 -54.91 -52.39
CA HIS R 7 25.04 -53.81 -51.46
C HIS R 7 26.34 -53.05 -51.68
N GLU R 8 26.21 -51.81 -52.13
CA GLU R 8 27.34 -50.95 -52.44
C GLU R 8 28.15 -51.75 -53.45
N GLY R 9 27.44 -52.16 -54.50
CA GLY R 9 28.06 -52.94 -55.55
C GLY R 9 28.70 -54.26 -55.15
N LYS R 10 28.30 -54.80 -54.00
CA LYS R 10 28.85 -56.07 -53.51
C LYS R 10 27.81 -57.14 -53.08
N VAL R 11 27.89 -58.31 -53.71
CA VAL R 11 26.99 -59.42 -53.43
C VAL R 11 26.99 -59.81 -51.95
N MET R 12 25.85 -59.65 -51.30
CA MET R 12 25.70 -59.99 -49.89
C MET R 12 25.01 -61.34 -49.66
N GLY R 13 24.01 -61.67 -50.47
CA GLY R 13 23.29 -62.91 -50.31
C GLY R 13 22.56 -63.19 -51.60
N TYR R 14 21.43 -63.87 -51.54
CA TYR R 14 20.69 -64.16 -52.76
C TYR R 14 19.22 -64.02 -52.55
N ALA R 15 18.47 -64.08 -53.64
CA ALA R 15 17.04 -63.97 -53.61
C ALA R 15 16.59 -65.11 -54.49
N CYS R 16 15.45 -65.69 -54.14
CA CYS R 16 14.98 -66.82 -54.87
C CYS R 16 13.49 -66.80 -55.19
N LEU R 17 13.16 -67.21 -56.40
CA LEU R 17 11.77 -67.28 -56.84
C LEU R 17 11.16 -68.67 -56.56
N VAL R 18 10.66 -68.86 -55.34
CA VAL R 18 10.05 -70.13 -54.94
C VAL R 18 8.53 -70.07 -54.79
N GLY R 19 7.83 -70.98 -55.47
CA GLY R 19 6.38 -71.03 -55.41
C GLY R 19 5.79 -69.89 -56.23
N ASP R 20 5.18 -68.94 -55.55
CA ASP R 20 4.65 -67.80 -56.28
C ASP R 20 5.14 -66.52 -55.60
N LYS R 21 6.03 -66.68 -54.63
CA LYS R 21 6.61 -65.54 -53.90
C LYS R 21 8.04 -65.31 -54.37
N VAL R 22 8.67 -64.23 -53.91
CA VAL R 22 10.07 -63.94 -54.26
C VAL R 22 10.69 -63.82 -52.88
N MET R 23 11.58 -64.76 -52.55
CA MET R 23 12.23 -64.76 -51.26
C MET R 23 13.66 -64.19 -51.21
N LYS R 24 14.08 -63.79 -50.01
CA LYS R 24 15.42 -63.32 -49.74
C LYS R 24 15.52 -63.18 -48.23
N PRO R 25 16.60 -63.66 -47.63
CA PRO R 25 16.71 -63.54 -46.18
C PRO R 25 16.59 -62.07 -45.74
N ALA R 26 15.89 -61.87 -44.64
CA ALA R 26 15.70 -60.54 -44.09
C ALA R 26 17.02 -59.91 -43.67
N HIS R 27 17.90 -60.69 -43.05
CA HIS R 27 19.18 -60.17 -42.63
C HIS R 27 20.12 -59.66 -43.74
N VAL R 28 19.89 -60.08 -44.98
CA VAL R 28 20.74 -59.67 -46.09
C VAL R 28 20.57 -58.18 -46.51
N LYS R 29 21.67 -57.43 -46.42
CA LYS R 29 21.67 -56.02 -46.82
C LYS R 29 21.82 -55.88 -48.34
N GLY R 30 21.19 -54.86 -48.88
CA GLY R 30 21.25 -54.63 -50.30
C GLY R 30 19.87 -54.73 -50.93
N THR R 31 19.86 -54.63 -52.25
CA THR R 31 18.63 -54.71 -53.00
C THR R 31 18.85 -55.65 -54.17
N ILE R 32 17.84 -56.46 -54.46
CA ILE R 32 17.95 -57.44 -55.55
C ILE R 32 18.40 -56.79 -56.86
N ASP R 33 19.46 -57.33 -57.42
CA ASP R 33 20.02 -56.82 -58.65
C ASP R 33 19.17 -57.16 -59.88
N ASN R 34 17.93 -56.72 -59.85
CA ASN R 34 17.02 -56.95 -60.96
C ASN R 34 15.91 -55.90 -60.86
N ALA R 35 15.78 -55.07 -61.88
CA ALA R 35 14.78 -54.01 -61.87
C ALA R 35 13.44 -54.51 -61.38
N ASP R 36 12.84 -55.42 -62.14
CA ASP R 36 11.52 -55.94 -61.81
C ASP R 36 11.39 -56.38 -60.37
N LEU R 37 12.40 -57.08 -59.85
CA LEU R 37 12.36 -57.56 -58.49
C LEU R 37 12.60 -56.49 -57.42
N ALA R 38 13.53 -55.58 -57.72
CA ALA R 38 13.91 -54.52 -56.78
C ALA R 38 12.79 -53.58 -56.40
N LYS R 39 11.94 -53.23 -57.36
CA LYS R 39 10.83 -52.31 -57.10
C LYS R 39 9.61 -52.88 -56.39
N LEU R 40 9.69 -54.13 -56.00
CA LEU R 40 8.58 -54.81 -55.30
C LEU R 40 8.40 -54.34 -53.86
N ALA R 41 7.31 -54.77 -53.24
CA ALA R 41 7.02 -54.42 -51.85
C ALA R 41 7.13 -55.70 -51.06
N PHE R 42 8.18 -55.83 -50.25
CA PHE R 42 8.37 -57.04 -49.44
C PHE R 42 7.73 -56.95 -48.04
N LYS R 43 7.31 -58.11 -47.52
CA LYS R 43 6.70 -58.21 -46.20
C LYS R 43 7.71 -58.91 -45.33
N ARG R 44 8.30 -58.18 -44.40
CA ARG R 44 9.30 -58.78 -43.51
C ARG R 44 8.63 -59.69 -42.47
N SER R 45 9.39 -60.65 -41.95
CA SER R 45 8.91 -61.61 -40.93
C SER R 45 10.12 -62.04 -40.08
N SER R 46 10.39 -61.26 -39.03
CA SER R 46 11.54 -61.52 -38.14
C SER R 46 11.64 -62.87 -37.47
N LYS R 47 10.51 -63.56 -37.32
CA LYS R 47 10.54 -64.88 -36.72
C LYS R 47 11.29 -65.79 -37.68
N TYR R 48 10.90 -65.76 -38.94
CA TYR R 48 11.52 -66.60 -39.96
C TYR R 48 12.76 -66.02 -40.60
N ASP R 49 13.09 -64.79 -40.24
CA ASP R 49 14.23 -64.10 -40.81
C ASP R 49 14.03 -64.18 -42.34
N LEU R 50 12.76 -64.17 -42.74
CA LEU R 50 12.39 -64.25 -44.14
C LEU R 50 11.82 -62.90 -44.54
N GLU R 51 11.74 -62.67 -45.84
CA GLU R 51 11.26 -61.40 -46.38
C GLU R 51 10.79 -61.74 -47.79
N CYS R 52 9.50 -62.03 -47.90
CA CYS R 52 8.88 -62.40 -49.17
C CYS R 52 8.03 -61.31 -49.84
N ALA R 53 7.76 -61.52 -51.12
CA ALA R 53 6.97 -60.61 -51.96
C ALA R 53 6.35 -61.53 -53.03
N GLN R 54 5.60 -60.96 -53.96
CA GLN R 54 4.97 -61.81 -54.96
C GLN R 54 5.65 -61.67 -56.32
N ILE R 55 5.78 -62.80 -57.03
CA ILE R 55 6.46 -62.79 -58.34
C ILE R 55 5.62 -62.14 -59.43
N PRO R 56 6.19 -61.16 -60.15
CA PRO R 56 5.49 -60.47 -61.23
C PRO R 56 5.04 -61.54 -62.24
N VAL R 57 3.88 -61.34 -62.88
CA VAL R 57 3.36 -62.33 -63.82
C VAL R 57 4.38 -62.75 -64.88
N HIS R 58 5.17 -61.79 -65.39
CA HIS R 58 6.16 -62.10 -66.43
C HIS R 58 7.38 -62.92 -66.02
N MET R 59 7.49 -63.21 -64.72
CA MET R 59 8.59 -64.03 -64.19
C MET R 59 8.08 -65.29 -63.49
N LYS R 60 6.77 -65.37 -63.28
CA LYS R 60 6.17 -66.52 -62.60
C LYS R 60 6.54 -67.86 -63.26
N SER R 61 6.86 -67.82 -64.55
CA SER R 61 7.25 -69.04 -65.26
C SER R 61 8.66 -69.42 -64.83
N ASP R 62 9.34 -68.47 -64.19
CA ASP R 62 10.71 -68.63 -63.71
C ASP R 62 10.90 -69.07 -62.25
N ALA R 63 9.78 -69.32 -61.58
CA ALA R 63 9.86 -69.75 -60.20
C ALA R 63 10.32 -71.18 -60.16
N SER R 64 10.58 -71.66 -58.94
CA SER R 64 11.05 -73.01 -58.68
C SER R 64 10.05 -73.52 -57.67
N LYS R 65 9.53 -74.74 -57.86
CA LYS R 65 8.54 -75.32 -56.93
C LYS R 65 9.23 -75.70 -55.63
N PHE R 66 10.27 -75.57 -53.64
CA PHE R 66 10.92 -75.96 -52.40
C PHE R 66 10.36 -77.31 -51.94
N THR R 67 10.73 -77.75 -50.74
CA THR R 67 10.25 -79.02 -50.20
C THR R 67 10.69 -79.26 -48.78
N HIS R 68 9.79 -79.90 -48.04
CA HIS R 68 10.03 -80.25 -46.64
C HIS R 68 10.78 -81.56 -46.63
N GLU R 69 10.71 -82.28 -47.74
CA GLU R 69 11.34 -83.59 -47.87
C GLU R 69 12.84 -83.57 -47.96
N LYS R 70 13.49 -83.96 -46.88
CA LYS R 70 14.92 -84.00 -46.85
C LYS R 70 15.44 -85.16 -46.02
N PRO R 71 15.70 -86.29 -46.69
CA PRO R 71 16.22 -87.50 -46.08
C PRO R 71 17.72 -87.39 -45.90
N GLU R 72 18.23 -88.03 -44.87
CA GLU R 72 19.65 -87.98 -44.60
C GLU R 72 20.38 -88.34 -45.87
N GLY R 73 21.44 -87.61 -46.18
CA GLY R 73 22.21 -87.88 -47.38
C GLY R 73 22.91 -86.63 -47.85
N TYR R 74 23.33 -86.56 -49.11
CA TYR R 74 23.99 -85.36 -49.59
C TYR R 74 23.14 -84.44 -50.47
N TYR R 75 23.29 -83.14 -50.20
CA TYR R 75 22.57 -82.13 -50.95
C TYR R 75 23.56 -81.28 -51.73
N ASN R 76 23.03 -80.51 -52.67
CA ASN R 76 23.85 -79.68 -53.54
C ASN R 76 23.79 -78.18 -53.23
N TRP R 77 24.94 -77.52 -53.31
CA TRP R 77 25.02 -76.09 -53.09
C TRP R 77 26.24 -75.63 -53.87
N HIS R 78 26.23 -74.36 -54.24
CA HIS R 78 27.26 -73.73 -55.04
C HIS R 78 28.69 -74.09 -54.78
N HIS R 79 29.04 -74.36 -53.54
CA HIS R 79 30.41 -74.68 -53.32
C HIS R 79 30.72 -76.15 -53.31
N GLY R 80 29.69 -76.97 -53.38
CA GLY R 80 29.93 -78.37 -53.43
C GLY R 80 28.74 -79.19 -53.02
N ALA R 81 28.94 -80.10 -52.08
CA ALA R 81 27.90 -80.97 -51.60
C ALA R 81 27.75 -80.79 -50.12
N VAL R 82 26.53 -80.49 -49.70
CA VAL R 82 26.23 -80.35 -48.29
C VAL R 82 25.85 -81.74 -47.80
N GLN R 83 25.99 -82.00 -46.51
CA GLN R 83 25.60 -83.28 -45.94
C GLN R 83 24.54 -83.06 -44.89
N TYR R 84 23.46 -83.82 -45.01
CA TYR R 84 22.36 -83.75 -44.06
C TYR R 84 22.24 -85.02 -43.22
N SER R 85 22.15 -84.86 -41.91
CA SER R 85 22.02 -85.98 -41.01
C SER R 85 21.85 -85.45 -39.62
N GLY R 86 21.06 -86.16 -38.82
CA GLY R 86 20.84 -85.78 -37.42
C GLY R 86 20.12 -84.46 -37.31
N GLY R 87 19.43 -84.11 -38.39
CA GLY R 87 18.71 -82.86 -38.44
C GLY R 87 19.65 -81.69 -38.52
N ARG R 88 20.77 -81.89 -39.20
CA ARG R 88 21.77 -80.84 -39.35
C ARG R 88 22.53 -80.89 -40.66
N PHE R 89 22.62 -79.74 -41.34
CA PHE R 89 23.35 -79.63 -42.60
C PHE R 89 24.79 -79.22 -42.26
N THR R 90 25.77 -79.86 -42.88
CA THR R 90 27.15 -79.50 -42.60
C THR R 90 27.96 -79.50 -43.87
N ILE R 91 29.17 -78.95 -43.79
CA ILE R 91 30.07 -78.85 -44.93
C ILE R 91 31.51 -78.82 -44.42
N PRO R 92 32.46 -79.10 -45.32
CA PRO R 92 33.85 -79.09 -44.91
C PRO R 92 34.20 -77.65 -44.54
N THR R 93 34.65 -77.45 -43.31
CA THR R 93 35.01 -76.14 -42.84
C THR R 93 35.97 -75.44 -43.76
N GLY R 94 35.53 -74.28 -44.23
CA GLY R 94 36.32 -73.43 -45.11
C GLY R 94 35.57 -73.21 -46.39
N ALA R 95 34.70 -74.14 -46.74
CA ALA R 95 33.93 -74.08 -47.98
C ALA R 95 32.72 -73.15 -47.96
N GLY R 96 32.56 -72.37 -46.91
CA GLY R 96 31.46 -71.44 -46.80
C GLY R 96 32.02 -70.26 -46.04
N LYS R 97 31.87 -69.07 -46.59
CA LYS R 97 32.39 -67.85 -45.98
C LYS R 97 31.37 -66.71 -45.89
N PRO R 98 31.72 -65.63 -45.18
CA PRO R 98 30.77 -64.52 -45.11
C PRO R 98 30.48 -64.03 -46.51
N GLY R 99 29.21 -63.86 -46.82
CA GLY R 99 28.83 -63.42 -48.15
C GLY R 99 28.23 -64.55 -48.95
N ASP R 100 27.93 -65.64 -48.26
CA ASP R 100 27.29 -66.81 -48.87
C ASP R 100 25.82 -66.96 -48.43
N SER R 101 25.36 -66.06 -47.54
CA SER R 101 23.98 -66.08 -47.07
C SER R 101 23.08 -65.91 -48.27
N GLY R 102 21.89 -66.49 -48.17
CA GLY R 102 20.95 -66.40 -49.27
C GLY R 102 21.07 -67.53 -50.28
N ARG R 103 22.24 -68.15 -50.34
CA ARG R 103 22.46 -69.24 -51.28
C ARG R 103 21.66 -70.46 -50.87
N PRO R 104 20.84 -71.00 -51.78
CA PRO R 104 20.00 -72.17 -51.57
C PRO R 104 20.78 -73.46 -51.58
N ILE R 105 20.21 -74.46 -50.92
CA ILE R 105 20.78 -75.81 -50.85
C ILE R 105 19.76 -76.66 -51.55
N PHE R 106 20.06 -77.03 -52.79
CA PHE R 106 19.17 -77.82 -53.63
C PHE R 106 19.36 -79.29 -53.38
N ASP R 107 18.41 -80.07 -53.85
CA ASP R 107 18.54 -81.50 -53.76
C ASP R 107 18.87 -81.93 -55.17
N ASN R 108 18.79 -83.22 -55.49
CA ASN R 108 19.12 -83.64 -56.85
C ASN R 108 18.04 -83.43 -57.90
N LYS R 109 16.86 -83.02 -57.49
CA LYS R 109 15.79 -82.73 -58.44
C LYS R 109 15.56 -81.23 -58.57
N GLY R 110 16.44 -80.45 -57.95
CA GLY R 110 16.34 -79.01 -58.04
C GLY R 110 15.50 -78.34 -56.99
N ARG R 111 14.79 -79.11 -56.19
CA ARG R 111 13.97 -78.46 -55.16
C ARG R 111 14.87 -77.82 -54.10
N VAL R 112 14.65 -76.55 -53.81
CA VAL R 112 15.40 -75.84 -52.78
C VAL R 112 14.97 -76.52 -51.48
N VAL R 113 15.94 -76.89 -50.66
CA VAL R 113 15.68 -77.60 -49.41
C VAL R 113 15.84 -76.72 -48.15
N ALA R 114 16.75 -75.75 -48.22
CA ALA R 114 17.05 -74.78 -47.15
C ALA R 114 17.76 -73.59 -47.75
N ILE R 115 17.91 -72.53 -46.97
CA ILE R 115 18.62 -71.33 -47.45
C ILE R 115 19.65 -70.98 -46.36
N VAL R 116 20.92 -70.93 -46.73
CA VAL R 116 21.99 -70.65 -45.76
C VAL R 116 21.95 -69.24 -45.19
N LEU R 117 22.15 -69.14 -43.87
CA LEU R 117 22.15 -67.86 -43.19
C LEU R 117 23.52 -67.62 -42.55
N GLY R 118 24.18 -68.70 -42.16
CA GLY R 118 25.50 -68.58 -41.56
C GLY R 118 25.91 -69.95 -41.07
N GLY R 119 27.08 -70.07 -40.48
CA GLY R 119 27.48 -71.38 -40.00
C GLY R 119 28.32 -71.34 -38.73
N ALA R 120 28.22 -72.40 -37.94
CA ALA R 120 28.97 -72.49 -36.70
C ALA R 120 30.12 -73.46 -36.98
N ASN R 121 31.34 -73.05 -36.64
CA ASN R 121 32.51 -73.88 -36.85
C ASN R 121 32.69 -74.85 -35.71
N GLU R 122 32.60 -76.14 -36.01
CA GLU R 122 32.79 -77.13 -34.99
C GLU R 122 33.90 -78.11 -35.38
N GLY R 123 35.00 -77.55 -35.89
CA GLY R 123 36.17 -78.32 -36.27
C GLY R 123 36.31 -78.65 -37.75
N ALA R 124 36.38 -79.95 -38.01
CA ALA R 124 36.52 -80.47 -39.35
C ALA R 124 35.43 -79.93 -40.22
N ARG R 125 34.20 -79.93 -39.69
CA ARG R 125 32.99 -79.51 -40.38
C ARG R 125 32.25 -78.38 -39.69
N THR R 126 31.51 -77.61 -40.48
CA THR R 126 30.72 -76.50 -39.98
C THR R 126 29.21 -76.82 -40.11
N ALA R 127 28.46 -76.70 -39.01
CA ALA R 127 27.03 -76.97 -39.02
C ALA R 127 26.43 -75.73 -39.55
N LEU R 128 25.65 -75.81 -40.61
CA LEU R 128 25.03 -74.62 -41.19
C LEU R 128 23.82 -74.16 -40.41
N SER R 129 23.58 -72.86 -40.47
CA SER R 129 22.43 -72.24 -39.83
C SER R 129 21.58 -71.91 -41.06
N VAL R 130 20.45 -72.61 -41.18
CA VAL R 130 19.57 -72.45 -42.34
C VAL R 130 18.11 -72.14 -42.04
N VAL R 131 17.40 -71.74 -43.10
CA VAL R 131 15.97 -71.45 -43.09
C VAL R 131 15.44 -72.67 -43.83
N THR R 132 14.60 -73.48 -43.19
CA THR R 132 14.05 -74.69 -43.82
C THR R 132 12.57 -74.83 -43.61
N TRP R 133 11.93 -75.48 -44.57
CA TRP R 133 10.50 -75.71 -44.53
C TRP R 133 10.13 -76.92 -43.69
N ASN R 134 9.11 -76.73 -42.88
CA ASN R 134 8.59 -77.79 -42.03
C ASN R 134 7.44 -78.38 -42.83
N LYS R 135 6.51 -79.04 -42.13
CA LYS R 135 5.32 -79.65 -42.73
C LYS R 135 4.77 -78.78 -43.83
N ASP R 136 4.74 -77.48 -43.58
CA ASP R 136 4.24 -76.55 -44.57
C ASP R 136 4.90 -75.21 -44.32
N ILE R 137 5.11 -74.92 -43.03
CA ILE R 137 5.71 -73.66 -42.62
C ILE R 137 7.22 -73.60 -42.46
N VAL R 138 7.72 -72.41 -42.73
CA VAL R 138 9.12 -72.02 -42.68
C VAL R 138 9.68 -72.23 -41.28
N THR R 139 10.97 -72.46 -41.17
CA THR R 139 11.61 -72.64 -39.86
C THR R 139 13.06 -72.26 -39.98
N LYS R 140 13.73 -72.09 -38.85
CA LYS R 140 15.12 -71.69 -38.88
C LYS R 140 15.95 -72.49 -37.90
N ILE R 141 16.95 -73.18 -38.42
CA ILE R 141 17.82 -74.00 -37.60
C ILE R 141 19.17 -73.31 -37.44
N THR R 142 19.51 -72.97 -36.20
CA THR R 142 20.76 -72.28 -35.94
C THR R 142 21.61 -72.99 -34.94
N PRO R 143 22.64 -73.72 -35.42
CA PRO R 143 23.55 -74.47 -34.55
C PRO R 143 24.24 -73.56 -33.54
N GLU R 144 24.52 -74.09 -32.37
CA GLU R 144 25.17 -73.34 -31.29
C GLU R 144 26.49 -72.72 -31.76
N GLY R 145 26.62 -71.40 -31.57
CA GLY R 145 27.81 -70.68 -31.96
C GLY R 145 27.93 -70.32 -33.43
N ALA R 146 26.81 -70.14 -34.12
CA ALA R 146 26.84 -69.81 -35.53
C ALA R 146 27.45 -68.42 -35.81
N GLU R 147 28.10 -68.28 -36.95
CA GLU R 147 28.71 -67.02 -37.35
C GLU R 147 27.90 -66.70 -38.58
N GLU R 148 27.08 -65.67 -38.46
CA GLU R 148 26.20 -65.20 -39.51
C GLU R 148 26.95 -64.73 -40.75
N TRP R 149 26.87 -65.48 -41.83
CA TRP R 149 27.56 -65.11 -43.05
C TRP R 149 26.77 -64.07 -43.86
N CYS S 1 45.82 -44.20 -64.20
CA CYS S 1 46.39 -42.95 -63.69
C CYS S 1 45.66 -41.73 -64.23
N ILE S 2 45.17 -41.80 -65.47
CA ILE S 2 44.44 -40.69 -66.06
C ILE S 2 42.97 -40.89 -65.84
N PHE S 3 42.30 -39.85 -65.39
CA PHE S 3 40.85 -39.90 -65.13
C PHE S 3 40.25 -38.64 -65.72
N GLU S 4 39.04 -38.73 -66.23
CA GLU S 4 38.45 -37.56 -66.87
C GLU S 4 37.48 -36.75 -66.10
N VAL S 5 37.67 -35.44 -66.16
CA VAL S 5 36.80 -34.47 -65.52
C VAL S 5 35.62 -34.31 -66.47
N LYS S 6 34.40 -34.47 -65.94
CA LYS S 6 33.17 -34.33 -66.72
C LYS S 6 32.37 -33.15 -66.17
N HIS S 7 31.72 -32.43 -67.07
CA HIS S 7 30.89 -31.30 -66.68
C HIS S 7 29.63 -31.32 -67.52
N GLU S 8 28.50 -31.54 -66.84
CA GLU S 8 27.20 -31.63 -67.49
C GLU S 8 27.37 -32.73 -68.52
N GLY S 9 27.84 -33.87 -68.03
CA GLY S 9 28.07 -35.03 -68.87
C GLY S 9 29.03 -34.83 -70.03
N LYS S 10 29.91 -33.82 -69.95
CA LYS S 10 30.88 -33.55 -71.01
C LYS S 10 32.34 -33.37 -70.54
N VAL S 11 33.24 -34.19 -71.11
CA VAL S 11 34.65 -34.16 -70.78
C VAL S 11 35.28 -32.78 -71.00
N MET S 12 35.74 -32.18 -69.92
CA MET S 12 36.37 -30.86 -69.98
C MET S 12 37.90 -30.91 -69.96
N GLY S 13 38.46 -31.81 -69.17
CA GLY S 13 39.90 -31.91 -69.06
C GLY S 13 40.22 -33.26 -68.47
N TYR S 14 41.32 -33.38 -67.75
CA TYR S 14 41.67 -34.66 -67.17
C TYR S 14 42.23 -34.50 -65.79
N ALA S 15 42.41 -35.62 -65.10
CA ALA S 15 42.93 -35.63 -63.75
C ALA S 15 43.95 -36.72 -63.81
N CYS S 16 45.03 -36.54 -63.05
CA CYS S 16 46.10 -37.49 -63.09
C CYS S 16 46.66 -37.86 -61.71
N LEU S 17 46.95 -39.15 -61.56
CA LEU S 17 47.51 -39.66 -60.31
C LEU S 17 49.05 -39.65 -60.38
N VAL S 18 49.67 -38.52 -60.05
CA VAL S 18 51.13 -38.39 -60.06
C VAL S 18 51.76 -38.30 -58.66
N GLY S 19 52.73 -39.17 -58.41
CA GLY S 19 53.40 -39.19 -57.12
C GLY S 19 52.51 -39.81 -56.07
N ASP S 20 52.05 -39.00 -55.13
CA ASP S 20 51.13 -39.53 -54.14
C ASP S 20 49.92 -38.60 -54.05
N LYS S 21 49.86 -37.64 -54.96
CA LYS S 21 48.73 -36.70 -55.01
C LYS S 21 47.83 -37.04 -56.19
N VAL S 22 46.69 -36.38 -56.32
CA VAL S 22 45.77 -36.59 -57.43
C VAL S 22 45.65 -35.19 -57.99
N MET S 23 46.15 -35.00 -59.21
CA MET S 23 46.10 -33.69 -59.85
C MET S 23 45.00 -33.47 -60.89
N LYS S 24 44.70 -32.21 -61.14
CA LYS S 24 43.75 -31.79 -62.16
C LYS S 24 43.85 -30.28 -62.24
N PRO S 25 43.94 -29.73 -63.45
CA PRO S 25 44.05 -28.28 -63.55
C PRO S 25 42.88 -27.59 -62.83
N ALA S 26 43.21 -26.49 -62.15
CA ALA S 26 42.22 -25.73 -61.42
C ALA S 26 41.17 -25.14 -62.36
N HIS S 27 41.59 -24.64 -63.50
CA HIS S 27 40.66 -24.05 -64.46
C HIS S 27 39.61 -25.01 -65.03
N VAL S 28 39.84 -26.32 -64.97
CA VAL S 28 38.90 -27.29 -65.52
C VAL S 28 37.59 -27.45 -64.71
N LYS S 29 36.47 -27.17 -65.37
CA LYS S 29 35.14 -27.30 -64.76
C LYS S 29 34.68 -28.76 -64.78
N GLY S 30 33.96 -29.15 -63.75
CA GLY S 30 33.47 -30.50 -63.66
C GLY S 30 34.03 -31.19 -62.44
N THR S 31 33.70 -32.47 -62.33
CA THR S 31 34.16 -33.28 -61.23
C THR S 31 34.68 -34.59 -61.79
N ILE S 32 35.78 -35.06 -61.22
CA ILE S 32 36.40 -36.31 -61.69
C ILE S 32 35.38 -37.46 -61.77
N ASP S 33 35.30 -38.07 -62.95
CA ASP S 33 34.39 -39.15 -63.18
C ASP S 33 34.83 -40.45 -62.52
N ASN S 34 34.98 -40.41 -61.21
CA ASN S 34 35.37 -41.59 -60.45
C ASN S 34 34.94 -41.35 -59.00
N ALA S 35 34.07 -42.20 -58.50
CA ALA S 35 33.56 -42.05 -57.14
C ALA S 35 34.68 -41.72 -56.16
N ASP S 36 35.60 -42.67 -55.98
CA ASP S 36 36.69 -42.48 -55.02
C ASP S 36 37.39 -41.15 -55.14
N LEU S 37 37.67 -40.73 -56.38
CA LEU S 37 38.37 -39.48 -56.60
C LEU S 37 37.50 -38.23 -56.40
N ALA S 38 36.25 -38.31 -56.83
CA ALA S 38 35.33 -37.19 -56.76
C ALA S 38 35.04 -36.69 -55.35
N LYS S 39 34.92 -37.61 -54.40
CA LYS S 39 34.63 -37.25 -53.00
C LYS S 39 35.79 -36.71 -52.18
N LEU S 40 36.94 -36.54 -52.80
CA LEU S 40 38.13 -36.02 -52.12
C LEU S 40 38.07 -34.54 -51.82
N ALA S 41 39.03 -34.06 -51.04
CA ALA S 41 39.10 -32.64 -50.68
C ALA S 41 40.33 -32.10 -51.36
N PHE S 42 40.15 -31.27 -52.39
CA PHE S 42 41.29 -30.69 -53.11
C PHE S 42 41.74 -29.33 -52.55
N LYS S 43 43.03 -29.05 -52.68
CA LYS S 43 43.62 -27.80 -52.22
C LYS S 43 43.98 -27.01 -53.46
N ARG S 44 43.25 -25.95 -53.73
CA ARG S 44 43.51 -25.13 -54.91
C ARG S 44 44.79 -24.30 -54.73
N SER S 45 45.41 -23.93 -55.85
CA SER S 45 46.65 -23.14 -55.88
C SER S 45 46.67 -22.31 -57.18
N SER S 46 46.06 -21.13 -57.13
CA SER S 46 45.95 -20.26 -58.30
C SER S 46 47.23 -19.83 -59.00
N LYS S 47 48.36 -19.87 -58.29
CA LYS S 47 49.63 -19.52 -58.90
C LYS S 47 49.93 -20.59 -59.94
N TYR S 48 49.84 -21.85 -59.53
CA TYR S 48 50.13 -22.97 -60.41
C TYR S 48 48.97 -23.43 -61.26
N ASP S 49 47.80 -22.84 -61.03
CA ASP S 49 46.59 -23.22 -61.75
C ASP S 49 46.46 -24.74 -61.55
N LEU S 50 46.93 -25.20 -60.39
CA LEU S 50 46.91 -26.60 -60.03
C LEU S 50 45.89 -26.77 -58.92
N GLU S 51 45.47 -28.02 -58.70
CA GLU S 51 44.45 -28.34 -57.71
C GLU S 51 44.69 -29.80 -57.37
N CYS S 52 45.49 -30.03 -56.33
CA CYS S 52 45.85 -31.38 -55.88
C CYS S 52 45.13 -31.87 -54.63
N ALA S 53 45.20 -33.18 -54.43
CA ALA S 53 44.58 -33.88 -53.29
C ALA S 53 45.45 -35.12 -53.09
N GLN S 54 45.12 -35.96 -52.13
CA GLN S 54 45.95 -37.13 -51.89
C GLN S 54 45.28 -38.41 -52.40
N ILE S 55 46.08 -39.31 -52.98
CA ILE S 55 45.55 -40.57 -53.54
C ILE S 55 45.15 -41.55 -52.46
N PRO S 56 43.89 -42.05 -52.54
CA PRO S 56 43.39 -43.03 -51.57
C PRO S 56 44.34 -44.24 -51.57
N VAL S 57 44.54 -44.88 -50.43
CA VAL S 57 45.47 -46.01 -50.35
C VAL S 57 45.21 -47.07 -51.41
N HIS S 58 43.93 -47.37 -51.70
CA HIS S 58 43.59 -48.41 -52.68
C HIS S 58 43.86 -48.08 -54.15
N MET S 59 44.31 -46.86 -54.42
CA MET S 59 44.65 -46.44 -55.78
C MET S 59 46.12 -46.00 -55.90
N LYS S 60 46.80 -45.88 -54.75
CA LYS S 60 48.19 -45.44 -54.73
C LYS S 60 49.09 -46.31 -55.61
N SER S 61 48.67 -47.56 -55.84
CA SER S 61 49.46 -48.45 -56.69
C SER S 61 49.27 -48.03 -58.15
N ASP S 62 48.27 -47.19 -58.36
CA ASP S 62 47.90 -46.70 -59.69
C ASP S 62 48.49 -45.33 -60.10
N ALA S 63 49.31 -44.77 -59.23
CA ALA S 63 49.91 -43.50 -59.53
C ALA S 63 50.98 -43.69 -60.57
N SER S 64 51.52 -42.57 -61.05
CA SER S 64 52.56 -42.54 -62.07
C SER S 64 53.63 -41.69 -61.41
N LYS S 65 54.89 -42.13 -61.47
CA LYS S 65 55.99 -41.35 -60.86
C LYS S 65 56.27 -40.11 -61.70
N PHE S 66 57.02 -39.78 -60.47
CA PHE S 66 57.49 -38.59 -61.17
C PHE S 66 59.02 -38.54 -61.10
N THR S 67 59.61 -37.44 -61.56
CA THR S 67 61.06 -37.28 -61.56
C THR S 67 61.51 -35.91 -61.99
N HIS S 68 62.59 -35.46 -61.36
CA HIS S 68 63.19 -34.17 -61.66
C HIS S 68 64.13 -34.36 -62.82
N GLU S 69 64.51 -35.62 -63.06
CA GLU S 69 65.45 -35.97 -64.11
C GLU S 69 64.91 -35.87 -65.51
N LYS S 70 65.33 -34.84 -66.22
CA LYS S 70 64.89 -34.64 -67.56
C LYS S 70 65.99 -34.05 -68.45
N PRO S 71 66.75 -34.93 -69.10
CA PRO S 71 67.83 -34.57 -70.00
C PRO S 71 67.28 -34.19 -71.35
N GLU S 72 67.96 -33.27 -72.02
CA GLU S 72 67.51 -32.81 -73.32
C GLU S 72 67.26 -34.05 -74.17
N GLY S 73 66.16 -34.05 -74.92
CA GLY S 73 65.84 -35.17 -75.77
C GLY S 73 64.34 -35.24 -76.01
N TYR S 74 63.81 -36.39 -76.41
CA TYR S 74 62.38 -36.50 -76.62
C TYR S 74 61.58 -37.21 -75.53
N TYR S 75 60.45 -36.64 -75.20
CA TYR S 75 59.57 -37.21 -74.19
C TYR S 75 58.26 -37.64 -74.83
N ASN S 76 57.49 -38.44 -74.11
CA ASN S 76 56.24 -38.97 -74.61
C ASN S 76 54.99 -38.33 -74.02
N TRP S 77 53.99 -38.11 -74.85
CA TRP S 77 52.72 -37.55 -74.42
C TRP S 77 51.69 -38.04 -75.43
N HIS S 78 50.45 -38.10 -74.96
CA HIS S 78 49.32 -38.60 -75.73
C HIS S 78 49.24 -38.27 -77.19
N HIS S 79 49.69 -37.08 -77.57
CA HIS S 79 49.59 -36.76 -78.96
C HIS S 79 50.80 -37.07 -79.78
N GLY S 80 51.88 -37.46 -79.10
CA GLY S 80 53.07 -37.81 -79.83
C GLY S 80 54.30 -37.75 -78.98
N ALA S 81 55.31 -37.04 -79.47
CA ALA S 81 56.56 -36.90 -78.79
C ALA S 81 56.85 -35.45 -78.53
N VAL S 82 57.09 -35.13 -77.27
CA VAL S 82 57.42 -33.78 -76.90
C VAL S 82 58.95 -33.68 -77.01
N GLN S 83 59.48 -32.47 -77.20
CA GLN S 83 60.91 -32.28 -77.26
C GLN S 83 61.35 -31.35 -76.16
N TYR S 84 62.37 -31.77 -75.42
CA TYR S 84 62.92 -30.98 -74.34
C TYR S 84 64.33 -30.48 -74.65
N SER S 85 64.56 -29.18 -74.47
CA SER S 85 65.85 -28.61 -74.71
C SER S 85 65.80 -27.16 -74.32
N GLY S 86 66.92 -26.65 -73.81
CA GLY S 86 67.01 -25.25 -73.42
C GLY S 86 66.09 -24.91 -72.27
N GLY S 87 65.72 -25.95 -71.54
CA GLY S 87 64.81 -25.80 -70.42
C GLY S 87 63.42 -25.48 -70.90
N ARG S 88 63.05 -26.05 -72.04
CA ARG S 88 61.73 -25.82 -72.60
C ARG S 88 61.17 -27.00 -73.38
N PHE S 89 59.92 -27.38 -73.07
CA PHE S 89 59.24 -28.47 -73.76
C PHE S 89 58.49 -27.87 -74.94
N THR S 90 58.57 -28.50 -76.11
CA THR S 90 57.86 -27.97 -77.26
C THR S 90 57.26 -29.10 -78.06
N ILE S 91 56.37 -28.74 -78.99
CA ILE S 91 55.68 -29.71 -79.84
C ILE S 91 55.31 -29.04 -81.16
N PRO S 92 55.02 -29.85 -82.18
CA PRO S 92 54.64 -29.28 -83.46
C PRO S 92 53.32 -28.55 -83.26
N THR S 93 53.32 -27.25 -83.58
CA THR S 93 52.13 -26.45 -83.43
C THR S 93 50.93 -27.06 -84.11
N GLY S 94 49.90 -27.29 -83.30
CA GLY S 94 48.64 -27.83 -83.77
C GLY S 94 48.36 -29.11 -83.03
N ALA S 95 49.40 -29.77 -82.55
CA ALA S 95 49.27 -31.04 -81.85
C ALA S 95 48.84 -30.97 -80.39
N GLY S 96 48.46 -29.78 -79.94
CA GLY S 96 48.02 -29.61 -78.58
C GLY S 96 46.97 -28.52 -78.65
N LYS S 97 45.79 -28.79 -78.11
CA LYS S 97 44.68 -27.84 -78.15
C LYS S 97 44.01 -27.63 -76.79
N PRO S 98 43.11 -26.64 -76.70
CA PRO S 98 42.44 -26.42 -75.42
C PRO S 98 41.73 -27.70 -75.03
N GLY S 99 41.91 -28.11 -73.79
CA GLY S 99 41.27 -29.33 -73.33
C GLY S 99 42.29 -30.45 -73.18
N ASP S 100 43.57 -30.08 -73.27
CA ASP S 100 44.68 -31.02 -73.11
C ASP S 100 45.42 -30.81 -71.76
N SER S 101 44.99 -29.81 -70.99
CA SER S 101 45.60 -29.52 -69.70
C SER S 101 45.43 -30.74 -68.83
N GLY S 102 46.37 -30.94 -67.91
CA GLY S 102 46.31 -32.09 -67.04
C GLY S 102 47.03 -33.32 -67.60
N ARG S 103 47.19 -33.38 -68.92
CA ARG S 103 47.85 -34.51 -69.54
C ARG S 103 49.33 -34.50 -69.21
N PRO S 104 49.85 -35.61 -68.66
CA PRO S 104 51.25 -35.78 -68.28
C PRO S 104 52.15 -36.00 -69.48
N ILE S 105 53.43 -35.67 -69.27
CA ILE S 105 54.46 -35.85 -70.28
C ILE S 105 55.40 -36.85 -69.64
N PHE S 106 55.30 -38.10 -70.09
CA PHE S 106 56.10 -39.20 -69.58
C PHE S 106 57.42 -39.27 -70.27
N ASP S 107 58.33 -40.04 -69.67
CA ASP S 107 59.60 -40.27 -70.29
C ASP S 107 59.51 -41.69 -70.80
N ASN S 108 60.62 -42.30 -71.20
CA ASN S 108 60.53 -43.67 -71.70
C ASN S 108 60.42 -44.78 -70.66
N LYS S 109 60.56 -44.43 -69.38
CA LYS S 109 60.40 -45.41 -68.32
C LYS S 109 59.08 -45.22 -67.58
N GLY S 110 58.26 -44.32 -68.10
CA GLY S 110 56.97 -44.07 -67.51
C GLY S 110 56.91 -43.01 -66.45
N ARG S 111 58.05 -42.50 -66.02
CA ARG S 111 58.01 -41.47 -65.00
C ARG S 111 57.41 -40.19 -65.58
N VAL S 112 56.40 -39.64 -64.90
CA VAL S 112 55.78 -38.38 -65.32
C VAL S 112 56.89 -37.33 -65.11
N VAL S 113 57.12 -36.52 -66.13
CA VAL S 113 58.17 -35.51 -66.10
C VAL S 113 57.66 -34.07 -65.89
N ALA S 114 56.45 -33.80 -66.41
CA ALA S 114 55.77 -32.50 -66.30
C ALA S 114 54.29 -32.71 -66.57
N ILE S 115 53.48 -31.69 -66.31
CA ILE S 115 52.03 -31.79 -66.56
C ILE S 115 51.66 -30.53 -67.36
N VAL S 116 51.10 -30.71 -68.55
CA VAL S 116 50.74 -29.58 -69.41
C VAL S 116 49.63 -28.70 -68.85
N LEU S 117 49.81 -27.38 -68.97
CA LEU S 117 48.84 -26.42 -68.48
C LEU S 117 48.34 -25.59 -69.66
N GLY S 118 49.19 -25.38 -70.65
CA GLY S 118 48.81 -24.61 -71.82
C GLY S 118 50.03 -24.41 -72.67
N GLY S 119 49.91 -23.72 -73.79
CA GLY S 119 51.09 -23.52 -74.61
C GLY S 119 51.11 -22.19 -75.33
N ALA S 120 52.30 -21.68 -75.59
CA ALA S 120 52.46 -20.43 -76.29
C ALA S 120 52.89 -20.77 -77.72
N ASN S 121 52.19 -20.19 -78.69
CA ASN S 121 52.51 -20.45 -80.09
C ASN S 121 53.62 -19.55 -80.57
N GLU S 122 54.73 -20.16 -80.94
CA GLU S 122 55.84 -19.38 -81.44
C GLU S 122 56.25 -19.85 -82.84
N GLY S 123 55.24 -20.08 -83.68
CA GLY S 123 55.45 -20.49 -85.06
C GLY S 123 55.32 -21.96 -85.36
N ALA S 124 56.40 -22.51 -85.89
CA ALA S 124 56.46 -23.91 -86.26
C ALA S 124 56.12 -24.77 -85.08
N ARG S 125 56.68 -24.40 -83.91
CA ARG S 125 56.50 -25.11 -82.65
C ARG S 125 55.91 -24.28 -81.53
N THR S 126 55.26 -24.96 -80.60
CA THR S 126 54.65 -24.30 -79.44
C THR S 126 55.40 -24.69 -78.15
N ALA S 127 55.84 -23.69 -77.37
CA ALA S 127 56.56 -23.95 -76.14
C ALA S 127 55.50 -24.23 -75.16
N LEU S 128 55.55 -25.38 -74.49
CA LEU S 128 54.52 -25.74 -73.51
C LEU S 128 54.72 -25.03 -72.19
N SER S 129 53.60 -24.81 -71.49
CA SER S 129 53.58 -24.18 -70.19
C SER S 129 53.27 -25.39 -69.31
N VAL S 130 54.24 -25.81 -68.51
CA VAL S 130 54.08 -27.00 -67.67
C VAL S 130 54.37 -26.82 -66.19
N VAL S 131 53.95 -27.84 -65.42
CA VAL S 131 54.17 -27.93 -63.98
C VAL S 131 55.27 -29.00 -63.95
N THR S 132 56.45 -28.67 -63.42
CA THR S 132 57.55 -29.63 -63.36
C THR S 132 58.23 -29.65 -62.01
N TRP S 133 58.78 -30.81 -61.68
CA TRP S 133 59.48 -31.00 -60.42
C TRP S 133 60.91 -30.53 -60.47
N ASN S 134 61.30 -29.83 -59.43
CA ASN S 134 62.65 -29.32 -59.30
C ASN S 134 63.36 -30.38 -58.46
N LYS S 135 64.46 -29.96 -57.80
CA LYS S 135 65.25 -30.83 -56.93
C LYS S 135 64.35 -31.76 -56.13
N ASP S 136 63.25 -31.22 -55.64
CA ASP S 136 62.32 -32.02 -54.87
C ASP S 136 60.95 -31.37 -55.02
N ILE S 137 60.96 -30.04 -55.06
CA ILE S 137 59.72 -29.27 -55.16
C ILE S 137 59.20 -28.92 -56.55
N VAL S 138 57.88 -28.83 -56.59
CA VAL S 138 57.09 -28.53 -57.77
C VAL S 138 57.46 -27.16 -58.32
N THR S 139 57.26 -26.93 -59.61
CA THR S 139 57.56 -25.64 -60.21
C THR S 139 56.69 -25.49 -61.44
N LYS S 140 56.62 -24.28 -61.97
CA LYS S 140 55.78 -24.04 -63.13
C LYS S 140 56.50 -23.17 -64.15
N ILE S 141 56.64 -23.72 -65.35
CA ILE S 141 57.32 -23.01 -66.43
C ILE S 141 56.28 -22.54 -67.44
N THR S 142 56.19 -21.22 -67.60
CA THR S 142 55.21 -20.65 -68.51
C THR S 142 55.84 -19.75 -69.52
N PRO S 143 56.03 -20.25 -70.76
CA PRO S 143 56.62 -19.48 -71.86
C PRO S 143 55.84 -18.21 -72.14
N GLU S 144 56.54 -17.16 -72.55
CA GLU S 144 55.93 -15.88 -72.86
C GLU S 144 54.79 -16.02 -73.88
N GLY S 145 53.61 -15.51 -73.53
CA GLY S 145 52.45 -15.56 -74.40
C GLY S 145 51.71 -16.89 -74.44
N ALA S 146 51.74 -17.63 -73.34
CA ALA S 146 51.05 -18.92 -73.30
C ALA S 146 49.53 -18.79 -73.39
N GLU S 147 48.88 -19.77 -73.98
CA GLU S 147 47.43 -19.79 -74.12
C GLU S 147 47.08 -21.00 -73.30
N GLU S 148 46.46 -20.74 -72.16
CA GLU S 148 46.05 -21.76 -71.20
C GLU S 148 45.05 -22.74 -71.79
N TRP S 149 45.47 -23.98 -72.00
CA TRP S 149 44.57 -24.98 -72.56
C TRP S 149 43.69 -25.62 -71.49
N CYS T 1 17.55 -41.77 -82.72
CA CYS T 1 16.38 -40.90 -82.77
C CYS T 1 15.23 -41.43 -81.91
N ILE T 2 15.11 -42.75 -81.81
CA ILE T 2 14.06 -43.35 -81.00
C ILE T 2 14.62 -43.65 -79.63
N PHE T 3 13.87 -43.26 -78.61
CA PHE T 3 14.29 -43.49 -77.22
C PHE T 3 13.08 -44.03 -76.48
N GLU T 4 13.30 -44.91 -75.51
CA GLU T 4 12.16 -45.50 -74.82
C GLU T 4 11.77 -44.95 -73.49
N VAL T 5 10.48 -44.72 -73.33
CA VAL T 5 9.90 -44.25 -72.09
C VAL T 5 9.76 -45.48 -71.21
N LYS T 6 10.30 -45.41 -69.99
CA LYS T 6 10.23 -46.49 -69.02
C LYS T 6 9.42 -46.05 -67.82
N HIS T 7 8.65 -46.98 -67.26
CA HIS T 7 7.85 -46.69 -66.08
C HIS T 7 7.93 -47.88 -65.14
N GLU T 8 8.54 -47.64 -63.97
CA GLU T 8 8.75 -48.68 -62.97
C GLU T 8 9.50 -49.77 -63.71
N GLY T 9 10.60 -49.34 -64.32
CA GLY T 9 11.45 -50.26 -65.07
C GLY T 9 10.78 -50.99 -66.23
N LYS T 10 9.66 -50.47 -66.73
CA LYS T 10 8.94 -51.11 -67.84
C LYS T 10 8.58 -50.18 -69.02
N VAL T 11 9.03 -50.55 -70.21
CA VAL T 11 8.79 -49.79 -71.44
C VAL T 11 7.30 -49.57 -71.69
N MET T 12 6.88 -48.31 -71.66
CA MET T 12 5.48 -47.95 -71.90
C MET T 12 5.22 -47.44 -73.33
N GLY T 13 6.15 -46.68 -73.87
CA GLY T 13 5.97 -46.13 -75.21
C GLY T 13 7.33 -45.71 -75.72
N TYR T 14 7.38 -44.70 -76.58
CA TYR T 14 8.66 -44.26 -77.09
C TYR T 14 8.73 -42.77 -77.19
N ALA T 15 9.91 -42.26 -77.47
CA ALA T 15 10.15 -40.84 -77.60
C ALA T 15 10.95 -40.74 -78.86
N CYS T 16 10.74 -39.66 -79.60
CA CYS T 16 11.41 -39.51 -80.85
C CYS T 16 11.97 -38.11 -81.11
N LEU T 17 13.17 -38.09 -81.68
CA LEU T 17 13.83 -36.84 -82.01
C LEU T 17 13.49 -36.40 -83.45
N VAL T 18 12.36 -35.70 -83.62
CA VAL T 18 11.94 -35.23 -84.94
C VAL T 18 12.05 -33.71 -85.12
N GLY T 19 12.73 -33.31 -86.19
CA GLY T 19 12.93 -31.90 -86.48
C GLY T 19 13.95 -31.32 -85.54
N ASP T 20 13.52 -30.44 -84.64
CA ASP T 20 14.44 -29.91 -83.67
C ASP T 20 13.84 -30.05 -82.27
N LYS T 21 12.71 -30.76 -82.19
CA LYS T 21 12.05 -31.01 -80.92
C LYS T 21 12.28 -32.46 -80.49
N VAL T 22 11.86 -32.82 -79.29
CA VAL T 22 11.99 -34.19 -78.80
C VAL T 22 10.55 -34.52 -78.46
N MET T 23 9.96 -35.47 -79.19
CA MET T 23 8.58 -35.85 -78.96
C MET T 23 8.35 -37.14 -78.16
N LYS T 24 7.16 -37.26 -77.60
CA LYS T 24 6.72 -38.45 -76.89
C LYS T 24 5.25 -38.23 -76.60
N PRO T 25 4.41 -39.25 -76.85
CA PRO T 25 2.99 -39.05 -76.58
C PRO T 25 2.75 -38.64 -75.12
N ALA T 26 1.81 -37.72 -74.95
CA ALA T 26 1.47 -37.23 -73.62
C ALA T 26 0.91 -38.34 -72.73
N HIS T 27 0.06 -39.19 -73.30
CA HIS T 27 -0.53 -40.28 -72.53
C HIS T 27 0.47 -41.32 -71.98
N VAL T 28 1.67 -41.40 -72.54
CA VAL T 28 2.66 -42.37 -72.08
C VAL T 28 3.28 -42.07 -70.70
N LYS T 29 3.08 -43.00 -69.76
CA LYS T 29 3.63 -42.87 -68.41
C LYS T 29 5.11 -43.28 -68.38
N GLY T 30 5.87 -42.61 -67.53
CA GLY T 30 7.29 -42.91 -67.43
C GLY T 30 8.12 -41.72 -67.81
N THR T 31 9.42 -41.93 -67.84
CA THR T 31 10.37 -40.89 -68.18
C THR T 31 11.37 -41.46 -69.16
N ILE T 32 11.72 -40.66 -70.17
CA ILE T 32 12.65 -41.11 -71.19
C ILE T 32 13.93 -41.70 -70.60
N ASP T 33 14.24 -42.92 -71.01
CA ASP T 33 15.40 -43.62 -70.52
C ASP T 33 16.71 -43.08 -71.09
N ASN T 34 16.95 -41.80 -70.87
CA ASN T 34 18.16 -41.16 -71.35
C ASN T 34 18.38 -39.91 -70.50
N ALA T 35 19.50 -39.86 -69.80
CA ALA T 35 19.78 -38.73 -68.92
C ALA T 35 19.48 -37.41 -69.59
N ASP T 36 20.22 -37.11 -70.65
CA ASP T 36 20.06 -35.83 -71.36
C ASP T 36 18.62 -35.50 -71.69
N LEU T 37 17.87 -36.49 -72.15
CA LEU T 37 16.48 -36.27 -72.52
C LEU T 37 15.52 -36.14 -71.32
N ALA T 38 15.75 -36.95 -70.31
CA ALA T 38 14.90 -36.99 -69.13
C ALA T 38 14.83 -35.69 -68.35
N LYS T 39 15.95 -35.00 -68.23
CA LYS T 39 16.00 -33.73 -67.50
C LYS T 39 15.45 -32.50 -68.20
N LEU T 40 14.90 -32.69 -69.38
CA LEU T 40 14.34 -31.59 -70.16
C LEU T 40 13.01 -31.07 -69.61
N ALA T 41 12.54 -29.96 -70.16
CA ALA T 41 11.28 -29.36 -69.75
C ALA T 41 10.33 -29.51 -70.92
N PHE T 42 9.35 -30.39 -70.80
CA PHE T 42 8.38 -30.60 -71.89
C PHE T 42 7.13 -29.70 -71.78
N LYS T 43 6.56 -29.37 -72.94
CA LYS T 43 5.36 -28.55 -73.02
C LYS T 43 4.25 -29.46 -73.46
N ARG T 44 3.32 -29.76 -72.57
CA ARG T 44 2.21 -30.64 -72.91
C ARG T 44 1.20 -29.93 -73.83
N SER T 45 0.45 -30.72 -74.60
CA SER T 45 -0.57 -30.22 -75.53
C SER T 45 -1.66 -31.28 -75.67
N SER T 46 -2.65 -31.23 -74.77
CA SER T 46 -3.74 -32.21 -74.75
C SER T 46 -4.58 -32.38 -76.01
N LYS T 47 -4.60 -31.37 -76.85
CA LYS T 47 -5.36 -31.47 -78.10
C LYS T 47 -4.66 -32.52 -78.96
N TYR T 48 -3.34 -32.39 -79.11
CA TYR T 48 -2.56 -33.30 -79.92
C TYR T 48 -2.07 -34.54 -79.19
N ASP T 49 -2.34 -34.60 -77.88
CA ASP T 49 -1.89 -35.72 -77.08
C ASP T 49 -0.38 -35.83 -77.30
N LEU T 50 0.23 -34.67 -77.56
CA LEU T 50 1.67 -34.58 -77.82
C LEU T 50 2.30 -33.90 -76.63
N GLU T 51 3.62 -34.03 -76.53
CA GLU T 51 4.38 -33.48 -75.40
C GLU T 51 5.80 -33.34 -75.93
N CYS T 52 6.09 -32.16 -76.46
CA CYS T 52 7.40 -31.85 -77.03
C CYS T 52 8.33 -30.99 -76.16
N ALA T 53 9.60 -31.00 -76.53
CA ALA T 53 10.66 -30.25 -75.85
C ALA T 53 11.70 -30.00 -76.94
N GLN T 54 12.81 -29.35 -76.61
CA GLN T 54 13.80 -29.07 -77.62
C GLN T 54 15.04 -29.95 -77.49
N ILE T 55 15.58 -30.39 -78.63
CA ILE T 55 16.74 -31.29 -78.64
C ILE T 55 18.02 -30.59 -78.24
N PRO T 56 18.74 -31.14 -77.24
CA PRO T 56 20.00 -30.55 -76.78
C PRO T 56 20.95 -30.47 -77.98
N VAL T 57 21.78 -29.43 -78.04
CA VAL T 57 22.69 -29.26 -79.19
C VAL T 57 23.49 -30.52 -79.52
N HIS T 58 23.97 -31.23 -78.49
CA HIS T 58 24.79 -32.43 -78.72
C HIS T 58 24.07 -33.66 -79.28
N MET T 59 22.75 -33.56 -79.44
CA MET T 59 21.95 -34.65 -80.00
C MET T 59 21.20 -34.22 -81.27
N LYS T 60 21.22 -32.91 -81.55
CA LYS T 60 20.52 -32.38 -82.72
C LYS T 60 20.94 -33.06 -84.02
N SER T 61 22.16 -33.62 -84.04
CA SER T 61 22.64 -34.31 -85.23
C SER T 61 21.93 -35.65 -85.34
N ASP T 62 21.29 -36.04 -84.23
CA ASP T 62 20.57 -37.31 -84.12
C ASP T 62 19.06 -37.28 -84.39
N ALA T 63 18.57 -36.11 -84.77
CA ALA T 63 17.15 -35.99 -85.06
C ALA T 63 16.86 -36.64 -86.39
N SER T 64 15.58 -36.73 -86.71
CA SER T 64 15.09 -37.34 -87.93
C SER T 64 14.21 -36.25 -88.51
N LYS T 65 14.35 -35.97 -89.81
CA LYS T 65 13.53 -34.92 -90.45
C LYS T 65 12.10 -35.41 -90.60
N PHE T 66 11.45 -34.19 -91.35
CA PHE T 66 10.07 -34.61 -91.59
C PHE T 66 9.61 -34.04 -92.93
N THR T 67 8.33 -34.21 -93.24
CA THR T 67 7.77 -33.71 -94.49
C THR T 67 6.27 -33.86 -94.59
N HIS T 68 5.65 -32.88 -95.23
CA HIS T 68 4.22 -32.86 -95.44
C HIS T 68 3.92 -33.67 -96.68
N GLU T 69 4.96 -33.86 -97.50
CA GLU T 69 4.84 -34.58 -98.76
C GLU T 69 4.66 -36.07 -98.63
N LYS T 70 3.44 -36.50 -98.89
CA LYS T 70 3.13 -37.91 -98.81
C LYS T 70 2.11 -38.33 -99.86
N PRO T 71 2.61 -38.77 -101.02
CA PRO T 71 1.80 -39.24 -102.14
C PRO T 71 1.36 -40.66 -101.89
N GLU T 72 0.19 -41.00 -102.41
CA GLU T 72 -0.34 -42.33 -102.23
C GLU T 72 0.73 -43.31 -102.64
N GLY T 73 0.91 -44.38 -101.86
CA GLY T 73 1.91 -45.37 -102.18
C GLY T 73 2.36 -46.08 -100.91
N TYR T 74 3.52 -46.73 -100.93
CA TYR T 74 3.99 -47.40 -99.73
C TYR T 74 5.08 -46.69 -98.94
N TYR T 75 4.92 -46.70 -97.62
CA TYR T 75 5.87 -46.09 -96.73
C TYR T 75 6.54 -47.16 -95.87
N ASN T 76 7.64 -46.78 -95.23
CA ASN T 76 8.41 -47.71 -94.41
C ASN T 76 8.27 -47.51 -92.90
N TRP T 77 8.18 -48.60 -92.17
CA TRP T 77 8.09 -48.56 -90.72
C TRP T 77 8.67 -49.88 -90.25
N HIS T 78 9.16 -49.86 -89.01
CA HIS T 78 9.81 -50.99 -88.38
C HIS T 78 9.25 -52.37 -88.61
N HIS T 79 7.95 -52.48 -88.73
CA HIS T 79 7.44 -53.80 -88.94
C HIS T 79 7.23 -54.20 -90.37
N GLY T 80 7.42 -53.24 -91.27
CA GLY T 80 7.28 -53.56 -92.66
C GLY T 80 7.02 -52.36 -93.51
N ALA T 81 5.99 -52.44 -94.33
CA ALA T 81 5.63 -51.38 -95.22
C ALA T 81 4.22 -50.93 -94.95
N VAL T 82 4.08 -49.64 -94.71
CA VAL T 82 2.76 -49.07 -94.46
C VAL T 82 2.23 -48.67 -95.83
N GLN T 83 0.91 -48.57 -95.97
CA GLN T 83 0.31 -48.14 -97.22
C GLN T 83 -0.50 -46.90 -97.01
N TYR T 84 -0.26 -45.90 -97.85
CA TYR T 84 -0.96 -44.64 -97.78
C TYR T 84 -1.89 -44.43 -98.98
N SER T 85 -3.14 -44.09 -98.72
CA SER T 85 -4.09 -43.85 -99.76
C SER T 85 -5.37 -43.37 -99.15
N GLY T 86 -6.08 -42.49 -99.84
CA GLY T 86 -7.36 -41.97 -99.36
C GLY T 86 -7.21 -41.17 -98.09
N GLY T 87 -5.99 -40.68 -97.88
CA GLY T 87 -5.69 -39.92 -96.69
C GLY T 87 -5.68 -40.80 -95.47
N ARG T 88 -5.24 -42.04 -95.65
CA ARG T 88 -5.18 -42.98 -94.54
C ARG T 88 -4.05 -43.98 -94.65
N PHE T 89 -3.30 -44.14 -93.55
CA PHE T 89 -2.19 -45.09 -93.49
C PHE T 89 -2.74 -46.41 -92.95
N THR T 90 -2.39 -47.52 -93.56
CA THR T 90 -2.89 -48.81 -93.07
C THR T 90 -1.79 -49.84 -93.13
N ILE T 91 -2.06 -50.98 -92.48
CA ILE T 91 -1.10 -52.07 -92.41
C ILE T 91 -1.86 -53.39 -92.23
N PRO T 92 -1.19 -54.51 -92.51
CA PRO T 92 -1.85 -55.80 -92.36
C PRO T 92 -2.14 -55.98 -90.87
N THR T 93 -3.41 -56.18 -90.55
CA THR T 93 -3.81 -56.36 -89.17
C THR T 93 -3.01 -57.44 -88.48
N GLY T 94 -2.35 -57.03 -87.40
CA GLY T 94 -1.57 -57.93 -86.58
C GLY T 94 -0.16 -57.43 -86.52
N ALA T 95 0.25 -56.69 -87.54
CA ALA T 95 1.61 -56.18 -87.63
C ALA T 95 1.92 -54.93 -86.80
N GLY T 96 0.98 -54.53 -85.95
CA GLY T 96 1.19 -53.38 -85.10
C GLY T 96 0.45 -53.71 -83.82
N LYS T 97 1.13 -53.61 -82.70
CA LYS T 97 0.55 -53.93 -81.39
C LYS T 97 0.78 -52.85 -80.34
N PRO T 98 0.12 -52.98 -79.17
CA PRO T 98 0.33 -51.98 -78.14
C PRO T 98 1.79 -51.94 -77.79
N GLY T 99 2.36 -50.74 -77.74
CA GLY T 99 3.77 -50.61 -77.43
C GLY T 99 4.56 -50.24 -78.66
N ASP T 100 3.83 -49.86 -79.73
CA ASP T 100 4.44 -49.43 -80.98
C ASP T 100 4.27 -47.91 -81.20
N SER T 101 3.58 -47.24 -80.27
CA SER T 101 3.36 -45.80 -80.36
C SER T 101 4.73 -45.14 -80.35
N GLY T 102 4.81 -43.98 -81.00
CA GLY T 102 6.07 -43.27 -81.08
C GLY T 102 6.91 -43.66 -82.28
N ARG T 103 6.69 -44.85 -82.82
CA ARG T 103 7.47 -45.31 -83.96
C ARG T 103 7.10 -44.53 -85.19
N PRO T 104 8.10 -43.92 -85.87
CA PRO T 104 7.93 -43.13 -87.08
C PRO T 104 7.67 -43.98 -88.30
N ILE T 105 7.04 -43.34 -89.28
CA ILE T 105 6.73 -43.96 -90.57
C ILE T 105 7.53 -43.14 -91.56
N PHE T 106 8.65 -43.70 -92.00
CA PHE T 106 9.55 -43.04 -92.93
C PHE T 106 9.13 -43.26 -94.35
N ASP T 107 9.70 -42.46 -95.24
CA ASP T 107 9.45 -42.65 -96.64
C ASP T 107 10.72 -43.27 -97.16
N ASN T 108 10.92 -43.33 -98.47
CA ASN T 108 12.15 -43.94 -98.98
C ASN T 108 13.40 -43.08 -98.95
N LYS T 109 13.26 -41.81 -98.59
CA LYS T 109 14.42 -40.94 -98.46
C LYS T 109 14.73 -40.66 -97.00
N GLY T 110 14.03 -41.35 -96.11
CA GLY T 110 14.28 -41.18 -94.69
C GLY T 110 13.47 -40.12 -94.00
N ARG T 111 12.75 -39.31 -94.75
CA ARG T 111 11.97 -38.28 -94.08
C ARG T 111 10.82 -38.92 -93.29
N VAL T 112 10.71 -38.57 -92.01
CA VAL T 112 9.63 -39.06 -91.16
C VAL T 112 8.36 -38.43 -91.76
N VAL T 113 7.35 -39.25 -91.99
CA VAL T 113 6.10 -38.79 -92.61
C VAL T 113 4.93 -38.65 -91.62
N ALA T 114 4.93 -39.50 -90.59
CA ALA T 114 3.91 -39.52 -89.53
C ALA T 114 4.48 -40.26 -88.34
N ILE T 115 3.80 -40.20 -87.20
CA ILE T 115 4.25 -40.93 -86.00
C ILE T 115 3.02 -41.70 -85.49
N VAL T 116 3.14 -43.02 -85.37
CA VAL T 116 2.03 -43.86 -84.93
C VAL T 116 1.61 -43.62 -83.49
N LEU T 117 0.30 -43.56 -83.26
CA LEU T 117 -0.26 -43.35 -81.94
C LEU T 117 -1.11 -44.55 -81.54
N GLY T 118 -1.72 -45.19 -82.52
CA GLY T 118 -2.55 -46.36 -82.27
C GLY T 118 -3.23 -46.74 -83.56
N GLY T 119 -4.04 -47.78 -83.54
CA GLY T 119 -4.71 -48.16 -84.78
C GLY T 119 -6.09 -48.73 -84.56
N ALA T 120 -6.96 -48.54 -85.55
CA ALA T 120 -8.32 -49.04 -85.49
C ALA T 120 -8.36 -50.29 -86.38
N ASN T 121 -8.88 -51.38 -85.85
CA ASN T 121 -8.97 -52.61 -86.62
C ASN T 121 -10.22 -52.63 -87.47
N GLU T 122 -10.03 -52.67 -88.78
CA GLU T 122 -11.16 -52.71 -89.66
C GLU T 122 -11.09 -53.94 -90.59
N GLY T 123 -10.73 -55.08 -89.99
CA GLY T 123 -10.65 -56.34 -90.71
C GLY T 123 -9.28 -56.77 -91.15
N ALA T 124 -9.16 -56.98 -92.46
CA ALA T 124 -7.92 -57.42 -93.06
C ALA T 124 -6.81 -56.48 -92.69
N ARG T 125 -7.10 -55.17 -92.74
CA ARG T 125 -6.16 -54.10 -92.46
C ARG T 125 -6.58 -53.17 -91.34
N THR T 126 -5.59 -52.56 -90.70
CA THR T 126 -5.82 -51.62 -89.62
C THR T 126 -5.46 -50.19 -90.06
N ALA T 127 -6.37 -49.23 -89.90
CA ALA T 127 -6.12 -47.85 -90.28
C ALA T 127 -5.38 -47.29 -89.13
N LEU T 128 -4.19 -46.75 -89.37
CA LEU T 128 -3.40 -46.18 -88.27
C LEU T 128 -3.88 -44.82 -87.83
N SER T 129 -3.65 -44.52 -86.57
CA SER T 129 -4.00 -43.24 -85.97
C SER T 129 -2.61 -42.61 -85.83
N VAL T 130 -2.34 -41.57 -86.61
CA VAL T 130 -1.03 -40.92 -86.61
C VAL T 130 -1.02 -39.43 -86.40
N VAL T 131 0.18 -38.91 -86.13
CA VAL T 131 0.46 -37.49 -85.96
C VAL T 131 1.17 -37.19 -87.27
N THR T 132 0.62 -36.29 -88.09
CA THR T 132 1.23 -35.94 -89.37
C THR T 132 1.29 -34.45 -89.61
N TRP T 133 2.28 -34.05 -90.39
CA TRP T 133 2.49 -32.66 -90.72
C TRP T 133 1.63 -32.20 -91.87
N ASN T 134 1.05 -31.03 -91.70
CA ASN T 134 0.21 -30.42 -92.71
C ASN T 134 1.16 -29.48 -93.45
N LYS T 135 0.58 -28.48 -94.12
CA LYS T 135 1.32 -27.46 -94.87
C LYS T 135 2.59 -27.07 -94.14
N ASP T 136 2.48 -26.93 -92.82
CA ASP T 136 3.64 -26.58 -92.03
C ASP T 136 3.40 -27.11 -90.62
N ILE T 137 2.12 -27.05 -90.22
CA ILE T 137 1.72 -27.48 -88.88
C ILE T 137 1.29 -28.93 -88.69
N VAL T 138 1.58 -29.40 -87.48
CA VAL T 138 1.31 -30.74 -87.00
C VAL T 138 -0.19 -31.02 -87.05
N THR T 139 -0.57 -32.28 -87.16
CA THR T 139 -1.98 -32.66 -87.20
C THR T 139 -2.09 -34.08 -86.71
N LYS T 140 -3.32 -34.51 -86.41
CA LYS T 140 -3.51 -35.85 -85.90
C LYS T 140 -4.70 -36.52 -86.56
N ILE T 141 -4.45 -37.64 -87.21
CA ILE T 141 -5.50 -38.38 -87.89
C ILE T 141 -5.82 -39.63 -87.10
N THR T 142 -7.06 -39.71 -86.62
CA THR T 142 -7.49 -40.84 -85.82
C THR T 142 -8.70 -41.53 -86.38
N PRO T 143 -8.50 -42.66 -87.07
CA PRO T 143 -9.59 -43.44 -87.67
C PRO T 143 -10.62 -43.86 -86.63
N GLU T 144 -11.87 -43.94 -87.04
CA GLU T 144 -12.97 -44.32 -86.16
C GLU T 144 -12.71 -45.67 -85.48
N GLY T 145 -12.79 -45.68 -84.15
CA GLY T 145 -12.56 -46.88 -83.37
C GLY T 145 -11.11 -47.27 -83.13
N ALA T 146 -10.22 -46.29 -83.09
CA ALA T 146 -8.80 -46.58 -82.88
C ALA T 146 -8.51 -47.14 -81.48
N GLU T 147 -7.50 -48.00 -81.39
CA GLU T 147 -7.11 -48.59 -80.12
C GLU T 147 -5.73 -48.02 -79.97
N GLU T 148 -5.59 -47.14 -78.99
CA GLU T 148 -4.35 -46.45 -78.68
C GLU T 148 -3.25 -47.41 -78.27
N TRP T 149 -2.23 -47.57 -79.11
CA TRP T 149 -1.13 -48.46 -78.78
C TRP T 149 -0.10 -47.80 -77.88
#